data_6PIC
#
_entry.id   6PIC
#
_cell.length_a   66.340
_cell.length_b   67.040
_cell.length_c   167.531
_cell.angle_alpha   90.00
_cell.angle_beta   90.00
_cell.angle_gamma   92.60
#
_symmetry.space_group_name_H-M   'P 1'
#
loop_
_entity.id
_entity.type
_entity.pdbx_description
1 polymer 'Acetylpolyamine Amidohydrolase'
2 non-polymer 'ZINC ION'
3 non-polymer 'POTASSIUM ION'
4 non-polymer 'MAGNESIUM ION'
5 non-polymer 6-amino-N-hydroxyhexanamide
6 water water
#
_entity_poly.entity_id   1
_entity_poly.type   'polypeptide(L)'
_entity_poly.pdbx_seq_one_letter_code
;GPLGSMKTVFSPLHSRRHVKTELDGGLLIEPHEKPSRAETILARVKDQALGEILEPEEFGLGPVKRVHTADYVSFLETCW
DEWVAAGKRGEAIPTFWVGRGMRARLPKDIDGRLGYYSLGADTSISDGTWEAARASANVALTAQKLVAEGERAAFALCRP
PGHHAHADVFGGYCFFNNAAIAAQAFRDQGYGKVAVLDVDFHHGNGTQAIFYDRSDVLTISLHGDPDLVFPHFLGFEDET
GEGDGEAYNLNIVFPPDTPFSIWSQGLEKACERIRTFAPDALVVALGVDTFEEDPISFFKLTSGDYLKLGKRLEQLGLPT
VFTMEGGYDVDAIGVNAVNVMQGFEGKS
;
_entity_poly.pdbx_strand_id   A,B,C,D,E,F,G,H
#
# COMPACT_ATOMS: atom_id res chain seq x y z
N SER A 5 -18.19 19.24 20.37
CA SER A 5 -18.04 18.14 21.32
C SER A 5 -16.64 18.15 21.92
N MET A 6 -15.62 17.86 21.11
CA MET A 6 -14.24 17.93 21.57
C MET A 6 -13.49 18.97 20.74
N LYS A 7 -12.75 19.84 21.43
CA LYS A 7 -11.96 20.87 20.78
C LYS A 7 -10.60 20.33 20.34
N THR A 8 -10.12 20.86 19.22
CA THR A 8 -8.82 20.49 18.66
C THR A 8 -7.94 21.73 18.53
N VAL A 9 -6.69 21.61 18.98
CA VAL A 9 -5.69 22.66 18.80
C VAL A 9 -4.78 22.25 17.66
N PHE A 10 -4.57 23.16 16.70
CA PHE A 10 -3.77 22.90 15.52
C PHE A 10 -3.00 24.16 15.16
N SER A 11 -1.73 24.00 14.80
CA SER A 11 -0.89 25.10 14.38
C SER A 11 -0.47 24.92 12.93
N PRO A 12 -0.65 25.92 12.06
CA PRO A 12 -0.09 25.82 10.70
C PRO A 12 1.43 25.85 10.68
N LEU A 13 2.06 26.33 11.76
CA LEU A 13 3.52 26.36 11.81
C LEU A 13 4.15 24.97 11.83
N HIS A 14 3.33 23.92 12.03
CA HIS A 14 3.87 22.57 11.87
C HIS A 14 4.52 22.38 10.50
N SER A 15 4.00 23.06 9.46
CA SER A 15 4.62 22.88 8.15
C SER A 15 6.04 23.41 8.10
N ARG A 16 6.46 24.21 9.08
CA ARG A 16 7.84 24.68 9.13
C ARG A 16 8.83 23.53 9.29
N ARG A 17 8.40 22.42 9.87
CA ARG A 17 9.22 21.20 9.87
C ARG A 17 8.93 20.40 8.62
N HIS A 18 9.84 20.44 7.67
CA HIS A 18 9.71 19.67 6.43
C HIS A 18 11.10 19.41 5.84
N VAL A 19 11.75 18.44 6.47
CA VAL A 19 13.04 17.91 6.03
C VAL A 19 12.81 16.93 4.88
N LYS A 20 13.83 16.74 4.06
CA LYS A 20 13.72 15.87 2.90
C LYS A 20 14.31 14.49 3.14
N THR A 21 15.15 14.32 4.15
CA THR A 21 15.91 13.09 4.32
C THR A 21 15.66 12.48 5.69
N GLU A 22 15.61 11.16 5.72
CA GLU A 22 15.59 10.37 6.94
C GLU A 22 16.47 9.15 6.73
N LEU A 23 17.42 8.95 7.65
CA LEU A 23 18.26 7.76 7.62
C LEU A 23 17.43 6.54 7.98
N ASP A 24 17.35 5.58 7.06
CA ASP A 24 16.59 4.35 7.28
C ASP A 24 17.17 3.26 6.37
N GLY A 25 17.49 2.11 6.97
CA GLY A 25 18.02 0.99 6.21
C GLY A 25 19.24 1.31 5.39
N GLY A 26 20.10 2.20 5.89
CA GLY A 26 21.30 2.58 5.17
C GLY A 26 21.08 3.56 4.03
N LEU A 27 19.86 4.08 3.86
CA LEU A 27 19.55 5.01 2.79
C LEU A 27 18.91 6.27 3.36
N LEU A 28 18.97 7.35 2.57
CA LEU A 28 18.29 8.60 2.87
C LEU A 28 16.95 8.66 2.12
N ILE A 29 15.86 8.47 2.82
CA ILE A 29 14.54 8.35 2.23
C ILE A 29 13.68 9.56 2.59
N GLU A 30 12.45 9.59 2.01
CA GLU A 30 11.40 10.51 2.49
C GLU A 30 11.21 10.27 3.99
N PRO A 31 11.17 11.29 4.83
CA PRO A 31 10.78 11.05 6.23
C PRO A 31 9.37 10.45 6.30
N HIS A 32 9.18 9.49 7.22
CA HIS A 32 7.82 9.00 7.49
C HIS A 32 6.95 10.06 8.13
N GLU A 33 7.55 10.93 8.95
CA GLU A 33 6.84 11.93 9.73
C GLU A 33 6.68 13.19 8.88
N LYS A 34 5.74 13.13 7.95
CA LYS A 34 5.52 14.16 6.94
C LYS A 34 4.32 15.03 7.30
N PRO A 35 4.27 16.27 6.81
CA PRO A 35 3.18 17.19 7.23
C PRO A 35 1.79 16.74 6.84
N SER A 36 1.63 15.93 5.79
CA SER A 36 0.31 15.45 5.41
C SER A 36 -0.32 14.58 6.49
N ARG A 37 0.45 14.05 7.43
CA ARG A 37 -0.13 13.39 8.60
C ARG A 37 -1.05 14.36 9.33
N ALA A 38 -0.51 15.50 9.75
CA ALA A 38 -1.29 16.49 10.49
C ALA A 38 -2.41 17.06 9.61
N GLU A 39 -2.11 17.33 8.33
CA GLU A 39 -3.15 17.90 7.47
C GLU A 39 -4.30 16.92 7.26
N THR A 40 -4.00 15.63 7.14
CA THR A 40 -5.05 14.64 6.95
C THR A 40 -5.89 14.47 8.19
N ILE A 41 -5.25 14.44 9.37
CA ILE A 41 -6.02 14.39 10.62
C ILE A 41 -6.92 15.62 10.74
N LEU A 42 -6.38 16.80 10.44
CA LEU A 42 -7.19 18.02 10.50
C LEU A 42 -8.37 17.94 9.56
N ALA A 43 -8.14 17.46 8.34
CA ALA A 43 -9.23 17.31 7.37
C ALA A 43 -10.32 16.41 7.92
N ARG A 44 -9.95 15.31 8.59
CA ARG A 44 -10.97 14.44 9.16
C ARG A 44 -11.70 15.12 10.32
N VAL A 45 -10.98 15.88 11.14
CA VAL A 45 -11.63 16.62 12.23
C VAL A 45 -12.70 17.55 11.67
N LYS A 46 -12.38 18.26 10.59
CA LYS A 46 -13.36 19.14 9.97
C LYS A 46 -14.51 18.36 9.38
N ASP A 47 -14.22 17.27 8.66
CA ASP A 47 -15.26 16.51 7.96
C ASP A 47 -16.22 15.84 8.93
N GLN A 48 -15.76 15.47 10.12
CA GLN A 48 -16.62 14.86 11.13
C GLN A 48 -17.24 15.87 12.08
N ALA A 49 -16.87 17.15 11.95
CA ALA A 49 -17.37 18.21 12.83
C ALA A 49 -17.18 17.83 14.30
N LEU A 50 -15.97 17.35 14.61
CA LEU A 50 -15.66 16.89 15.96
C LEU A 50 -15.91 18.00 16.98
N GLY A 51 -15.57 19.22 16.64
CA GLY A 51 -15.72 20.33 17.56
C GLY A 51 -14.90 21.51 17.07
N GLU A 52 -14.82 22.52 17.93
CA GLU A 52 -14.11 23.74 17.57
C GLU A 52 -12.63 23.46 17.32
N ILE A 53 -12.07 24.14 16.32
CA ILE A 53 -10.65 24.04 16.01
C ILE A 53 -10.00 25.38 16.31
N LEU A 54 -8.91 25.35 17.09
CA LEU A 54 -8.24 26.55 17.56
C LEU A 54 -6.75 26.48 17.30
N GLU A 55 -6.16 27.65 17.08
CA GLU A 55 -4.71 27.79 17.02
C GLU A 55 -4.14 27.90 18.43
N PRO A 56 -2.87 27.54 18.61
CA PRO A 56 -2.29 27.58 19.96
C PRO A 56 -1.92 29.00 20.39
N GLU A 57 -1.85 29.18 21.70
CA GLU A 57 -1.29 30.39 22.27
C GLU A 57 0.23 30.25 22.39
N GLU A 58 0.92 31.39 22.42
CA GLU A 58 2.36 31.42 22.62
C GLU A 58 2.63 31.52 24.12
N PHE A 59 3.19 30.44 24.69
CA PHE A 59 3.50 30.39 26.11
C PHE A 59 4.95 30.71 26.41
N GLY A 60 5.79 30.84 25.39
CA GLY A 60 7.19 31.07 25.62
C GLY A 60 7.91 29.79 26.05
N LEU A 61 9.19 29.96 26.38
CA LEU A 61 10.05 28.84 26.73
C LEU A 61 9.94 28.41 28.19
N GLY A 62 9.29 29.23 29.03
CA GLY A 62 9.12 28.93 30.44
C GLY A 62 8.60 27.54 30.72
N PRO A 63 7.38 27.23 30.25
CA PRO A 63 6.84 25.89 30.47
C PRO A 63 7.65 24.78 29.81
N VAL A 64 8.34 25.08 28.71
CA VAL A 64 9.20 24.08 28.09
C VAL A 64 10.39 23.75 28.99
N LYS A 65 10.99 24.77 29.61
CA LYS A 65 12.14 24.57 30.47
C LYS A 65 11.79 23.95 31.82
N ARG A 66 10.51 23.78 32.13
CA ARG A 66 10.13 22.97 33.29
C ARG A 66 10.49 21.50 33.10
N VAL A 67 10.73 21.09 31.85
CA VAL A 67 10.98 19.69 31.52
C VAL A 67 12.34 19.51 30.85
N HIS A 68 12.72 20.42 29.96
CA HIS A 68 13.97 20.34 29.23
C HIS A 68 15.00 21.31 29.78
N THR A 69 16.27 20.97 29.61
CA THR A 69 17.36 21.80 30.11
C THR A 69 17.56 23.02 29.22
N ALA A 70 18.10 24.08 29.81
CA ALA A 70 18.34 25.32 29.07
C ALA A 70 19.35 25.09 27.95
N ASP A 71 20.40 24.33 28.21
CA ASP A 71 21.39 24.04 27.17
C ASP A 71 20.76 23.34 25.98
N TYR A 72 19.84 22.40 26.24
CA TYR A 72 19.21 21.67 25.15
C TYR A 72 18.32 22.58 24.30
N VAL A 73 17.53 23.42 24.96
CA VAL A 73 16.65 24.35 24.24
C VAL A 73 17.48 25.31 23.40
N SER A 74 18.54 25.86 23.98
CA SER A 74 19.44 26.74 23.22
C SER A 74 20.04 26.00 22.03
N PHE A 75 20.53 24.78 22.25
CA PHE A 75 21.07 23.98 21.16
C PHE A 75 20.07 23.83 20.04
N LEU A 76 18.81 23.52 20.38
CA LEU A 76 17.79 23.37 19.35
C LEU A 76 17.57 24.68 18.61
N GLU A 77 17.73 25.82 19.28
CA GLU A 77 17.55 27.09 18.59
C GLU A 77 18.69 27.37 17.61
N THR A 78 19.93 27.05 17.98
CA THR A 78 21.07 27.44 17.14
C THR A 78 21.57 26.35 16.20
N CYS A 79 21.04 25.14 16.30
CA CYS A 79 21.67 23.98 15.67
C CYS A 79 21.79 24.14 14.16
N TRP A 80 20.69 24.50 13.49
CA TRP A 80 20.72 24.61 12.04
C TRP A 80 21.69 25.71 11.59
N ASP A 81 21.66 26.87 12.25
CA ASP A 81 22.57 27.95 11.91
C ASP A 81 24.03 27.51 12.07
N GLU A 82 24.34 26.83 13.17
CA GLU A 82 25.71 26.35 13.38
C GLU A 82 26.08 25.32 12.31
N TRP A 83 25.14 24.46 11.95
CA TRP A 83 25.38 23.44 10.93
C TRP A 83 25.75 24.08 9.60
N VAL A 84 24.95 25.05 9.15
CA VAL A 84 25.23 25.74 7.90
C VAL A 84 26.55 26.50 7.99
N ALA A 85 26.77 27.19 9.11
CA ALA A 85 27.99 27.99 9.25
C ALA A 85 29.25 27.12 9.26
N ALA A 86 29.13 25.85 9.67
CA ALA A 86 30.27 24.94 9.67
C ALA A 86 30.55 24.34 8.29
N GLY A 87 29.76 24.70 7.28
CA GLY A 87 30.02 24.27 5.91
C GLY A 87 29.38 22.97 5.48
N LYS A 88 28.53 22.36 6.30
CA LYS A 88 27.87 21.12 5.90
C LYS A 88 26.85 21.39 4.81
N ARG A 89 26.70 20.44 3.89
CA ARG A 89 25.87 20.63 2.71
C ARG A 89 24.54 19.88 2.76
N GLY A 90 24.41 18.86 3.62
CA GLY A 90 23.13 18.21 3.82
C GLY A 90 22.36 18.80 4.99
N GLU A 91 21.24 18.17 5.30
CA GLU A 91 20.51 18.50 6.51
C GLU A 91 21.30 18.03 7.73
N ALA A 92 20.94 18.56 8.90
CA ALA A 92 21.70 18.32 10.12
C ALA A 92 21.38 16.92 10.66
N ILE A 93 22.36 16.02 10.60
CA ILE A 93 22.20 14.64 11.06
C ILE A 93 23.40 14.28 11.92
N PRO A 94 23.21 13.68 13.10
CA PRO A 94 24.38 13.25 13.88
C PRO A 94 25.12 12.12 13.19
N THR A 95 26.45 12.19 13.24
CA THR A 95 27.31 11.14 12.71
C THR A 95 28.10 10.40 13.78
N PHE A 96 28.41 11.06 14.88
CA PHE A 96 29.18 10.47 15.97
C PHE A 96 28.42 10.71 17.27
N TRP A 97 28.63 9.83 18.25
CA TRP A 97 27.95 9.95 19.53
C TRP A 97 28.83 9.37 20.63
N VAL A 98 28.35 9.47 21.86
CA VAL A 98 29.04 8.91 23.02
C VAL A 98 28.84 7.40 23.05
N GLY A 99 29.76 6.66 22.44
CA GLY A 99 29.70 5.22 22.50
C GLY A 99 30.03 4.70 23.88
N ARG A 100 29.71 3.43 24.10
CA ARG A 100 30.02 2.81 25.38
C ARG A 100 31.52 2.89 25.66
N GLY A 101 31.87 3.41 26.83
CA GLY A 101 33.26 3.61 27.20
C GLY A 101 33.79 5.01 26.93
N MET A 102 33.00 5.89 26.33
CA MET A 102 33.41 7.27 26.13
C MET A 102 32.74 8.18 27.16
N ARG A 103 33.20 9.42 27.21
CA ARG A 103 32.74 10.37 28.22
C ARG A 103 31.50 11.10 27.75
N ALA A 104 30.51 11.20 28.64
CA ALA A 104 29.33 12.04 28.42
C ALA A 104 29.71 13.49 28.72
N ARG A 105 30.49 14.06 27.82
CA ARG A 105 31.03 15.41 27.95
C ARG A 105 30.63 16.23 26.73
N LEU A 106 30.06 17.40 26.97
CA LEU A 106 29.58 18.25 25.89
C LEU A 106 30.75 18.90 25.17
N PRO A 107 30.95 18.64 23.87
CA PRO A 107 32.05 19.29 23.15
C PRO A 107 31.63 20.59 22.46
N LYS A 108 32.57 21.25 21.79
CA LYS A 108 32.33 22.53 21.14
C LYS A 108 31.79 22.39 19.71
N ASP A 109 32.29 21.42 18.94
CA ASP A 109 31.96 21.34 17.54
C ASP A 109 30.50 20.90 17.35
N ILE A 110 29.88 21.38 16.27
CA ILE A 110 28.45 21.15 16.06
C ILE A 110 28.16 19.67 15.88
N ASP A 111 29.05 18.92 15.24
CA ASP A 111 28.85 17.48 15.11
C ASP A 111 28.81 16.83 16.48
N GLY A 112 29.77 17.18 17.35
CA GLY A 112 29.79 16.63 18.69
C GLY A 112 28.59 17.03 19.52
N ARG A 113 28.13 18.28 19.37
CA ARG A 113 26.92 18.70 20.08
C ARG A 113 25.70 17.93 19.59
N LEU A 114 25.60 17.73 18.28
CA LEU A 114 24.53 16.90 17.71
C LEU A 114 24.54 15.51 18.30
N GLY A 115 25.72 14.88 18.39
CA GLY A 115 25.79 13.54 18.94
C GLY A 115 25.47 13.49 20.43
N TYR A 116 25.97 14.46 21.18
CA TYR A 116 25.70 14.53 22.61
C TYR A 116 24.21 14.60 22.90
N TYR A 117 23.47 15.35 22.10
CA TYR A 117 22.07 15.67 22.38
C TYR A 117 21.09 14.75 21.66
N SER A 118 21.56 13.66 21.05
CA SER A 118 20.68 12.80 20.26
C SER A 118 20.83 11.34 20.68
N LEU A 119 19.76 10.57 20.41
CA LEU A 119 19.80 9.13 20.56
C LEU A 119 19.64 8.39 19.23
N GLY A 120 19.53 9.11 18.12
CA GLY A 120 19.35 8.47 16.82
C GLY A 120 19.65 9.43 15.71
N ALA A 121 19.89 8.88 14.53
CA ALA A 121 20.19 9.65 13.34
C ALA A 121 19.03 9.69 12.35
N ASP A 122 17.83 9.32 12.81
CA ASP A 122 16.64 9.28 11.96
C ASP A 122 15.87 10.60 11.94
N THR A 123 16.38 11.64 12.61
CA THR A 123 15.62 12.87 12.84
C THR A 123 16.44 14.06 12.34
N SER A 124 16.39 14.30 11.03
CA SER A 124 17.13 15.41 10.44
C SER A 124 16.58 16.74 10.93
N ILE A 125 17.48 17.72 11.10
CA ILE A 125 17.14 19.08 11.48
C ILE A 125 17.44 20.00 10.31
N SER A 126 16.51 20.88 9.99
CA SER A 126 16.71 21.90 8.96
C SER A 126 16.05 23.18 9.44
N ASP A 127 16.02 24.19 8.56
CA ASP A 127 15.42 25.47 8.93
C ASP A 127 13.94 25.30 9.23
N GLY A 128 13.49 25.93 10.31
CA GLY A 128 12.11 25.85 10.72
C GLY A 128 11.79 24.73 11.70
N THR A 129 12.72 23.81 11.94
CA THR A 129 12.46 22.74 12.91
C THR A 129 12.26 23.31 14.30
N TRP A 130 13.08 24.27 14.69
CA TRP A 130 12.91 24.96 15.98
C TRP A 130 11.51 25.53 16.12
N GLU A 131 11.07 26.30 15.11
CA GLU A 131 9.75 26.93 15.16
C GLU A 131 8.64 25.89 15.23
N ALA A 132 8.76 24.81 14.47
CA ALA A 132 7.71 23.78 14.48
C ALA A 132 7.64 23.09 15.84
N ALA A 133 8.79 22.74 16.41
CA ALA A 133 8.79 22.11 17.74
C ALA A 133 8.19 23.04 18.78
N ARG A 134 8.56 24.32 18.74
CA ARG A 134 7.97 25.32 19.64
C ARG A 134 6.45 25.36 19.50
N ALA A 135 5.97 25.37 18.26
CA ALA A 135 4.53 25.43 18.02
C ALA A 135 3.84 24.17 18.51
N SER A 136 4.50 23.01 18.38
CA SER A 136 3.90 21.76 18.84
C SER A 136 3.74 21.74 20.35
N ALA A 137 4.80 22.16 21.07
CA ALA A 137 4.68 22.30 22.51
C ALA A 137 3.57 23.27 22.88
N ASN A 138 3.45 24.38 22.15
CA ASN A 138 2.38 25.33 22.45
C ASN A 138 1.00 24.75 22.16
N VAL A 139 0.90 23.86 21.17
CA VAL A 139 -0.36 23.15 20.92
C VAL A 139 -0.74 22.31 22.14
N ALA A 140 0.22 21.53 22.66
CA ALA A 140 -0.08 20.72 23.84
C ALA A 140 -0.46 21.59 25.04
N LEU A 141 0.28 22.68 25.27
CA LEU A 141 -0.02 23.55 26.41
C LEU A 141 -1.37 24.24 26.25
N THR A 142 -1.80 24.51 25.02
CA THR A 142 -3.11 25.10 24.81
C THR A 142 -4.21 24.08 25.08
N ALA A 143 -3.99 22.81 24.70
CA ALA A 143 -4.93 21.77 25.08
C ALA A 143 -5.03 21.66 26.60
N GLN A 144 -3.89 21.69 27.30
CA GLN A 144 -3.91 21.65 28.75
C GLN A 144 -4.68 22.84 29.33
N LYS A 145 -4.48 24.03 28.75
CA LYS A 145 -5.20 25.20 29.25
C LYS A 145 -6.70 25.06 29.03
N LEU A 146 -7.11 24.55 27.87
CA LEU A 146 -8.52 24.31 27.62
C LEU A 146 -9.12 23.38 28.67
N VAL A 147 -8.39 22.31 29.01
CA VAL A 147 -8.92 21.36 30.00
C VAL A 147 -8.95 21.99 31.39
N ALA A 148 -7.90 22.71 31.76
CA ALA A 148 -7.84 23.33 33.09
C ALA A 148 -8.93 24.35 33.29
N GLU A 149 -9.43 24.97 32.22
CA GLU A 149 -10.43 26.02 32.32
C GLU A 149 -11.86 25.50 32.12
N GLY A 150 -12.07 24.19 32.03
CA GLY A 150 -13.43 23.67 32.04
C GLY A 150 -13.74 22.53 31.10
N GLU A 151 -12.93 22.32 30.06
CA GLU A 151 -13.21 21.27 29.09
C GLU A 151 -12.93 19.90 29.69
N ARG A 152 -13.79 18.93 29.36
CA ARG A 152 -13.55 17.55 29.78
C ARG A 152 -12.28 17.01 29.15
N ALA A 153 -12.05 17.35 27.89
CA ALA A 153 -10.90 16.83 27.15
C ALA A 153 -10.57 17.80 26.03
N ALA A 154 -9.39 17.61 25.45
CA ALA A 154 -8.95 18.41 24.32
C ALA A 154 -7.93 17.60 23.52
N PHE A 155 -7.91 17.84 22.21
CA PHE A 155 -7.03 17.13 21.28
C PHE A 155 -5.92 18.07 20.87
N ALA A 156 -4.69 17.78 21.29
CA ALA A 156 -3.51 18.54 20.87
C ALA A 156 -2.95 17.85 19.62
N LEU A 157 -3.28 18.39 18.45
CA LEU A 157 -2.82 17.83 17.18
C LEU A 157 -1.37 18.27 16.95
N CYS A 158 -0.48 17.66 17.72
CA CYS A 158 0.92 18.04 17.72
C CYS A 158 1.64 17.48 16.50
N ARG A 159 2.49 18.29 15.91
CA ARG A 159 3.48 17.81 14.97
C ARG A 159 4.65 18.78 14.95
N PRO A 160 5.88 18.33 15.23
CA PRO A 160 6.36 16.94 15.45
C PRO A 160 5.89 16.27 16.75
N PRO A 161 6.02 14.93 16.84
CA PRO A 161 5.69 14.22 18.09
C PRO A 161 6.70 14.49 19.18
N GLY A 162 6.52 13.89 20.37
CA GLY A 162 7.38 14.25 21.47
C GLY A 162 7.84 13.16 22.44
N HIS A 163 7.18 12.00 22.47
CA HIS A 163 7.36 11.10 23.60
C HIS A 163 8.73 10.44 23.66
N HIS A 164 9.57 10.58 22.62
CA HIS A 164 10.91 10.01 22.66
C HIS A 164 11.95 10.98 23.22
N ALA A 165 11.61 12.25 23.37
CA ALA A 165 12.59 13.26 23.77
C ALA A 165 12.80 13.23 25.28
N HIS A 166 14.06 13.05 25.70
CA HIS A 166 14.42 13.19 27.10
C HIS A 166 14.52 14.68 27.45
N ALA A 167 14.93 14.96 28.70
CA ALA A 167 15.14 16.34 29.10
C ALA A 167 16.19 17.03 28.22
N ASP A 168 17.15 16.28 27.70
CA ASP A 168 18.19 16.86 26.86
C ASP A 168 18.63 15.90 25.77
N VAL A 169 17.71 15.10 25.24
CA VAL A 169 17.99 14.17 24.14
C VAL A 169 16.83 14.19 23.16
N PHE A 170 17.13 14.31 21.88
CA PHE A 170 16.12 14.19 20.83
C PHE A 170 16.39 12.95 19.98
N GLY A 171 15.35 12.55 19.26
CA GLY A 171 15.42 11.40 18.37
C GLY A 171 14.05 10.80 18.17
N GLY A 172 13.97 9.89 17.22
CA GLY A 172 12.69 9.28 16.89
C GLY A 172 11.63 10.29 16.47
N TYR A 173 12.01 11.30 15.71
CA TYR A 173 11.14 12.33 15.16
C TYR A 173 10.66 13.32 16.22
N CYS A 174 11.22 13.28 17.42
CA CYS A 174 10.76 14.08 18.55
C CYS A 174 11.84 15.07 18.98
N PHE A 175 11.41 16.25 19.45
CA PHE A 175 12.33 17.27 19.94
C PHE A 175 11.97 17.77 21.33
N PHE A 176 10.73 18.21 21.50
CA PHE A 176 10.17 18.58 22.80
C PHE A 176 9.11 17.58 23.18
N ASN A 177 9.10 17.15 24.44
CA ASN A 177 8.17 16.13 24.91
C ASN A 177 6.85 16.80 25.27
N ASN A 178 5.97 16.92 24.28
CA ASN A 178 4.73 17.66 24.45
C ASN A 178 3.90 17.10 25.60
N ALA A 179 3.79 15.76 25.69
CA ALA A 179 3.00 15.15 26.75
C ALA A 179 3.57 15.46 28.12
N ALA A 180 4.88 15.35 28.27
CA ALA A 180 5.52 15.64 29.56
C ALA A 180 5.36 17.11 29.92
N ILE A 181 5.43 18.00 28.93
CA ILE A 181 5.25 19.41 29.18
C ILE A 181 3.83 19.69 29.67
N ALA A 182 2.84 19.04 29.04
CA ALA A 182 1.46 19.21 29.48
C ALA A 182 1.25 18.69 30.90
N ALA A 183 1.81 17.52 31.20
CA ALA A 183 1.68 16.97 32.55
C ALA A 183 2.31 17.90 33.59
N GLN A 184 3.51 18.41 33.29
CA GLN A 184 4.17 19.32 34.21
C GLN A 184 3.39 20.62 34.36
N ALA A 185 2.70 21.05 33.30
CA ALA A 185 1.82 22.21 33.42
C ALA A 185 0.67 21.94 34.38
N PHE A 186 0.04 20.77 34.25
CA PHE A 186 -0.96 20.34 35.22
C PHE A 186 -0.43 20.42 36.64
N ARG A 187 0.76 19.86 36.88
CA ARG A 187 1.36 19.91 38.21
C ARG A 187 1.58 21.35 38.67
N ASP A 188 2.14 22.19 37.80
CA ASP A 188 2.45 23.56 38.17
C ASP A 188 1.19 24.37 38.46
N GLN A 189 0.04 23.96 37.92
CA GLN A 189 -1.21 24.67 38.16
C GLN A 189 -2.02 24.07 39.32
N GLY A 190 -1.42 23.20 40.13
CA GLY A 190 -2.06 22.72 41.33
C GLY A 190 -2.69 21.34 41.26
N TYR A 191 -2.55 20.64 40.14
CA TYR A 191 -3.01 19.26 40.06
C TYR A 191 -2.02 18.37 40.81
N GLY A 192 -2.49 17.70 41.85
CA GLY A 192 -1.57 16.97 42.72
C GLY A 192 -0.87 15.83 42.02
N LYS A 193 -1.61 15.04 41.26
CA LYS A 193 -1.06 13.86 40.59
C LYS A 193 -1.53 13.82 39.15
N VAL A 194 -0.64 13.42 38.25
CA VAL A 194 -0.93 13.32 36.82
C VAL A 194 -0.49 11.94 36.32
N ALA A 195 -1.29 11.35 35.46
CA ALA A 195 -0.92 10.12 34.78
C ALA A 195 -0.71 10.37 33.30
N VAL A 196 0.34 9.76 32.74
CA VAL A 196 0.64 9.83 31.31
C VAL A 196 0.59 8.40 30.77
N LEU A 197 -0.39 8.13 29.91
CA LEU A 197 -0.59 6.82 29.31
C LEU A 197 -0.21 6.89 27.84
N ASP A 198 0.74 6.04 27.43
CA ASP A 198 1.33 6.06 26.10
C ASP A 198 0.81 4.84 25.33
N VAL A 199 -0.12 5.08 24.40
CA VAL A 199 -0.69 4.01 23.58
C VAL A 199 -0.07 3.97 22.20
N ASP A 200 0.92 4.82 21.93
CA ASP A 200 1.66 4.76 20.67
C ASP A 200 2.38 3.41 20.60
N PHE A 201 2.61 2.93 19.39
CA PHE A 201 3.22 1.61 19.23
C PHE A 201 4.61 1.55 19.86
N HIS A 202 5.32 2.67 19.91
CA HIS A 202 6.68 2.70 20.44
C HIS A 202 6.70 3.16 21.89
N HIS A 203 7.72 2.70 22.61
CA HIS A 203 7.89 3.07 24.02
C HIS A 203 8.12 4.57 24.15
N GLY A 204 7.43 5.20 25.10
CA GLY A 204 7.64 6.60 25.40
C GLY A 204 8.82 6.81 26.33
N ASN A 205 10.03 6.56 25.83
CA ASN A 205 11.21 6.55 26.69
C ASN A 205 11.52 7.92 27.24
N GLY A 206 11.29 8.99 26.47
CA GLY A 206 11.54 10.33 26.99
C GLY A 206 10.67 10.66 28.19
N THR A 207 9.38 10.34 28.08
CA THR A 207 8.46 10.57 29.19
C THR A 207 8.85 9.76 30.41
N GLN A 208 9.21 8.48 30.20
CA GLN A 208 9.67 7.65 31.31
C GLN A 208 10.89 8.25 31.99
N ALA A 209 11.87 8.70 31.20
CA ALA A 209 13.09 9.24 31.78
C ALA A 209 12.83 10.53 32.56
N ILE A 210 11.97 11.40 32.02
CA ILE A 210 11.75 12.70 32.64
C ILE A 210 11.20 12.57 34.05
N PHE A 211 10.27 11.62 34.26
CA PHE A 211 9.63 11.47 35.56
C PHE A 211 10.08 10.23 36.31
N TYR A 212 11.24 9.66 35.94
CA TYR A 212 11.60 8.32 36.42
C TYR A 212 11.79 8.28 37.93
N ASP A 213 12.26 9.37 38.53
CA ASP A 213 12.53 9.41 39.97
C ASP A 213 11.43 10.14 40.74
N ARG A 214 10.24 10.28 40.15
CA ARG A 214 9.15 11.01 40.75
C ARG A 214 7.93 10.10 40.90
N SER A 215 7.19 10.29 42.00
CA SER A 215 5.95 9.56 42.22
C SER A 215 4.70 10.40 41.99
N ASP A 216 4.86 11.71 41.73
CA ASP A 216 3.70 12.56 41.48
C ASP A 216 3.21 12.47 40.04
N VAL A 217 4.00 11.89 39.15
CA VAL A 217 3.62 11.69 37.75
C VAL A 217 3.81 10.21 37.44
N LEU A 218 2.71 9.49 37.23
CA LEU A 218 2.76 8.08 36.88
C LEU A 218 2.90 7.94 35.37
N THR A 219 3.87 7.14 34.92
CA THR A 219 4.13 6.94 33.50
C THR A 219 3.86 5.49 33.12
N ILE A 220 2.98 5.28 32.16
CA ILE A 220 2.65 3.96 31.65
C ILE A 220 2.83 3.98 30.13
N SER A 221 3.37 2.89 29.58
CA SER A 221 3.48 2.79 28.12
C SER A 221 3.21 1.36 27.66
N LEU A 222 2.36 1.22 26.63
CA LEU A 222 2.17 -0.04 25.92
C LEU A 222 2.92 0.04 24.59
N HIS A 223 3.71 -0.97 24.27
CA HIS A 223 4.54 -0.83 23.09
C HIS A 223 5.05 -2.18 22.59
N GLY A 224 5.55 -2.16 21.35
CA GLY A 224 6.26 -3.31 20.82
C GLY A 224 7.56 -3.56 21.56
N ASP A 225 7.95 -4.83 21.61
CA ASP A 225 9.09 -5.27 22.39
C ASP A 225 10.36 -4.53 21.94
N PRO A 226 11.00 -3.75 22.82
CA PRO A 226 12.19 -3.00 22.40
C PRO A 226 13.37 -3.89 22.03
N ASP A 227 13.35 -5.16 22.43
CA ASP A 227 14.33 -6.10 21.89
C ASP A 227 14.23 -6.16 20.37
N LEU A 228 13.04 -5.87 19.83
CA LEU A 228 12.76 -5.96 18.40
C LEU A 228 12.71 -4.61 17.70
N VAL A 229 12.21 -3.56 18.36
CA VAL A 229 11.92 -2.30 17.68
C VAL A 229 12.48 -1.12 18.48
N PHE A 230 12.55 0.01 17.80
CA PHE A 230 12.88 1.29 18.43
C PHE A 230 12.01 1.51 19.66
N PRO A 231 12.57 2.07 20.76
CA PRO A 231 13.91 2.64 20.94
C PRO A 231 15.00 1.68 21.44
N HIS A 232 14.70 0.37 21.53
CA HIS A 232 15.69 -0.67 21.74
C HIS A 232 16.35 -0.70 23.12
N PHE A 233 16.69 0.46 23.68
CA PHE A 233 17.52 0.51 24.88
C PHE A 233 16.77 1.02 26.11
N LEU A 234 15.46 1.19 26.00
CA LEU A 234 14.58 1.42 27.14
C LEU A 234 13.21 0.82 26.77
N GLY A 235 12.37 0.66 27.78
CA GLY A 235 11.02 0.17 27.57
C GLY A 235 10.77 -1.25 28.02
N PHE A 236 11.73 -1.89 28.67
CA PHE A 236 11.56 -3.27 29.11
C PHE A 236 10.75 -3.32 30.39
N GLU A 237 10.11 -4.47 30.61
CA GLU A 237 9.14 -4.60 31.70
C GLU A 237 9.77 -4.50 33.09
N ASP A 238 11.10 -4.62 33.20
CA ASP A 238 11.75 -4.52 34.49
C ASP A 238 12.09 -3.07 34.88
N GLU A 239 11.68 -2.09 34.08
CA GLU A 239 11.92 -0.68 34.41
C GLU A 239 10.70 -0.14 35.16
N THR A 240 10.78 -0.12 36.49
CA THR A 240 9.66 0.27 37.33
C THR A 240 9.91 1.57 38.09
N GLY A 241 10.98 2.28 37.80
CA GLY A 241 11.28 3.54 38.45
C GLY A 241 12.55 3.45 39.28
N GLU A 242 12.88 4.59 39.91
CA GLU A 242 14.03 4.67 40.79
C GLU A 242 13.75 5.71 41.86
N GLY A 243 14.32 5.48 43.05
CA GLY A 243 14.16 6.45 44.13
C GLY A 243 12.70 6.58 44.53
N ASP A 244 12.25 7.82 44.66
CA ASP A 244 10.85 8.08 44.96
C ASP A 244 9.93 7.59 43.85
N GLY A 245 10.44 7.42 42.63
CA GLY A 245 9.66 6.92 41.53
C GLY A 245 9.50 5.42 41.45
N GLU A 246 10.02 4.68 42.43
CA GLU A 246 9.88 3.23 42.41
C GLU A 246 8.42 2.83 42.39
N ALA A 247 8.07 1.99 41.40
CA ALA A 247 6.72 1.51 41.12
C ALA A 247 5.80 2.59 40.54
N TYR A 248 6.36 3.68 40.01
CA TYR A 248 5.57 4.71 39.34
C TYR A 248 5.92 4.82 37.86
N ASN A 249 6.49 3.76 37.29
CA ASN A 249 6.61 3.59 35.84
C ASN A 249 6.24 2.15 35.50
N LEU A 250 5.47 1.98 34.43
CA LEU A 250 4.99 0.66 34.02
C LEU A 250 5.11 0.52 32.52
N ASN A 251 5.88 -0.47 32.08
CA ASN A 251 6.05 -0.83 30.68
C ASN A 251 5.31 -2.12 30.40
N ILE A 252 4.48 -2.12 29.36
CA ILE A 252 3.72 -3.31 28.95
C ILE A 252 4.07 -3.58 27.49
N VAL A 253 4.73 -4.71 27.26
CA VAL A 253 5.37 -5.04 25.99
C VAL A 253 4.57 -6.12 25.26
N PHE A 254 4.53 -6.02 23.94
CA PHE A 254 3.83 -7.00 23.11
C PHE A 254 4.67 -7.47 21.94
N PRO A 255 4.45 -8.70 21.48
CA PRO A 255 5.26 -9.24 20.38
C PRO A 255 4.63 -8.93 19.03
N PRO A 256 5.27 -9.32 17.92
CA PRO A 256 4.67 -9.09 16.60
C PRO A 256 3.30 -9.74 16.46
N ASP A 257 2.47 -9.11 15.60
CA ASP A 257 1.15 -9.57 15.19
C ASP A 257 0.10 -9.42 16.29
N THR A 258 0.40 -8.70 17.36
CA THR A 258 -0.55 -8.56 18.47
C THR A 258 -1.81 -7.83 18.02
N PRO A 259 -3.00 -8.42 18.20
CA PRO A 259 -4.24 -7.74 17.82
C PRO A 259 -4.88 -7.03 19.01
N PHE A 260 -6.01 -6.36 18.78
CA PHE A 260 -6.68 -5.62 19.86
C PHE A 260 -7.16 -6.54 20.97
N SER A 261 -7.52 -7.78 20.65
CA SER A 261 -8.02 -8.67 21.70
C SER A 261 -6.97 -8.91 22.77
N ILE A 262 -5.69 -8.85 22.41
CA ILE A 262 -4.61 -9.02 23.37
C ILE A 262 -4.11 -7.67 23.88
N TRP A 263 -3.95 -6.70 22.98
CA TRP A 263 -3.48 -5.37 23.37
C TRP A 263 -4.40 -4.73 24.41
N SER A 264 -5.71 -4.93 24.27
CA SER A 264 -6.68 -4.33 25.19
C SER A 264 -6.60 -4.94 26.58
N GLN A 265 -6.02 -6.14 26.74
CA GLN A 265 -5.76 -6.64 28.08
C GLN A 265 -4.68 -5.83 28.78
N GLY A 266 -3.61 -5.51 28.06
CA GLY A 266 -2.63 -4.57 28.59
C GLY A 266 -3.22 -3.21 28.88
N LEU A 267 -4.09 -2.72 27.98
CA LEU A 267 -4.76 -1.45 28.23
C LEU A 267 -5.60 -1.52 29.52
N GLU A 268 -6.27 -2.64 29.74
CA GLU A 268 -7.07 -2.82 30.96
C GLU A 268 -6.17 -2.80 32.20
N LYS A 269 -5.02 -3.46 32.13
CA LYS A 269 -4.07 -3.41 33.24
C LYS A 269 -3.63 -1.97 33.51
N ALA A 270 -3.32 -1.22 32.45
CA ALA A 270 -2.95 0.18 32.61
C ALA A 270 -4.06 0.99 33.26
N CYS A 271 -5.30 0.76 32.85
CA CYS A 271 -6.43 1.49 33.41
C CYS A 271 -6.62 1.17 34.89
N GLU A 272 -6.42 -0.09 35.28
CA GLU A 272 -6.50 -0.45 36.69
C GLU A 272 -5.41 0.24 37.50
N ARG A 273 -4.18 0.26 36.97
CA ARG A 273 -3.10 0.97 37.64
C ARG A 273 -3.41 2.46 37.78
N ILE A 274 -4.00 3.06 36.74
CA ILE A 274 -4.37 4.47 36.82
C ILE A 274 -5.43 4.70 37.90
N ARG A 275 -6.44 3.81 37.96
CA ARG A 275 -7.47 3.95 38.99
C ARG A 275 -6.90 3.87 40.39
N THR A 276 -5.98 2.95 40.65
CA THR A 276 -5.38 2.92 41.98
C THR A 276 -4.51 4.15 42.23
N PHE A 277 -3.82 4.62 41.20
CA PHE A 277 -3.04 5.85 41.35
C PHE A 277 -3.94 7.05 41.64
N ALA A 278 -5.14 7.07 41.04
CA ALA A 278 -6.15 8.11 41.22
C ALA A 278 -5.59 9.49 40.91
N PRO A 279 -5.22 9.76 39.66
CA PRO A 279 -4.62 11.06 39.33
C PRO A 279 -5.69 12.15 39.24
N ASP A 280 -5.22 13.39 39.25
CA ASP A 280 -6.09 14.54 39.06
C ASP A 280 -6.21 14.94 37.59
N ALA A 281 -5.31 14.43 36.75
CA ALA A 281 -5.34 14.72 35.32
C ALA A 281 -4.68 13.58 34.56
N LEU A 282 -5.11 13.42 33.32
CA LEU A 282 -4.62 12.36 32.45
C LEU A 282 -4.15 12.97 31.14
N VAL A 283 -2.95 12.59 30.72
CA VAL A 283 -2.43 12.91 29.39
C VAL A 283 -2.21 11.60 28.66
N VAL A 284 -2.84 11.47 27.49
CA VAL A 284 -2.71 10.28 26.66
C VAL A 284 -1.86 10.65 25.46
N ALA A 285 -0.66 10.07 25.39
CA ALA A 285 0.21 10.21 24.23
C ALA A 285 -0.30 9.23 23.17
N LEU A 286 -1.07 9.75 22.21
CA LEU A 286 -1.81 8.91 21.28
C LEU A 286 -1.01 8.72 20.00
N GLY A 287 -0.66 7.48 19.71
CA GLY A 287 -0.12 7.11 18.40
C GLY A 287 -1.04 6.09 17.75
N VAL A 288 -1.27 6.26 16.45
CA VAL A 288 -2.05 5.31 15.68
C VAL A 288 -1.15 4.41 14.82
N ASP A 289 0.13 4.31 15.18
CA ASP A 289 1.00 3.32 14.54
C ASP A 289 0.75 1.90 15.06
N THR A 290 -0.19 1.72 15.98
CA THR A 290 -0.66 0.38 16.31
C THR A 290 -1.55 -0.22 15.23
N PHE A 291 -1.81 0.54 14.16
CA PHE A 291 -2.73 0.16 13.10
C PHE A 291 -2.18 -1.00 12.28
N GLU A 292 -3.10 -1.86 11.81
CA GLU A 292 -2.72 -3.06 11.08
C GLU A 292 -2.02 -2.78 9.75
N GLU A 293 -2.05 -1.54 9.27
CA GLU A 293 -1.38 -1.20 8.01
CA GLU A 293 -1.41 -1.18 8.01
C GLU A 293 -0.26 -0.19 8.20
N ASP A 294 0.18 0.05 9.43
CA ASP A 294 1.26 0.99 9.65
C ASP A 294 2.54 0.43 9.04
N PRO A 295 3.30 1.24 8.29
CA PRO A 295 4.42 0.69 7.52
C PRO A 295 5.67 0.39 8.32
N ILE A 296 5.74 0.77 9.60
CA ILE A 296 6.96 0.55 10.37
C ILE A 296 6.68 -0.13 11.71
N SER A 297 5.49 -0.70 11.87
CA SER A 297 5.09 -1.33 13.13
C SER A 297 4.44 -2.68 12.87
N PHE A 298 4.24 -3.48 13.93
CA PHE A 298 3.73 -4.84 13.73
C PHE A 298 2.56 -5.19 14.63
N PHE A 299 1.76 -4.21 15.05
CA PHE A 299 0.49 -4.54 15.68
C PHE A 299 -0.60 -4.60 14.62
N LYS A 300 -1.78 -5.12 15.01
CA LYS A 300 -2.86 -5.40 14.06
C LYS A 300 -4.17 -4.81 14.54
N LEU A 301 -4.16 -3.55 14.95
CA LEU A 301 -5.38 -2.85 15.33
C LEU A 301 -6.19 -2.47 14.09
N THR A 302 -7.51 -2.56 14.19
CA THR A 302 -8.38 -2.08 13.13
C THR A 302 -8.82 -0.65 13.42
N SER A 303 -9.50 -0.04 12.44
CA SER A 303 -9.95 1.35 12.61
C SER A 303 -11.05 1.45 13.67
N GLY A 304 -11.97 0.49 13.74
CA GLY A 304 -12.99 0.51 14.77
C GLY A 304 -12.43 0.32 16.17
N ASP A 305 -11.31 -0.41 16.26
CA ASP A 305 -10.66 -0.60 17.55
C ASP A 305 -10.28 0.72 18.18
N TYR A 306 -10.03 1.76 17.38
CA TYR A 306 -9.71 3.07 17.95
C TYR A 306 -10.94 3.72 18.56
N LEU A 307 -12.13 3.45 18.00
CA LEU A 307 -13.36 3.84 18.68
C LEU A 307 -13.45 3.17 20.04
N LYS A 308 -13.17 1.86 20.07
CA LYS A 308 -13.16 1.16 21.36
C LYS A 308 -12.15 1.78 22.32
N LEU A 309 -10.95 2.13 21.81
CA LEU A 309 -9.92 2.73 22.66
C LEU A 309 -10.40 4.04 23.27
N GLY A 310 -10.97 4.92 22.43
CA GLY A 310 -11.48 6.18 22.96
C GLY A 310 -12.54 5.99 24.02
N LYS A 311 -13.45 5.03 23.80
CA LYS A 311 -14.48 4.74 24.80
C LYS A 311 -13.86 4.32 26.12
N ARG A 312 -12.95 3.33 26.07
CA ARG A 312 -12.32 2.84 27.30
C ARG A 312 -11.58 3.96 28.01
N LEU A 313 -10.92 4.84 27.26
CA LEU A 313 -10.21 5.94 27.88
C LEU A 313 -11.18 6.91 28.55
N GLU A 314 -12.33 7.19 27.92
CA GLU A 314 -13.32 8.06 28.57
C GLU A 314 -13.81 7.46 29.87
N GLN A 315 -13.99 6.13 29.93
CA GLN A 315 -14.50 5.55 31.15
C GLN A 315 -13.58 5.74 32.35
N LEU A 316 -12.36 6.24 32.16
CA LEU A 316 -11.52 6.60 33.29
C LEU A 316 -12.07 7.78 34.06
N GLY A 317 -12.92 8.59 33.44
CA GLY A 317 -13.57 9.70 34.14
C GLY A 317 -12.62 10.79 34.57
N LEU A 318 -11.63 11.14 33.74
CA LEU A 318 -10.61 12.10 34.10
C LEU A 318 -10.56 13.25 33.11
N PRO A 319 -10.11 14.42 33.54
CA PRO A 319 -9.73 15.47 32.59
C PRO A 319 -8.55 14.99 31.75
N THR A 320 -8.71 15.04 30.43
CA THR A 320 -7.83 14.30 29.53
C THR A 320 -7.28 15.18 28.42
N VAL A 321 -5.97 15.17 28.24
CA VAL A 321 -5.30 15.83 27.12
C VAL A 321 -4.69 14.74 26.23
N PHE A 322 -5.06 14.76 24.95
CA PHE A 322 -4.46 13.89 23.94
C PHE A 322 -3.37 14.66 23.20
N THR A 323 -2.17 14.10 23.14
CA THR A 323 -1.07 14.65 22.34
C THR A 323 -0.78 13.69 21.20
N MET A 324 -0.86 14.18 19.97
CA MET A 324 -0.62 13.33 18.80
C MET A 324 0.85 12.94 18.74
N GLU A 325 1.10 11.63 18.65
CA GLU A 325 2.46 11.13 18.46
C GLU A 325 2.63 10.53 17.07
N GLY A 326 2.77 9.21 16.99
CA GLY A 326 3.09 8.54 15.74
C GLY A 326 1.86 8.06 14.98
N GLY A 327 2.12 7.31 13.91
CA GLY A 327 1.10 6.88 12.97
C GLY A 327 1.43 7.28 11.55
N TYR A 328 1.65 6.32 10.65
CA TYR A 328 2.30 6.61 9.38
C TYR A 328 1.60 6.06 8.13
N ASP A 329 0.49 5.35 8.28
CA ASP A 329 -0.39 5.08 7.13
C ASP A 329 -1.27 6.31 6.92
N VAL A 330 -0.83 7.21 6.04
CA VAL A 330 -1.48 8.51 5.88
C VAL A 330 -2.92 8.36 5.36
N ASP A 331 -3.18 7.33 4.56
CA ASP A 331 -4.55 7.11 4.06
C ASP A 331 -5.55 7.05 5.20
N ALA A 332 -5.20 6.40 6.30
CA ALA A 332 -6.14 6.12 7.39
C ALA A 332 -5.83 6.86 8.69
N ILE A 333 -4.79 7.70 8.73
CA ILE A 333 -4.39 8.32 9.99
C ILE A 333 -5.49 9.21 10.54
N GLY A 334 -6.20 9.92 9.67
CA GLY A 334 -7.28 10.79 10.12
C GLY A 334 -8.44 10.01 10.70
N VAL A 335 -8.88 8.98 9.97
CA VAL A 335 -9.94 8.11 10.46
C VAL A 335 -9.56 7.52 11.82
N ASN A 336 -8.32 7.05 11.95
CA ASN A 336 -7.92 6.38 13.19
C ASN A 336 -7.90 7.35 14.37
N ALA A 337 -7.20 8.47 14.23
CA ALA A 337 -7.07 9.42 15.34
C ALA A 337 -8.42 10.01 15.72
N VAL A 338 -9.14 10.53 14.73
CA VAL A 338 -10.46 11.08 15.02
C VAL A 338 -11.38 9.99 15.55
N ASN A 339 -11.15 8.74 15.14
CA ASN A 339 -11.90 7.63 15.71
C ASN A 339 -11.68 7.53 17.21
N VAL A 340 -10.43 7.72 17.66
CA VAL A 340 -10.21 7.75 19.11
C VAL A 340 -11.00 8.88 19.74
N MET A 341 -10.97 10.07 19.12
CA MET A 341 -11.68 11.21 19.70
C MET A 341 -13.19 10.96 19.77
N GLN A 342 -13.77 10.41 18.71
CA GLN A 342 -15.22 10.20 18.65
C GLN A 342 -15.64 9.08 19.58
N GLY A 343 -14.83 8.03 19.69
CA GLY A 343 -15.10 6.99 20.66
C GLY A 343 -15.08 7.52 22.08
N PHE A 344 -14.18 8.46 22.36
CA PHE A 344 -14.19 9.14 23.64
C PHE A 344 -15.52 9.86 23.87
N GLU A 345 -16.02 10.54 22.83
CA GLU A 345 -17.24 11.33 22.92
C GLU A 345 -18.51 10.50 22.83
N GLY A 346 -18.41 9.17 22.70
CA GLY A 346 -19.59 8.33 22.74
C GLY A 346 -20.05 7.74 21.42
N LYS A 347 -19.28 7.88 20.35
CA LYS A 347 -19.70 7.35 19.05
C LYS A 347 -19.43 5.85 18.95
N GLY B 4 -30.96 -1.94 -27.00
CA GLY B 4 -29.56 -1.94 -26.59
C GLY B 4 -28.67 -1.18 -27.54
N SER B 5 -27.97 -0.18 -27.02
CA SER B 5 -27.06 0.64 -27.81
CA SER B 5 -27.06 0.64 -27.81
C SER B 5 -25.80 0.93 -26.99
N MET B 6 -24.66 1.00 -27.67
CA MET B 6 -23.38 1.26 -27.04
C MET B 6 -22.56 2.19 -27.91
N LYS B 7 -21.92 3.17 -27.28
CA LYS B 7 -21.09 4.14 -27.98
C LYS B 7 -19.68 3.58 -28.19
N THR B 8 -19.09 3.94 -29.32
CA THR B 8 -17.75 3.52 -29.69
C THR B 8 -16.87 4.74 -29.93
N VAL B 9 -15.67 4.74 -29.35
CA VAL B 9 -14.69 5.78 -29.60
C VAL B 9 -13.65 5.23 -30.58
N PHE B 10 -13.39 5.98 -31.65
CA PHE B 10 -12.46 5.58 -32.70
C PHE B 10 -11.71 6.80 -33.20
N SER B 11 -10.39 6.63 -33.38
CA SER B 11 -9.57 7.68 -33.95
C SER B 11 -8.98 7.23 -35.27
N PRO B 12 -9.13 8.00 -36.35
CA PRO B 12 -8.45 7.65 -37.61
C PRO B 12 -6.94 7.75 -37.53
N LEU B 13 -6.40 8.44 -36.52
CA LEU B 13 -4.96 8.57 -36.37
C LEU B 13 -4.26 7.25 -36.13
N HIS B 14 -5.01 6.18 -35.84
CA HIS B 14 -4.43 4.86 -35.79
C HIS B 14 -3.70 4.53 -37.08
N SER B 15 -4.16 5.07 -38.22
CA SER B 15 -3.50 4.78 -39.48
C SER B 15 -2.08 5.35 -39.55
N ARG B 16 -1.72 6.27 -38.65
CA ARG B 16 -0.34 6.76 -38.64
C ARG B 16 0.66 5.66 -38.26
N ARG B 17 0.22 4.65 -37.51
CA ARG B 17 1.03 3.45 -37.27
C ARG B 17 0.74 2.47 -38.40
N HIS B 18 1.69 2.34 -39.33
CA HIS B 18 1.50 1.42 -40.45
C HIS B 18 2.91 0.94 -40.80
N VAL B 19 3.46 0.07 -39.94
CA VAL B 19 4.81 -0.43 -40.15
C VAL B 19 4.80 -1.53 -41.20
N LYS B 20 5.95 -1.71 -41.85
CA LYS B 20 6.08 -2.69 -42.91
C LYS B 20 6.73 -3.99 -42.47
N THR B 21 7.43 -4.02 -41.33
CA THR B 21 8.21 -5.19 -40.94
C THR B 21 7.84 -5.64 -39.52
N GLU B 22 7.83 -6.96 -39.33
CA GLU B 22 7.70 -7.59 -38.02
C GLU B 22 8.62 -8.80 -38.00
N LEU B 23 9.52 -8.86 -37.00
CA LEU B 23 10.36 -10.04 -36.83
C LEU B 23 9.50 -11.20 -36.33
N ASP B 24 9.49 -12.28 -37.10
CA ASP B 24 8.72 -13.47 -36.75
C ASP B 24 9.35 -14.68 -37.41
N GLY B 25 9.64 -15.71 -36.62
CA GLY B 25 10.23 -16.93 -37.15
C GLY B 25 11.51 -16.72 -37.93
N GLY B 26 12.33 -15.75 -37.52
CA GLY B 26 13.58 -15.47 -38.21
C GLY B 26 13.45 -14.66 -39.48
N LEU B 27 12.25 -14.19 -39.82
CA LEU B 27 12.03 -13.41 -41.02
C LEU B 27 11.36 -12.09 -40.69
N LEU B 28 11.51 -11.12 -41.59
CA LEU B 28 10.78 -9.85 -41.50
C LEU B 28 9.53 -9.97 -42.37
N ILE B 29 8.38 -10.12 -41.73
CA ILE B 29 7.13 -10.39 -42.43
C ILE B 29 6.22 -9.18 -42.30
N GLU B 30 5.14 -9.19 -43.08
CA GLU B 30 4.11 -8.16 -42.95
C GLU B 30 3.47 -8.26 -41.56
N PRO B 31 3.37 -7.15 -40.83
CA PRO B 31 2.91 -7.23 -39.43
C PRO B 31 1.47 -7.74 -39.32
N HIS B 32 1.24 -8.59 -38.32
CA HIS B 32 -0.12 -9.06 -38.03
C HIS B 32 -1.02 -7.93 -37.57
N GLU B 33 -0.47 -6.96 -36.84
CA GLU B 33 -1.24 -5.88 -36.23
C GLU B 33 -1.33 -4.73 -37.24
N LYS B 34 -2.24 -4.91 -38.20
CA LYS B 34 -2.39 -4.02 -39.34
C LYS B 34 -3.60 -3.11 -39.18
N PRO B 35 -3.62 -1.94 -39.84
CA PRO B 35 -4.74 -1.00 -39.65
C PRO B 35 -6.09 -1.53 -40.10
N SER B 36 -6.12 -2.48 -41.04
CA SER B 36 -7.38 -3.05 -41.49
C SER B 36 -8.12 -3.77 -40.36
N ARG B 37 -7.41 -4.16 -39.30
CA ARG B 37 -8.09 -4.67 -38.10
C ARG B 37 -9.09 -3.65 -37.58
N ALA B 38 -8.59 -2.45 -37.26
CA ALA B 38 -9.45 -1.41 -36.72
C ALA B 38 -10.48 -0.95 -37.73
N GLU B 39 -10.08 -0.83 -39.00
CA GLU B 39 -11.03 -0.39 -40.02
C GLU B 39 -12.16 -1.40 -40.20
N THR B 40 -11.85 -2.70 -40.12
CA THR B 40 -12.88 -3.72 -40.27
C THR B 40 -13.82 -3.75 -39.07
N ILE B 41 -13.27 -3.64 -37.85
CA ILE B 41 -14.15 -3.55 -36.68
C ILE B 41 -15.05 -2.34 -36.80
N LEU B 42 -14.50 -1.20 -37.20
CA LEU B 42 -15.32 0.00 -37.35
C LEU B 42 -16.42 -0.20 -38.38
N ALA B 43 -16.09 -0.84 -39.50
CA ALA B 43 -17.10 -1.13 -40.52
C ALA B 43 -18.23 -1.98 -39.95
N ARG B 44 -17.90 -2.99 -39.13
CA ARG B 44 -18.96 -3.80 -38.54
C ARG B 44 -19.78 -2.99 -37.52
N VAL B 45 -19.13 -2.11 -36.76
CA VAL B 45 -19.85 -1.23 -35.85
C VAL B 45 -20.87 -0.40 -36.64
N LYS B 46 -20.48 0.10 -37.80
CA LYS B 46 -21.41 0.88 -38.62
C LYS B 46 -22.54 0.02 -39.16
N ASP B 47 -22.22 -1.12 -39.78
CA ASP B 47 -23.28 -1.90 -40.42
C ASP B 47 -24.25 -2.50 -39.40
N GLN B 48 -23.82 -2.71 -38.16
CA GLN B 48 -24.76 -3.18 -37.14
C GLN B 48 -25.45 -2.04 -36.41
N ALA B 49 -25.06 -0.80 -36.69
CA ALA B 49 -25.63 0.38 -36.02
C ALA B 49 -25.58 0.21 -34.51
N LEU B 50 -24.42 -0.22 -34.01
CA LEU B 50 -24.26 -0.50 -32.59
C LEU B 50 -24.60 0.71 -31.74
N GLY B 51 -24.25 1.90 -32.22
CA GLY B 51 -24.50 3.11 -31.46
C GLY B 51 -23.67 4.25 -32.03
N GLU B 52 -23.69 5.36 -31.30
CA GLU B 52 -22.96 6.55 -31.75
C GLU B 52 -21.47 6.27 -31.81
N ILE B 53 -20.82 6.82 -32.83
CA ILE B 53 -19.38 6.70 -33.01
C ILE B 53 -18.76 8.07 -32.78
N LEU B 54 -17.72 8.11 -31.94
CA LEU B 54 -17.12 9.38 -31.53
C LEU B 54 -15.62 9.34 -31.71
N GLU B 55 -15.04 10.50 -32.03
CA GLU B 55 -13.60 10.67 -31.97
C GLU B 55 -13.20 11.01 -30.55
N PRO B 56 -11.96 10.72 -30.15
CA PRO B 56 -11.55 10.97 -28.76
C PRO B 56 -11.21 12.43 -28.51
N GLU B 57 -11.30 12.81 -27.24
CA GLU B 57 -10.77 14.08 -26.78
C GLU B 57 -9.28 13.95 -26.48
N GLU B 58 -8.59 15.09 -26.48
CA GLU B 58 -7.17 15.12 -26.14
C GLU B 58 -7.03 15.33 -24.63
N PHE B 59 -6.50 14.31 -23.94
CA PHE B 59 -6.30 14.38 -22.49
C PHE B 59 -4.87 14.74 -22.10
N GLY B 60 -3.93 14.79 -23.04
CA GLY B 60 -2.55 15.09 -22.71
C GLY B 60 -1.84 13.90 -22.08
N LEU B 61 -0.60 14.16 -21.68
CA LEU B 61 0.28 13.12 -21.15
C LEU B 61 0.07 12.83 -19.67
N GLY B 62 -0.63 13.70 -18.94
CA GLY B 62 -0.89 13.49 -17.53
C GLY B 62 -1.44 12.12 -17.18
N PRO B 63 -2.64 11.81 -17.69
CA PRO B 63 -3.23 10.50 -17.39
C PRO B 63 -2.39 9.34 -17.89
N VAL B 64 -1.63 9.53 -18.97
CA VAL B 64 -0.72 8.50 -19.42
C VAL B 64 0.41 8.33 -18.41
N LYS B 65 0.92 9.45 -17.88
CA LYS B 65 2.01 9.42 -16.93
C LYS B 65 1.59 9.00 -15.53
N ARG B 66 0.28 8.85 -15.27
CA ARG B 66 -0.14 8.20 -14.03
C ARG B 66 0.26 6.73 -14.02
N VAL B 67 0.61 6.17 -15.18
CA VAL B 67 0.92 4.75 -15.31
C VAL B 67 2.34 4.53 -15.84
N HIS B 68 2.78 5.33 -16.80
CA HIS B 68 4.09 5.17 -17.41
C HIS B 68 5.07 6.23 -16.90
N THR B 69 6.35 5.89 -16.90
CA THR B 69 7.38 6.80 -16.42
C THR B 69 7.64 7.92 -17.43
N ALA B 70 8.15 9.03 -16.91
CA ALA B 70 8.45 10.18 -17.77
C ALA B 70 9.51 9.85 -18.80
N ASP B 71 10.57 9.14 -18.38
CA ASP B 71 11.63 8.74 -19.29
C ASP B 71 11.09 7.90 -20.43
N TYR B 72 10.15 6.99 -20.13
CA TYR B 72 9.62 6.10 -21.15
C TYR B 72 8.79 6.86 -22.18
N VAL B 73 7.94 7.77 -21.72
CA VAL B 73 7.11 8.55 -22.63
C VAL B 73 7.99 9.43 -23.52
N SER B 74 9.00 10.08 -22.94
CA SER B 74 9.93 10.87 -23.74
C SER B 74 10.63 9.99 -24.77
N PHE B 75 11.13 8.82 -24.34
CA PHE B 75 11.77 7.89 -25.27
C PHE B 75 10.85 7.54 -26.44
N LEU B 76 9.58 7.25 -26.15
CA LEU B 76 8.66 6.95 -27.25
C LEU B 76 8.49 8.14 -28.17
N GLU B 77 8.58 9.35 -27.64
CA GLU B 77 8.43 10.52 -28.52
C GLU B 77 9.64 10.69 -29.43
N THR B 78 10.85 10.46 -28.93
CA THR B 78 12.05 10.76 -29.71
C THR B 78 12.65 9.55 -30.42
N CYS B 79 12.11 8.35 -30.21
CA CYS B 79 12.83 7.13 -30.60
C CYS B 79 13.08 7.08 -32.09
N TRP B 80 12.05 7.31 -32.90
CA TRP B 80 12.21 7.24 -34.35
C TRP B 80 13.20 8.28 -34.86
N ASP B 81 13.10 9.51 -34.35
CA ASP B 81 14.02 10.57 -34.75
C ASP B 81 15.46 10.19 -34.44
N GLU B 82 15.70 9.65 -33.24
CA GLU B 82 17.05 9.22 -32.87
C GLU B 82 17.51 8.07 -33.76
N TRP B 83 16.60 7.14 -34.09
CA TRP B 83 16.94 6.02 -34.95
C TRP B 83 17.41 6.49 -36.32
N VAL B 84 16.64 7.37 -36.96
CA VAL B 84 17.02 7.90 -38.26
C VAL B 84 18.31 8.72 -38.14
N ALA B 85 18.42 9.55 -37.10
CA ALA B 85 19.59 10.39 -36.94
C ALA B 85 20.85 9.57 -36.72
N ALA B 86 20.72 8.37 -36.17
CA ALA B 86 21.88 7.50 -35.99
C ALA B 86 22.28 6.77 -37.26
N GLY B 87 21.57 6.97 -38.36
CA GLY B 87 21.94 6.36 -39.62
C GLY B 87 21.31 5.01 -39.90
N LYS B 88 20.38 4.57 -39.08
CA LYS B 88 19.76 3.27 -39.25
C LYS B 88 18.88 3.27 -40.50
N ARG B 89 18.93 2.18 -41.26
CA ARG B 89 18.26 2.10 -42.55
C ARG B 89 16.88 1.46 -42.50
N GLY B 90 16.64 0.55 -41.56
CA GLY B 90 15.34 -0.08 -41.42
C GLY B 90 14.46 0.62 -40.42
N GLU B 91 13.32 0.01 -40.13
CA GLU B 91 12.47 0.47 -39.05
C GLU B 91 13.16 0.20 -37.71
N ALA B 92 12.67 0.86 -36.67
CA ALA B 92 13.32 0.78 -35.35
C ALA B 92 12.97 -0.55 -34.69
N ILE B 93 13.97 -1.42 -34.56
CA ILE B 93 13.79 -2.74 -33.94
C ILE B 93 14.93 -2.97 -32.96
N PRO B 94 14.66 -3.41 -31.73
CA PRO B 94 15.75 -3.72 -30.80
C PRO B 94 16.57 -4.91 -31.28
N THR B 95 17.89 -4.81 -31.11
CA THR B 95 18.81 -5.87 -31.44
C THR B 95 19.52 -6.48 -30.23
N PHE B 96 19.73 -5.68 -29.18
CA PHE B 96 20.40 -6.13 -27.97
C PHE B 96 19.55 -5.73 -26.77
N TRP B 97 19.69 -6.47 -25.67
CA TRP B 97 18.90 -6.20 -24.47
C TRP B 97 19.69 -6.60 -23.23
N VAL B 98 19.10 -6.34 -22.07
CA VAL B 98 19.70 -6.72 -20.78
C VAL B 98 19.53 -8.22 -20.57
N GLY B 99 20.51 -8.99 -20.98
CA GLY B 99 20.49 -10.42 -20.73
C GLY B 99 20.70 -10.74 -19.27
N ARG B 100 20.39 -11.98 -18.91
CA ARG B 100 20.62 -12.45 -17.54
C ARG B 100 22.08 -12.31 -17.17
N GLY B 101 22.34 -11.65 -16.05
CA GLY B 101 23.68 -11.37 -15.60
C GLY B 101 24.23 -10.02 -16.01
N MET B 102 23.49 -9.24 -16.78
CA MET B 102 23.89 -7.87 -17.12
C MET B 102 23.10 -6.86 -16.28
N ARG B 103 23.54 -5.60 -16.34
CA ARG B 103 22.97 -4.54 -15.52
C ARG B 103 21.78 -3.92 -16.22
N ALA B 104 20.69 -3.72 -15.46
CA ALA B 104 19.54 -2.95 -15.92
C ALA B 104 19.87 -1.47 -15.79
N ARG B 105 20.74 -1.00 -16.69
CA ARG B 105 21.25 0.36 -16.69
C ARG B 105 20.97 0.99 -18.03
N LEU B 106 20.37 2.17 -18.01
CA LEU B 106 20.03 2.88 -19.25
C LEU B 106 21.27 3.48 -19.90
N PRO B 107 21.62 3.07 -21.12
CA PRO B 107 22.80 3.66 -21.79
C PRO B 107 22.43 4.85 -22.66
N LYS B 108 23.42 5.43 -23.33
CA LYS B 108 23.20 6.61 -24.17
C LYS B 108 22.76 6.26 -25.59
N ASP B 109 23.30 5.20 -26.18
CA ASP B 109 23.06 4.91 -27.58
C ASP B 109 21.63 4.42 -27.81
N ILE B 110 21.10 4.75 -28.99
CA ILE B 110 19.69 4.45 -29.30
C ILE B 110 19.43 2.95 -29.32
N ASP B 111 20.40 2.15 -29.77
CA ASP B 111 20.22 0.71 -29.75
C ASP B 111 20.07 0.19 -28.32
N GLY B 112 20.94 0.65 -27.43
CA GLY B 112 20.86 0.21 -26.04
C GLY B 112 19.59 0.68 -25.35
N ARG B 113 19.15 1.90 -25.64
CA ARG B 113 17.89 2.37 -25.05
C ARG B 113 16.70 1.59 -25.62
N LEU B 114 16.73 1.28 -26.91
CA LEU B 114 15.71 0.40 -27.48
C LEU B 114 15.65 -0.91 -26.73
N GLY B 115 16.81 -1.51 -26.41
CA GLY B 115 16.81 -2.75 -25.67
C GLY B 115 16.33 -2.62 -24.24
N TYR B 116 16.77 -1.56 -23.56
CA TYR B 116 16.37 -1.32 -22.17
C TYR B 116 14.85 -1.23 -22.03
N TYR B 117 14.17 -0.59 -22.98
CA TYR B 117 12.76 -0.26 -22.86
C TYR B 117 11.84 -1.27 -23.52
N SER B 118 12.35 -2.42 -23.94
CA SER B 118 11.55 -3.39 -24.68
C SER B 118 11.67 -4.79 -24.08
N LEU B 119 10.67 -5.62 -24.36
CA LEU B 119 10.70 -7.03 -24.05
C LEU B 119 10.68 -7.91 -25.30
N GLY B 120 10.67 -7.32 -26.49
CA GLY B 120 10.60 -8.11 -27.71
C GLY B 120 10.99 -7.28 -28.91
N ALA B 121 11.35 -7.97 -29.99
CA ALA B 121 11.74 -7.35 -31.24
C ALA B 121 10.67 -7.50 -32.31
N ASP B 122 9.43 -7.84 -31.92
CA ASP B 122 8.35 -8.02 -32.87
C ASP B 122 7.56 -6.74 -33.12
N THR B 123 7.96 -5.62 -32.53
CA THR B 123 7.16 -4.39 -32.51
C THR B 123 7.98 -3.24 -33.09
N SER B 124 8.01 -3.17 -34.42
CA SER B 124 8.76 -2.12 -35.10
C SER B 124 8.17 -0.74 -34.81
N ILE B 125 9.05 0.25 -34.72
CA ILE B 125 8.66 1.64 -34.53
C ILE B 125 9.07 2.43 -35.77
N SER B 126 8.16 3.24 -36.30
CA SER B 126 8.45 4.12 -37.43
C SER B 126 7.72 5.43 -37.20
N ASP B 127 7.77 6.31 -38.20
CA ASP B 127 7.11 7.60 -38.09
C ASP B 127 5.61 7.42 -37.94
N GLY B 128 5.03 8.16 -36.99
CA GLY B 128 3.61 8.07 -36.70
C GLY B 128 3.25 7.10 -35.59
N THR B 129 4.19 6.29 -35.12
CA THR B 129 3.89 5.37 -34.02
C THR B 129 3.55 6.14 -32.75
N TRP B 130 4.33 7.17 -32.44
CA TRP B 130 4.05 8.02 -31.28
C TRP B 130 2.64 8.59 -31.34
N GLU B 131 2.29 9.22 -32.47
CA GLU B 131 0.98 9.84 -32.59
C GLU B 131 -0.14 8.82 -32.47
N ALA B 132 0.04 7.63 -33.06
CA ALA B 132 -0.99 6.60 -32.99
C ALA B 132 -1.16 6.10 -31.56
N ALA B 133 -0.06 5.85 -30.85
CA ALA B 133 -0.16 5.40 -29.46
C ALA B 133 -0.85 6.44 -28.58
N ARG B 134 -0.50 7.72 -28.77
CA ARG B 134 -1.19 8.79 -28.05
C ARG B 134 -2.68 8.77 -28.33
N ALA B 135 -3.05 8.64 -29.61
CA ALA B 135 -4.46 8.66 -29.96
C ALA B 135 -5.20 7.46 -29.37
N SER B 136 -4.54 6.30 -29.31
CA SER B 136 -5.17 5.11 -28.76
C SER B 136 -5.42 5.27 -27.26
N ALA B 137 -4.43 5.78 -26.53
CA ALA B 137 -4.64 6.09 -25.12
C ALA B 137 -5.80 7.05 -24.94
N ASN B 138 -5.89 8.08 -25.79
CA ASN B 138 -7.01 9.02 -25.70
C ASN B 138 -8.33 8.36 -26.02
N VAL B 139 -8.34 7.37 -26.90
CA VAL B 139 -9.57 6.60 -27.15
C VAL B 139 -10.05 5.93 -25.88
N ALA B 140 -9.12 5.25 -25.18
CA ALA B 140 -9.51 4.60 -23.93
C ALA B 140 -9.99 5.62 -22.89
N LEU B 141 -9.28 6.75 -22.76
CA LEU B 141 -9.69 7.74 -21.77
C LEU B 141 -11.03 8.39 -22.11
N THR B 142 -11.35 8.50 -23.40
CA THR B 142 -12.64 9.03 -23.80
C THR B 142 -13.76 8.05 -23.50
N ALA B 143 -13.51 6.75 -23.72
CA ALA B 143 -14.49 5.75 -23.29
C ALA B 143 -14.71 5.80 -21.78
N GLN B 144 -13.61 5.92 -21.02
CA GLN B 144 -13.74 6.04 -19.57
C GLN B 144 -14.55 7.27 -19.19
N LYS B 145 -14.34 8.39 -19.89
CA LYS B 145 -15.11 9.59 -19.61
C LYS B 145 -16.58 9.39 -19.90
N LEU B 146 -16.90 8.72 -21.02
CA LEU B 146 -18.29 8.41 -21.33
C LEU B 146 -18.94 7.60 -20.22
N VAL B 147 -18.23 6.61 -19.68
CA VAL B 147 -18.80 5.78 -18.62
C VAL B 147 -18.96 6.58 -17.33
N ALA B 148 -17.95 7.39 -16.98
CA ALA B 148 -18.01 8.15 -15.74
C ALA B 148 -19.15 9.16 -15.74
N GLU B 149 -19.59 9.59 -16.93
CA GLU B 149 -20.63 10.61 -17.04
C GLU B 149 -22.02 10.02 -17.25
N GLY B 150 -22.18 8.70 -17.17
CA GLY B 150 -23.52 8.14 -17.18
C GLY B 150 -23.72 6.89 -18.00
N GLU B 151 -22.81 6.61 -18.93
CA GLU B 151 -22.97 5.44 -19.77
C GLU B 151 -22.71 4.17 -18.99
N ARG B 152 -23.52 3.15 -19.24
CA ARG B 152 -23.28 1.85 -18.63
C ARG B 152 -21.96 1.27 -19.12
N ALA B 153 -21.68 1.45 -20.41
CA ALA B 153 -20.49 0.89 -21.03
C ALA B 153 -20.10 1.72 -22.24
N ALA B 154 -18.87 1.51 -22.71
CA ALA B 154 -18.38 2.15 -23.91
C ALA B 154 -17.28 1.29 -24.51
N PHE B 155 -17.17 1.32 -25.83
CA PHE B 155 -16.19 0.53 -26.57
C PHE B 155 -15.06 1.44 -27.04
N ALA B 156 -13.87 1.26 -26.47
CA ALA B 156 -12.69 2.00 -26.90
C ALA B 156 -11.99 1.17 -27.97
N LEU B 157 -12.19 1.53 -29.24
CA LEU B 157 -11.62 0.79 -30.36
C LEU B 157 -10.16 1.21 -30.52
N CYS B 158 -9.33 0.72 -29.61
CA CYS B 158 -7.94 1.11 -29.54
C CYS B 158 -7.11 0.39 -30.59
N ARG B 159 -6.21 1.13 -31.23
CA ARG B 159 -5.11 0.54 -31.99
C ARG B 159 -3.98 1.55 -32.04
N PRO B 160 -2.75 1.19 -31.61
CA PRO B 160 -2.26 -0.13 -31.20
C PRO B 160 -2.82 -0.66 -29.89
N PRO B 161 -2.69 -1.98 -29.64
CA PRO B 161 -3.15 -2.54 -28.36
C PRO B 161 -2.24 -2.12 -27.21
N GLY B 162 -2.53 -2.56 -25.99
CA GLY B 162 -1.78 -2.05 -24.86
C GLY B 162 -1.41 -2.97 -23.72
N HIS B 163 -2.06 -4.14 -23.59
CA HIS B 163 -1.99 -4.86 -22.32
C HIS B 163 -0.63 -5.47 -22.02
N HIS B 164 0.31 -5.46 -22.97
CA HIS B 164 1.65 -5.95 -22.72
C HIS B 164 2.61 -4.89 -22.18
N ALA B 165 2.21 -3.63 -22.19
CA ALA B 165 3.12 -2.53 -21.85
C ALA B 165 3.24 -2.39 -20.34
N HIS B 166 4.46 -2.48 -19.83
CA HIS B 166 4.75 -2.15 -18.44
C HIS B 166 4.83 -0.64 -18.27
N ALA B 167 5.19 -0.21 -17.06
CA ALA B 167 5.39 1.23 -16.83
C ALA B 167 6.47 1.81 -17.74
N ASP B 168 7.47 1.01 -18.12
CA ASP B 168 8.54 1.52 -18.99
C ASP B 168 9.09 0.41 -19.89
N VAL B 169 8.22 -0.48 -20.36
CA VAL B 169 8.60 -1.53 -21.30
C VAL B 169 7.51 -1.68 -22.36
N PHE B 170 7.91 -1.70 -23.63
CA PHE B 170 6.99 -1.96 -24.73
C PHE B 170 7.32 -3.29 -25.40
N GLY B 171 6.36 -3.80 -26.16
CA GLY B 171 6.51 -5.03 -26.89
C GLY B 171 5.18 -5.69 -27.13
N GLY B 172 5.22 -6.73 -27.95
CA GLY B 172 3.98 -7.44 -28.30
C GLY B 172 2.93 -6.52 -28.88
N TYR B 173 3.33 -5.58 -29.74
CA TYR B 173 2.48 -4.63 -30.45
C TYR B 173 1.93 -3.53 -29.55
N CYS B 174 2.40 -3.43 -28.31
CA CYS B 174 1.84 -2.50 -27.33
C CYS B 174 2.87 -1.46 -26.93
N PHE B 175 2.39 -0.23 -26.68
CA PHE B 175 3.25 0.87 -26.25
C PHE B 175 2.73 1.52 -24.97
N PHE B 176 1.46 1.95 -24.98
CA PHE B 176 0.79 2.46 -23.80
C PHE B 176 -0.30 1.47 -23.40
N ASN B 177 -0.39 1.20 -22.09
CA ASN B 177 -1.37 0.23 -21.58
C ASN B 177 -2.70 0.95 -21.41
N ASN B 178 -3.49 0.97 -22.50
CA ASN B 178 -4.73 1.73 -22.50
C ASN B 178 -5.66 1.28 -21.37
N ALA B 179 -5.77 -0.03 -21.15
CA ALA B 179 -6.66 -0.54 -20.10
C ALA B 179 -6.19 -0.08 -18.73
N ALA B 180 -4.87 -0.15 -18.47
CA ALA B 180 -4.35 0.31 -17.18
C ALA B 180 -4.54 1.81 -17.01
N ILE B 181 -4.40 2.56 -18.11
CA ILE B 181 -4.61 4.01 -18.05
C ILE B 181 -6.06 4.33 -17.72
N ALA B 182 -7.00 3.59 -18.33
CA ALA B 182 -8.41 3.79 -18.01
C ALA B 182 -8.72 3.42 -16.56
N ALA B 183 -8.18 2.29 -16.09
CA ALA B 183 -8.40 1.90 -14.70
C ALA B 183 -7.88 2.95 -13.73
N GLN B 184 -6.66 3.44 -13.99
CA GLN B 184 -6.09 4.47 -13.14
C GLN B 184 -6.88 5.77 -13.22
N ALA B 185 -7.49 6.04 -14.39
CA ALA B 185 -8.37 7.19 -14.49
C ALA B 185 -9.61 7.03 -13.59
N PHE B 186 -10.22 5.84 -13.63
CA PHE B 186 -11.30 5.54 -12.70
C PHE B 186 -10.88 5.80 -11.25
N ARG B 187 -9.73 5.25 -10.85
CA ARG B 187 -9.24 5.47 -9.48
C ARG B 187 -9.05 6.95 -9.19
N ASP B 188 -8.39 7.68 -10.09
CA ASP B 188 -8.11 9.08 -9.84
C ASP B 188 -9.38 9.92 -9.78
N GLN B 189 -10.49 9.43 -10.34
CA GLN B 189 -11.75 10.15 -10.30
C GLN B 189 -12.64 9.74 -9.14
N GLY B 190 -12.13 9.00 -8.17
CA GLY B 190 -12.87 8.69 -6.97
C GLY B 190 -13.51 7.33 -6.91
N TYR B 191 -13.28 6.48 -7.91
CA TYR B 191 -13.74 5.10 -7.86
C TYR B 191 -12.82 4.30 -6.94
N GLY B 192 -13.39 3.75 -5.88
CA GLY B 192 -12.58 3.12 -4.84
C GLY B 192 -11.84 1.88 -5.34
N LYS B 193 -12.54 1.03 -6.08
CA LYS B 193 -11.98 -0.23 -6.54
C LYS B 193 -12.26 -0.42 -8.02
N VAL B 194 -11.27 -0.94 -8.74
CA VAL B 194 -11.40 -1.19 -10.18
C VAL B 194 -10.93 -2.61 -10.45
N ALA B 195 -11.65 -3.32 -11.31
CA ALA B 195 -11.23 -4.63 -11.78
C ALA B 195 -10.90 -4.56 -13.27
N VAL B 196 -9.80 -5.18 -13.66
CA VAL B 196 -9.39 -5.29 -15.06
C VAL B 196 -9.37 -6.76 -15.42
N LEU B 197 -10.27 -7.16 -16.32
CA LEU B 197 -10.41 -8.53 -16.76
C LEU B 197 -9.88 -8.64 -18.19
N ASP B 198 -8.88 -9.50 -18.39
CA ASP B 198 -8.16 -9.62 -19.65
C ASP B 198 -8.57 -10.94 -20.31
N VAL B 199 -9.42 -10.86 -21.34
CA VAL B 199 -9.89 -12.04 -22.05
C VAL B 199 -9.15 -12.25 -23.37
N ASP B 200 -8.17 -11.42 -23.69
CA ASP B 200 -7.33 -11.61 -24.86
C ASP B 200 -6.57 -12.93 -24.72
N PHE B 201 -6.22 -13.54 -25.87
CA PHE B 201 -5.57 -14.84 -25.84
C PHE B 201 -4.26 -14.83 -25.05
N HIS B 202 -3.57 -13.70 -25.03
CA HIS B 202 -2.26 -13.58 -24.39
C HIS B 202 -2.39 -12.99 -23.00
N HIS B 203 -1.43 -13.31 -22.14
CA HIS B 203 -1.42 -12.79 -20.78
C HIS B 203 -1.21 -11.27 -20.80
N GLY B 204 -1.99 -10.57 -19.97
CA GLY B 204 -1.81 -9.14 -19.81
C GLY B 204 -0.70 -8.81 -18.83
N ASN B 205 0.54 -9.09 -19.22
CA ASN B 205 1.67 -8.97 -18.30
C ASN B 205 1.94 -7.54 -17.90
N GLY B 206 1.74 -6.58 -18.81
CA GLY B 206 1.94 -5.19 -18.47
C GLY B 206 0.98 -4.71 -17.41
N THR B 207 -0.31 -5.06 -17.57
CA THR B 207 -1.31 -4.67 -16.59
C THR B 207 -1.04 -5.32 -15.24
N GLN B 208 -0.68 -6.60 -15.24
CA GLN B 208 -0.33 -7.29 -14.00
C GLN B 208 0.84 -6.59 -13.31
N ALA B 209 1.87 -6.23 -14.07
CA ALA B 209 3.05 -5.58 -13.49
C ALA B 209 2.71 -4.21 -12.93
N ILE B 210 1.87 -3.44 -13.63
CA ILE B 210 1.59 -2.07 -13.23
C ILE B 210 0.92 -2.04 -11.85
N PHE B 211 0.01 -2.97 -11.59
CA PHE B 211 -0.76 -2.97 -10.35
C PHE B 211 -0.36 -4.10 -9.40
N TYR B 212 0.85 -4.67 -9.56
CA TYR B 212 1.16 -5.92 -8.88
C TYR B 212 1.19 -5.79 -7.36
N ASP B 213 1.59 -4.64 -6.84
CA ASP B 213 1.71 -4.45 -5.39
C ASP B 213 0.55 -3.66 -4.81
N ARG B 214 -0.58 -3.60 -5.50
CA ARG B 214 -1.71 -2.78 -5.10
C ARG B 214 -2.94 -3.65 -4.89
N SER B 215 -3.76 -3.30 -3.89
CA SER B 215 -4.99 -4.00 -3.61
C SER B 215 -6.23 -3.27 -4.09
N ASP B 216 -6.10 -2.04 -4.57
CA ASP B 216 -7.23 -1.28 -5.08
C ASP B 216 -7.60 -1.60 -6.52
N VAL B 217 -6.71 -2.27 -7.27
CA VAL B 217 -6.98 -2.65 -8.66
C VAL B 217 -6.75 -4.14 -8.78
N LEU B 218 -7.84 -4.90 -8.97
CA LEU B 218 -7.75 -6.34 -9.16
C LEU B 218 -7.50 -6.64 -10.63
N THR B 219 -6.46 -7.43 -10.92
CA THR B 219 -6.07 -7.76 -12.29
C THR B 219 -6.24 -9.26 -12.51
N ILE B 220 -7.03 -9.62 -13.52
CA ILE B 220 -7.27 -11.02 -13.87
C ILE B 220 -6.97 -11.19 -15.36
N SER B 221 -6.38 -12.33 -15.72
CA SER B 221 -6.15 -12.62 -17.13
C SER B 221 -6.39 -14.10 -17.42
N LEU B 222 -7.14 -14.38 -18.48
CA LEU B 222 -7.27 -15.73 -19.03
C LEU B 222 -6.40 -15.80 -20.28
N HIS B 223 -5.57 -16.83 -20.38
CA HIS B 223 -4.65 -16.81 -21.52
C HIS B 223 -4.09 -18.20 -21.80
N GLY B 224 -3.50 -18.32 -23.00
CA GLY B 224 -2.73 -19.49 -23.32
C GLY B 224 -1.49 -19.60 -22.46
N ASP B 225 -1.09 -20.83 -22.19
CA ASP B 225 0.00 -21.19 -21.27
C ASP B 225 1.29 -20.51 -21.69
N PRO B 226 1.84 -19.62 -20.87
CA PRO B 226 3.08 -18.92 -21.27
C PRO B 226 4.29 -19.82 -21.39
N ASP B 227 4.23 -21.04 -20.84
CA ASP B 227 5.24 -22.03 -21.19
C ASP B 227 5.28 -22.28 -22.69
N LEU B 228 4.15 -22.08 -23.37
CA LEU B 228 4.02 -22.36 -24.79
C LEU B 228 4.04 -21.11 -25.67
N VAL B 229 3.46 -19.99 -25.22
CA VAL B 229 3.26 -18.82 -26.08
C VAL B 229 3.74 -17.56 -25.38
N PHE B 230 3.89 -16.51 -26.19
CA PHE B 230 4.17 -15.16 -25.71
C PHE B 230 3.19 -14.78 -24.60
N PRO B 231 3.64 -14.08 -23.54
CA PRO B 231 4.96 -13.46 -23.31
C PRO B 231 6.01 -14.33 -22.61
N HIS B 232 5.71 -15.62 -22.41
CA HIS B 232 6.68 -16.63 -21.98
C HIS B 232 7.19 -16.49 -20.56
N PHE B 233 7.46 -15.27 -20.09
CA PHE B 233 8.16 -15.07 -18.82
C PHE B 233 7.31 -14.42 -17.75
N LEU B 234 6.01 -14.28 -18.00
CA LEU B 234 5.04 -13.90 -16.97
C LEU B 234 3.72 -14.55 -17.37
N GLY B 235 2.78 -14.61 -16.42
CA GLY B 235 1.46 -15.14 -16.69
C GLY B 235 1.19 -16.49 -16.09
N PHE B 236 2.10 -17.04 -15.30
CA PHE B 236 1.90 -18.35 -14.70
C PHE B 236 0.98 -18.23 -13.50
N GLU B 237 0.28 -19.34 -13.20
CA GLU B 237 -0.78 -19.30 -12.19
C GLU B 237 -0.26 -19.01 -10.79
N ASP B 238 1.04 -19.13 -10.54
CA ASP B 238 1.58 -18.87 -9.21
C ASP B 238 1.88 -17.39 -8.97
N GLU B 239 1.59 -16.51 -9.93
CA GLU B 239 1.82 -15.07 -9.76
C GLU B 239 0.53 -14.46 -9.21
N THR B 240 0.48 -14.27 -7.90
CA THR B 240 -0.73 -13.81 -7.23
C THR B 240 -0.59 -12.42 -6.62
N GLY B 241 0.51 -11.73 -6.87
CA GLY B 241 0.72 -10.40 -6.34
C GLY B 241 1.89 -10.36 -5.37
N GLU B 242 2.13 -9.16 -4.85
CA GLU B 242 3.19 -8.95 -3.87
C GLU B 242 2.78 -7.81 -2.95
N GLY B 243 3.25 -7.87 -1.70
CA GLY B 243 2.96 -6.82 -0.75
C GLY B 243 1.46 -6.72 -0.50
N ASP B 244 0.93 -5.49 -0.55
CA ASP B 244 -0.50 -5.31 -0.41
C ASP B 244 -1.28 -5.96 -1.53
N GLY B 245 -0.63 -6.22 -2.67
CA GLY B 245 -1.28 -6.86 -3.81
C GLY B 245 -1.38 -8.37 -3.75
N GLU B 246 -0.96 -9.00 -2.66
CA GLU B 246 -1.09 -10.45 -2.53
C GLU B 246 -2.55 -10.85 -2.64
N ALA B 247 -2.83 -11.79 -3.53
CA ALA B 247 -4.16 -12.29 -3.87
C ALA B 247 -5.01 -11.28 -4.64
N TYR B 248 -4.38 -10.27 -5.26
CA TYR B 248 -5.11 -9.33 -6.11
C TYR B 248 -4.61 -9.37 -7.55
N ASN B 249 -3.98 -10.48 -7.94
CA ASN B 249 -3.70 -10.80 -9.33
C ASN B 249 -4.03 -12.27 -9.55
N LEU B 250 -4.70 -12.58 -10.65
CA LEU B 250 -5.14 -13.94 -10.91
C LEU B 250 -4.86 -14.28 -12.37
N ASN B 251 -4.04 -15.31 -12.58
CA ASN B 251 -3.73 -15.82 -13.90
C ASN B 251 -4.42 -17.17 -14.08
N ILE B 252 -5.15 -17.32 -15.18
CA ILE B 252 -5.86 -18.56 -15.51
C ILE B 252 -5.35 -19.02 -16.88
N VAL B 253 -4.67 -20.17 -16.90
CA VAL B 253 -3.92 -20.61 -18.08
C VAL B 253 -4.64 -21.78 -18.72
N PHE B 254 -4.58 -21.85 -20.06
CA PHE B 254 -5.23 -22.90 -20.82
C PHE B 254 -4.28 -23.49 -21.85
N PRO B 255 -4.46 -24.76 -22.20
CA PRO B 255 -3.57 -25.42 -23.17
C PRO B 255 -4.09 -25.26 -24.59
N PRO B 256 -3.36 -25.77 -25.59
CA PRO B 256 -3.85 -25.69 -26.98
C PRO B 256 -5.21 -26.35 -27.17
N ASP B 257 -5.96 -25.81 -28.14
CA ASP B 257 -7.25 -26.32 -28.61
C ASP B 257 -8.39 -26.10 -27.63
N THR B 258 -8.20 -25.28 -26.61
CA THR B 258 -9.24 -25.06 -25.60
C THR B 258 -10.47 -24.40 -26.22
N PRO B 259 -11.66 -25.00 -26.09
CA PRO B 259 -12.86 -24.36 -26.64
C PRO B 259 -13.61 -23.54 -25.59
N PHE B 260 -14.72 -22.91 -25.98
CA PHE B 260 -15.45 -22.06 -25.05
C PHE B 260 -16.01 -22.84 -23.86
N SER B 261 -16.30 -24.12 -24.03
CA SER B 261 -16.89 -24.90 -22.94
C SER B 261 -15.98 -24.97 -21.72
N ILE B 262 -14.66 -24.92 -21.90
CA ILE B 262 -13.70 -24.92 -20.80
C ILE B 262 -13.26 -23.50 -20.44
N TRP B 263 -12.99 -22.70 -21.48
CA TRP B 263 -12.57 -21.32 -21.28
C TRP B 263 -13.60 -20.57 -20.45
N SER B 264 -14.88 -20.83 -20.69
CA SER B 264 -15.94 -20.18 -19.92
C SER B 264 -15.98 -20.67 -18.49
N GLN B 265 -15.40 -21.85 -18.19
CA GLN B 265 -15.23 -22.22 -16.79
C GLN B 265 -14.19 -21.33 -16.14
N GLY B 266 -13.10 -21.05 -16.87
CA GLY B 266 -12.16 -20.06 -16.37
C GLY B 266 -12.78 -18.69 -16.21
N LEU B 267 -13.61 -18.29 -17.17
CA LEU B 267 -14.33 -17.02 -17.08
C LEU B 267 -15.25 -16.99 -15.86
N GLU B 268 -15.91 -18.10 -15.55
CA GLU B 268 -16.77 -18.16 -14.37
C GLU B 268 -15.95 -17.95 -13.10
N LYS B 269 -14.76 -18.57 -13.04
CA LYS B 269 -13.88 -18.35 -11.89
C LYS B 269 -13.50 -16.87 -11.76
N ALA B 270 -13.11 -16.25 -12.88
CA ALA B 270 -12.75 -14.83 -12.85
C ALA B 270 -13.93 -13.97 -12.38
N CYS B 271 -15.13 -14.27 -12.89
CA CYS B 271 -16.30 -13.49 -12.52
C CYS B 271 -16.62 -13.65 -11.03
N GLU B 272 -16.39 -14.85 -10.48
CA GLU B 272 -16.58 -15.05 -9.05
C GLU B 272 -15.59 -14.22 -8.25
N ARG B 273 -14.31 -14.24 -8.65
CA ARG B 273 -13.31 -13.39 -8.01
C ARG B 273 -13.73 -11.91 -8.05
N ILE B 274 -14.28 -11.47 -9.19
CA ILE B 274 -14.73 -10.08 -9.30
C ILE B 274 -15.91 -9.83 -8.36
N ARG B 275 -16.83 -10.78 -8.26
CA ARG B 275 -17.97 -10.63 -7.36
C ARG B 275 -17.52 -10.45 -5.91
N THR B 276 -16.57 -11.27 -5.46
CA THR B 276 -16.09 -11.11 -4.08
C THR B 276 -15.29 -9.82 -3.92
N PHE B 277 -14.52 -9.43 -4.93
CA PHE B 277 -13.81 -8.15 -4.86
C PHE B 277 -14.78 -6.97 -4.82
N ALA B 278 -15.89 -7.08 -5.57
CA ALA B 278 -16.93 -6.06 -5.66
C ALA B 278 -16.36 -4.70 -6.08
N PRO B 279 -15.89 -4.56 -7.31
CA PRO B 279 -15.29 -3.28 -7.72
C PRO B 279 -16.35 -2.25 -8.05
N ASP B 280 -15.88 -1.00 -8.15
CA ASP B 280 -16.73 0.12 -8.54
C ASP B 280 -16.72 0.35 -10.04
N ALA B 281 -15.75 -0.21 -10.76
CA ALA B 281 -15.68 -0.07 -12.21
C ALA B 281 -14.92 -1.25 -12.78
N LEU B 282 -15.23 -1.57 -14.03
CA LEU B 282 -14.66 -2.72 -14.72
C LEU B 282 -14.06 -2.27 -16.05
N VAL B 283 -12.83 -2.70 -16.32
CA VAL B 283 -12.18 -2.52 -17.61
C VAL B 283 -11.93 -3.90 -18.18
N VAL B 284 -12.43 -4.16 -19.39
CA VAL B 284 -12.25 -5.44 -20.05
C VAL B 284 -11.26 -5.24 -21.18
N ALA B 285 -10.08 -5.86 -21.06
CA ALA B 285 -9.10 -5.87 -22.14
C ALA B 285 -9.52 -6.95 -23.12
N LEU B 286 -10.18 -6.53 -24.20
CA LEU B 286 -10.82 -7.47 -25.12
C LEU B 286 -9.89 -7.78 -26.30
N GLY B 287 -9.51 -9.03 -26.43
CA GLY B 287 -8.87 -9.55 -27.62
C GLY B 287 -9.72 -10.66 -28.20
N VAL B 288 -9.86 -10.67 -29.52
CA VAL B 288 -10.58 -11.75 -30.20
C VAL B 288 -9.62 -12.71 -30.87
N ASP B 289 -8.35 -12.74 -30.44
CA ASP B 289 -7.43 -13.77 -30.89
C ASP B 289 -7.67 -15.12 -30.23
N THR B 290 -8.67 -15.22 -29.34
CA THR B 290 -9.13 -16.52 -28.86
C THR B 290 -9.92 -17.28 -29.91
N PHE B 291 -10.09 -16.67 -31.09
CA PHE B 291 -10.92 -17.21 -32.16
C PHE B 291 -10.26 -18.45 -32.78
N GLU B 292 -11.11 -19.38 -33.24
CA GLU B 292 -10.61 -20.65 -33.78
C GLU B 292 -9.80 -20.47 -35.05
N GLU B 293 -9.95 -19.35 -35.76
CA GLU B 293 -9.20 -19.11 -36.99
C GLU B 293 -8.06 -18.12 -36.80
N ASP B 294 -7.69 -17.80 -35.57
CA ASP B 294 -6.67 -16.79 -35.36
C ASP B 294 -5.30 -17.34 -35.76
N PRO B 295 -4.50 -16.58 -36.52
CA PRO B 295 -3.30 -17.15 -37.13
C PRO B 295 -2.11 -17.32 -36.19
N ILE B 296 -2.17 -16.79 -34.96
CA ILE B 296 -1.01 -16.89 -34.06
C ILE B 296 -1.41 -17.41 -32.68
N SER B 297 -2.62 -17.95 -32.56
CA SER B 297 -3.11 -18.40 -31.27
C SER B 297 -3.74 -19.78 -31.43
N PHE B 298 -4.02 -20.46 -30.31
CA PHE B 298 -4.49 -21.83 -30.39
C PHE B 298 -5.74 -22.12 -29.56
N PHE B 299 -6.59 -21.12 -29.31
CA PHE B 299 -7.89 -21.43 -28.76
C PHE B 299 -8.90 -21.63 -29.90
N LYS B 300 -10.08 -22.14 -29.55
CA LYS B 300 -11.08 -22.55 -30.54
C LYS B 300 -12.44 -21.93 -30.23
N LEU B 301 -12.46 -20.64 -29.96
CA LEU B 301 -13.73 -19.95 -29.75
C LEU B 301 -14.44 -19.77 -31.09
N THR B 302 -15.76 -19.88 -31.09
CA THR B 302 -16.54 -19.58 -32.29
C THR B 302 -17.02 -18.12 -32.25
N SER B 303 -17.60 -17.68 -33.36
CA SER B 303 -18.08 -16.29 -33.43
C SER B 303 -19.25 -16.04 -32.49
N GLY B 304 -20.18 -16.99 -32.37
CA GLY B 304 -21.28 -16.84 -31.44
C GLY B 304 -20.85 -16.87 -29.98
N ASP B 305 -19.75 -17.56 -29.69
CA ASP B 305 -19.23 -17.59 -28.33
C ASP B 305 -18.94 -16.18 -27.83
N TYR B 306 -18.65 -15.25 -28.73
CA TYR B 306 -18.42 -13.87 -28.32
C TYR B 306 -19.72 -13.19 -27.90
N LEU B 307 -20.85 -13.57 -28.51
CA LEU B 307 -22.14 -13.13 -27.99
C LEU B 307 -22.33 -13.64 -26.56
N LYS B 308 -22.03 -14.93 -26.34
CA LYS B 308 -22.10 -15.47 -24.98
C LYS B 308 -21.21 -14.69 -24.03
N LEU B 309 -20.00 -14.34 -24.47
CA LEU B 309 -19.06 -13.61 -23.64
C LEU B 309 -19.64 -12.25 -23.25
N GLY B 310 -20.17 -11.50 -24.24
CA GLY B 310 -20.74 -10.21 -23.93
C GLY B 310 -21.88 -10.30 -22.92
N LYS B 311 -22.74 -11.30 -23.08
CA LYS B 311 -23.84 -11.49 -22.13
C LYS B 311 -23.30 -11.72 -20.72
N ARG B 312 -22.39 -12.70 -20.56
CA ARG B 312 -21.87 -13.00 -19.24
C ARG B 312 -21.17 -11.80 -18.61
N LEU B 313 -20.46 -11.01 -19.43
CA LEU B 313 -19.81 -9.82 -18.90
C LEU B 313 -20.84 -8.80 -18.43
N GLU B 314 -21.93 -8.64 -19.18
CA GLU B 314 -22.96 -7.70 -18.74
C GLU B 314 -23.56 -8.11 -17.40
N GLN B 315 -23.73 -9.43 -17.19
CA GLN B 315 -24.35 -9.86 -15.95
C GLN B 315 -23.55 -9.50 -14.70
N LEU B 316 -22.30 -9.03 -14.86
CA LEU B 316 -21.53 -8.56 -13.71
C LEU B 316 -22.12 -7.28 -13.13
N GLY B 317 -22.91 -6.54 -13.90
CA GLY B 317 -23.60 -5.35 -13.41
C GLY B 317 -22.69 -4.19 -13.05
N LEU B 318 -21.64 -3.95 -13.83
CA LEU B 318 -20.68 -2.91 -13.48
C LEU B 318 -20.55 -1.91 -14.62
N PRO B 319 -20.15 -0.68 -14.33
CA PRO B 319 -19.71 0.22 -15.40
C PRO B 319 -18.47 -0.35 -16.08
N THR B 320 -18.53 -0.49 -17.39
CA THR B 320 -17.59 -1.33 -18.12
C THR B 320 -16.97 -0.56 -19.28
N VAL B 321 -15.65 -0.55 -19.34
CA VAL B 321 -14.90 0.01 -20.47
C VAL B 321 -14.22 -1.16 -21.18
N PHE B 322 -14.48 -1.29 -22.47
CA PHE B 322 -13.79 -2.27 -23.31
C PHE B 322 -12.65 -1.58 -24.03
N THR B 323 -11.44 -2.12 -23.90
CA THR B 323 -10.29 -1.66 -24.68
C THR B 323 -9.90 -2.75 -25.65
N MET B 324 -9.91 -2.41 -26.94
CA MET B 324 -9.57 -3.39 -27.97
C MET B 324 -8.09 -3.74 -27.89
N GLU B 325 -7.80 -5.04 -27.79
CA GLU B 325 -6.42 -5.50 -27.82
C GLU B 325 -6.16 -6.24 -29.14
N GLY B 326 -5.94 -7.56 -29.06
CA GLY B 326 -5.53 -8.34 -30.20
C GLY B 326 -6.69 -8.97 -30.95
N GLY B 327 -6.33 -9.83 -31.91
CA GLY B 327 -7.28 -10.43 -32.84
C GLY B 327 -6.85 -10.16 -34.27
N TYR B 328 -6.50 -11.21 -35.02
CA TYR B 328 -5.77 -11.02 -36.26
C TYR B 328 -6.33 -11.74 -37.48
N ASP B 329 -7.41 -12.51 -37.33
CA ASP B 329 -8.16 -12.95 -38.51
C ASP B 329 -9.09 -11.80 -38.89
N VAL B 330 -8.64 -10.97 -39.82
CA VAL B 330 -9.37 -9.76 -40.17
C VAL B 330 -10.73 -10.10 -40.78
N ASP B 331 -10.84 -11.26 -41.42
CA ASP B 331 -12.10 -11.68 -42.02
C ASP B 331 -13.25 -11.63 -41.00
N ALA B 332 -13.02 -12.09 -39.77
CA ALA B 332 -14.06 -12.21 -38.76
C ALA B 332 -13.89 -11.28 -37.56
N ILE B 333 -12.86 -10.43 -37.56
CA ILE B 333 -12.55 -9.63 -36.38
C ILE B 333 -13.70 -8.69 -36.02
N GLY B 334 -14.36 -8.12 -37.03
CA GLY B 334 -15.44 -7.19 -36.75
C GLY B 334 -16.62 -7.88 -36.12
N VAL B 335 -17.02 -9.02 -36.71
CA VAL B 335 -18.18 -9.74 -36.20
C VAL B 335 -17.90 -10.19 -34.77
N ASN B 336 -16.67 -10.63 -34.51
CA ASN B 336 -16.32 -11.13 -33.19
C ASN B 336 -16.38 -10.02 -32.13
N ALA B 337 -15.67 -8.91 -32.37
CA ALA B 337 -15.65 -7.83 -31.38
C ALA B 337 -17.03 -7.22 -31.18
N VAL B 338 -17.68 -6.85 -32.29
CA VAL B 338 -19.02 -6.30 -32.20
C VAL B 338 -19.99 -7.33 -31.62
N ASN B 339 -19.73 -8.62 -31.85
CA ASN B 339 -20.52 -9.65 -31.20
C ASN B 339 -20.41 -9.56 -29.69
N VAL B 340 -19.22 -9.28 -29.17
CA VAL B 340 -19.11 -9.06 -27.73
C VAL B 340 -19.97 -7.87 -27.32
N MET B 341 -19.89 -6.78 -28.08
CA MET B 341 -20.66 -5.58 -27.72
C MET B 341 -22.17 -5.84 -27.76
N GLN B 342 -22.66 -6.52 -28.80
CA GLN B 342 -24.10 -6.75 -28.93
C GLN B 342 -24.59 -7.77 -27.90
N GLY B 343 -23.77 -8.78 -27.60
CA GLY B 343 -24.12 -9.69 -26.52
C GLY B 343 -24.23 -8.97 -25.20
N PHE B 344 -23.35 -8.00 -24.97
CA PHE B 344 -23.46 -7.16 -23.78
C PHE B 344 -24.80 -6.42 -23.76
N GLU B 345 -25.23 -5.91 -24.90
CA GLU B 345 -26.47 -5.13 -24.97
C GLU B 345 -27.71 -6.02 -25.00
N GLY B 346 -27.54 -7.34 -25.07
CA GLY B 346 -28.64 -8.28 -24.99
C GLY B 346 -29.09 -8.82 -26.32
N LYS B 347 -28.42 -8.44 -27.41
CA LYS B 347 -28.76 -8.90 -28.77
C LYS B 347 -28.12 -10.24 -29.08
N SER B 348 -28.26 -11.21 -28.18
CA SER B 348 -27.68 -12.52 -28.37
C SER B 348 -28.76 -13.59 -28.58
N GLY C 4 14.56 -36.25 8.60
CA GLY C 4 14.06 -37.32 9.43
C GLY C 4 12.85 -38.02 8.84
N SER C 5 12.53 -39.20 9.35
CA SER C 5 11.43 -40.01 8.86
C SER C 5 10.40 -40.22 9.95
N MET C 6 9.12 -40.23 9.56
CA MET C 6 8.02 -40.58 10.46
C MET C 6 7.00 -41.41 9.71
N LYS C 7 6.54 -42.49 10.34
CA LYS C 7 5.54 -43.36 9.73
C LYS C 7 4.13 -42.83 9.95
N THR C 8 3.28 -43.06 8.96
CA THR C 8 1.89 -42.62 8.98
C THR C 8 0.96 -43.82 8.84
N VAL C 9 -0.08 -43.86 9.68
CA VAL C 9 -1.14 -44.87 9.59
C VAL C 9 -2.32 -44.23 8.89
N PHE C 10 -2.84 -44.90 7.85
CA PHE C 10 -3.97 -44.39 7.10
C PHE C 10 -4.84 -45.56 6.69
N SER C 11 -6.15 -45.40 6.85
CA SER C 11 -7.11 -46.41 6.46
C SER C 11 -8.02 -45.88 5.36
N PRO C 12 -8.19 -46.60 4.25
CA PRO C 12 -9.17 -46.17 3.23
C PRO C 12 -10.60 -46.20 3.73
N LEU C 13 -10.87 -46.94 4.81
CA LEU C 13 -12.22 -47.02 5.36
C LEU C 13 -12.72 -45.69 5.91
N HIS C 14 -11.83 -44.71 6.06
CA HIS C 14 -12.29 -43.36 6.39
C HIS C 14 -13.34 -42.89 5.39
N SER C 15 -13.23 -43.35 4.14
CA SER C 15 -14.20 -42.92 3.13
C SER C 15 -15.60 -43.43 3.41
N ARG C 16 -15.76 -44.43 4.29
CA ARG C 16 -17.11 -44.86 4.66
C ARG C 16 -17.85 -43.78 5.43
N ARG C 17 -17.14 -42.83 6.02
CA ARG C 17 -17.75 -41.65 6.63
C ARG C 17 -18.00 -40.67 5.48
N HIS C 18 -19.27 -40.60 5.03
CA HIS C 18 -19.68 -39.81 3.86
C HIS C 18 -21.12 -39.30 4.07
N VAL C 19 -21.26 -38.31 4.94
CA VAL C 19 -22.56 -37.69 5.16
C VAL C 19 -22.76 -36.55 4.17
N LYS C 20 -24.01 -36.24 3.86
CA LYS C 20 -24.34 -35.16 2.94
C LYS C 20 -24.75 -33.87 3.63
N THR C 21 -25.17 -33.94 4.91
CA THR C 21 -25.76 -32.81 5.60
C THR C 21 -25.04 -32.54 6.92
N GLU C 22 -24.94 -31.26 7.26
CA GLU C 22 -24.48 -30.80 8.57
C GLU C 22 -25.33 -29.60 8.96
N LEU C 23 -25.93 -29.66 10.15
CA LEU C 23 -26.69 -28.52 10.65
C LEU C 23 -25.74 -27.40 11.03
N ASP C 24 -25.93 -26.23 10.41
CA ASP C 24 -25.10 -25.07 10.70
C ASP C 24 -25.88 -23.82 10.36
N GLY C 25 -25.99 -22.91 11.34
CA GLY C 25 -26.68 -21.65 11.12
C GLY C 25 -28.11 -21.80 10.65
N GLY C 26 -28.81 -22.83 11.11
CA GLY C 26 -30.18 -23.05 10.70
C GLY C 26 -30.35 -23.68 9.33
N LEU C 27 -29.26 -24.11 8.70
CA LEU C 27 -29.31 -24.71 7.38
C LEU C 27 -28.65 -26.08 7.41
N LEU C 28 -29.02 -26.93 6.45
CA LEU C 28 -28.33 -28.19 6.23
C LEU C 28 -27.32 -27.98 5.10
N ILE C 29 -26.05 -27.90 5.46
CA ILE C 29 -25.01 -27.55 4.50
C ILE C 29 -24.13 -28.77 4.24
N GLU C 30 -23.26 -28.65 3.25
CA GLU C 30 -22.26 -29.68 3.00
C GLU C 30 -21.27 -29.73 4.15
N PRO C 31 -20.96 -30.91 4.69
CA PRO C 31 -20.15 -30.98 5.91
C PRO C 31 -18.74 -30.45 5.72
N HIS C 32 -18.24 -29.74 6.75
CA HIS C 32 -16.86 -29.30 6.75
C HIS C 32 -15.89 -30.47 6.83
N GLU C 33 -16.26 -31.52 7.58
CA GLU C 33 -15.38 -32.66 7.84
C GLU C 33 -15.57 -33.68 6.71
N LYS C 34 -14.94 -33.38 5.58
CA LYS C 34 -15.11 -34.11 4.32
C LYS C 34 -13.92 -35.03 4.04
N PRO C 35 -14.12 -36.06 3.21
CA PRO C 35 -13.03 -37.03 2.97
C PRO C 35 -11.79 -36.42 2.31
N SER C 36 -11.95 -35.31 1.59
CA SER C 36 -10.80 -34.66 0.96
C SER C 36 -9.80 -34.14 1.99
N ARG C 37 -10.21 -33.94 3.24
CA ARG C 37 -9.26 -33.62 4.29
C ARG C 37 -8.20 -34.72 4.40
N ALA C 38 -8.65 -35.96 4.65
CA ALA C 38 -7.71 -37.07 4.80
C ALA C 38 -6.98 -37.37 3.51
N GLU C 39 -7.69 -37.32 2.37
CA GLU C 39 -7.02 -37.62 1.11
C GLU C 39 -5.93 -36.58 0.81
N THR C 40 -6.18 -35.32 1.13
CA THR C 40 -5.19 -34.29 0.88
C THR C 40 -3.98 -34.43 1.79
N ILE C 41 -4.21 -34.70 3.08
CA ILE C 41 -3.08 -34.93 3.98
C ILE C 41 -2.25 -36.11 3.49
N LEU C 42 -2.91 -37.20 3.09
CA LEU C 42 -2.19 -38.37 2.60
C LEU C 42 -1.36 -38.03 1.37
N ALA C 43 -1.96 -37.31 0.41
CA ALA C 43 -1.22 -36.91 -0.79
C ALA C 43 0.02 -36.11 -0.44
N ARG C 44 -0.10 -35.19 0.53
CA ARG C 44 1.07 -34.41 0.93
C ARG C 44 2.10 -35.29 1.65
N VAL C 45 1.65 -36.26 2.44
CA VAL C 45 2.58 -37.21 3.07
C VAL C 45 3.41 -37.92 2.00
N LYS C 46 2.75 -38.37 0.93
CA LYS C 46 3.47 -39.05 -0.15
C LYS C 46 4.41 -38.09 -0.87
N ASP C 47 3.93 -36.89 -1.22
CA ASP C 47 4.73 -35.97 -2.01
C ASP C 47 5.96 -35.49 -1.24
N GLN C 48 5.87 -35.45 0.09
CA GLN C 48 7.00 -35.06 0.92
C GLN C 48 7.85 -36.25 1.37
N ALA C 49 7.44 -37.48 1.05
CA ALA C 49 8.16 -38.70 1.41
C ALA C 49 8.49 -38.72 2.90
N LEU C 50 7.49 -38.38 3.71
CA LEU C 50 7.69 -38.29 5.16
C LEU C 50 8.19 -39.61 5.73
N GLY C 51 7.69 -40.73 5.23
CA GLY C 51 8.06 -42.03 5.74
C GLY C 51 7.06 -43.07 5.28
N GLU C 52 7.21 -44.27 5.86
CA GLU C 52 6.36 -45.38 5.47
C GLU C 52 4.90 -45.08 5.82
N ILE C 53 4.00 -45.52 4.94
CA ILE C 53 2.56 -45.42 5.15
C ILE C 53 2.00 -46.84 5.29
N LEU C 54 1.22 -47.08 6.35
CA LEU C 54 0.72 -48.43 6.59
C LEU C 54 -0.78 -48.33 6.81
N GLU C 55 -1.48 -49.42 6.55
CA GLU C 55 -2.85 -49.52 7.00
C GLU C 55 -2.90 -50.01 8.45
N PRO C 56 -3.99 -49.74 9.17
CA PRO C 56 -4.06 -50.11 10.57
C PRO C 56 -4.37 -51.60 10.76
N GLU C 57 -4.02 -52.10 11.92
CA GLU C 57 -4.45 -53.43 12.33
C GLU C 57 -5.82 -53.32 12.99
N GLU C 58 -6.56 -54.45 12.97
CA GLU C 58 -7.85 -54.53 13.65
C GLU C 58 -7.59 -55.05 15.06
N PHE C 59 -7.84 -54.20 16.05
CA PHE C 59 -7.61 -54.53 17.45
C PHE C 59 -8.87 -55.02 18.16
N GLY C 60 -10.02 -54.98 17.49
CA GLY C 60 -11.27 -55.36 18.13
C GLY C 60 -11.80 -54.26 19.05
N LEU C 61 -12.90 -54.58 19.72
CA LEU C 61 -13.59 -53.61 20.56
C LEU C 61 -12.97 -53.46 21.94
N GLY C 62 -12.08 -54.37 22.33
CA GLY C 62 -11.43 -54.32 23.63
C GLY C 62 -10.84 -52.96 23.97
N PRO C 63 -9.84 -52.51 23.18
CA PRO C 63 -9.23 -51.22 23.47
C PRO C 63 -10.18 -50.04 23.38
N VAL C 64 -11.22 -50.12 22.55
CA VAL C 64 -12.21 -49.04 22.51
C VAL C 64 -13.02 -49.00 23.80
N LYS C 65 -13.41 -50.17 24.31
CA LYS C 65 -14.24 -50.25 25.50
C LYS C 65 -13.47 -49.97 26.79
N ARG C 66 -12.14 -49.84 26.70
CA ARG C 66 -11.37 -49.31 27.83
C ARG C 66 -11.69 -47.85 28.11
N VAL C 67 -12.31 -47.15 27.15
CA VAL C 67 -12.59 -45.73 27.26
C VAL C 67 -14.08 -45.43 27.14
N HIS C 68 -14.76 -46.11 26.22
CA HIS C 68 -16.18 -45.87 25.96
C HIS C 68 -17.04 -46.96 26.58
N THR C 69 -18.26 -46.60 26.94
CA THR C 69 -19.17 -47.55 27.57
C THR C 69 -19.72 -48.53 26.55
N ALA C 70 -20.10 -49.72 27.03
CA ALA C 70 -20.60 -50.76 26.14
C ALA C 70 -21.89 -50.33 25.46
N ASP C 71 -22.80 -49.70 26.20
CA ASP C 71 -24.04 -49.21 25.61
C ASP C 71 -23.77 -48.21 24.50
N TYR C 72 -22.76 -47.36 24.69
CA TYR C 72 -22.45 -46.36 23.67
C TYR C 72 -21.92 -47.01 22.39
N VAL C 73 -21.01 -47.97 22.52
CA VAL C 73 -20.45 -48.64 21.35
C VAL C 73 -21.55 -49.39 20.59
N SER C 74 -22.41 -50.10 21.34
CA SER C 74 -23.54 -50.79 20.72
C SER C 74 -24.45 -49.80 19.99
N PHE C 75 -24.78 -48.69 20.67
CA PHE C 75 -25.62 -47.66 20.05
C PHE C 75 -25.04 -47.20 18.73
N LEU C 76 -23.74 -46.90 18.72
CA LEU C 76 -23.12 -46.44 17.49
C LEU C 76 -23.16 -47.52 16.42
N GLU C 77 -23.13 -48.79 16.82
CA GLU C 77 -23.22 -49.85 15.81
C GLU C 77 -24.61 -49.94 15.19
N THR C 78 -25.68 -49.74 16.00
CA THR C 78 -27.03 -49.97 15.50
C THR C 78 -27.77 -48.70 15.06
N CYS C 79 -27.19 -47.51 15.25
CA CYS C 79 -27.96 -46.27 15.15
C CYS C 79 -28.57 -46.08 13.77
N TRP C 80 -27.77 -46.21 12.72
CA TRP C 80 -28.28 -45.98 11.37
C TRP C 80 -29.38 -46.98 11.01
N ASP C 81 -29.17 -48.27 11.33
CA ASP C 81 -30.17 -49.28 11.04
C ASP C 81 -31.50 -48.99 11.74
N GLU C 82 -31.43 -48.61 13.03
CA GLU C 82 -32.67 -48.27 13.74
C GLU C 82 -33.33 -47.03 13.15
N TRP C 83 -32.51 -46.04 12.77
CA TRP C 83 -33.04 -44.80 12.19
C TRP C 83 -33.83 -45.09 10.91
N VAL C 84 -33.23 -45.85 9.99
CA VAL C 84 -33.93 -46.20 8.76
C VAL C 84 -35.15 -47.06 9.04
N ALA C 85 -35.03 -48.04 9.94
CA ALA C 85 -36.14 -48.92 10.24
C ALA C 85 -37.32 -48.17 10.85
N ALA C 86 -37.05 -47.05 11.53
CA ALA C 86 -38.12 -46.23 12.10
C ALA C 86 -38.78 -45.31 11.08
N GLY C 87 -38.33 -45.31 9.83
CA GLY C 87 -38.97 -44.55 8.78
C GLY C 87 -38.45 -43.15 8.55
N LYS C 88 -37.38 -42.73 9.22
CA LYS C 88 -36.84 -41.40 8.99
C LYS C 88 -36.17 -41.33 7.61
N ARG C 89 -36.32 -40.18 6.95
CA ARG C 89 -35.90 -40.05 5.55
C ARG C 89 -34.60 -39.30 5.37
N GLY C 90 -34.16 -38.51 6.34
CA GLY C 90 -32.88 -37.83 6.28
C GLY C 90 -31.79 -38.67 6.94
N GLU C 91 -30.60 -38.07 7.01
CA GLU C 91 -29.55 -38.68 7.82
C GLU C 91 -29.90 -38.57 9.30
N ALA C 92 -29.22 -39.38 10.11
CA ALA C 92 -29.55 -39.48 11.54
C ALA C 92 -29.01 -38.26 12.28
N ILE C 93 -29.93 -37.42 12.75
CA ILE C 93 -29.59 -36.19 13.46
C ILE C 93 -30.42 -36.09 14.73
N PRO C 94 -29.81 -35.77 15.88
CA PRO C 94 -30.61 -35.57 17.10
C PRO C 94 -31.50 -34.35 16.99
N THR C 95 -32.72 -34.48 17.48
CA THR C 95 -33.68 -33.39 17.54
C THR C 95 -34.02 -32.97 18.96
N PHE C 96 -33.98 -33.90 19.91
CA PHE C 96 -34.30 -33.62 21.29
C PHE C 96 -33.20 -34.18 22.18
N TRP C 97 -33.04 -33.59 23.36
CA TRP C 97 -31.99 -34.01 24.28
C TRP C 97 -32.45 -33.74 25.70
N VAL C 98 -31.62 -34.14 26.66
CA VAL C 98 -31.90 -33.91 28.07
C VAL C 98 -31.66 -32.44 28.39
N GLY C 99 -32.72 -31.64 28.30
CA GLY C 99 -32.62 -30.23 28.67
C GLY C 99 -32.45 -30.06 30.16
N ARG C 100 -32.05 -28.86 30.55
CA ARG C 100 -31.89 -28.54 31.97
C ARG C 100 -33.22 -28.77 32.69
N GLY C 101 -33.17 -29.57 33.76
CA GLY C 101 -34.36 -29.93 34.50
C GLY C 101 -35.01 -31.23 34.10
N MET C 102 -34.49 -31.93 33.10
CA MET C 102 -34.97 -33.25 32.71
C MET C 102 -34.03 -34.34 33.23
N ARG C 103 -34.51 -35.58 33.14
CA ARG C 103 -33.79 -36.71 33.70
C ARG C 103 -32.79 -37.29 32.68
N ALA C 104 -31.57 -37.57 33.15
CA ALA C 104 -30.58 -38.28 32.35
C ALA C 104 -30.88 -39.78 32.38
N ARG C 105 -31.95 -40.15 31.65
CA ARG C 105 -32.45 -41.51 31.60
C ARG C 105 -32.53 -41.97 30.15
N LEU C 106 -31.95 -43.14 29.88
CA LEU C 106 -31.91 -43.68 28.52
C LEU C 106 -33.29 -44.19 28.10
N PRO C 107 -33.91 -43.64 27.05
CA PRO C 107 -35.20 -44.15 26.61
C PRO C 107 -35.08 -45.20 25.52
N LYS C 108 -36.21 -45.73 25.06
CA LYS C 108 -36.24 -46.80 24.06
C LYS C 108 -36.17 -46.27 22.63
N ASP C 109 -36.84 -45.15 22.35
CA ASP C 109 -36.97 -44.69 20.98
C ASP C 109 -35.64 -44.19 20.45
N ILE C 110 -35.45 -44.35 19.13
CA ILE C 110 -34.17 -44.03 18.51
C ILE C 110 -33.85 -42.54 18.62
N ASP C 111 -34.87 -41.69 18.53
CA ASP C 111 -34.64 -40.25 18.68
C ASP C 111 -34.13 -39.91 20.07
N GLY C 112 -34.76 -40.48 21.10
CA GLY C 112 -34.32 -40.24 22.46
C GLY C 112 -32.93 -40.77 22.72
N ARG C 113 -32.59 -41.92 22.13
CA ARG C 113 -31.23 -42.45 22.27
C ARG C 113 -30.23 -41.53 21.60
N LEU C 114 -30.56 -41.03 20.40
CA LEU C 114 -29.72 -40.06 19.73
C LEU C 114 -29.47 -38.84 20.61
N GLY C 115 -30.50 -38.33 21.26
CA GLY C 115 -30.30 -37.18 22.14
C GLY C 115 -29.50 -37.50 23.39
N TYR C 116 -29.77 -38.66 24.01
CA TYR C 116 -29.06 -39.07 25.22
C TYR C 116 -27.55 -39.13 24.98
N TYR C 117 -27.15 -39.62 23.80
CA TYR C 117 -25.76 -39.92 23.50
C TYR C 117 -25.05 -38.80 22.75
N SER C 118 -25.65 -37.62 22.64
CA SER C 118 -25.06 -36.55 21.84
C SER C 118 -24.97 -35.25 22.63
N LEU C 119 -24.04 -34.39 22.18
CA LEU C 119 -23.94 -33.03 22.68
C LEU C 119 -24.22 -31.99 21.60
N GLY C 120 -24.54 -32.41 20.38
CA GLY C 120 -24.77 -31.49 19.30
C GLY C 120 -25.47 -32.16 18.13
N ALA C 121 -26.05 -31.34 17.26
CA ALA C 121 -26.73 -31.80 16.06
C ALA C 121 -25.93 -31.54 14.79
N ASP C 122 -24.64 -31.24 14.91
CA ASP C 122 -23.79 -30.94 13.76
C ASP C 122 -23.12 -32.17 13.18
N THR C 123 -23.39 -33.35 13.73
CA THR C 123 -22.65 -34.57 13.40
C THR C 123 -23.64 -35.65 12.96
N SER C 124 -24.04 -35.58 11.69
CA SER C 124 -24.98 -36.55 11.15
C SER C 124 -24.36 -37.94 11.12
N ILE C 125 -25.19 -38.96 11.34
CA ILE C 125 -24.79 -40.35 11.25
C ILE C 125 -25.49 -40.97 10.05
N SER C 126 -24.75 -41.68 9.22
CA SER C 126 -25.30 -42.37 8.05
C SER C 126 -24.55 -43.69 7.87
N ASP C 127 -24.81 -44.36 6.76
CA ASP C 127 -24.17 -45.64 6.48
C ASP C 127 -22.66 -45.49 6.38
N GLY C 128 -21.93 -46.41 7.03
CA GLY C 128 -20.49 -46.39 7.03
C GLY C 128 -19.86 -45.63 8.16
N THR C 129 -20.64 -44.86 8.94
CA THR C 129 -20.08 -44.08 10.03
C THR C 129 -19.47 -44.99 11.10
N TRP C 130 -20.19 -46.05 11.47
CA TRP C 130 -19.66 -47.03 12.43
C TRP C 130 -18.32 -47.60 11.96
N GLU C 131 -18.28 -48.09 10.72
CA GLU C 131 -17.05 -48.68 10.18
C GLU C 131 -15.91 -47.66 10.16
N ALA C 132 -16.20 -46.41 9.78
CA ALA C 132 -15.16 -45.39 9.71
C ALA C 132 -14.62 -45.05 11.10
N ALA C 133 -15.52 -44.90 12.08
CA ALA C 133 -15.07 -44.60 13.43
C ALA C 133 -14.21 -45.73 13.99
N ARG C 134 -14.63 -46.99 13.78
CA ARG C 134 -13.83 -48.12 14.22
C ARG C 134 -12.45 -48.09 13.56
N ALA C 135 -12.41 -47.82 12.25
CA ALA C 135 -11.13 -47.79 11.54
C ALA C 135 -10.24 -46.66 12.05
N SER C 136 -10.83 -45.50 12.38
CA SER C 136 -10.05 -44.38 12.87
C SER C 136 -9.44 -44.69 14.23
N ALA C 137 -10.23 -45.30 15.12
CA ALA C 137 -9.66 -45.76 16.39
C ALA C 137 -8.53 -46.76 16.15
N ASN C 138 -8.70 -47.64 15.17
CA ASN C 138 -7.64 -48.60 14.88
C ASN C 138 -6.40 -47.93 14.32
N VAL C 139 -6.56 -46.81 13.59
CA VAL C 139 -5.43 -46.02 13.13
C VAL C 139 -4.64 -45.49 14.32
N ALA C 140 -5.35 -44.92 15.30
CA ALA C 140 -4.67 -44.43 16.49
C ALA C 140 -3.96 -45.55 17.24
N LEU C 141 -4.63 -46.70 17.40
CA LEU C 141 -4.03 -47.81 18.13
C LEU C 141 -2.82 -48.39 17.40
N THR C 142 -2.83 -48.36 16.07
CA THR C 142 -1.68 -48.86 15.32
C THR C 142 -0.50 -47.91 15.43
N ALA C 143 -0.75 -46.60 15.40
CA ALA C 143 0.32 -45.66 15.69
C ALA C 143 0.90 -45.89 17.09
N GLN C 144 0.02 -46.12 18.07
CA GLN C 144 0.49 -46.41 19.42
C GLN C 144 1.37 -47.65 19.44
N LYS C 145 0.98 -48.69 18.70
CA LYS C 145 1.80 -49.92 18.68
C LYS C 145 3.17 -49.65 18.05
N LEU C 146 3.19 -48.87 16.97
CA LEU C 146 4.47 -48.51 16.36
C LEU C 146 5.38 -47.81 17.36
N VAL C 147 4.82 -46.90 18.15
CA VAL C 147 5.66 -46.18 19.11
C VAL C 147 6.11 -47.11 20.24
N ALA C 148 5.20 -47.94 20.74
CA ALA C 148 5.55 -48.85 21.83
C ALA C 148 6.59 -49.87 21.42
N GLU C 149 6.67 -50.20 20.13
CA GLU C 149 7.60 -51.21 19.63
C GLU C 149 8.90 -50.63 19.09
N GLY C 150 9.12 -49.32 19.25
CA GLY C 150 10.43 -48.77 18.92
C GLY C 150 10.46 -47.43 18.22
N GLU C 151 9.37 -47.03 17.59
CA GLU C 151 9.38 -45.75 16.89
C GLU C 151 9.33 -44.59 17.88
N ARG C 152 10.09 -43.54 17.59
CA ARG C 152 10.03 -42.34 18.42
C ARG C 152 8.66 -41.70 18.34
N ALA C 153 8.05 -41.70 17.15
CA ALA C 153 6.77 -41.05 16.95
C ALA C 153 6.05 -41.70 15.78
N ALA C 154 4.76 -41.42 15.67
CA ALA C 154 3.96 -41.91 14.57
C ALA C 154 2.78 -40.98 14.37
N PHE C 155 2.35 -40.86 13.11
CA PHE C 155 1.25 -39.99 12.71
C PHE C 155 0.03 -40.86 12.43
N ALA C 156 -0.99 -40.75 13.27
CA ALA C 156 -2.26 -41.44 13.07
C ALA C 156 -3.17 -40.50 12.28
N LEU C 157 -3.29 -40.73 10.98
CA LEU C 157 -4.12 -39.90 10.12
C LEU C 157 -5.58 -40.32 10.31
N CYS C 158 -6.13 -39.91 11.45
CA CYS C 158 -7.47 -40.31 11.84
C CYS C 158 -8.51 -39.48 11.10
N ARG C 159 -9.55 -40.14 10.61
CA ARG C 159 -10.78 -39.50 10.19
C ARG C 159 -11.90 -40.52 10.26
N PRO C 160 -12.99 -40.26 11.00
CA PRO C 160 -13.31 -39.00 11.68
C PRO C 160 -12.41 -38.68 12.89
N PRO C 161 -12.39 -37.41 13.32
CA PRO C 161 -11.62 -37.04 14.51
C PRO C 161 -12.26 -37.55 15.78
N GLY C 162 -11.68 -37.25 16.95
CA GLY C 162 -12.16 -37.87 18.16
C GLY C 162 -12.24 -37.07 19.44
N HIS C 163 -11.55 -35.93 19.52
CA HIS C 163 -11.31 -35.35 20.84
C HIS C 163 -12.55 -34.77 21.51
N HIS C 164 -13.69 -34.68 20.80
CA HIS C 164 -14.91 -34.21 21.42
C HIS C 164 -15.75 -35.32 22.04
N ALA C 165 -15.41 -36.58 21.80
CA ALA C 165 -16.24 -37.70 22.23
C ALA C 165 -15.99 -38.01 23.70
N HIS C 166 -17.05 -37.99 24.50
CA HIS C 166 -16.98 -38.46 25.87
C HIS C 166 -17.03 -39.99 25.89
N ALA C 167 -17.05 -40.57 27.09
CA ALA C 167 -17.19 -42.02 27.21
C ALA C 167 -18.47 -42.52 26.56
N ASP C 168 -19.53 -41.70 26.56
CA ASP C 168 -20.80 -42.10 25.96
C ASP C 168 -21.53 -40.90 25.38
N VAL C 169 -20.78 -39.95 24.80
CA VAL C 169 -21.34 -38.79 24.13
C VAL C 169 -20.55 -38.53 22.86
N PHE C 170 -21.26 -38.36 21.73
CA PHE C 170 -20.63 -37.97 20.47
C PHE C 170 -21.06 -36.56 20.09
N GLY C 171 -20.28 -35.97 19.18
CA GLY C 171 -20.56 -34.64 18.70
C GLY C 171 -19.30 -33.96 18.22
N GLY C 172 -19.49 -32.80 17.60
CA GLY C 172 -18.38 -32.07 17.03
C GLY C 172 -17.56 -32.88 16.05
N TYR C 173 -18.23 -33.69 15.23
CA TYR C 173 -17.66 -34.55 14.19
C TYR C 173 -16.93 -35.76 14.77
N CYS C 174 -17.04 -36.02 16.07
CA CYS C 174 -16.28 -37.06 16.75
C CYS C 174 -17.20 -38.16 17.27
N PHE C 175 -16.69 -39.40 17.25
CA PHE C 175 -17.46 -40.55 17.74
C PHE C 175 -16.68 -41.35 18.76
N PHE C 176 -15.47 -41.78 18.42
CA PHE C 176 -14.55 -42.42 19.34
C PHE C 176 -13.36 -41.50 19.58
N ASN C 177 -12.96 -41.38 20.85
CA ASN C 177 -11.88 -40.46 21.22
C ASN C 177 -10.57 -41.17 20.96
N ASN C 178 -10.07 -41.03 19.72
CA ASN C 178 -8.88 -41.77 19.30
C ASN C 178 -7.68 -41.47 20.19
N ALA C 179 -7.47 -40.19 20.53
CA ALA C 179 -6.35 -39.82 21.38
C ALA C 179 -6.46 -40.46 22.77
N ALA C 180 -7.65 -40.42 23.36
CA ALA C 180 -7.84 -41.03 24.68
C ALA C 180 -7.64 -42.54 24.62
N ILE C 181 -8.07 -43.17 23.53
CA ILE C 181 -7.88 -44.61 23.36
C ILE C 181 -6.40 -44.93 23.26
N ALA C 182 -5.64 -44.11 22.54
CA ALA C 182 -4.20 -44.32 22.44
C ALA C 182 -3.52 -44.16 23.80
N ALA C 183 -3.89 -43.10 24.54
CA ALA C 183 -3.32 -42.88 25.86
C ALA C 183 -3.62 -44.06 26.78
N GLN C 184 -4.88 -44.52 26.77
CA GLN C 184 -5.26 -45.66 27.60
C GLN C 184 -4.55 -46.94 27.18
N ALA C 185 -4.27 -47.10 25.88
CA ALA C 185 -3.48 -48.25 25.46
C ALA C 185 -2.07 -48.17 26.02
N PHE C 186 -1.45 -46.98 25.95
CA PHE C 186 -0.16 -46.77 26.60
C PHE C 186 -0.21 -47.19 28.06
N ARG C 187 -1.22 -46.72 28.80
CA ARG C 187 -1.34 -47.07 30.21
C ARG C 187 -1.47 -48.58 30.39
N ASP C 188 -2.34 -49.22 29.60
CA ASP C 188 -2.55 -50.65 29.74
C ASP C 188 -1.30 -51.46 29.40
N GLN C 189 -0.37 -50.89 28.64
CA GLN C 189 0.86 -51.59 28.29
C GLN C 189 2.02 -51.28 29.23
N GLY C 190 1.77 -50.64 30.36
CA GLY C 190 2.79 -50.43 31.37
C GLY C 190 3.43 -49.07 31.42
N TYR C 191 2.97 -48.11 30.63
CA TYR C 191 3.44 -46.73 30.71
C TYR C 191 2.78 -46.08 31.93
N GLY C 192 3.61 -45.65 32.89
CA GLY C 192 3.05 -45.20 34.16
C GLY C 192 2.17 -43.98 34.03
N LYS C 193 2.63 -42.96 33.31
CA LYS C 193 1.86 -41.74 33.15
C LYS C 193 1.89 -41.31 31.70
N VAL C 194 0.77 -40.76 31.23
CA VAL C 194 0.63 -40.30 29.85
C VAL C 194 0.12 -38.87 29.87
N ALA C 195 0.64 -38.04 28.97
CA ALA C 195 0.13 -36.70 28.76
C ALA C 195 -0.53 -36.60 27.39
N VAL C 196 -1.68 -35.95 27.34
CA VAL C 196 -2.41 -35.70 26.10
C VAL C 196 -2.50 -34.18 25.92
N LEU C 197 -1.83 -33.67 24.90
CA LEU C 197 -1.78 -32.25 24.59
C LEU C 197 -2.63 -31.98 23.35
N ASP C 198 -3.61 -31.11 23.50
CA ASP C 198 -4.62 -30.82 22.48
C ASP C 198 -4.34 -29.43 21.90
N VAL C 199 -3.77 -29.39 20.70
CA VAL C 199 -3.47 -28.14 20.01
C VAL C 199 -4.50 -27.79 18.96
N ASP C 200 -5.55 -28.60 18.81
CA ASP C 200 -6.65 -28.26 17.93
C ASP C 200 -7.32 -26.97 18.42
N PHE C 201 -7.92 -26.23 17.49
CA PHE C 201 -8.50 -24.94 17.84
C PHE C 201 -9.60 -25.07 18.90
N HIS C 202 -10.30 -26.19 18.94
CA HIS C 202 -11.41 -26.40 19.86
C HIS C 202 -10.96 -27.18 21.09
N HIS C 203 -11.66 -26.96 22.20
CA HIS C 203 -11.35 -27.65 23.45
C HIS C 203 -11.57 -29.15 23.29
N GLY C 204 -10.62 -29.94 23.78
CA GLY C 204 -10.78 -31.38 23.78
C GLY C 204 -11.59 -31.84 24.96
N ASN C 205 -12.89 -31.51 24.94
CA ASN C 205 -13.74 -31.72 26.11
C ASN C 205 -13.94 -33.20 26.40
N GLY C 206 -14.03 -34.03 25.36
CA GLY C 206 -14.18 -35.46 25.58
C GLY C 206 -12.99 -36.05 26.30
N THR C 207 -11.78 -35.68 25.88
CA THR C 207 -10.57 -36.16 26.53
C THR C 207 -10.50 -35.67 27.98
N GLN C 208 -10.85 -34.39 28.20
CA GLN C 208 -10.89 -33.87 29.56
C GLN C 208 -11.85 -34.68 30.42
N ALA C 209 -13.04 -34.98 29.90
CA ALA C 209 -14.05 -35.70 30.67
C ALA C 209 -13.59 -37.12 30.99
N ILE C 210 -12.97 -37.79 30.02
CA ILE C 210 -12.63 -39.20 30.20
C ILE C 210 -11.64 -39.39 31.35
N PHE C 211 -10.68 -38.47 31.50
CA PHE C 211 -9.65 -38.61 32.52
C PHE C 211 -9.80 -37.61 33.66
N TYR C 212 -10.98 -37.03 33.84
CA TYR C 212 -11.10 -35.85 34.71
C TYR C 212 -10.76 -36.16 36.17
N ASP C 213 -11.06 -37.37 36.64
CA ASP C 213 -10.81 -37.71 38.04
C ASP C 213 -9.55 -38.56 38.23
N ARG C 214 -8.64 -38.54 37.26
CA ARG C 214 -7.44 -39.37 37.28
C ARG C 214 -6.20 -38.50 37.23
N SER C 215 -5.17 -38.93 37.96
CA SER C 215 -3.88 -38.23 37.97
C SER C 215 -2.81 -38.93 37.14
N ASP C 216 -3.10 -40.12 36.61
CA ASP C 216 -2.11 -40.82 35.79
C ASP C 216 -2.11 -40.35 34.35
N VAL C 217 -3.13 -39.61 33.91
CA VAL C 217 -3.20 -39.07 32.55
C VAL C 217 -3.43 -37.56 32.66
N LEU C 218 -2.42 -36.78 32.31
CA LEU C 218 -2.52 -35.33 32.31
C LEU C 218 -3.10 -34.85 30.98
N THR C 219 -4.16 -34.05 31.05
CA THR C 219 -4.84 -33.55 29.86
C THR C 219 -4.69 -32.04 29.79
N ILE C 220 -4.12 -31.55 28.70
CA ILE C 220 -3.95 -30.11 28.46
C ILE C 220 -4.57 -29.77 27.13
N SER C 221 -5.23 -28.60 27.04
CA SER C 221 -5.80 -28.16 25.78
C SER C 221 -5.63 -26.65 25.60
N LEU C 222 -5.19 -26.25 24.41
CA LEU C 222 -5.19 -24.85 24.01
C LEU C 222 -6.34 -24.63 23.04
N HIS C 223 -7.15 -23.61 23.26
CA HIS C 223 -8.33 -23.47 22.40
C HIS C 223 -8.90 -22.06 22.47
N GLY C 224 -9.77 -21.77 21.49
CA GLY C 224 -10.56 -20.55 21.54
C GLY C 224 -11.56 -20.60 22.68
N ASP C 225 -11.88 -19.41 23.20
CA ASP C 225 -12.67 -19.24 24.40
C ASP C 225 -14.05 -19.90 24.20
N PRO C 226 -14.41 -20.90 25.01
CA PRO C 226 -15.72 -21.56 24.84
C PRO C 226 -16.88 -20.62 25.11
N ASP C 227 -16.65 -19.48 25.78
CA ASP C 227 -17.67 -18.45 25.83
C ASP C 227 -18.08 -18.01 24.42
N LEU C 228 -17.15 -18.13 23.47
CA LEU C 228 -17.36 -17.68 22.10
C LEU C 228 -17.60 -18.81 21.11
N VAL C 229 -16.96 -19.97 21.28
CA VAL C 229 -16.97 -21.01 20.25
C VAL C 229 -17.30 -22.37 20.85
N PHE C 230 -17.62 -23.31 19.96
CA PHE C 230 -17.81 -24.71 20.33
C PHE C 230 -16.60 -25.20 21.13
N PRO C 231 -16.81 -26.02 22.18
CA PRO C 231 -18.06 -26.65 22.64
C PRO C 231 -18.88 -25.86 23.70
N HIS C 232 -18.49 -24.63 23.99
CA HIS C 232 -19.29 -23.69 24.79
C HIS C 232 -19.46 -24.05 26.27
N PHE C 233 -19.67 -25.31 26.61
CA PHE C 233 -20.07 -25.68 27.97
C PHE C 233 -18.99 -26.46 28.71
N LEU C 234 -17.79 -26.56 28.15
CA LEU C 234 -16.60 -27.03 28.84
C LEU C 234 -15.40 -26.32 28.22
N GLY C 235 -14.27 -26.38 28.93
CA GLY C 235 -13.04 -25.80 28.42
C GLY C 235 -12.58 -24.52 29.09
N PHE C 236 -13.26 -24.09 30.15
CA PHE C 236 -12.89 -22.88 30.85
C PHE C 236 -11.70 -23.13 31.77
N GLU C 237 -10.95 -22.05 32.03
CA GLU C 237 -9.67 -22.18 32.74
C GLU C 237 -9.84 -22.62 34.18
N ASP C 238 -11.05 -22.56 34.73
CA ASP C 238 -11.31 -23.00 36.09
C ASP C 238 -11.60 -24.50 36.20
N GLU C 239 -11.53 -25.25 35.09
CA GLU C 239 -11.73 -26.69 35.12
C GLU C 239 -10.37 -27.36 35.26
N THR C 240 -9.99 -27.71 36.50
CA THR C 240 -8.66 -28.25 36.77
C THR C 240 -8.68 -29.71 37.22
N GLY C 241 -9.83 -30.37 37.17
CA GLY C 241 -9.95 -31.76 37.58
C GLY C 241 -10.84 -31.91 38.80
N GLU C 242 -10.98 -33.17 39.22
CA GLU C 242 -11.79 -33.48 40.40
C GLU C 242 -11.19 -34.70 41.09
N GLY C 243 -11.32 -34.73 42.42
CA GLY C 243 -10.82 -35.87 43.17
C GLY C 243 -9.31 -35.97 43.01
N ASP C 244 -8.84 -37.19 42.74
CA ASP C 244 -7.42 -37.40 42.50
C ASP C 244 -6.92 -36.66 41.27
N GLY C 245 -7.82 -36.33 40.34
CA GLY C 245 -7.43 -35.61 39.14
C GLY C 245 -7.29 -34.11 39.28
N GLU C 246 -7.47 -33.58 40.49
CA GLU C 246 -7.33 -32.14 40.73
C GLU C 246 -5.92 -31.69 40.35
N ALA C 247 -5.84 -30.65 39.52
CA ALA C 247 -4.61 -30.08 38.97
C ALA C 247 -3.97 -31.00 37.93
N TYR C 248 -4.72 -31.95 37.38
CA TYR C 248 -4.23 -32.79 36.29
C TYR C 248 -5.03 -32.60 35.02
N ASN C 249 -5.72 -31.46 34.90
CA ASN C 249 -6.30 -30.97 33.66
C ASN C 249 -6.01 -29.48 33.56
N LEU C 250 -5.60 -29.02 32.38
CA LEU C 250 -5.26 -27.61 32.21
C LEU C 250 -5.83 -27.11 30.89
N ASN C 251 -6.68 -26.09 30.97
CA ASN C 251 -7.29 -25.43 29.82
C ASN C 251 -6.66 -24.05 29.65
N ILE C 252 -6.21 -23.76 28.43
CA ILE C 252 -5.59 -22.48 28.09
C ILE C 252 -6.39 -21.85 26.96
N VAL C 253 -7.02 -20.71 27.25
CA VAL C 253 -8.04 -20.10 26.41
C VAL C 253 -7.46 -18.86 25.73
N PHE C 254 -7.87 -18.62 24.48
CA PHE C 254 -7.40 -17.46 23.73
C PHE C 254 -8.57 -16.77 23.03
N PRO C 255 -8.48 -15.45 22.83
CA PRO C 255 -9.57 -14.71 22.17
C PRO C 255 -9.38 -14.66 20.67
N PRO C 256 -10.33 -14.07 19.93
CA PRO C 256 -10.16 -13.96 18.47
C PRO C 256 -8.89 -13.21 18.07
N ASP C 257 -8.38 -13.57 16.88
CA ASP C 257 -7.24 -12.97 16.20
C ASP C 257 -5.91 -13.34 16.83
N THR C 258 -5.88 -14.30 17.74
CA THR C 258 -4.64 -14.68 18.42
C THR C 258 -3.63 -15.24 17.42
N PRO C 259 -2.41 -14.68 17.35
CA PRO C 259 -1.39 -15.24 16.45
C PRO C 259 -0.45 -16.20 17.15
N PHE C 260 0.51 -16.77 16.41
CA PHE C 260 1.44 -17.73 17.00
C PHE C 260 2.31 -17.10 18.08
N SER C 261 2.61 -15.80 17.97
CA SER C 261 3.47 -15.16 18.96
C SER C 261 2.85 -15.20 20.35
N ILE C 262 1.53 -15.18 20.44
CA ILE C 262 0.83 -15.27 21.71
C ILE C 262 0.42 -16.72 22.03
N TRP C 263 -0.06 -17.44 21.02
CA TRP C 263 -0.46 -18.84 21.20
C TRP C 263 0.69 -19.69 21.73
N SER C 264 1.91 -19.44 21.23
CA SER C 264 3.08 -20.20 21.63
C SER C 264 3.49 -19.92 23.08
N GLN C 265 3.02 -18.81 23.67
CA GLN C 265 3.24 -18.62 25.10
C GLN C 265 2.43 -19.62 25.91
N GLY C 266 1.16 -19.81 25.52
CA GLY C 266 0.37 -20.88 26.12
C GLY C 266 0.94 -22.25 25.85
N LEU C 267 1.43 -22.48 24.63
CA LEU C 267 2.08 -23.75 24.33
C LEU C 267 3.28 -23.99 25.23
N GLU C 268 4.06 -22.93 25.48
CA GLU C 268 5.20 -23.05 26.39
C GLU C 268 4.75 -23.37 27.80
N LYS C 269 3.67 -22.74 28.26
CA LYS C 269 3.13 -23.08 29.58
C LYS C 269 2.73 -24.55 29.64
N ALA C 270 2.05 -25.05 28.61
CA ALA C 270 1.69 -26.46 28.57
C ALA C 270 2.93 -27.35 28.61
N CYS C 271 3.97 -26.97 27.89
CA CYS C 271 5.19 -27.77 27.86
C CYS C 271 5.86 -27.80 29.23
N GLU C 272 5.80 -26.68 29.96
CA GLU C 272 6.34 -26.66 31.32
C GLU C 272 5.53 -27.59 32.22
N ARG C 273 4.20 -27.54 32.12
CA ARG C 273 3.35 -28.43 32.90
C ARG C 273 3.67 -29.89 32.62
N ILE C 274 3.88 -30.23 31.34
CA ILE C 274 4.27 -31.60 30.99
C ILE C 274 5.63 -31.93 31.59
N ARG C 275 6.56 -30.97 31.57
CA ARG C 275 7.89 -31.19 32.11
C ARG C 275 7.83 -31.58 33.59
N THR C 276 7.07 -30.84 34.39
CA THR C 276 6.94 -31.24 35.79
C THR C 276 6.15 -32.54 35.94
N PHE C 277 5.15 -32.77 35.07
CA PHE C 277 4.42 -34.03 35.10
C PHE C 277 5.32 -35.21 34.78
N ALA C 278 6.27 -35.01 33.85
CA ALA C 278 7.25 -36.01 33.43
C ALA C 278 6.56 -37.30 33.02
N PRO C 279 5.78 -37.31 31.94
CA PRO C 279 5.07 -38.52 31.54
C PRO C 279 5.99 -39.50 30.83
N ASP C 280 5.49 -40.73 30.69
CA ASP C 280 6.20 -41.76 29.94
C ASP C 280 5.81 -41.79 28.47
N ALA C 281 4.71 -41.14 28.11
CA ALA C 281 4.25 -41.09 26.72
C ALA C 281 3.43 -39.84 26.50
N LEU C 282 3.43 -39.37 25.25
CA LEU C 282 2.72 -38.16 24.89
C LEU C 282 1.83 -38.44 23.68
N VAL C 283 0.57 -38.04 23.77
CA VAL C 283 -0.37 -38.08 22.66
C VAL C 283 -0.76 -36.65 22.35
N VAL C 284 -0.55 -36.22 21.11
CA VAL C 284 -0.89 -34.87 20.67
C VAL C 284 -2.12 -34.98 19.78
N ALA C 285 -3.23 -34.43 20.25
CA ALA C 285 -4.44 -34.31 19.43
C ALA C 285 -4.24 -33.09 18.54
N LEU C 286 -3.84 -33.33 17.30
CA LEU C 286 -3.40 -32.28 16.39
C LEU C 286 -4.57 -31.81 15.53
N GLY C 287 -4.91 -30.55 15.65
CA GLY C 287 -5.81 -29.89 14.72
C GLY C 287 -5.09 -28.73 14.05
N VAL C 288 -5.30 -28.58 12.75
CA VAL C 288 -4.76 -27.45 12.01
C VAL C 288 -5.83 -26.40 11.73
N ASP C 289 -6.91 -26.41 12.50
CA ASP C 289 -7.90 -25.34 12.46
C ASP C 289 -7.45 -24.08 13.19
N THR C 290 -6.26 -24.08 13.79
CA THR C 290 -5.64 -22.85 14.27
C THR C 290 -5.09 -21.98 13.15
N PHE C 291 -5.24 -22.44 11.91
CA PHE C 291 -4.67 -21.78 10.74
C PHE C 291 -5.38 -20.47 10.44
N GLU C 292 -4.63 -19.50 9.88
CA GLU C 292 -5.17 -18.17 9.63
C GLU C 292 -6.31 -18.18 8.61
N GLU C 293 -6.46 -19.24 7.82
CA GLU C 293 -7.48 -19.30 6.79
C GLU C 293 -8.59 -20.30 7.10
N ASP C 294 -8.58 -20.91 8.28
CA ASP C 294 -9.59 -21.92 8.59
C ASP C 294 -10.98 -21.27 8.62
N PRO C 295 -11.98 -21.87 7.98
CA PRO C 295 -13.26 -21.20 7.78
C PRO C 295 -14.18 -21.17 9.00
N ILE C 296 -13.86 -21.85 10.10
CA ILE C 296 -14.78 -21.86 11.24
C ILE C 296 -14.07 -21.50 12.54
N SER C 297 -12.85 -20.98 12.44
CA SER C 297 -12.05 -20.67 13.63
C SER C 297 -11.43 -19.28 13.47
N PHE C 298 -10.87 -18.75 14.57
CA PHE C 298 -10.38 -17.37 14.52
C PHE C 298 -8.96 -17.19 15.05
N PHE C 299 -8.11 -18.22 14.97
CA PHE C 299 -6.70 -17.99 15.22
C PHE C 299 -5.98 -17.66 13.91
N LYS C 300 -4.73 -17.20 14.02
CA LYS C 300 -3.99 -16.68 12.86
C LYS C 300 -2.59 -17.28 12.77
N LEU C 301 -2.49 -18.59 12.90
CA LEU C 301 -1.22 -19.26 12.64
C LEU C 301 -0.95 -19.36 11.13
N THR C 302 0.32 -19.25 10.76
CA THR C 302 0.75 -19.46 9.39
C THR C 302 1.19 -20.91 9.18
N SER C 303 1.49 -21.23 7.92
CA SER C 303 1.93 -22.59 7.60
C SER C 303 3.28 -22.92 8.22
N GLY C 304 4.21 -21.96 8.22
CA GLY C 304 5.50 -22.18 8.86
C GLY C 304 5.41 -22.33 10.37
N ASP C 305 4.40 -21.72 10.98
CA ASP C 305 4.20 -21.85 12.41
C ASP C 305 4.04 -23.32 12.81
N TYR C 306 3.50 -24.15 11.90
CA TYR C 306 3.35 -25.57 12.22
C TYR C 306 4.69 -26.29 12.21
N LEU C 307 5.64 -25.84 11.40
CA LEU C 307 7.01 -26.31 11.53
C LEU C 307 7.56 -25.96 12.90
N LYS C 308 7.36 -24.71 13.34
CA LYS C 308 7.80 -24.34 14.68
C LYS C 308 7.14 -25.21 15.75
N LEU C 309 5.83 -25.48 15.60
CA LEU C 309 5.11 -26.29 16.56
C LEU C 309 5.70 -27.70 16.64
N GLY C 310 5.91 -28.34 15.50
CA GLY C 310 6.49 -29.67 15.50
C GLY C 310 7.86 -29.71 16.17
N LYS C 311 8.71 -28.72 15.87
CA LYS C 311 10.02 -28.66 16.51
C LYS C 311 9.88 -28.56 18.02
N ARG C 312 9.07 -27.61 18.50
CA ARG C 312 8.89 -27.46 19.94
C ARG C 312 8.36 -28.75 20.57
N LEU C 313 7.46 -29.45 19.88
CA LEU C 313 6.93 -30.70 20.42
C LEU C 313 8.03 -31.76 20.54
N GLU C 314 8.90 -31.86 19.53
CA GLU C 314 10.00 -32.81 19.61
C GLU C 314 10.91 -32.51 20.79
N GLN C 315 11.13 -31.22 21.07
CA GLN C 315 12.05 -30.89 22.15
C GLN C 315 11.60 -31.41 23.51
N LEU C 316 10.34 -31.85 23.64
CA LEU C 316 9.90 -32.49 24.87
C LEU C 316 10.58 -33.83 25.09
N GLY C 317 11.10 -34.46 24.05
CA GLY C 317 11.83 -35.70 24.18
C GLY C 317 11.01 -36.88 24.63
N LEU C 318 9.79 -37.02 24.11
CA LEU C 318 8.92 -38.09 24.57
C LEU C 318 8.51 -38.98 23.41
N PRO C 319 8.18 -40.25 23.66
CA PRO C 319 7.49 -41.06 22.65
C PRO C 319 6.13 -40.44 22.38
N THR C 320 5.85 -40.14 21.12
CA THR C 320 4.76 -39.23 20.77
C THR C 320 3.87 -39.84 19.69
N VAL C 321 2.56 -39.84 19.94
CA VAL C 321 1.57 -40.24 18.94
C VAL C 321 0.78 -38.99 18.58
N PHE C 322 0.72 -38.67 17.28
CA PHE C 322 -0.14 -37.60 16.78
C PHE C 322 -1.43 -38.21 16.27
N THR C 323 -2.56 -37.69 16.76
CA THR C 323 -3.88 -38.06 16.25
C THR C 323 -4.48 -36.87 15.52
N MET C 324 -4.82 -37.06 14.26
CA MET C 324 -5.38 -35.97 13.46
C MET C 324 -6.78 -35.61 13.94
N GLU C 325 -6.98 -34.34 14.26
CA GLU C 325 -8.31 -33.85 14.63
C GLU C 325 -8.88 -32.93 13.56
N GLY C 326 -9.00 -31.64 13.85
CA GLY C 326 -9.68 -30.71 12.98
C GLY C 326 -8.73 -30.02 12.01
N GLY C 327 -9.29 -29.05 11.29
CA GLY C 327 -8.58 -28.39 10.20
C GLY C 327 -9.39 -28.49 8.92
N TYR C 328 -9.86 -27.36 8.38
CA TYR C 328 -10.90 -27.39 7.37
C TYR C 328 -10.61 -26.55 6.13
N ASP C 329 -9.50 -25.81 6.07
CA ASP C 329 -9.04 -25.23 4.80
C ASP C 329 -8.31 -26.34 4.05
N VAL C 330 -9.03 -27.01 3.15
CA VAL C 330 -8.48 -28.19 2.47
C VAL C 330 -7.30 -27.83 1.58
N ASP C 331 -7.28 -26.61 1.04
CA ASP C 331 -6.17 -26.18 0.20
C ASP C 331 -4.82 -26.39 0.89
N ALA C 332 -4.75 -26.08 2.18
CA ALA C 332 -3.49 -26.10 2.93
C ALA C 332 -3.42 -27.16 4.02
N ILE C 333 -4.44 -28.01 4.17
CA ILE C 333 -4.47 -28.93 5.32
C ILE C 333 -3.29 -29.89 5.28
N GLY C 334 -2.91 -30.36 4.09
CA GLY C 334 -1.78 -31.27 3.97
C GLY C 334 -0.48 -30.58 4.31
N VAL C 335 -0.27 -29.38 3.76
CA VAL C 335 0.93 -28.59 4.06
C VAL C 335 1.05 -28.37 5.56
N ASN C 336 -0.06 -28.01 6.22
CA ASN C 336 -0.01 -27.69 7.64
C ASN C 336 0.31 -28.92 8.49
N ALA C 337 -0.48 -29.99 8.34
CA ALA C 337 -0.28 -31.17 9.18
C ALA C 337 1.09 -31.80 8.94
N VAL C 338 1.42 -32.04 7.67
CA VAL C 338 2.73 -32.60 7.35
C VAL C 338 3.83 -31.65 7.80
N ASN C 339 3.57 -30.34 7.79
CA ASN C 339 4.53 -29.38 8.33
C ASN C 339 4.81 -29.65 9.80
N VAL C 340 3.76 -29.98 10.57
CA VAL C 340 3.99 -30.34 11.96
C VAL C 340 4.90 -31.57 12.03
N MET C 341 4.63 -32.58 11.19
CA MET C 341 5.45 -33.79 11.24
C MET C 341 6.90 -33.51 10.88
N GLN C 342 7.14 -32.72 9.83
CA GLN C 342 8.51 -32.47 9.37
C GLN C 342 9.26 -31.58 10.35
N GLY C 343 8.58 -30.60 10.94
CA GLY C 343 9.19 -29.81 11.99
C GLY C 343 9.58 -30.67 13.19
N PHE C 344 8.74 -31.65 13.52
CA PHE C 344 9.11 -32.62 14.55
C PHE C 344 10.39 -33.36 14.17
N GLU C 345 10.51 -33.76 12.91
CA GLU C 345 11.67 -34.51 12.44
C GLU C 345 12.88 -33.63 12.14
N GLY C 346 12.76 -32.31 12.32
CA GLY C 346 13.88 -31.41 12.18
C GLY C 346 13.93 -30.61 10.90
N LYS C 347 12.91 -30.72 10.06
CA LYS C 347 12.85 -29.98 8.80
C LYS C 347 12.31 -28.56 8.97
N SER C 348 12.72 -27.87 10.04
CA SER C 348 12.26 -26.52 10.30
C SER C 348 13.00 -25.51 9.40
N GLY D 4 -38.56 36.69 -54.24
CA GLY D 4 -37.22 36.16 -53.99
C GLY D 4 -36.19 36.70 -54.95
N SER D 5 -35.53 37.77 -54.55
CA SER D 5 -34.54 38.45 -55.38
C SER D 5 -33.18 38.48 -54.68
N MET D 6 -32.15 38.76 -55.46
CA MET D 6 -30.78 38.87 -54.94
C MET D 6 -30.05 39.96 -55.69
N LYS D 7 -29.33 40.81 -54.96
CA LYS D 7 -28.58 41.86 -55.62
C LYS D 7 -27.23 41.33 -56.11
N THR D 8 -26.80 41.88 -57.24
CA THR D 8 -25.53 41.53 -57.85
C THR D 8 -24.68 42.79 -57.94
N VAL D 9 -23.41 42.69 -57.54
CA VAL D 9 -22.46 43.78 -57.68
C VAL D 9 -21.59 43.49 -58.90
N PHE D 10 -21.47 44.46 -59.79
CA PHE D 10 -20.71 44.28 -61.02
C PHE D 10 -19.97 45.56 -61.36
N SER D 11 -18.71 45.42 -61.76
CA SER D 11 -17.91 46.55 -62.17
C SER D 11 -17.53 46.39 -63.64
N PRO D 12 -17.78 47.40 -64.48
CA PRO D 12 -17.29 47.33 -65.86
C PRO D 12 -15.77 47.36 -65.95
N LEU D 13 -15.07 47.76 -64.88
CA LEU D 13 -13.61 47.81 -64.90
C LEU D 13 -12.98 46.42 -65.01
N HIS D 14 -13.76 45.35 -64.84
CA HIS D 14 -13.25 44.03 -65.18
C HIS D 14 -12.73 44.00 -66.61
N SER D 15 -13.27 44.86 -67.47
CA SER D 15 -12.84 44.90 -68.85
C SER D 15 -11.38 45.32 -69.00
N ARG D 16 -10.81 45.97 -67.97
CA ARG D 16 -9.38 46.32 -68.04
C ARG D 16 -8.49 45.08 -68.03
N ARG D 17 -8.98 43.96 -67.53
CA ARG D 17 -8.25 42.69 -67.63
C ARG D 17 -8.55 42.15 -69.02
N HIS D 18 -7.56 42.30 -69.93
CA HIS D 18 -7.67 41.92 -71.35
C HIS D 18 -6.29 41.47 -71.86
N VAL D 19 -5.89 40.29 -71.44
CA VAL D 19 -4.66 39.69 -71.94
C VAL D 19 -4.95 38.94 -73.22
N LYS D 20 -3.94 38.81 -74.07
CA LYS D 20 -4.07 38.09 -75.32
C LYS D 20 -3.48 36.69 -75.28
N THR D 21 -2.61 36.40 -74.30
CA THR D 21 -1.85 35.15 -74.28
C THR D 21 -2.00 34.44 -72.94
N GLU D 22 -2.03 33.12 -72.99
CA GLU D 22 -1.99 32.24 -71.83
C GLU D 22 -1.13 31.03 -72.17
N LEU D 23 -0.15 30.73 -71.31
CA LEU D 23 0.66 29.52 -71.50
C LEU D 23 -0.18 28.29 -71.22
N ASP D 24 -0.32 27.42 -72.23
CA ASP D 24 -1.10 26.20 -72.09
C ASP D 24 -0.59 25.18 -73.09
N GLY D 25 -0.25 23.98 -72.60
CA GLY D 25 0.23 22.91 -73.48
C GLY D 25 1.42 23.28 -74.33
N GLY D 26 2.32 24.12 -73.82
CA GLY D 26 3.48 24.52 -74.57
C GLY D 26 3.21 25.58 -75.63
N LEU D 27 2.00 26.10 -75.72
CA LEU D 27 1.68 27.14 -76.68
C LEU D 27 1.11 28.35 -75.96
N LEU D 28 1.19 29.50 -76.63
CA LEU D 28 0.55 30.71 -76.16
C LEU D 28 -0.82 30.78 -76.81
N ILE D 29 -1.86 30.49 -76.04
CA ILE D 29 -3.20 30.43 -76.60
C ILE D 29 -4.01 31.62 -76.10
N GLU D 30 -5.15 31.83 -76.73
CA GLU D 30 -6.13 32.80 -76.31
C GLU D 30 -6.72 32.42 -74.95
N PRO D 31 -6.69 33.31 -73.97
CA PRO D 31 -6.96 32.91 -72.57
C PRO D 31 -8.39 32.44 -72.32
N HIS D 32 -8.50 31.41 -71.47
CA HIS D 32 -9.81 30.89 -71.07
C HIS D 32 -10.59 31.92 -70.25
N GLU D 33 -9.90 32.68 -69.39
CA GLU D 33 -10.58 33.59 -68.47
C GLU D 33 -10.75 34.95 -69.17
N LYS D 34 -11.77 35.01 -70.04
CA LYS D 34 -12.03 36.12 -70.93
C LYS D 34 -13.21 36.98 -70.44
N PRO D 35 -13.26 38.24 -70.88
CA PRO D 35 -14.33 39.15 -70.37
C PRO D 35 -15.74 38.71 -70.71
N SER D 36 -15.93 37.93 -71.78
CA SER D 36 -17.26 37.45 -72.13
C SER D 36 -17.86 36.56 -71.04
N ARG D 37 -17.03 35.99 -70.17
CA ARG D 37 -17.57 35.29 -69.00
C ARG D 37 -18.43 36.21 -68.14
N ALA D 38 -17.83 37.32 -67.69
CA ALA D 38 -18.55 38.26 -66.84
C ALA D 38 -19.69 38.92 -67.59
N GLU D 39 -19.47 39.28 -68.86
CA GLU D 39 -20.56 39.92 -69.62
C GLU D 39 -21.73 38.97 -69.81
N THR D 40 -21.46 37.68 -70.02
CA THR D 40 -22.53 36.71 -70.19
C THR D 40 -23.29 36.48 -68.90
N ILE D 41 -22.58 36.36 -67.78
CA ILE D 41 -23.27 36.24 -66.49
C ILE D 41 -24.13 37.45 -66.23
N LEU D 42 -23.61 38.65 -66.50
CA LEU D 42 -24.37 39.87 -66.30
C LEU D 42 -25.63 39.89 -67.16
N ALA D 43 -25.49 39.52 -68.44
CA ALA D 43 -26.64 39.47 -69.33
C ALA D 43 -27.71 38.52 -68.81
N ARG D 44 -27.29 37.36 -68.30
CA ARG D 44 -28.27 36.42 -67.74
C ARG D 44 -28.91 36.97 -66.48
N VAL D 45 -28.14 37.67 -65.64
CA VAL D 45 -28.71 38.31 -64.46
C VAL D 45 -29.81 39.27 -64.85
N LYS D 46 -29.58 40.08 -65.89
CA LYS D 46 -30.60 41.02 -66.35
C LYS D 46 -31.81 40.28 -66.92
N ASP D 47 -31.55 39.28 -67.78
CA ASP D 47 -32.65 38.60 -68.46
C ASP D 47 -33.54 37.84 -67.50
N GLN D 48 -33.00 37.37 -66.37
CA GLN D 48 -33.78 36.69 -65.36
C GLN D 48 -34.34 37.61 -64.28
N ALA D 49 -33.99 38.90 -64.33
CA ALA D 49 -34.45 39.88 -63.35
C ALA D 49 -34.19 39.40 -61.92
N LEU D 50 -32.98 38.89 -61.70
CA LEU D 50 -32.61 38.34 -60.40
C LEU D 50 -32.77 39.38 -59.29
N GLY D 51 -32.42 40.62 -59.57
CA GLY D 51 -32.47 41.66 -58.57
C GLY D 51 -31.66 42.86 -59.01
N GLU D 52 -31.51 43.80 -58.08
CA GLU D 52 -30.80 45.04 -58.39
C GLU D 52 -29.34 44.75 -58.75
N ILE D 53 -28.83 45.49 -59.73
CA ILE D 53 -27.43 45.42 -60.14
C ILE D 53 -26.79 46.77 -59.81
N LEU D 54 -25.68 46.74 -59.07
CA LEU D 54 -25.01 47.95 -58.61
C LEU D 54 -23.52 47.83 -58.84
N GLU D 55 -22.87 48.98 -59.06
CA GLU D 55 -21.42 49.05 -59.13
C GLU D 55 -20.81 49.04 -57.73
N PRO D 56 -19.56 48.63 -57.60
CA PRO D 56 -18.94 48.56 -56.28
C PRO D 56 -18.49 49.93 -55.78
N GLU D 57 -18.35 50.03 -54.46
CA GLU D 57 -17.71 51.18 -53.86
C GLU D 57 -16.19 50.98 -53.86
N GLU D 58 -15.46 52.08 -53.80
CA GLU D 58 -14.01 52.02 -53.65
C GLU D 58 -13.68 52.04 -52.17
N PHE D 59 -13.13 50.92 -51.67
CA PHE D 59 -12.78 50.80 -50.26
C PHE D 59 -11.33 51.12 -49.97
N GLY D 60 -10.51 51.37 -51.00
CA GLY D 60 -9.10 51.61 -50.79
C GLY D 60 -8.34 50.32 -50.53
N LEU D 61 -7.06 50.48 -50.24
CA LEU D 61 -6.15 49.35 -50.06
C LEU D 61 -6.24 48.72 -48.68
N GLY D 62 -6.88 49.38 -47.72
CA GLY D 62 -7.01 48.88 -46.37
C GLY D 62 -7.51 47.45 -46.27
N PRO D 63 -8.75 47.21 -46.73
CA PRO D 63 -9.29 45.84 -46.64
C PRO D 63 -8.53 44.80 -47.45
N VAL D 64 -7.90 45.19 -48.56
CA VAL D 64 -7.07 44.23 -49.31
C VAL D 64 -5.84 43.85 -48.51
N LYS D 65 -5.20 44.84 -47.88
CA LYS D 65 -3.96 44.60 -47.14
C LYS D 65 -4.19 43.90 -45.81
N ARG D 66 -5.45 43.70 -45.40
CA ARG D 66 -5.74 42.81 -44.28
C ARG D 66 -5.43 41.36 -44.62
N VAL D 67 -5.29 41.04 -45.91
CA VAL D 67 -5.11 39.67 -46.37
C VAL D 67 -3.80 39.52 -47.14
N HIS D 68 -3.45 40.50 -47.97
CA HIS D 68 -2.24 40.45 -48.79
C HIS D 68 -1.16 41.35 -48.22
N THR D 69 0.09 40.98 -48.48
CA THR D 69 1.23 41.73 -47.98
C THR D 69 1.45 43.01 -48.78
N ALA D 70 2.09 43.99 -48.12
CA ALA D 70 2.33 45.28 -48.75
C ALA D 70 3.25 45.16 -49.96
N ASP D 71 4.31 44.35 -49.85
CA ASP D 71 5.22 44.15 -50.98
C ASP D 71 4.47 43.58 -52.18
N TYR D 72 3.55 42.66 -51.93
CA TYR D 72 2.82 42.01 -53.02
C TYR D 72 1.90 43.01 -53.73
N VAL D 73 1.17 43.82 -52.95
CA VAL D 73 0.26 44.80 -53.54
C VAL D 73 1.05 45.81 -54.37
N SER D 74 2.17 46.30 -53.83
CA SER D 74 3.02 47.21 -54.60
C SER D 74 3.51 46.55 -55.88
N PHE D 75 3.96 45.30 -55.77
CA PHE D 75 4.41 44.56 -56.95
C PHE D 75 3.33 44.52 -58.02
N LEU D 76 2.09 44.19 -57.62
CA LEU D 76 1.01 44.13 -58.58
C LEU D 76 0.74 45.48 -59.21
N GLU D 77 0.97 46.57 -58.47
CA GLU D 77 0.75 47.89 -59.07
C GLU D 77 1.83 48.24 -60.11
N THR D 78 3.09 47.89 -59.84
CA THR D 78 4.19 48.35 -60.71
C THR D 78 4.63 47.33 -61.76
N CYS D 79 4.10 46.11 -61.74
CA CYS D 79 4.70 45.02 -62.50
C CYS D 79 4.72 45.29 -64.00
N TRP D 80 3.59 45.68 -64.59
CA TRP D 80 3.53 45.90 -66.03
C TRP D 80 4.46 47.04 -66.45
N ASP D 81 4.44 48.15 -65.69
CA ASP D 81 5.32 49.27 -66.02
C ASP D 81 6.78 48.86 -66.00
N GLU D 82 7.19 48.11 -64.97
CA GLU D 82 8.58 47.66 -64.90
C GLU D 82 8.91 46.70 -66.04
N TRP D 83 7.96 45.83 -66.39
CA TRP D 83 8.17 44.87 -67.49
C TRP D 83 8.42 45.60 -68.80
N VAL D 84 7.56 46.56 -69.13
CA VAL D 84 7.74 47.33 -70.36
C VAL D 84 9.03 48.13 -70.32
N ALA D 85 9.32 48.77 -69.19
CA ALA D 85 10.52 49.59 -69.07
C ALA D 85 11.79 48.76 -69.22
N ALA D 86 11.74 47.47 -68.89
CA ALA D 86 12.88 46.59 -69.04
C ALA D 86 13.04 46.05 -70.47
N GLY D 87 12.16 46.42 -71.40
CA GLY D 87 12.31 46.05 -72.79
C GLY D 87 11.64 44.77 -73.24
N LYS D 88 10.87 44.10 -72.38
CA LYS D 88 10.19 42.88 -72.80
C LYS D 88 9.06 43.19 -73.78
N ARG D 89 8.93 42.35 -74.81
CA ARG D 89 8.00 42.61 -75.89
C ARG D 89 6.64 41.92 -75.71
N GLY D 90 6.60 40.77 -75.04
CA GLY D 90 5.34 40.10 -74.80
C GLY D 90 4.64 40.61 -73.56
N GLU D 91 3.53 39.96 -73.23
CA GLU D 91 2.89 40.25 -71.95
C GLU D 91 3.75 39.70 -70.81
N ALA D 92 3.45 40.16 -69.59
CA ALA D 92 4.29 39.83 -68.44
C ALA D 92 4.00 38.41 -67.98
N ILE D 93 4.97 37.51 -68.17
CA ILE D 93 4.84 36.10 -67.83
C ILE D 93 6.08 35.66 -67.07
N PRO D 94 5.95 34.94 -65.95
CA PRO D 94 7.14 34.44 -65.25
C PRO D 94 7.86 33.38 -66.07
N THR D 95 9.19 33.46 -66.06
CA THR D 95 10.05 32.48 -66.71
C THR D 95 10.86 31.65 -65.73
N PHE D 96 11.23 32.22 -64.58
CA PHE D 96 12.03 31.54 -63.57
C PHE D 96 11.36 31.69 -62.22
N TRP D 97 11.59 30.74 -61.33
CA TRP D 97 10.97 30.77 -60.01
C TRP D 97 11.90 30.11 -58.99
N VAL D 98 11.46 30.12 -57.74
CA VAL D 98 12.21 29.50 -56.66
C VAL D 98 12.05 27.99 -56.75
N GLY D 99 12.96 27.32 -57.44
CA GLY D 99 12.94 25.88 -57.49
C GLY D 99 13.33 25.25 -56.17
N ARG D 100 13.03 23.96 -56.06
CA ARG D 100 13.43 23.22 -54.87
C ARG D 100 14.95 23.27 -54.70
N GLY D 101 15.39 23.67 -53.51
CA GLY D 101 16.80 23.82 -53.23
C GLY D 101 17.36 25.22 -53.41
N MET D 102 16.54 26.16 -53.89
CA MET D 102 16.92 27.56 -53.99
C MET D 102 16.30 28.37 -52.86
N ARG D 103 16.77 29.61 -52.74
CA ARG D 103 16.38 30.48 -51.62
C ARG D 103 15.11 31.25 -51.95
N ALA D 104 14.17 31.28 -50.99
CA ALA D 104 13.00 32.15 -51.08
C ALA D 104 13.39 33.57 -50.71
N ARG D 105 14.11 34.20 -51.64
CA ARG D 105 14.67 35.54 -51.44
C ARG D 105 14.22 36.44 -52.58
N LEU D 106 13.68 37.60 -52.24
CA LEU D 106 13.17 38.55 -53.23
C LEU D 106 14.33 39.22 -53.95
N PRO D 107 14.47 39.06 -55.27
CA PRO D 107 15.54 39.75 -55.98
C PRO D 107 15.06 41.09 -56.54
N LYS D 108 15.95 41.83 -57.20
CA LYS D 108 15.61 43.15 -57.71
C LYS D 108 14.97 43.12 -59.09
N ASP D 109 15.43 42.22 -59.96
CA ASP D 109 15.01 42.23 -61.36
C ASP D 109 13.54 41.83 -61.50
N ILE D 110 12.89 42.39 -62.53
CA ILE D 110 11.45 42.19 -62.70
C ILE D 110 11.13 40.72 -62.96
N ASP D 111 12.00 40.02 -63.69
CA ASP D 111 11.78 38.60 -63.93
C ASP D 111 11.79 37.82 -62.62
N GLY D 112 12.80 38.09 -61.78
CA GLY D 112 12.88 37.42 -60.49
C GLY D 112 11.73 37.77 -59.57
N ARG D 113 11.26 39.02 -59.63
CA ARG D 113 10.09 39.38 -58.82
C ARG D 113 8.85 38.66 -59.31
N LEU D 114 8.68 38.56 -60.62
CA LEU D 114 7.58 37.78 -61.20
C LEU D 114 7.61 36.34 -60.70
N GLY D 115 8.78 35.71 -60.71
CA GLY D 115 8.86 34.33 -60.25
C GLY D 115 8.62 34.19 -58.77
N TYR D 116 9.17 35.10 -57.97
CA TYR D 116 8.98 35.07 -56.52
C TYR D 116 7.51 35.11 -56.15
N TYR D 117 6.72 35.91 -56.85
CA TYR D 117 5.34 36.20 -56.50
C TYR D 117 4.33 35.33 -57.24
N SER D 118 4.77 34.29 -57.94
CA SER D 118 3.86 33.50 -58.74
C SER D 118 3.98 32.01 -58.43
N LEU D 119 2.91 31.29 -58.73
CA LEU D 119 2.92 29.83 -58.68
C LEU D 119 2.70 29.20 -60.06
N GLY D 120 2.54 30.00 -61.11
CA GLY D 120 2.29 29.47 -62.43
C GLY D 120 2.53 30.53 -63.49
N ALA D 121 2.69 30.07 -64.73
CA ALA D 121 2.91 30.94 -65.87
C ALA D 121 1.68 31.05 -66.77
N ASP D 122 0.51 30.65 -66.26
CA ASP D 122 -0.73 30.68 -67.04
C ASP D 122 -1.47 32.01 -66.91
N THR D 123 -0.91 32.97 -66.17
CA THR D 123 -1.63 34.18 -65.79
C THR D 123 -0.80 35.41 -66.19
N SER D 124 -0.88 35.76 -67.47
CA SER D 124 -0.15 36.91 -67.98
C SER D 124 -0.66 38.20 -67.34
N ILE D 125 0.25 39.16 -67.15
CA ILE D 125 -0.06 40.48 -66.64
C ILE D 125 0.16 41.49 -67.75
N SER D 126 -0.81 42.38 -67.95
CA SER D 126 -0.69 43.46 -68.92
C SER D 126 -1.38 44.70 -68.33
N ASP D 127 -1.51 45.74 -69.17
CA ASP D 127 -2.13 46.98 -68.72
C ASP D 127 -3.59 46.75 -68.34
N GLY D 128 -3.98 47.32 -67.20
CA GLY D 128 -5.33 47.19 -66.69
C GLY D 128 -5.53 46.02 -65.74
N THR D 129 -4.55 45.13 -65.62
CA THR D 129 -4.68 44.01 -64.69
C THR D 129 -4.78 44.50 -63.25
N TRP D 130 -3.93 45.46 -62.87
CA TRP D 130 -3.99 46.07 -61.55
C TRP D 130 -5.38 46.66 -61.28
N GLU D 131 -5.88 47.49 -62.21
CA GLU D 131 -7.18 48.12 -62.03
C GLU D 131 -8.30 47.10 -61.93
N ALA D 132 -8.24 46.06 -62.78
CA ALA D 132 -9.29 45.05 -62.75
C ALA D 132 -9.27 44.27 -61.44
N ALA D 133 -8.08 43.90 -60.97
CA ALA D 133 -7.99 43.19 -59.69
C ALA D 133 -8.53 44.03 -58.55
N ARG D 134 -8.16 45.33 -58.52
CA ARG D 134 -8.68 46.22 -57.49
C ARG D 134 -10.20 46.29 -57.54
N ALA D 135 -10.75 46.45 -58.75
CA ALA D 135 -12.20 46.55 -58.89
C ALA D 135 -12.89 45.26 -58.46
N SER D 136 -12.27 44.11 -58.75
CA SER D 136 -12.86 42.83 -58.36
C SER D 136 -12.90 42.67 -56.85
N ALA D 137 -11.79 43.00 -56.18
CA ALA D 137 -11.79 43.00 -54.72
C ALA D 137 -12.87 43.92 -54.18
N ASN D 138 -13.05 45.10 -54.79
CA ASN D 138 -14.09 46.01 -54.34
C ASN D 138 -15.48 45.47 -54.60
N VAL D 139 -15.66 44.66 -55.67
CA VAL D 139 -16.93 43.99 -55.91
C VAL D 139 -17.24 43.05 -54.75
N ALA D 140 -16.26 42.24 -54.35
CA ALA D 140 -16.48 41.34 -53.22
C ALA D 140 -16.77 42.13 -51.93
N LEU D 141 -16.00 43.20 -51.69
CA LEU D 141 -16.19 43.98 -50.46
C LEU D 141 -17.56 44.67 -50.44
N THR D 142 -18.07 45.06 -51.61
CA THR D 142 -19.39 45.67 -51.67
C THR D 142 -20.48 44.63 -51.44
N ALA D 143 -20.32 43.40 -51.97
CA ALA D 143 -21.26 42.35 -51.63
C ALA D 143 -21.28 42.09 -50.13
N GLN D 144 -20.10 42.02 -49.51
CA GLN D 144 -20.01 41.86 -48.07
C GLN D 144 -20.71 43.01 -47.36
N LYS D 145 -20.53 44.23 -47.86
CA LYS D 145 -21.15 45.38 -47.23
C LYS D 145 -22.67 45.31 -47.32
N LEU D 146 -23.20 44.91 -48.48
CA LEU D 146 -24.64 44.72 -48.64
C LEU D 146 -25.16 43.70 -47.64
N VAL D 147 -24.43 42.61 -47.45
CA VAL D 147 -24.89 41.56 -46.53
C VAL D 147 -24.84 42.06 -45.09
N ALA D 148 -23.76 42.75 -44.71
CA ALA D 148 -23.59 43.21 -43.33
C ALA D 148 -24.68 44.21 -42.94
N GLU D 149 -25.26 44.93 -43.91
CA GLU D 149 -26.25 45.95 -43.63
C GLU D 149 -27.69 45.47 -43.76
N GLY D 150 -27.90 44.16 -43.95
CA GLY D 150 -29.26 43.64 -43.87
C GLY D 150 -29.66 42.60 -44.89
N GLU D 151 -28.94 42.53 -46.02
CA GLU D 151 -29.30 41.55 -47.05
C GLU D 151 -28.96 40.14 -46.60
N ARG D 152 -29.84 39.19 -46.92
CA ARG D 152 -29.54 37.79 -46.63
C ARG D 152 -28.33 37.32 -47.42
N ALA D 153 -28.21 37.75 -48.68
CA ALA D 153 -27.14 37.28 -49.53
C ALA D 153 -26.88 38.33 -50.62
N ALA D 154 -25.73 38.18 -51.27
CA ALA D 154 -25.36 39.06 -52.38
C ALA D 154 -24.39 38.33 -53.29
N PHE D 155 -24.46 38.65 -54.57
CA PHE D 155 -23.64 38.03 -55.61
C PHE D 155 -22.56 39.01 -56.03
N ALA D 156 -21.31 38.70 -55.71
CA ALA D 156 -20.16 39.49 -56.14
C ALA D 156 -19.68 38.89 -57.46
N LEU D 157 -20.06 39.51 -58.57
CA LEU D 157 -19.69 39.02 -59.90
C LEU D 157 -18.24 39.43 -60.19
N CYS D 158 -17.32 38.72 -59.53
CA CYS D 158 -15.90 39.05 -59.62
C CYS D 158 -15.30 38.55 -60.92
N ARG D 159 -14.47 39.39 -61.52
CA ARG D 159 -13.50 39.02 -62.56
C ARG D 159 -12.38 40.05 -62.55
N PRO D 160 -11.11 39.64 -62.38
CA PRO D 160 -10.62 38.25 -62.34
C PRO D 160 -11.01 37.49 -61.07
N PRO D 161 -10.93 36.15 -61.11
CA PRO D 161 -11.23 35.36 -59.90
C PRO D 161 -10.14 35.50 -58.86
N GLY D 162 -10.28 34.82 -57.71
CA GLY D 162 -9.34 35.07 -56.63
C GLY D 162 -8.85 33.92 -55.77
N HIS D 163 -9.54 32.77 -55.80
CA HIS D 163 -9.32 31.79 -54.74
C HIS D 163 -7.95 31.10 -54.80
N HIS D 164 -7.18 31.32 -55.86
CA HIS D 164 -5.84 30.74 -55.95
C HIS D 164 -4.75 31.63 -55.36
N ALA D 165 -5.06 32.89 -55.08
CA ALA D 165 -4.03 33.84 -54.67
C ALA D 165 -3.71 33.67 -53.19
N HIS D 166 -2.43 33.44 -52.89
CA HIS D 166 -1.97 33.45 -51.50
C HIS D 166 -1.84 34.91 -51.05
N ALA D 167 -1.34 35.11 -49.83
CA ALA D 167 -1.10 36.47 -49.35
C ALA D 167 -0.13 37.22 -50.26
N ASP D 168 0.80 36.50 -50.90
CA ASP D 168 1.78 37.15 -51.77
C ASP D 168 2.16 36.25 -52.93
N VAL D 169 1.20 35.49 -53.46
CA VAL D 169 1.41 34.65 -54.63
C VAL D 169 0.18 34.75 -55.53
N PHE D 170 0.40 34.99 -56.81
CA PHE D 170 -0.67 34.98 -57.80
C PHE D 170 -0.51 33.80 -58.76
N GLY D 171 -1.59 33.47 -59.43
CA GLY D 171 -1.59 32.39 -60.40
C GLY D 171 -2.97 31.82 -60.57
N GLY D 172 -3.11 30.95 -61.57
CA GLY D 172 -4.41 30.38 -61.87
C GLY D 172 -5.48 31.41 -62.13
N TYR D 173 -5.12 32.49 -62.84
CA TYR D 173 -6.00 33.59 -63.23
C TYR D 173 -6.37 34.50 -62.07
N CYS D 174 -5.75 34.34 -60.90
CA CYS D 174 -6.13 35.06 -59.70
C CYS D 174 -5.02 35.98 -59.24
N PHE D 175 -5.41 37.13 -58.66
CA PHE D 175 -4.45 38.11 -58.16
C PHE D 175 -4.74 38.49 -56.72
N PHE D 176 -5.97 38.92 -56.45
CA PHE D 176 -6.43 39.18 -55.09
C PHE D 176 -7.50 38.15 -54.74
N ASN D 177 -7.41 37.61 -53.53
CA ASN D 177 -8.34 36.56 -53.09
C ASN D 177 -9.60 37.22 -52.58
N ASN D 178 -10.55 37.45 -53.50
CA ASN D 178 -11.77 38.18 -53.18
C ASN D 178 -12.54 37.52 -52.04
N ALA D 179 -12.67 36.19 -52.08
CA ALA D 179 -13.40 35.49 -51.01
C ALA D 179 -12.73 35.68 -49.66
N ALA D 180 -11.40 35.55 -49.62
CA ALA D 180 -10.67 35.73 -48.37
C ALA D 180 -10.78 37.17 -47.87
N ILE D 181 -10.77 38.13 -48.79
CA ILE D 181 -10.92 39.53 -48.40
C ILE D 181 -12.30 39.78 -47.82
N ALA D 182 -13.33 39.18 -48.42
CA ALA D 182 -14.69 39.32 -47.87
C ALA D 182 -14.81 38.69 -46.49
N ALA D 183 -14.25 37.48 -46.33
CA ALA D 183 -14.29 36.82 -45.03
C ALA D 183 -13.58 37.66 -43.97
N GLN D 184 -12.39 38.17 -44.31
CA GLN D 184 -11.65 38.99 -43.36
C GLN D 184 -12.39 40.29 -43.04
N ALA D 185 -13.15 40.83 -44.00
CA ALA D 185 -13.98 41.98 -43.71
C ALA D 185 -15.07 41.63 -42.70
N PHE D 186 -15.73 40.48 -42.90
CA PHE D 186 -16.67 39.97 -41.92
C PHE D 186 -16.05 39.93 -40.52
N ARG D 187 -14.86 39.31 -40.42
CA ARG D 187 -14.18 39.23 -39.13
C ARG D 187 -13.92 40.62 -38.54
N ASP D 188 -13.41 41.54 -39.37
CA ASP D 188 -13.07 42.86 -38.89
C ASP D 188 -14.30 43.66 -38.46
N GLN D 189 -15.50 43.31 -38.94
CA GLN D 189 -16.71 44.02 -38.55
C GLN D 189 -17.46 43.36 -37.39
N GLY D 190 -16.85 42.41 -36.70
CA GLY D 190 -17.44 41.84 -35.51
C GLY D 190 -18.10 40.50 -35.68
N TYR D 191 -18.02 39.89 -36.85
CA TYR D 191 -18.51 38.52 -37.04
C TYR D 191 -17.48 37.56 -36.44
N GLY D 192 -17.89 36.80 -35.43
CA GLY D 192 -16.95 35.99 -34.69
C GLY D 192 -16.32 34.89 -35.53
N LYS D 193 -17.13 34.19 -36.31
CA LYS D 193 -16.66 33.05 -37.09
C LYS D 193 -17.19 33.17 -38.52
N VAL D 194 -16.34 32.80 -39.48
CA VAL D 194 -16.69 32.82 -40.89
C VAL D 194 -16.32 31.48 -41.50
N ALA D 195 -17.18 30.96 -42.37
CA ALA D 195 -16.86 29.78 -43.16
C ALA D 195 -16.73 30.18 -44.63
N VAL D 196 -15.72 29.65 -45.31
CA VAL D 196 -15.50 29.86 -46.73
C VAL D 196 -15.58 28.49 -47.40
N LEU D 197 -16.61 28.31 -48.22
CA LEU D 197 -16.87 27.05 -48.93
C LEU D 197 -16.54 27.24 -50.40
N ASP D 198 -15.63 26.42 -50.91
CA ASP D 198 -15.10 26.53 -52.27
C ASP D 198 -15.68 25.38 -53.09
N VAL D 199 -16.66 25.70 -53.93
CA VAL D 199 -17.29 24.72 -54.80
C VAL D 199 -16.76 24.78 -56.22
N ASP D 200 -15.79 25.66 -56.48
CA ASP D 200 -15.14 25.69 -57.79
C ASP D 200 -14.43 24.36 -58.03
N PHE D 201 -14.29 24.00 -59.31
CA PHE D 201 -13.70 22.70 -59.64
C PHE D 201 -12.29 22.56 -59.10
N HIS D 202 -11.56 23.67 -58.97
CA HIS D 202 -10.18 23.65 -58.52
C HIS D 202 -10.09 23.96 -57.04
N HIS D 203 -9.04 23.46 -56.40
CA HIS D 203 -8.82 23.69 -54.98
C HIS D 203 -8.59 25.17 -54.71
N GLY D 204 -9.23 25.68 -53.65
CA GLY D 204 -8.99 27.05 -53.23
C GLY D 204 -7.74 27.16 -52.38
N ASN D 205 -6.58 26.96 -53.01
CA ASN D 205 -5.32 26.86 -52.27
C ASN D 205 -4.93 28.19 -51.64
N GLY D 206 -5.22 29.31 -52.32
CA GLY D 206 -4.90 30.60 -51.73
C GLY D 206 -5.69 30.86 -50.46
N THR D 207 -6.99 30.57 -50.49
CA THR D 207 -7.82 30.74 -49.30
C THR D 207 -7.37 29.81 -48.19
N GLN D 208 -7.03 28.55 -48.53
CA GLN D 208 -6.51 27.62 -47.53
C GLN D 208 -5.25 28.18 -46.87
N ALA D 209 -4.33 28.71 -47.68
CA ALA D 209 -3.07 29.21 -47.16
C ALA D 209 -3.28 30.42 -46.26
N ILE D 210 -4.18 31.33 -46.66
CA ILE D 210 -4.34 32.58 -45.92
C ILE D 210 -4.79 32.32 -44.49
N PHE D 211 -5.70 31.34 -44.29
CA PHE D 211 -6.27 31.07 -42.98
C PHE D 211 -5.76 29.77 -42.38
N TYR D 212 -4.64 29.24 -42.85
CA TYR D 212 -4.27 27.87 -42.50
C TYR D 212 -4.01 27.68 -41.01
N ASP D 213 -3.47 28.69 -40.34
CA ASP D 213 -3.14 28.59 -38.93
C ASP D 213 -4.17 29.26 -38.02
N ARG D 214 -5.37 29.49 -38.52
CA ARG D 214 -6.41 30.20 -37.79
C ARG D 214 -7.63 29.32 -37.64
N SER D 215 -8.30 29.44 -36.48
CA SER D 215 -9.52 28.69 -36.21
C SER D 215 -10.77 29.55 -36.31
N ASP D 216 -10.64 30.86 -36.49
CA ASP D 216 -11.82 31.71 -36.61
C ASP D 216 -12.42 31.71 -38.01
N VAL D 217 -11.70 31.21 -39.01
CA VAL D 217 -12.19 31.13 -40.38
C VAL D 217 -12.00 29.69 -40.84
N LEU D 218 -13.10 28.96 -41.02
CA LEU D 218 -13.06 27.59 -41.50
C LEU D 218 -13.05 27.58 -43.03
N THR D 219 -12.10 26.87 -43.62
CA THR D 219 -11.96 26.82 -45.07
C THR D 219 -12.20 25.39 -45.56
N ILE D 220 -13.17 25.24 -46.45
CA ILE D 220 -13.51 23.94 -47.03
C ILE D 220 -13.46 24.05 -48.54
N SER D 221 -12.98 23.01 -49.21
CA SER D 221 -12.94 23.00 -50.66
C SER D 221 -13.31 21.63 -51.21
N LEU D 222 -14.20 21.61 -52.21
CA LEU D 222 -14.46 20.42 -53.03
C LEU D 222 -13.77 20.60 -54.37
N HIS D 223 -13.00 19.61 -54.81
CA HIS D 223 -12.26 19.84 -56.04
C HIS D 223 -11.80 18.54 -56.67
N GLY D 224 -11.39 18.66 -57.94
CA GLY D 224 -10.73 17.55 -58.60
C GLY D 224 -9.38 17.25 -57.98
N ASP D 225 -9.00 15.98 -58.05
CA ASP D 225 -7.81 15.46 -57.39
C ASP D 225 -6.57 16.24 -57.86
N PRO D 226 -5.88 16.94 -56.97
CA PRO D 226 -4.69 17.71 -57.40
C PRO D 226 -3.55 16.83 -57.88
N ASP D 227 -3.57 15.53 -57.57
CA ASP D 227 -2.65 14.61 -58.24
C ASP D 227 -2.84 14.67 -59.74
N LEU D 228 -4.04 15.04 -60.18
CA LEU D 228 -4.43 15.06 -61.59
C LEU D 228 -4.48 16.46 -62.19
N VAL D 229 -4.91 17.48 -61.44
CA VAL D 229 -5.21 18.79 -61.98
C VAL D 229 -4.57 19.89 -61.14
N PHE D 230 -4.53 21.08 -61.74
CA PHE D 230 -4.14 22.29 -61.03
C PHE D 230 -4.95 22.41 -59.74
N PRO D 231 -4.33 22.85 -58.63
CA PRO D 231 -2.95 23.36 -58.49
C PRO D 231 -1.86 22.34 -58.15
N HIS D 232 -2.19 21.04 -58.13
CA HIS D 232 -1.21 19.96 -58.05
C HIS D 232 -0.47 19.85 -56.70
N PHE D 233 -0.10 20.98 -56.09
CA PHE D 233 0.79 20.96 -54.94
C PHE D 233 0.10 21.40 -53.64
N LEU D 234 -1.21 21.58 -53.67
CA LEU D 234 -2.02 21.75 -52.46
C LEU D 234 -3.40 21.19 -52.76
N GLY D 235 -4.18 20.96 -51.71
CA GLY D 235 -5.54 20.47 -51.87
C GLY D 235 -5.76 19.03 -51.52
N PHE D 236 -4.76 18.34 -51.00
CA PHE D 236 -4.88 16.93 -50.66
C PHE D 236 -5.64 16.78 -49.33
N GLU D 237 -6.29 15.63 -49.17
CA GLU D 237 -7.20 15.44 -48.04
C GLU D 237 -6.49 15.44 -46.70
N ASP D 238 -5.17 15.27 -46.67
CA ASP D 238 -4.41 15.28 -45.41
C ASP D 238 -4.01 16.69 -44.97
N GLU D 239 -4.41 17.73 -45.68
CA GLU D 239 -4.12 19.10 -45.28
C GLU D 239 -5.27 19.61 -44.42
N THR D 240 -5.09 19.51 -43.09
CA THR D 240 -6.15 19.82 -42.13
C THR D 240 -5.85 21.06 -41.29
N GLY D 241 -4.78 21.78 -41.58
CA GLY D 241 -4.43 22.97 -40.83
C GLY D 241 -3.12 22.82 -40.09
N GLU D 242 -2.77 23.88 -39.37
CA GLU D 242 -1.55 23.89 -38.55
C GLU D 242 -1.80 24.79 -37.35
N GLY D 243 -1.18 24.44 -36.23
CA GLY D 243 -1.33 25.24 -35.02
C GLY D 243 -2.77 25.26 -34.56
N ASP D 244 -3.26 26.47 -34.25
CA ASP D 244 -4.66 26.63 -33.89
C ASP D 244 -5.60 26.28 -35.04
N GLY D 245 -5.12 26.32 -36.28
CA GLY D 245 -5.97 25.96 -37.40
C GLY D 245 -6.11 24.48 -37.65
N GLU D 246 -5.52 23.65 -36.79
CA GLU D 246 -5.65 22.21 -36.93
C GLU D 246 -7.12 21.80 -36.88
N ALA D 247 -7.55 21.06 -37.89
CA ALA D 247 -8.93 20.60 -38.07
C ALA D 247 -9.89 21.72 -38.46
N TYR D 248 -9.36 22.86 -38.94
CA TYR D 248 -10.20 23.94 -39.44
C TYR D 248 -9.96 24.21 -40.92
N ASN D 249 -9.43 23.21 -41.64
CA ASN D 249 -9.40 23.21 -43.10
C ASN D 249 -9.80 21.81 -43.56
N LEU D 250 -10.64 21.73 -44.59
CA LEU D 250 -11.15 20.44 -45.05
C LEU D 250 -11.12 20.40 -46.57
N ASN D 251 -10.36 19.44 -47.11
CA ASN D 251 -10.28 19.20 -48.54
C ASN D 251 -11.02 17.91 -48.90
N ILE D 252 -11.90 18.00 -49.89
CA ILE D 252 -12.68 16.86 -50.37
C ILE D 252 -12.40 16.71 -51.87
N VAL D 253 -11.79 15.58 -52.22
CA VAL D 253 -11.21 15.36 -53.55
C VAL D 253 -12.08 14.39 -54.32
N PHE D 254 -12.21 14.61 -55.63
CA PHE D 254 -13.00 13.72 -56.50
C PHE D 254 -12.22 13.36 -57.76
N PRO D 255 -12.48 12.19 -58.32
CA PRO D 255 -11.76 11.76 -59.53
C PRO D 255 -12.49 12.20 -60.78
N PRO D 256 -11.93 11.93 -61.97
CA PRO D 256 -12.63 12.27 -63.21
C PRO D 256 -14.00 11.62 -63.32
N ASP D 257 -14.88 12.30 -64.06
CA ASP D 257 -16.23 11.85 -64.42
C ASP D 257 -17.20 11.88 -63.24
N THR D 258 -16.83 12.51 -62.13
CA THR D 258 -17.69 12.57 -60.96
C THR D 258 -18.97 13.33 -61.27
N PRO D 259 -20.16 12.74 -61.06
CA PRO D 259 -21.40 13.47 -61.31
C PRO D 259 -21.95 14.11 -60.05
N PHE D 260 -23.08 14.82 -60.16
CA PHE D 260 -23.65 15.50 -59.00
C PHE D 260 -24.06 14.53 -57.92
N SER D 261 -24.48 13.32 -58.29
CA SER D 261 -24.93 12.34 -57.30
C SER D 261 -23.81 11.96 -56.32
N ILE D 262 -22.56 12.02 -56.77
CA ILE D 262 -21.42 11.73 -55.90
C ILE D 262 -20.86 13.00 -55.27
N TRP D 263 -20.76 14.06 -56.08
CA TRP D 263 -20.24 15.34 -55.59
C TRP D 263 -21.08 15.88 -54.43
N SER D 264 -22.40 15.72 -54.50
CA SER D 264 -23.29 16.23 -53.46
C SER D 264 -23.12 15.52 -52.13
N GLN D 265 -22.53 14.31 -52.13
CA GLN D 265 -22.18 13.68 -50.87
C GLN D 265 -21.04 14.43 -50.19
N GLY D 266 -20.02 14.82 -50.97
CA GLY D 266 -19.00 15.71 -50.43
C GLY D 266 -19.57 17.05 -49.99
N LEU D 267 -20.49 17.61 -50.77
CA LEU D 267 -21.14 18.85 -50.37
C LEU D 267 -21.88 18.68 -49.04
N GLU D 268 -22.55 17.55 -48.86
CA GLU D 268 -23.24 17.28 -47.60
C GLU D 268 -22.27 17.19 -46.43
N LYS D 269 -21.13 16.52 -46.65
CA LYS D 269 -20.10 16.47 -45.60
C LYS D 269 -19.62 17.88 -45.24
N ALA D 270 -19.37 18.71 -46.26
CA ALA D 270 -18.96 20.09 -46.01
C ALA D 270 -20.02 20.85 -45.22
N CYS D 271 -21.29 20.66 -45.57
CA CYS D 271 -22.36 21.36 -44.88
C CYS D 271 -22.47 20.92 -43.43
N GLU D 272 -22.26 19.63 -43.16
CA GLU D 272 -22.25 19.16 -41.78
C GLU D 272 -21.10 19.77 -41.00
N ARG D 273 -19.90 19.80 -41.60
CA ARG D 273 -18.77 20.45 -40.95
C ARG D 273 -19.06 21.91 -40.64
N ILE D 274 -19.79 22.60 -41.52
CA ILE D 274 -20.13 23.99 -41.29
C ILE D 274 -21.15 24.12 -40.17
N ARG D 275 -22.16 23.24 -40.15
CA ARG D 275 -23.14 23.25 -39.08
C ARG D 275 -22.48 23.06 -37.72
N THR D 276 -21.52 22.13 -37.64
CA THR D 276 -20.80 21.95 -36.38
C THR D 276 -19.94 23.17 -36.07
N PHE D 277 -19.35 23.78 -37.10
CA PHE D 277 -18.60 25.01 -36.89
C PHE D 277 -19.51 26.15 -36.43
N ALA D 278 -20.73 26.20 -36.97
CA ALA D 278 -21.75 27.20 -36.66
C ALA D 278 -21.21 28.61 -36.84
N PRO D 279 -20.88 29.02 -38.07
CA PRO D 279 -20.30 30.34 -38.28
C PRO D 279 -21.35 31.44 -38.23
N ASP D 280 -20.86 32.68 -38.15
CA ASP D 280 -21.72 33.85 -38.21
C ASP D 280 -21.92 34.37 -39.62
N ALA D 281 -21.07 33.95 -40.56
CA ALA D 281 -21.18 34.38 -41.95
C ALA D 281 -20.56 33.34 -42.85
N LEU D 282 -21.05 33.30 -44.09
CA LEU D 282 -20.61 32.31 -45.08
C LEU D 282 -20.20 33.02 -46.36
N VAL D 283 -19.03 32.66 -46.88
CA VAL D 283 -18.58 33.09 -48.19
C VAL D 283 -18.43 31.85 -49.05
N VAL D 284 -19.13 31.82 -50.18
CA VAL D 284 -19.07 30.70 -51.11
C VAL D 284 -18.31 31.17 -52.33
N ALA D 285 -17.11 30.61 -52.52
CA ALA D 285 -16.33 30.85 -53.74
C ALA D 285 -16.90 29.97 -54.84
N LEU D 286 -17.73 30.56 -55.70
CA LEU D 286 -18.52 29.81 -56.66
C LEU D 286 -17.81 29.73 -58.00
N GLY D 287 -17.49 28.52 -58.43
CA GLY D 287 -17.06 28.25 -59.79
C GLY D 287 -18.02 27.29 -60.44
N VAL D 288 -18.36 27.56 -61.70
CA VAL D 288 -19.21 26.66 -62.47
C VAL D 288 -18.39 25.86 -63.49
N ASP D 289 -17.08 25.72 -63.27
CA ASP D 289 -16.27 24.80 -64.05
C ASP D 289 -16.47 23.34 -63.65
N THR D 290 -17.33 23.06 -62.66
CA THR D 290 -17.78 21.70 -62.42
C THR D 290 -18.77 21.23 -63.48
N PHE D 291 -19.08 22.08 -64.45
CA PHE D 291 -20.09 21.81 -65.46
C PHE D 291 -19.63 20.68 -66.40
N GLU D 292 -20.61 19.90 -66.87
CA GLU D 292 -20.30 18.74 -67.72
C GLU D 292 -19.67 19.13 -69.05
N GLU D 293 -19.73 20.40 -69.45
CA GLU D 293 -19.16 20.86 -70.70
C GLU D 293 -18.00 21.82 -70.51
N ASP D 294 -17.44 21.88 -69.30
CA ASP D 294 -16.33 22.81 -69.07
C ASP D 294 -15.09 22.30 -69.81
N PRO D 295 -14.40 23.16 -70.56
CA PRO D 295 -13.33 22.68 -71.44
C PRO D 295 -12.01 22.35 -70.75
N ILE D 296 -11.86 22.63 -69.45
CA ILE D 296 -10.58 22.34 -68.80
C ILE D 296 -10.77 21.56 -67.50
N SER D 297 -11.97 21.00 -67.29
CA SER D 297 -12.29 20.29 -66.05
C SER D 297 -12.99 18.98 -66.37
N PHE D 298 -13.13 18.10 -65.36
CA PHE D 298 -13.68 16.77 -65.64
C PHE D 298 -14.82 16.36 -64.70
N PHE D 299 -15.56 17.30 -64.13
CA PHE D 299 -16.80 16.90 -63.44
C PHE D 299 -17.98 16.96 -64.42
N LYS D 300 -19.11 16.40 -63.98
CA LYS D 300 -20.27 16.23 -64.87
C LYS D 300 -21.56 16.74 -64.23
N LEU D 301 -21.52 17.95 -63.65
CA LEU D 301 -22.75 18.55 -63.18
C LEU D 301 -23.58 19.09 -64.33
N THR D 302 -24.90 19.02 -64.18
CA THR D 302 -25.81 19.60 -65.15
C THR D 302 -26.18 21.03 -64.75
N SER D 303 -26.90 21.71 -65.63
CA SER D 303 -27.32 23.08 -65.33
C SER D 303 -28.34 23.12 -64.19
N GLY D 304 -29.25 22.14 -64.14
CA GLY D 304 -30.19 22.07 -63.03
C GLY D 304 -29.52 21.74 -61.71
N ASP D 305 -28.39 21.04 -61.76
CA ASP D 305 -27.64 20.73 -60.55
C ASP D 305 -27.23 22.00 -59.81
N TYR D 306 -27.04 23.10 -60.54
CA TYR D 306 -26.68 24.35 -59.88
C TYR D 306 -27.88 24.95 -59.15
N LEU D 307 -29.10 24.72 -59.64
CA LEU D 307 -30.29 25.03 -58.86
C LEU D 307 -30.30 24.23 -57.56
N LYS D 308 -30.03 22.92 -57.66
CA LYS D 308 -29.97 22.11 -56.45
C LYS D 308 -28.90 22.64 -55.48
N LEU D 309 -27.74 23.02 -56.02
CA LEU D 309 -26.66 23.54 -55.17
C LEU D 309 -27.08 24.81 -54.46
N GLY D 310 -27.69 25.75 -55.18
CA GLY D 310 -28.15 26.97 -54.55
C GLY D 310 -29.15 26.70 -53.44
N LYS D 311 -30.10 25.79 -53.68
CA LYS D 311 -31.05 25.43 -52.63
C LYS D 311 -30.33 24.88 -51.39
N ARG D 312 -29.44 23.92 -51.59
CA ARG D 312 -28.73 23.33 -50.46
C ARG D 312 -27.93 24.38 -49.70
N LEU D 313 -27.32 25.33 -50.42
CA LEU D 313 -26.57 26.37 -49.75
C LEU D 313 -27.48 27.27 -48.93
N GLU D 314 -28.66 27.61 -49.46
CA GLU D 314 -29.59 28.43 -48.69
C GLU D 314 -30.02 27.70 -47.42
N GLN D 315 -30.18 26.38 -47.49
CA GLN D 315 -30.63 25.65 -46.30
C GLN D 315 -29.68 25.75 -45.13
N LEU D 316 -28.45 26.23 -45.34
CA LEU D 316 -27.55 26.45 -44.22
C LEU D 316 -28.01 27.60 -43.33
N GLY D 317 -28.84 28.50 -43.84
CA GLY D 317 -29.38 29.58 -43.03
C GLY D 317 -28.38 30.61 -42.59
N LEU D 318 -27.45 31.00 -43.45
CA LEU D 318 -26.41 31.93 -43.07
C LEU D 318 -26.44 33.16 -43.97
N PRO D 319 -25.98 34.31 -43.47
CA PRO D 319 -25.69 35.44 -44.38
C PRO D 319 -24.56 35.06 -45.32
N THR D 320 -24.79 35.17 -46.62
CA THR D 320 -23.93 34.50 -47.60
C THR D 320 -23.48 35.46 -48.68
N VAL D 321 -22.18 35.49 -48.93
CA VAL D 321 -21.59 36.22 -50.04
C VAL D 321 -21.05 35.19 -51.04
N PHE D 322 -21.50 35.28 -52.29
CA PHE D 322 -20.96 34.48 -53.38
C PHE D 322 -19.92 35.31 -54.12
N THR D 323 -18.74 34.76 -54.32
CA THR D 323 -17.73 35.38 -55.17
C THR D 323 -17.54 34.54 -56.41
N MET D 324 -17.75 35.12 -57.60
CA MET D 324 -17.55 34.31 -58.80
C MET D 324 -16.09 33.96 -59.01
N GLU D 325 -15.83 32.67 -59.20
CA GLU D 325 -14.49 32.20 -59.54
C GLU D 325 -14.45 31.71 -60.99
N GLY D 326 -14.27 30.40 -61.20
CA GLY D 326 -14.04 29.85 -62.51
C GLY D 326 -15.31 29.41 -63.21
N GLY D 327 -15.12 28.74 -64.36
CA GLY D 327 -16.22 28.36 -65.22
C GLY D 327 -16.00 28.90 -66.62
N TYR D 328 -15.83 28.02 -67.62
CA TYR D 328 -15.28 28.46 -68.90
C TYR D 328 -16.06 28.03 -70.14
N ASP D 329 -17.15 27.28 -70.01
CA ASP D 329 -18.08 27.13 -71.12
C ASP D 329 -18.96 28.38 -71.13
N VAL D 330 -18.58 29.37 -71.94
CA VAL D 330 -19.25 30.66 -71.91
C VAL D 330 -20.70 30.52 -72.35
N ASP D 331 -20.99 29.55 -73.21
CA ASP D 331 -22.37 29.33 -73.66
C ASP D 331 -23.33 29.21 -72.48
N ALA D 332 -22.93 28.50 -71.43
CA ALA D 332 -23.81 28.20 -70.31
C ALA D 332 -23.40 28.86 -69.00
N ILE D 333 -22.33 29.67 -68.98
CA ILE D 333 -21.82 30.19 -67.72
C ILE D 333 -22.87 31.05 -67.02
N GLY D 334 -23.62 31.84 -67.79
CA GLY D 334 -24.66 32.67 -67.18
C GLY D 334 -25.79 31.85 -66.62
N VAL D 335 -26.29 30.89 -67.41
CA VAL D 335 -27.34 29.98 -66.94
C VAL D 335 -26.91 29.29 -65.67
N ASN D 336 -25.66 28.81 -65.63
CA ASN D 336 -25.20 28.02 -64.49
C ASN D 336 -25.09 28.88 -63.23
N ALA D 337 -24.35 29.98 -63.30
CA ALA D 337 -24.13 30.81 -62.11
C ALA D 337 -25.45 31.41 -61.61
N VAL D 338 -26.22 32.03 -62.51
CA VAL D 338 -27.50 32.58 -62.10
C VAL D 338 -28.41 31.46 -61.60
N ASN D 339 -28.26 30.25 -62.14
CA ASN D 339 -29.01 29.11 -61.62
C ASN D 339 -28.68 28.86 -60.15
N VAL D 340 -27.40 29.00 -59.78
CA VAL D 340 -27.07 28.89 -58.35
C VAL D 340 -27.80 29.97 -57.56
N MET D 341 -27.77 31.21 -58.05
CA MET D 341 -28.42 32.30 -57.31
C MET D 341 -29.93 32.07 -57.16
N GLN D 342 -30.59 31.65 -58.24
CA GLN D 342 -32.04 31.47 -58.21
C GLN D 342 -32.42 30.26 -57.36
N GLY D 343 -31.61 29.20 -57.40
CA GLY D 343 -31.84 28.08 -56.51
C GLY D 343 -31.73 28.50 -55.05
N PHE D 344 -30.78 29.40 -54.75
CA PHE D 344 -30.73 29.97 -53.41
C PHE D 344 -32.02 30.70 -53.09
N GLU D 345 -32.57 31.43 -54.05
CA GLU D 345 -33.79 32.21 -53.86
C GLU D 345 -35.07 31.37 -53.94
N GLY D 346 -34.98 30.07 -54.14
CA GLY D 346 -36.14 29.20 -54.08
C GLY D 346 -36.68 28.66 -55.39
N LYS D 347 -35.98 28.85 -56.51
CA LYS D 347 -36.45 28.33 -57.79
C LYS D 347 -36.12 26.86 -57.92
N SER D 348 -37.11 26.05 -58.28
CA SER D 348 -36.93 24.61 -58.43
C SER D 348 -36.65 24.25 -59.89
N SER E 5 29.85 -10.36 60.83
CA SER E 5 30.49 -10.94 59.66
C SER E 5 31.99 -11.10 59.94
N MET E 6 32.76 -11.50 58.94
CA MET E 6 34.21 -11.52 59.05
C MET E 6 34.80 -10.38 58.25
N LYS E 7 35.69 -9.62 58.87
CA LYS E 7 36.35 -8.50 58.24
C LYS E 7 37.60 -8.97 57.49
N THR E 8 37.91 -8.28 56.41
CA THR E 8 39.09 -8.57 55.61
C THR E 8 39.95 -7.32 55.58
N VAL E 9 41.25 -7.50 55.82
CA VAL E 9 42.22 -6.41 55.71
C VAL E 9 42.96 -6.58 54.40
N PHE E 10 43.03 -5.49 53.62
CA PHE E 10 43.66 -5.51 52.31
C PHE E 10 44.38 -4.20 52.10
N SER E 11 45.61 -4.28 51.57
CA SER E 11 46.39 -3.11 51.24
C SER E 11 46.66 -3.09 49.74
N PRO E 12 46.34 -1.99 49.04
CA PRO E 12 46.74 -1.90 47.63
C PRO E 12 48.24 -1.81 47.42
N LEU E 13 49.02 -1.51 48.47
CA LEU E 13 50.46 -1.41 48.33
C LEU E 13 51.09 -2.75 47.96
N HIS E 14 50.34 -3.85 48.06
CA HIS E 14 50.84 -5.13 47.55
C HIS E 14 51.26 -5.01 46.09
N SER E 15 50.59 -4.14 45.32
CA SER E 15 50.93 -4.01 43.91
C SER E 15 52.32 -3.42 43.70
N ARG E 16 52.93 -2.83 44.74
CA ARG E 16 54.31 -2.35 44.59
C ARG E 16 55.28 -3.50 44.34
N ARG E 17 54.94 -4.71 44.78
CA ARG E 17 55.69 -5.91 44.42
C ARG E 17 55.13 -6.45 43.12
N HIS E 18 55.87 -6.25 42.02
CA HIS E 18 55.41 -6.74 40.74
C HIS E 18 56.68 -7.05 39.95
N VAL E 19 57.35 -8.15 40.32
CA VAL E 19 58.60 -8.52 39.67
C VAL E 19 58.31 -9.21 38.34
N LYS E 20 59.29 -9.16 37.45
CA LYS E 20 59.13 -9.72 36.12
C LYS E 20 59.72 -11.11 35.94
N THR E 21 60.64 -11.53 36.81
CA THR E 21 61.36 -12.78 36.61
C THR E 21 61.29 -13.67 37.84
N GLU E 22 61.20 -14.98 37.59
CA GLU E 22 61.33 -16.00 38.62
C GLU E 22 62.13 -17.15 38.04
N LEU E 23 63.21 -17.53 38.73
CA LEU E 23 63.99 -18.69 38.31
C LEU E 23 63.17 -19.96 38.57
N ASP E 24 62.91 -20.73 37.51
CA ASP E 24 62.14 -21.95 37.61
C ASP E 24 62.55 -22.87 36.48
N GLY E 25 62.95 -24.10 36.81
CA GLY E 25 63.34 -25.06 35.79
C GLY E 25 64.44 -24.58 34.88
N GLY E 26 65.37 -23.79 35.40
CA GLY E 26 66.45 -23.27 34.59
C GLY E 26 66.10 -22.10 33.70
N LEU E 27 64.89 -21.56 33.80
CA LEU E 27 64.49 -20.42 32.98
C LEU E 27 64.00 -19.29 33.87
N LEU E 28 64.05 -18.08 33.34
CA LEU E 28 63.45 -16.92 34.00
C LEU E 28 62.04 -16.75 33.43
N ILE E 29 61.04 -17.12 34.23
CA ILE E 29 59.66 -17.14 33.77
C ILE E 29 58.88 -16.04 34.48
N GLU E 30 57.67 -15.80 34.00
CA GLU E 30 56.76 -14.90 34.68
C GLU E 30 56.41 -15.45 36.05
N PRO E 31 56.51 -14.65 37.12
CA PRO E 31 56.35 -15.20 38.48
C PRO E 31 54.97 -15.75 38.74
N HIS E 32 54.93 -16.87 39.49
CA HIS E 32 53.66 -17.45 39.94
C HIS E 32 52.94 -16.53 40.93
N GLU E 33 53.68 -15.83 41.78
CA GLU E 33 53.11 -15.02 42.85
C GLU E 33 52.86 -13.61 42.32
N LYS E 34 51.77 -13.47 41.55
CA LYS E 34 51.42 -12.25 40.83
C LYS E 34 50.29 -11.48 41.52
N PRO E 35 50.19 -10.17 41.27
CA PRO E 35 49.18 -9.35 41.99
C PRO E 35 47.74 -9.74 41.70
N SER E 36 47.45 -10.37 40.56
CA SER E 36 46.08 -10.77 40.27
C SER E 36 45.56 -11.80 41.28
N ARG E 37 46.44 -12.49 41.99
CA ARG E 37 46.02 -13.35 43.10
C ARG E 37 45.24 -12.54 44.14
N ALA E 38 45.89 -11.51 44.69
CA ALA E 38 45.26 -10.71 45.73
C ALA E 38 44.06 -9.95 45.18
N GLU E 39 44.16 -9.44 43.95
CA GLU E 39 43.02 -8.71 43.40
C GLU E 39 41.82 -9.63 43.19
N THR E 40 42.07 -10.87 42.77
CA THR E 40 40.97 -11.79 42.53
C THR E 40 40.30 -12.20 43.84
N ILE E 41 41.10 -12.47 44.88
CA ILE E 41 40.53 -12.77 46.19
C ILE E 41 39.69 -11.59 46.68
N LEU E 42 40.22 -10.36 46.53
CA LEU E 42 39.47 -9.20 46.97
C LEU E 42 38.15 -9.07 46.24
N ALA E 43 38.16 -9.28 44.92
CA ALA E 43 36.92 -9.21 44.13
C ALA E 43 35.91 -10.24 44.63
N ARG E 44 36.36 -11.45 44.95
CA ARG E 44 35.42 -12.44 45.47
C ARG E 44 34.88 -12.04 46.86
N VAL E 45 35.74 -11.46 47.70
CA VAL E 45 35.29 -10.97 49.00
C VAL E 45 34.18 -9.95 48.83
N LYS E 46 34.34 -9.03 47.88
CA LYS E 46 33.30 -8.03 47.63
C LYS E 46 32.03 -8.67 47.07
N ASP E 47 32.17 -9.55 46.08
CA ASP E 47 31.02 -10.13 45.41
C ASP E 47 30.20 -11.03 46.35
N GLN E 48 30.85 -11.64 47.33
CA GLN E 48 30.15 -12.48 48.29
C GLN E 48 29.68 -11.69 49.52
N ALA E 49 30.02 -10.40 49.60
CA ALA E 49 29.65 -9.55 50.73
C ALA E 49 30.05 -10.20 52.06
N LEU E 50 31.28 -10.72 52.09
CA LEU E 50 31.79 -11.42 53.26
C LEU E 50 31.72 -10.54 54.50
N GLY E 51 32.04 -9.26 54.35
CA GLY E 51 32.04 -8.34 55.47
C GLY E 51 32.80 -7.08 55.12
N GLU E 52 33.00 -6.24 56.13
CA GLU E 52 33.69 -4.98 55.93
C GLU E 52 35.12 -5.22 55.48
N ILE E 53 35.61 -4.37 54.59
CA ILE E 53 36.99 -4.42 54.10
C ILE E 53 37.73 -3.19 54.59
N LEU E 54 38.91 -3.41 55.17
CA LEU E 54 39.68 -2.34 55.80
C LEU E 54 41.10 -2.32 55.28
N GLU E 55 41.67 -1.12 55.23
CA GLU E 55 43.09 -0.93 54.99
C GLU E 55 43.86 -1.11 56.28
N PRO E 56 45.15 -1.45 56.20
CA PRO E 56 45.92 -1.68 57.43
C PRO E 56 46.35 -0.38 58.08
N GLU E 57 46.61 -0.48 59.38
CA GLU E 57 47.28 0.57 60.12
C GLU E 57 48.79 0.38 60.00
N GLU E 58 49.54 1.47 60.19
CA GLU E 58 51.00 1.41 60.19
C GLU E 58 51.48 1.14 61.62
N PHE E 59 52.07 -0.03 61.84
CA PHE E 59 52.57 -0.41 63.15
C PHE E 59 54.05 -0.15 63.34
N GLY E 60 54.78 0.23 62.29
CA GLY E 60 56.21 0.42 62.38
C GLY E 60 56.94 -0.91 62.41
N LEU E 61 58.26 -0.81 62.59
CA LEU E 61 59.13 -1.99 62.53
C LEU E 61 59.19 -2.76 63.85
N GLY E 62 58.68 -2.19 64.95
CA GLY E 62 58.72 -2.83 66.24
C GLY E 62 58.21 -4.26 66.26
N PRO E 63 56.92 -4.46 65.94
CA PRO E 63 56.37 -5.82 65.93
C PRO E 63 57.04 -6.73 64.91
N VAL E 64 57.55 -6.18 63.81
CA VAL E 64 58.28 -6.99 62.84
C VAL E 64 59.58 -7.50 63.45
N LYS E 65 60.29 -6.64 64.19
CA LYS E 65 61.56 -7.02 64.80
C LYS E 65 61.40 -7.89 66.04
N ARG E 66 60.17 -8.09 66.51
CA ARG E 66 59.93 -9.11 67.54
C ARG E 66 60.18 -10.51 66.99
N VAL E 67 60.22 -10.66 65.66
CA VAL E 67 60.38 -11.94 65.00
C VAL E 67 61.61 -12.00 64.12
N HIS E 68 61.92 -10.91 63.41
CA HIS E 68 63.04 -10.86 62.49
C HIS E 68 64.19 -10.04 63.07
N THR E 69 65.41 -10.37 62.65
CA THR E 69 66.59 -9.69 63.15
C THR E 69 66.73 -8.29 62.52
N ALA E 70 67.42 -7.41 63.25
CA ALA E 70 67.62 -6.04 62.77
C ALA E 70 68.44 -6.00 61.48
N ASP E 71 69.52 -6.80 61.42
CA ASP E 71 70.34 -6.83 60.20
C ASP E 71 69.52 -7.26 59.00
N TYR E 72 68.63 -8.24 59.19
CA TYR E 72 67.84 -8.74 58.08
C TYR E 72 66.85 -7.69 57.58
N VAL E 73 66.19 -7.00 58.50
CA VAL E 73 65.23 -5.96 58.10
C VAL E 73 65.95 -4.83 57.36
N SER E 74 67.10 -4.40 57.89
CA SER E 74 67.89 -3.37 57.20
C SER E 74 68.28 -3.85 55.80
N PHE E 75 68.78 -5.09 55.69
CA PHE E 75 69.14 -5.64 54.39
C PHE E 75 67.97 -5.58 53.43
N LEU E 76 66.78 -5.97 53.88
CA LEU E 76 65.62 -5.92 52.99
C LEU E 76 65.28 -4.49 52.59
N GLU E 77 65.55 -3.52 53.45
CA GLU E 77 65.26 -2.14 53.05
C GLU E 77 66.25 -1.64 51.99
N THR E 78 67.52 -2.00 52.11
CA THR E 78 68.54 -1.43 51.22
C THR E 78 68.92 -2.30 50.03
N CYS E 79 68.39 -3.53 49.95
CA CYS E 79 68.94 -4.53 49.04
C CYS E 79 68.87 -4.07 47.59
N TRP E 80 67.70 -3.61 47.15
CA TRP E 80 67.55 -3.18 45.76
C TRP E 80 68.48 -2.02 45.43
N ASP E 81 68.58 -1.05 46.34
CA ASP E 81 69.47 0.08 46.12
C ASP E 81 70.92 -0.38 45.98
N GLU E 82 71.38 -1.29 46.84
CA GLU E 82 72.74 -1.78 46.74
C GLU E 82 72.95 -2.55 45.43
N TRP E 83 71.94 -3.33 45.04
CA TRP E 83 72.01 -4.11 43.80
C TRP E 83 72.17 -3.19 42.58
N VAL E 84 71.33 -2.16 42.49
CA VAL E 84 71.43 -1.22 41.38
C VAL E 84 72.77 -0.48 41.42
N ALA E 85 73.20 -0.06 42.62
CA ALA E 85 74.45 0.69 42.75
C ALA E 85 75.66 -0.16 42.37
N ALA E 86 75.57 -1.48 42.50
CA ALA E 86 76.67 -2.36 42.14
C ALA E 86 76.74 -2.65 40.65
N GLY E 87 75.84 -2.10 39.84
CA GLY E 87 75.91 -2.28 38.41
C GLY E 87 75.16 -3.47 37.87
N LYS E 88 74.38 -4.15 38.72
CA LYS E 88 73.62 -5.32 38.29
C LYS E 88 72.50 -4.89 37.36
N ARG E 89 72.26 -5.67 36.30
CA ARG E 89 71.31 -5.30 35.28
C ARG E 89 69.94 -5.95 35.43
N GLY E 90 69.86 -7.16 35.96
CA GLY E 90 68.60 -7.81 36.20
C GLY E 90 68.02 -7.45 37.55
N GLU E 91 66.91 -8.12 37.89
CA GLU E 91 66.39 -8.01 39.24
C GLU E 91 67.32 -8.72 40.22
N ALA E 92 67.12 -8.43 41.51
CA ALA E 92 68.03 -8.93 42.54
C ALA E 92 67.73 -10.39 42.80
N ILE E 93 68.68 -11.26 42.42
CA ILE E 93 68.54 -12.71 42.59
C ILE E 93 69.82 -13.26 43.17
N PRO E 94 69.77 -14.11 44.19
CA PRO E 94 70.99 -14.74 44.71
C PRO E 94 71.60 -15.69 43.69
N THR E 95 72.93 -15.65 43.59
CA THR E 95 73.68 -16.57 42.74
C THR E 95 74.58 -17.50 43.52
N PHE E 96 75.08 -17.07 44.68
CA PHE E 96 75.98 -17.87 45.50
C PHE E 96 75.45 -17.87 46.92
N TRP E 97 75.75 -18.93 47.66
CA TRP E 97 75.28 -19.05 49.03
C TRP E 97 76.28 -19.87 49.85
N VAL E 98 75.99 -20.00 51.15
CA VAL E 98 76.83 -20.78 52.04
C VAL E 98 76.59 -22.27 51.80
N GLY E 99 77.40 -22.86 50.93
CA GLY E 99 77.33 -24.29 50.70
C GLY E 99 77.84 -25.08 51.90
N ARG E 100 77.55 -26.37 51.88
CA ARG E 100 78.03 -27.26 52.93
C ARG E 100 79.55 -27.22 53.02
N GLY E 101 80.06 -26.97 54.22
CA GLY E 101 81.48 -26.84 54.43
C GLY E 101 82.02 -25.44 54.39
N MET E 102 81.20 -24.44 54.09
CA MET E 102 81.61 -23.04 54.13
C MET E 102 81.10 -22.38 55.41
N ARG E 103 81.60 -21.17 55.65
CA ARG E 103 81.30 -20.46 56.89
C ARG E 103 80.02 -19.65 56.75
N ALA E 104 79.15 -19.75 57.77
CA ALA E 104 77.97 -18.89 57.87
C ALA E 104 78.41 -17.52 58.39
N ARG E 105 79.06 -16.77 57.51
CA ARG E 105 79.64 -15.47 57.83
C ARG E 105 79.12 -14.44 56.85
N LEU E 106 78.59 -13.34 57.37
CA LEU E 106 78.02 -12.29 56.53
C LEU E 106 79.12 -11.49 55.85
N PRO E 107 79.17 -11.46 54.51
CA PRO E 107 80.21 -10.66 53.82
C PRO E 107 79.73 -9.26 53.49
N LYS E 108 80.60 -8.46 52.87
CA LYS E 108 80.25 -7.07 52.57
C LYS E 108 79.49 -6.93 51.26
N ASP E 109 79.88 -7.71 50.25
CA ASP E 109 79.33 -7.52 48.91
C ASP E 109 77.87 -7.92 48.85
N ILE E 110 77.12 -7.23 47.98
CA ILE E 110 75.67 -7.41 47.89
C ILE E 110 75.32 -8.83 47.46
N ASP E 111 76.13 -9.43 46.57
CA ASP E 111 75.89 -10.82 46.16
C ASP E 111 76.00 -11.75 47.35
N GLY E 112 77.05 -11.59 48.15
CA GLY E 112 77.21 -12.42 49.32
C GLY E 112 76.11 -12.21 50.34
N ARG E 113 75.64 -10.96 50.48
CA ARG E 113 74.53 -10.70 51.39
C ARG E 113 73.24 -11.36 50.91
N LEU E 114 72.96 -11.28 49.60
CA LEU E 114 71.82 -12.02 49.05
C LEU E 114 71.91 -13.50 49.37
N GLY E 115 73.10 -14.08 49.21
CA GLY E 115 73.23 -15.51 49.49
C GLY E 115 73.07 -15.83 50.97
N TYR E 116 73.67 -15.02 51.84
CA TYR E 116 73.59 -15.24 53.28
C TYR E 116 72.15 -15.24 53.77
N TYR E 117 71.32 -14.34 53.24
CA TYR E 117 69.99 -14.10 53.77
C TYR E 117 68.90 -14.85 53.02
N SER E 118 69.25 -15.79 52.15
CA SER E 118 68.26 -16.47 51.31
C SER E 118 68.40 -17.98 51.39
N LEU E 119 67.30 -18.67 51.09
CA LEU E 119 67.29 -20.11 50.92
C LEU E 119 66.94 -20.53 49.50
N GLY E 120 66.71 -19.57 48.60
CA GLY E 120 66.33 -19.91 47.24
C GLY E 120 66.49 -18.72 46.33
N ALA E 121 66.55 -19.01 45.02
CA ALA E 121 66.68 -18.00 43.99
C ALA E 121 65.38 -17.79 43.21
N ASP E 122 64.26 -18.27 43.75
CA ASP E 122 62.97 -18.12 43.08
C ASP E 122 62.23 -16.84 43.46
N THR E 123 62.84 -15.99 44.29
CA THR E 123 62.17 -14.85 44.89
C THR E 123 62.94 -13.57 44.56
N SER E 124 62.71 -13.04 43.36
CA SER E 124 63.39 -11.84 42.91
C SER E 124 62.97 -10.64 43.75
N ILE E 125 63.93 -9.73 43.95
CA ILE E 125 63.70 -8.47 44.66
C ILE E 125 63.88 -7.32 43.67
N SER E 126 62.94 -6.38 43.68
CA SER E 126 63.05 -5.18 42.85
C SER E 126 62.49 -4.00 43.64
N ASP E 127 62.36 -2.85 42.96
CA ASP E 127 61.82 -1.66 43.61
C ASP E 127 60.38 -1.90 44.03
N GLY E 128 60.05 -1.49 45.25
CA GLY E 128 58.72 -1.68 45.78
C GLY E 128 58.52 -2.97 46.58
N THR E 129 59.48 -3.89 46.54
CA THR E 129 59.35 -5.12 47.32
C THR E 129 59.32 -4.83 48.81
N TRP E 130 60.22 -3.95 49.26
CA TRP E 130 60.26 -3.55 50.67
C TRP E 130 58.91 -3.00 51.13
N GLU E 131 58.37 -2.03 50.39
CA GLU E 131 57.10 -1.41 50.76
C GLU E 131 55.97 -2.43 50.80
N ALA E 132 55.94 -3.34 49.83
CA ALA E 132 54.88 -4.34 49.81
C ALA E 132 54.99 -5.30 50.99
N ALA E 133 56.21 -5.75 51.31
CA ALA E 133 56.39 -6.62 52.46
C ALA E 133 55.97 -5.94 53.75
N ARG E 134 56.37 -4.67 53.93
CA ARG E 134 55.95 -3.92 55.11
C ARG E 134 54.43 -3.85 55.20
N ALA E 135 53.78 -3.55 54.08
CA ALA E 135 52.32 -3.45 54.08
C ALA E 135 51.68 -4.81 54.38
N SER E 136 52.28 -5.90 53.91
CA SER E 136 51.73 -7.23 54.17
C SER E 136 51.79 -7.58 55.65
N ALA E 137 52.94 -7.32 56.28
CA ALA E 137 53.05 -7.49 57.73
C ALA E 137 52.02 -6.63 58.45
N ASN E 138 51.81 -5.39 57.98
CA ASN E 138 50.82 -4.52 58.63
C ASN E 138 49.41 -5.03 58.43
N VAL E 139 49.12 -5.69 57.31
CA VAL E 139 47.82 -6.33 57.11
C VAL E 139 47.61 -7.41 58.16
N ALA E 140 48.62 -8.27 58.36
CA ALA E 140 48.48 -9.30 59.38
C ALA E 140 48.31 -8.70 60.77
N LEU E 141 49.10 -7.67 61.10
CA LEU E 141 48.99 -7.07 62.42
C LEU E 141 47.66 -6.36 62.61
N THR E 142 47.06 -5.85 61.54
CA THR E 142 45.76 -5.21 61.65
C THR E 142 44.67 -6.25 61.88
N ALA E 143 44.76 -7.40 61.20
CA ALA E 143 43.83 -8.49 61.50
C ALA E 143 43.97 -8.93 62.96
N GLN E 144 45.21 -9.08 63.44
CA GLN E 144 45.44 -9.43 64.83
C GLN E 144 44.83 -8.41 65.77
N LYS E 145 44.96 -7.12 65.44
CA LYS E 145 44.40 -6.07 66.29
C LYS E 145 42.88 -6.16 66.32
N LEU E 146 42.26 -6.39 65.16
CA LEU E 146 40.80 -6.57 65.11
C LEU E 146 40.36 -7.72 66.00
N VAL E 147 41.09 -8.83 65.95
CA VAL E 147 40.69 -9.99 66.75
C VAL E 147 40.88 -9.71 68.24
N ALA E 148 42.00 -9.09 68.61
CA ALA E 148 42.26 -8.79 70.02
C ALA E 148 41.25 -7.79 70.58
N GLU E 149 40.68 -6.94 69.73
CA GLU E 149 39.75 -5.91 70.17
C GLU E 149 38.28 -6.32 70.06
N GLY E 150 38.00 -7.59 69.75
CA GLY E 150 36.63 -8.06 69.84
C GLY E 150 36.12 -9.00 68.76
N GLU E 151 36.77 -9.04 67.59
CA GLU E 151 36.30 -9.91 66.52
C GLU E 151 36.64 -11.37 66.79
N ARG E 152 35.71 -12.26 66.46
CA ARG E 152 35.99 -13.69 66.55
C ARG E 152 37.11 -14.09 65.61
N ALA E 153 37.12 -13.50 64.41
CA ALA E 153 38.10 -13.85 63.40
C ALA E 153 38.27 -12.67 62.45
N ALA E 154 39.35 -12.73 61.66
CA ALA E 154 39.64 -11.73 60.65
C ALA E 154 40.54 -12.34 59.60
N PHE E 155 40.39 -11.86 58.36
CA PHE E 155 41.15 -12.36 57.22
C PHE E 155 42.22 -11.33 56.85
N ALA E 156 43.48 -11.69 57.05
CA ALA E 156 44.59 -10.85 56.61
C ALA E 156 44.96 -11.26 55.19
N LEU E 157 44.48 -10.50 54.20
CA LEU E 157 44.72 -10.80 52.80
C LEU E 157 46.13 -10.34 52.43
N CYS E 158 47.10 -11.09 52.93
CA CYS E 158 48.51 -10.74 52.77
C CYS E 158 49.00 -11.08 51.38
N ARG E 159 49.78 -10.17 50.82
CA ARG E 159 50.63 -10.45 49.67
C ARG E 159 51.77 -9.45 49.66
N PRO E 160 53.03 -9.89 49.66
CA PRO E 160 53.54 -11.26 49.50
C PRO E 160 53.23 -12.20 50.68
N PRO E 161 53.36 -13.52 50.46
CA PRO E 161 53.17 -14.48 51.55
C PRO E 161 54.31 -14.43 52.55
N GLY E 162 54.27 -15.26 53.59
CA GLY E 162 55.26 -15.12 54.64
C GLY E 162 55.81 -16.38 55.30
N HIS E 163 55.14 -17.52 55.18
CA HIS E 163 55.43 -18.63 56.08
C HIS E 163 56.77 -19.31 55.81
N HIS E 164 57.47 -18.97 54.73
CA HIS E 164 58.79 -19.53 54.47
C HIS E 164 59.93 -18.71 55.08
N ALA E 165 59.66 -17.50 55.57
CA ALA E 165 60.71 -16.61 56.03
C ALA E 165 61.15 -16.98 57.44
N HIS E 166 62.44 -17.24 57.61
CA HIS E 166 63.01 -17.39 58.94
C HIS E 166 63.20 -16.01 59.56
N ALA E 167 63.81 -15.97 60.74
CA ALA E 167 64.13 -14.68 61.35
C ALA E 167 65.05 -13.86 60.45
N ASP E 168 65.89 -14.52 59.66
CA ASP E 168 66.83 -13.79 58.80
C ASP E 168 67.09 -14.54 57.50
N VAL E 169 66.08 -15.21 56.95
CA VAL E 169 66.18 -15.89 55.67
C VAL E 169 64.90 -15.66 54.89
N PHE E 170 65.03 -15.25 53.62
CA PHE E 170 63.89 -15.12 52.72
C PHE E 170 63.98 -16.13 51.59
N GLY E 171 62.84 -16.36 50.96
CA GLY E 171 62.74 -17.30 49.85
C GLY E 171 61.34 -17.85 49.74
N GLY E 172 61.10 -18.56 48.64
CA GLY E 172 59.78 -19.10 48.39
C GLY E 172 58.68 -18.05 48.36
N TYR E 173 58.97 -16.87 47.80
CA TYR E 173 58.06 -15.75 47.63
C TYR E 173 57.77 -15.01 48.93
N CYS E 174 58.49 -15.31 50.01
CA CYS E 174 58.22 -14.75 51.33
C CYS E 174 59.38 -13.89 51.81
N PHE E 175 59.04 -12.82 52.55
CA PHE E 175 60.04 -11.91 53.09
C PHE E 175 59.89 -11.72 54.59
N PHE E 176 58.69 -11.32 55.02
CA PHE E 176 58.34 -11.24 56.44
C PHE E 176 57.31 -12.31 56.76
N ASN E 177 57.49 -13.00 57.88
CA ASN E 177 56.61 -14.11 58.26
C ASN E 177 55.37 -13.52 58.95
N ASN E 178 54.36 -13.20 58.13
CA ASN E 178 53.16 -12.53 58.64
C ASN E 178 52.50 -13.34 59.74
N ALA E 179 52.37 -14.65 59.56
CA ALA E 179 51.75 -15.49 60.57
C ALA E 179 52.53 -15.45 61.89
N ALA E 180 53.86 -15.53 61.80
CA ALA E 180 54.69 -15.47 63.01
C ALA E 180 54.59 -14.10 63.68
N ILE E 181 54.51 -13.04 62.87
CA ILE E 181 54.39 -11.69 63.42
C ILE E 181 53.06 -11.53 64.15
N ALA E 182 51.97 -12.05 63.57
CA ALA E 182 50.67 -11.98 64.24
C ALA E 182 50.66 -12.80 65.53
N ALA E 183 51.20 -14.01 65.48
CA ALA E 183 51.26 -14.85 66.68
C ALA E 183 52.07 -14.17 67.78
N GLN E 184 53.23 -13.62 67.42
CA GLN E 184 54.06 -12.94 68.42
C GLN E 184 53.37 -11.70 68.95
N ALA E 185 52.57 -11.03 68.12
CA ALA E 185 51.78 -9.91 68.62
C ALA E 185 50.76 -10.38 69.65
N PHE E 186 50.08 -11.49 69.37
CA PHE E 186 49.21 -12.11 70.37
C PHE E 186 49.96 -12.30 71.69
N ARG E 187 51.14 -12.93 71.62
CA ARG E 187 51.93 -13.17 72.83
C ARG E 187 52.27 -11.87 73.55
N ASP E 188 52.74 -10.87 72.80
CA ASP E 188 53.16 -9.60 73.41
C ASP E 188 52.00 -8.83 74.03
N GLN E 189 50.77 -9.09 73.61
CA GLN E 189 49.60 -8.42 74.16
C GLN E 189 48.94 -9.21 75.28
N GLY E 190 49.61 -10.24 75.81
CA GLY E 190 49.14 -10.94 76.98
C GLY E 190 48.48 -12.28 76.74
N TYR E 191 48.47 -12.78 75.51
CA TYR E 191 47.95 -14.13 75.23
C TYR E 191 48.99 -15.16 75.65
N GLY E 192 48.59 -16.06 76.56
CA GLY E 192 49.54 -16.99 77.13
C GLY E 192 50.09 -17.98 76.11
N LYS E 193 49.22 -18.57 75.30
CA LYS E 193 49.61 -19.58 74.33
C LYS E 193 48.96 -19.30 72.99
N VAL E 194 49.70 -19.55 71.91
CA VAL E 194 49.22 -19.35 70.55
C VAL E 194 49.50 -20.62 69.75
N ALA E 195 48.55 -21.00 68.90
CA ALA E 195 48.76 -22.08 67.94
C ALA E 195 48.75 -21.49 66.54
N VAL E 196 49.69 -21.93 65.70
CA VAL E 196 49.77 -21.52 64.31
C VAL E 196 49.65 -22.79 63.47
N LEU E 197 48.55 -22.89 62.71
CA LEU E 197 48.25 -24.05 61.87
C LEU E 197 48.46 -23.67 60.40
N ASP E 198 49.32 -24.41 59.72
CA ASP E 198 49.75 -24.12 58.36
C ASP E 198 49.12 -25.14 57.43
N VAL E 199 48.10 -24.71 56.69
CA VAL E 199 47.38 -25.57 55.76
C VAL E 199 47.81 -25.33 54.31
N ASP E 200 48.77 -24.45 54.08
CA ASP E 200 49.32 -24.27 52.75
C ASP E 200 49.97 -25.58 52.30
N PHE E 201 50.00 -25.80 50.98
CA PHE E 201 50.53 -27.07 50.48
C PHE E 201 51.98 -27.29 50.88
N HIS E 202 52.74 -26.20 51.07
CA HIS E 202 54.16 -26.28 51.39
C HIS E 202 54.38 -26.14 52.89
N HIS E 203 55.48 -26.73 53.37
CA HIS E 203 55.83 -26.65 54.77
C HIS E 203 56.15 -25.21 55.17
N GLY E 204 55.61 -24.80 56.31
CA GLY E 204 55.92 -23.49 56.88
C GLY E 204 57.22 -23.51 57.65
N ASN E 205 58.34 -23.66 56.93
CA ASN E 205 59.63 -23.87 57.58
C ASN E 205 60.08 -22.65 58.37
N GLY E 206 59.77 -21.45 57.88
CA GLY E 206 60.13 -20.25 58.63
C GLY E 206 59.42 -20.16 59.95
N THR E 207 58.12 -20.43 59.95
CA THR E 207 57.34 -20.40 61.19
C THR E 207 57.85 -21.45 62.16
N GLN E 208 58.15 -22.65 61.66
CA GLN E 208 58.73 -23.70 62.50
C GLN E 208 60.04 -23.23 63.12
N ALA E 209 60.91 -22.64 62.31
CA ALA E 209 62.22 -22.22 62.79
C ALA E 209 62.13 -21.12 63.85
N ILE E 210 61.24 -20.14 63.63
CA ILE E 210 61.18 -18.98 64.52
C ILE E 210 60.83 -19.42 65.94
N PHE E 211 59.90 -20.37 66.08
CA PHE E 211 59.42 -20.81 67.39
C PHE E 211 59.93 -22.20 67.77
N TYR E 212 61.01 -22.67 67.14
CA TYR E 212 61.37 -24.08 67.26
C TYR E 212 61.73 -24.46 68.69
N ASP E 213 62.32 -23.55 69.47
CA ASP E 213 62.73 -23.86 70.83
C ASP E 213 61.78 -23.30 71.89
N ARG E 214 60.54 -23.01 71.53
CA ARG E 214 59.58 -22.40 72.43
C ARG E 214 58.36 -23.29 72.60
N SER E 215 57.81 -23.30 73.82
CA SER E 215 56.60 -24.06 74.12
C SER E 215 55.35 -23.19 74.22
N ASP E 216 55.48 -21.86 74.16
CA ASP E 216 54.31 -21.00 74.22
C ASP E 216 53.62 -20.84 72.86
N VAL E 217 54.28 -21.21 71.77
CA VAL E 217 53.70 -21.15 70.43
C VAL E 217 53.80 -22.52 69.80
N LEU E 218 52.67 -23.20 69.65
CA LEU E 218 52.64 -24.50 68.99
C LEU E 218 52.52 -24.31 67.48
N THR E 219 53.41 -24.93 66.72
CA THR E 219 53.43 -24.80 65.27
C THR E 219 53.12 -26.15 64.63
N ILE E 220 52.08 -26.18 63.80
CA ILE E 220 51.69 -27.40 63.08
C ILE E 220 51.63 -27.07 61.60
N SER E 221 52.08 -28.00 60.76
CA SER E 221 51.98 -27.80 59.32
C SER E 221 51.60 -29.09 58.62
N LEU E 222 50.63 -29.03 57.73
CA LEU E 222 50.33 -30.12 56.80
C LEU E 222 50.89 -29.75 55.44
N HIS E 223 51.61 -30.67 54.82
CA HIS E 223 52.27 -30.29 53.56
C HIS E 223 52.66 -31.50 52.74
N GLY E 224 52.96 -31.25 51.48
CA GLY E 224 53.56 -32.27 50.64
C GLY E 224 54.96 -32.64 51.11
N ASP E 225 55.33 -33.89 50.86
CA ASP E 225 56.56 -34.45 51.38
C ASP E 225 57.77 -33.65 50.90
N PRO E 226 58.56 -33.06 51.82
CA PRO E 226 59.72 -32.28 51.36
C PRO E 226 60.78 -33.12 50.68
N ASP E 227 60.73 -34.45 50.81
CA ASP E 227 61.55 -35.29 49.96
C ASP E 227 61.25 -35.02 48.49
N LEU E 228 60.02 -34.60 48.20
CA LEU E 228 59.53 -34.38 46.85
C LEU E 228 59.43 -32.91 46.45
N VAL E 229 59.08 -32.01 47.38
CA VAL E 229 58.73 -30.64 47.04
C VAL E 229 59.46 -29.64 47.92
N PHE E 230 59.45 -28.38 47.48
CA PHE E 230 59.93 -27.26 48.27
C PHE E 230 59.28 -27.27 49.64
N PRO E 231 60.02 -26.93 50.72
CA PRO E 231 61.40 -26.42 50.77
C PRO E 231 62.50 -27.47 50.90
N HIS E 232 62.13 -28.75 50.76
CA HIS E 232 63.07 -29.86 50.62
C HIS E 232 63.90 -30.19 51.87
N PHE E 233 64.37 -29.19 52.60
CA PHE E 233 65.35 -29.40 53.66
C PHE E 233 64.79 -29.14 55.05
N LEU E 234 63.48 -28.92 55.16
CA LEU E 234 62.78 -28.92 56.43
C LEU E 234 61.37 -29.43 56.17
N GLY E 235 60.67 -29.81 57.24
CA GLY E 235 59.30 -30.27 57.12
C GLY E 235 59.09 -31.76 57.31
N PHE E 236 60.13 -32.50 57.66
CA PHE E 236 60.00 -33.94 57.84
C PHE E 236 59.38 -34.24 59.20
N GLU E 237 58.74 -35.42 59.29
CA GLU E 237 57.94 -35.76 60.46
C GLU E 237 58.76 -35.94 61.73
N ASP E 238 60.07 -36.10 61.62
CA ASP E 238 60.92 -36.27 62.80
C ASP E 238 61.35 -34.93 63.42
N GLU E 239 60.90 -33.81 62.86
CA GLU E 239 61.22 -32.49 63.40
C GLU E 239 60.11 -32.13 64.38
N THR E 240 60.35 -32.39 65.66
CA THR E 240 59.35 -32.21 66.70
C THR E 240 59.69 -31.08 67.66
N GLY E 241 60.74 -30.32 67.39
CA GLY E 241 61.16 -29.24 68.26
C GLY E 241 62.51 -29.52 68.88
N GLU E 242 62.97 -28.56 69.68
CA GLU E 242 64.22 -28.69 70.40
C GLU E 242 64.13 -27.86 71.68
N GLY E 243 64.84 -28.32 72.71
CA GLY E 243 64.86 -27.59 73.97
C GLY E 243 63.47 -27.53 74.59
N ASP E 244 63.07 -26.33 75.03
CA ASP E 244 61.74 -26.16 75.59
C ASP E 244 60.65 -26.43 74.57
N GLY E 245 60.96 -26.32 73.28
CA GLY E 245 59.99 -26.58 72.22
C GLY E 245 59.79 -28.02 71.85
N GLU E 246 60.43 -28.96 72.56
CA GLU E 246 60.25 -30.38 72.26
C GLU E 246 58.78 -30.76 72.40
N ALA E 247 58.24 -31.38 71.35
CA ALA E 247 56.84 -31.78 71.21
C ALA E 247 55.91 -30.59 71.00
N TYR E 248 56.44 -29.43 70.60
CA TYR E 248 55.61 -28.28 70.28
C TYR E 248 55.78 -27.84 68.82
N ASN E 249 56.25 -28.74 67.97
CA ASN E 249 56.19 -28.57 66.52
C ASN E 249 55.76 -29.90 65.91
N LEU E 250 54.84 -29.85 64.96
CA LEU E 250 54.30 -31.08 64.36
C LEU E 250 54.19 -30.92 62.86
N ASN E 251 54.88 -31.79 62.13
CA ASN E 251 54.82 -31.84 60.68
C ASN E 251 54.02 -33.06 60.25
N ILE E 252 53.05 -32.85 59.36
CA ILE E 252 52.20 -33.91 58.85
C ILE E 252 52.33 -33.90 57.33
N VAL E 253 52.91 -34.97 56.79
CA VAL E 253 53.37 -35.02 55.40
C VAL E 253 52.43 -35.90 54.59
N PHE E 254 52.20 -35.53 53.33
CA PHE E 254 51.34 -36.30 52.45
C PHE E 254 52.01 -36.50 51.09
N PRO E 255 51.70 -37.61 50.42
CA PRO E 255 52.33 -37.90 49.13
C PRO E 255 51.52 -37.30 47.98
N PRO E 256 51.97 -37.45 46.73
CA PRO E 256 51.18 -36.95 45.60
C PRO E 256 49.78 -37.55 45.56
N ASP E 257 48.85 -36.77 45.00
CA ASP E 257 47.46 -37.14 44.72
C ASP E 257 46.59 -37.24 45.98
N THR E 258 47.06 -36.77 47.12
CA THR E 258 46.29 -36.87 48.36
C THR E 258 45.00 -36.07 48.26
N PRO E 259 43.84 -36.69 48.49
CA PRO E 259 42.58 -35.92 48.44
C PRO E 259 42.15 -35.46 49.83
N PHE E 260 41.03 -34.72 49.90
CA PHE E 260 40.56 -34.21 51.18
C PHE E 260 40.18 -35.32 52.14
N SER E 261 39.74 -36.47 51.62
CA SER E 261 39.34 -37.56 52.50
C SER E 261 40.50 -38.05 53.35
N ILE E 262 41.73 -37.93 52.84
CA ILE E 262 42.93 -38.30 53.60
C ILE E 262 43.56 -37.09 54.28
N TRP E 263 43.61 -35.96 53.58
CA TRP E 263 44.18 -34.73 54.13
C TRP E 263 43.47 -34.31 55.41
N SER E 264 42.14 -34.47 55.44
CA SER E 264 41.35 -34.10 56.60
C SER E 264 41.60 -35.00 57.79
N GLN E 265 42.17 -36.19 57.60
CA GLN E 265 42.60 -37.00 58.74
C GLN E 265 43.80 -36.35 59.44
N GLY E 266 44.77 -35.90 58.66
CA GLY E 266 45.86 -35.12 59.23
C GLY E 266 45.36 -33.84 59.87
N LEU E 267 44.40 -33.18 59.23
CA LEU E 267 43.80 -31.99 59.82
C LEU E 267 43.15 -32.30 61.16
N GLU E 268 42.45 -33.45 61.26
CA GLU E 268 41.85 -33.83 62.52
C GLU E 268 42.91 -34.09 63.58
N LYS E 269 44.01 -34.72 63.20
CA LYS E 269 45.12 -34.90 64.13
C LYS E 269 45.64 -33.55 64.63
N ALA E 270 45.81 -32.59 63.73
CA ALA E 270 46.25 -31.26 64.13
C ALA E 270 45.26 -30.61 65.08
N CYS E 271 43.96 -30.76 64.81
CA CYS E 271 42.94 -30.14 65.66
C CYS E 271 42.93 -30.76 67.06
N GLU E 272 43.14 -32.07 67.14
CA GLU E 272 43.23 -32.71 68.45
C GLU E 272 44.45 -32.24 69.21
N ARG E 273 45.59 -32.13 68.51
CA ARG E 273 46.78 -31.59 69.15
C ARG E 273 46.55 -30.16 69.67
N ILE E 274 45.78 -29.36 68.92
CA ILE E 274 45.58 -27.96 69.33
C ILE E 274 44.68 -27.88 70.55
N ARG E 275 43.61 -28.65 70.56
CA ARG E 275 42.72 -28.70 71.72
C ARG E 275 43.46 -29.19 72.96
N THR E 276 44.33 -30.19 72.84
CA THR E 276 45.11 -30.57 74.01
C THR E 276 46.05 -29.44 74.42
N PHE E 277 46.62 -28.74 73.44
CA PHE E 277 47.46 -27.58 73.75
C PHE E 277 46.64 -26.47 74.41
N ALA E 278 45.38 -26.31 74.00
CA ALA E 278 44.46 -25.32 74.54
C ALA E 278 45.02 -23.91 74.46
N PRO E 279 45.21 -23.37 73.25
CA PRO E 279 45.79 -22.03 73.12
C PRO E 279 44.77 -20.94 73.42
N ASP E 280 45.29 -19.73 73.58
CA ASP E 280 44.46 -18.54 73.73
C ASP E 280 44.17 -17.87 72.39
N ALA E 281 44.91 -18.23 71.34
CA ALA E 281 44.71 -17.65 70.02
C ALA E 281 45.20 -18.62 68.96
N LEU E 282 44.61 -18.50 67.76
CA LEU E 282 44.94 -19.35 66.63
C LEU E 282 45.24 -18.47 65.43
N VAL E 283 46.37 -18.73 64.76
CA VAL E 283 46.71 -18.10 63.49
C VAL E 283 46.79 -19.21 62.46
N VAL E 284 46.03 -19.07 61.38
CA VAL E 284 45.99 -20.06 60.31
C VAL E 284 46.72 -19.49 59.11
N ALA E 285 47.86 -20.08 58.79
CA ALA E 285 48.59 -19.75 57.56
C ALA E 285 47.88 -20.47 56.41
N LEU E 286 47.02 -19.74 55.71
CA LEU E 286 46.11 -20.32 54.73
C LEU E 286 46.70 -20.21 53.33
N GLY E 287 46.95 -21.34 52.72
CA GLY E 287 47.25 -21.41 51.29
C GLY E 287 46.22 -22.29 50.62
N VAL E 288 45.78 -21.88 49.44
CA VAL E 288 44.86 -22.70 48.65
C VAL E 288 45.59 -23.40 47.49
N ASP E 289 46.90 -23.56 47.60
CA ASP E 289 47.64 -24.40 46.66
C ASP E 289 47.43 -25.89 46.91
N THR E 290 46.63 -26.27 47.90
CA THR E 290 46.18 -27.66 48.04
C THR E 290 45.12 -28.02 46.99
N PHE E 291 44.76 -27.07 46.13
CA PHE E 291 43.68 -27.24 45.17
C PHE E 291 44.07 -28.24 44.08
N GLU E 292 43.07 -28.98 43.59
CA GLU E 292 43.31 -30.04 42.61
C GLU E 292 43.85 -29.51 41.29
N GLU E 293 43.68 -28.20 41.02
CA GLU E 293 44.14 -27.60 39.77
C GLU E 293 45.38 -26.73 39.95
N ASP E 294 45.99 -26.72 41.13
CA ASP E 294 47.09 -25.79 41.38
C ASP E 294 48.30 -26.18 40.52
N PRO E 295 48.95 -25.23 39.86
CA PRO E 295 49.96 -25.58 38.85
C PRO E 295 51.31 -26.01 39.40
N ILE E 296 51.58 -25.90 40.70
CA ILE E 296 52.90 -26.28 41.21
C ILE E 296 52.79 -27.25 42.38
N SER E 297 51.62 -27.84 42.59
CA SER E 297 51.37 -28.69 43.74
C SER E 297 50.66 -29.97 43.29
N PHE E 298 50.57 -30.97 44.18
CA PHE E 298 49.99 -32.25 43.79
C PHE E 298 48.95 -32.77 44.78
N PHE E 299 48.25 -31.89 45.51
CA PHE E 299 47.07 -32.34 46.26
C PHE E 299 45.81 -32.18 45.39
N LYS E 300 44.71 -32.77 45.85
CA LYS E 300 43.48 -32.84 45.06
C LYS E 300 42.26 -32.38 45.86
N LEU E 301 42.37 -31.26 46.57
CA LEU E 301 41.18 -30.70 47.21
C LEU E 301 40.28 -30.00 46.20
N THR E 302 38.97 -30.08 46.43
CA THR E 302 37.99 -29.37 45.62
C THR E 302 37.64 -28.03 46.26
N SER E 303 36.86 -27.23 45.54
CA SER E 303 36.47 -25.92 46.06
C SER E 303 35.56 -26.05 47.28
N GLY E 304 34.63 -27.01 47.27
CA GLY E 304 33.79 -27.23 48.44
C GLY E 304 34.55 -27.73 49.65
N ASP E 305 35.64 -28.45 49.42
CA ASP E 305 36.47 -28.93 50.53
C ASP E 305 36.97 -27.77 51.37
N TYR E 306 37.13 -26.58 50.77
CA TYR E 306 37.55 -25.41 51.54
C TYR E 306 36.41 -24.91 52.43
N LEU E 307 35.16 -25.09 52.00
CA LEU E 307 34.04 -24.85 52.91
C LEU E 307 34.13 -25.78 54.11
N LYS E 308 34.38 -27.06 53.85
CA LYS E 308 34.55 -28.01 54.96
C LYS E 308 35.69 -27.59 55.88
N LEU E 309 36.82 -27.17 55.30
CA LEU E 309 37.97 -26.74 56.10
C LEU E 309 37.61 -25.57 57.00
N GLY E 310 36.96 -24.54 56.44
CA GLY E 310 36.56 -23.41 57.25
C GLY E 310 35.65 -23.80 58.39
N LYS E 311 34.69 -24.68 58.12
CA LYS E 311 33.81 -25.17 59.19
C LYS E 311 34.61 -25.85 60.31
N ARG E 312 35.48 -26.79 59.94
CA ARG E 312 36.27 -27.49 60.95
C ARG E 312 37.12 -26.52 61.75
N LEU E 313 37.66 -25.49 61.09
CA LEU E 313 38.45 -24.49 61.80
C LEU E 313 37.59 -23.70 62.79
N GLU E 314 36.36 -23.37 62.40
CA GLU E 314 35.48 -22.67 63.34
C GLU E 314 35.20 -23.52 64.57
N GLN E 315 35.03 -24.84 64.40
CA GLN E 315 34.70 -25.68 65.54
C GLN E 315 35.79 -25.73 66.60
N LEU E 316 37.00 -25.21 66.33
CA LEU E 316 38.00 -25.13 67.38
C LEU E 316 37.64 -24.12 68.46
N GLY E 317 36.76 -23.17 68.16
CA GLY E 317 36.30 -22.21 69.15
C GLY E 317 37.35 -21.24 69.65
N LEU E 318 38.21 -20.75 68.76
CA LEU E 318 39.31 -19.89 69.17
C LEU E 318 39.26 -18.56 68.43
N PRO E 319 39.80 -17.49 69.00
CA PRO E 319 40.07 -16.28 68.21
C PRO E 319 41.10 -16.59 67.14
N THR E 320 40.75 -16.31 65.88
CA THR E 320 41.48 -16.85 64.74
C THR E 320 41.83 -15.76 63.75
N VAL E 321 43.11 -15.71 63.38
CA VAL E 321 43.61 -14.82 62.33
C VAL E 321 44.05 -15.69 61.15
N PHE E 322 43.50 -15.40 59.97
CA PHE E 322 43.92 -16.04 58.73
C PHE E 322 44.93 -15.15 58.02
N THR E 323 46.08 -15.70 57.67
CA THR E 323 47.08 -15.02 56.85
C THR E 323 47.17 -15.71 55.51
N MET E 324 46.94 -14.96 54.43
CA MET E 324 47.00 -15.52 53.10
C MET E 324 48.42 -15.89 52.71
N GLU E 325 48.63 -17.14 52.32
CA GLU E 325 49.93 -17.59 51.82
C GLU E 325 49.85 -17.88 50.32
N GLY E 326 49.93 -19.16 49.94
CA GLY E 326 50.01 -19.55 48.55
C GLY E 326 48.67 -19.83 47.91
N GLY E 327 48.72 -20.37 46.69
CA GLY E 327 47.54 -20.56 45.87
C GLY E 327 47.71 -19.87 44.54
N TYR E 328 47.78 -20.63 43.45
CA TYR E 328 48.27 -20.09 42.19
C TYR E 328 47.38 -20.39 40.99
N ASP E 329 46.29 -21.13 41.16
CA ASP E 329 45.27 -21.19 40.12
C ASP E 329 44.40 -19.95 40.26
N VAL E 330 44.73 -18.90 39.49
CA VAL E 330 44.06 -17.61 39.66
C VAL E 330 42.58 -17.74 39.33
N ASP E 331 42.22 -18.69 38.46
CA ASP E 331 40.82 -18.94 38.13
C ASP E 331 39.97 -19.15 39.39
N ALA E 332 40.48 -19.93 40.34
CA ALA E 332 39.68 -20.33 41.50
C ALA E 332 40.20 -19.81 42.83
N ILE E 333 41.25 -18.99 42.84
CA ILE E 333 41.86 -18.59 44.11
C ILE E 333 40.86 -17.83 44.98
N GLY E 334 40.04 -16.97 44.36
CA GLY E 334 39.06 -16.23 45.14
C GLY E 334 38.00 -17.13 45.73
N VAL E 335 37.43 -18.01 44.90
CA VAL E 335 36.42 -18.96 45.37
C VAL E 335 36.98 -19.81 46.51
N ASN E 336 38.21 -20.29 46.38
CA ASN E 336 38.76 -21.19 47.39
C ASN E 336 39.00 -20.46 48.72
N ALA E 337 39.71 -19.34 48.68
CA ALA E 337 40.02 -18.64 49.94
C ALA E 337 38.76 -18.13 50.61
N VAL E 338 37.91 -17.43 49.85
CA VAL E 338 36.67 -16.93 50.42
C VAL E 338 35.79 -18.09 50.86
N ASN E 339 35.90 -19.23 50.19
CA ASN E 339 35.19 -20.44 50.63
C ASN E 339 35.65 -20.85 52.02
N VAL E 340 36.94 -20.74 52.32
CA VAL E 340 37.40 -20.99 53.68
C VAL E 340 36.73 -20.02 54.65
N MET E 341 36.69 -18.73 54.28
CA MET E 341 36.09 -17.75 55.19
C MET E 341 34.60 -18.02 55.43
N GLN E 342 33.85 -18.32 54.37
CA GLN E 342 32.42 -18.51 54.50
C GLN E 342 32.10 -19.81 55.22
N GLY E 343 32.90 -20.85 54.98
CA GLY E 343 32.75 -22.07 55.76
C GLY E 343 33.00 -21.83 57.23
N PHE E 344 33.98 -20.97 57.55
CA PHE E 344 34.16 -20.56 58.94
C PHE E 344 32.91 -19.87 59.47
N GLU E 345 32.32 -18.99 58.68
CA GLU E 345 31.16 -18.23 59.12
C GLU E 345 29.85 -19.01 59.09
N GLY E 346 29.88 -20.28 58.68
CA GLY E 346 28.69 -21.11 58.70
C GLY E 346 28.05 -21.43 57.36
N LYS E 347 28.71 -21.11 56.25
CA LYS E 347 28.13 -21.40 54.93
C LYS E 347 28.36 -22.87 54.61
N SER E 348 27.27 -23.64 54.59
CA SER E 348 27.35 -25.08 54.37
C SER E 348 25.99 -25.65 53.99
N GLY F 4 -2.42 -16.84 -72.91
CA GLY F 4 -3.50 -15.88 -72.70
C GLY F 4 -4.78 -16.27 -73.41
N SER F 5 -5.18 -17.52 -73.24
CA SER F 5 -6.35 -18.09 -73.91
C SER F 5 -7.37 -18.52 -72.87
N MET F 6 -8.64 -18.21 -73.12
CA MET F 6 -9.72 -18.57 -72.20
C MET F 6 -10.80 -19.33 -72.94
N LYS F 7 -11.26 -20.42 -72.33
CA LYS F 7 -12.29 -21.27 -72.91
C LYS F 7 -13.68 -20.72 -72.59
N THR F 8 -14.60 -20.88 -73.54
CA THR F 8 -15.98 -20.46 -73.38
C THR F 8 -16.93 -21.64 -73.59
N VAL F 9 -17.90 -21.80 -72.70
CA VAL F 9 -18.95 -22.80 -72.84
C VAL F 9 -20.20 -22.09 -73.35
N PHE F 10 -20.80 -22.63 -74.41
CA PHE F 10 -21.97 -22.06 -75.04
C PHE F 10 -22.89 -23.20 -75.47
N SER F 11 -24.18 -23.02 -75.22
CA SER F 11 -25.18 -24.00 -75.63
C SER F 11 -26.11 -23.39 -76.66
N PRO F 12 -26.31 -24.02 -77.82
CA PRO F 12 -27.32 -23.53 -78.76
C PRO F 12 -28.74 -23.64 -78.23
N LEU F 13 -28.97 -24.49 -77.24
CA LEU F 13 -30.30 -24.65 -76.67
C LEU F 13 -30.80 -23.40 -75.97
N HIS F 14 -29.93 -22.40 -75.76
CA HIS F 14 -30.39 -21.12 -75.26
C HIS F 14 -31.50 -20.56 -76.14
N SER F 15 -31.47 -20.87 -77.45
CA SER F 15 -32.52 -20.33 -78.32
C SER F 15 -33.90 -20.89 -77.99
N ARG F 16 -33.97 -21.97 -77.21
CA ARG F 16 -35.26 -22.51 -76.78
C ARG F 16 -36.02 -21.54 -75.89
N ARG F 17 -35.33 -20.62 -75.20
CA ARG F 17 -36.01 -19.53 -74.50
C ARG F 17 -36.20 -18.41 -75.53
N HIS F 18 -37.43 -18.24 -75.99
CA HIS F 18 -37.71 -17.23 -76.99
C HIS F 18 -39.14 -16.72 -76.75
N VAL F 19 -39.29 -15.95 -75.69
CA VAL F 19 -40.60 -15.39 -75.36
C VAL F 19 -40.81 -14.12 -76.19
N LYS F 20 -42.08 -13.81 -76.44
CA LYS F 20 -42.43 -12.65 -77.24
C LYS F 20 -42.84 -11.44 -76.40
N THR F 21 -43.19 -11.63 -75.12
CA THR F 21 -43.74 -10.57 -74.30
C THR F 21 -42.96 -10.40 -73.02
N GLU F 22 -42.84 -9.14 -72.59
CA GLU F 22 -42.31 -8.77 -71.28
C GLU F 22 -43.15 -7.62 -70.75
N LEU F 23 -43.68 -7.79 -69.54
CA LEU F 23 -44.40 -6.69 -68.90
C LEU F 23 -43.41 -5.61 -68.50
N ASP F 24 -43.61 -4.40 -69.02
CA ASP F 24 -42.74 -3.28 -68.74
C ASP F 24 -43.53 -2.00 -68.91
N GLY F 25 -43.55 -1.17 -67.88
CA GLY F 25 -44.26 0.10 -67.94
C GLY F 25 -45.73 -0.02 -68.32
N GLY F 26 -46.37 -1.11 -67.90
CA GLY F 26 -47.76 -1.33 -68.23
C GLY F 26 -48.04 -1.85 -69.62
N LEU F 27 -47.01 -2.17 -70.39
CA LEU F 27 -47.19 -2.67 -71.75
C LEU F 27 -46.47 -4.00 -71.89
N LEU F 28 -46.91 -4.80 -72.85
CA LEU F 28 -46.25 -6.04 -73.22
C LEU F 28 -45.32 -5.76 -74.40
N ILE F 29 -44.02 -5.71 -74.13
CA ILE F 29 -43.02 -5.30 -75.11
C ILE F 29 -42.17 -6.49 -75.50
N GLU F 30 -41.36 -6.30 -76.53
CA GLU F 30 -40.36 -7.30 -76.89
C GLU F 30 -39.34 -7.42 -75.76
N PRO F 31 -39.01 -8.64 -75.32
CA PRO F 31 -38.16 -8.79 -74.13
C PRO F 31 -36.77 -8.22 -74.34
N HIS F 32 -36.25 -7.59 -73.27
CA HIS F 32 -34.86 -7.13 -73.29
C HIS F 32 -33.88 -8.28 -73.36
N GLU F 33 -34.19 -9.41 -72.72
CA GLU F 33 -33.30 -10.56 -72.62
C GLU F 33 -33.55 -11.49 -73.80
N LYS F 34 -33.03 -11.09 -74.97
CA LYS F 34 -33.29 -11.76 -76.23
C LYS F 34 -32.09 -12.58 -76.70
N PRO F 35 -32.30 -13.58 -77.55
CA PRO F 35 -31.18 -14.48 -77.92
C PRO F 35 -30.00 -13.81 -78.61
N SER F 36 -30.22 -12.66 -79.27
CA SER F 36 -29.11 -11.98 -79.93
C SER F 36 -28.05 -11.52 -78.94
N ARG F 37 -28.38 -11.39 -77.65
CA ARG F 37 -27.36 -11.15 -76.63
C ARG F 37 -26.29 -12.24 -76.69
N ALA F 38 -26.71 -13.49 -76.50
CA ALA F 38 -25.77 -14.61 -76.50
C ALA F 38 -25.12 -14.80 -77.86
N GLU F 39 -25.89 -14.67 -78.94
CA GLU F 39 -25.30 -14.87 -80.26
C GLU F 39 -24.24 -13.80 -80.56
N THR F 40 -24.48 -12.56 -80.14
CA THR F 40 -23.52 -11.50 -80.39
C THR F 40 -22.25 -11.69 -79.56
N ILE F 41 -22.39 -12.07 -78.28
CA ILE F 41 -21.22 -12.35 -77.47
C ILE F 41 -20.40 -13.49 -78.08
N LEU F 42 -21.08 -14.57 -78.50
CA LEU F 42 -20.38 -15.69 -79.12
C LEU F 42 -19.64 -15.25 -80.38
N ALA F 43 -20.30 -14.45 -81.22
CA ALA F 43 -19.65 -13.95 -82.42
C ALA F 43 -18.38 -13.18 -82.08
N ARG F 44 -18.43 -12.36 -81.03
CA ARG F 44 -17.22 -11.63 -80.63
C ARG F 44 -16.14 -12.58 -80.09
N VAL F 45 -16.56 -13.64 -79.37
CA VAL F 45 -15.59 -14.64 -78.90
C VAL F 45 -14.85 -15.26 -80.08
N LYS F 46 -15.59 -15.61 -81.14
CA LYS F 46 -14.96 -16.19 -82.32
C LYS F 46 -14.05 -15.18 -83.01
N ASP F 47 -14.54 -13.95 -83.19
CA ASP F 47 -13.78 -12.95 -83.94
C ASP F 47 -12.49 -12.55 -83.23
N GLN F 48 -12.46 -12.60 -81.91
CA GLN F 48 -11.27 -12.28 -81.14
C GLN F 48 -10.40 -13.49 -80.84
N ALA F 49 -10.82 -14.69 -81.24
CA ALA F 49 -10.08 -15.93 -80.99
C ALA F 49 -9.72 -16.05 -79.51
N LEU F 50 -10.72 -15.78 -78.66
CA LEU F 50 -10.49 -15.80 -77.22
C LEU F 50 -9.95 -17.15 -76.77
N GLY F 51 -10.46 -18.23 -77.35
CA GLY F 51 -10.04 -19.57 -76.97
C GLY F 51 -11.04 -20.58 -77.48
N GLU F 52 -10.83 -21.82 -77.05
CA GLU F 52 -11.69 -22.91 -77.49
C GLU F 52 -13.13 -22.67 -77.01
N ILE F 53 -14.09 -23.02 -77.87
CA ILE F 53 -15.51 -22.91 -77.57
C ILE F 53 -16.09 -24.32 -77.47
N LEU F 54 -16.80 -24.59 -76.38
CA LEU F 54 -17.33 -25.92 -76.09
C LEU F 54 -18.81 -25.86 -75.77
N GLU F 55 -19.52 -26.94 -76.13
CA GLU F 55 -20.89 -27.13 -75.70
C GLU F 55 -20.91 -27.76 -74.32
N PRO F 56 -21.98 -27.57 -73.55
CA PRO F 56 -22.00 -28.09 -72.18
C PRO F 56 -22.27 -29.60 -72.13
N GLU F 57 -21.84 -30.19 -71.03
CA GLU F 57 -22.20 -31.56 -70.69
C GLU F 57 -23.54 -31.56 -69.96
N GLU F 58 -24.24 -32.69 -70.05
CA GLU F 58 -25.51 -32.85 -69.33
C GLU F 58 -25.22 -33.43 -67.96
N PHE F 59 -25.46 -32.63 -66.92
CA PHE F 59 -25.20 -33.05 -65.54
C PHE F 59 -26.45 -33.52 -64.81
N GLY F 60 -27.63 -33.36 -65.39
CA GLY F 60 -28.84 -33.73 -64.72
C GLY F 60 -29.25 -32.72 -63.67
N LEU F 61 -30.32 -33.05 -62.95
CA LEU F 61 -30.93 -32.16 -61.98
C LEU F 61 -30.25 -32.18 -60.61
N GLY F 62 -29.38 -33.15 -60.35
CA GLY F 62 -28.70 -33.28 -59.08
C GLY F 62 -28.04 -31.99 -58.61
N PRO F 63 -27.06 -31.49 -59.36
CA PRO F 63 -26.40 -30.23 -58.95
C PRO F 63 -27.33 -29.04 -58.91
N VAL F 64 -28.38 -29.02 -59.74
CA VAL F 64 -29.36 -27.94 -59.67
C VAL F 64 -30.12 -28.01 -58.36
N LYS F 65 -30.48 -29.23 -57.93
CA LYS F 65 -31.20 -29.43 -56.68
C LYS F 65 -30.33 -29.26 -55.44
N ARG F 66 -29.01 -29.12 -55.60
CA ARG F 66 -28.18 -28.71 -54.46
C ARG F 66 -28.48 -27.28 -54.04
N VAL F 67 -29.14 -26.50 -54.89
CA VAL F 67 -29.40 -25.09 -54.65
C VAL F 67 -30.90 -24.78 -54.65
N HIS F 68 -31.66 -25.37 -55.57
CA HIS F 68 -33.07 -25.10 -55.69
C HIS F 68 -33.89 -26.27 -55.12
N THR F 69 -35.08 -25.96 -54.65
CA THR F 69 -35.94 -26.98 -54.06
C THR F 69 -36.56 -27.85 -55.13
N ALA F 70 -36.90 -29.09 -54.73
CA ALA F 70 -37.48 -30.05 -55.66
C ALA F 70 -38.81 -29.57 -56.21
N ASP F 71 -39.66 -28.99 -55.35
CA ASP F 71 -40.94 -28.47 -55.79
C ASP F 71 -40.76 -27.37 -56.85
N TYR F 72 -39.75 -26.52 -56.67
CA TYR F 72 -39.51 -25.44 -57.62
C TYR F 72 -39.09 -25.97 -58.98
N VAL F 73 -38.16 -26.93 -58.99
CA VAL F 73 -37.69 -27.52 -60.25
C VAL F 73 -38.85 -28.23 -60.96
N SER F 74 -39.65 -28.98 -60.22
CA SER F 74 -40.83 -29.62 -60.81
C SER F 74 -41.77 -28.57 -61.41
N PHE F 75 -42.05 -27.51 -60.64
CA PHE F 75 -42.90 -26.44 -61.14
C PHE F 75 -42.39 -25.88 -62.45
N LEU F 76 -41.07 -25.61 -62.53
CA LEU F 76 -40.53 -25.11 -63.79
C LEU F 76 -40.68 -26.11 -64.91
N GLU F 77 -40.64 -27.41 -64.60
CA GLU F 77 -40.78 -28.38 -65.69
C GLU F 77 -42.21 -28.43 -66.22
N THR F 78 -43.22 -28.32 -65.34
CA THR F 78 -44.60 -28.49 -65.78
C THR F 78 -45.35 -27.19 -66.05
N CYS F 79 -44.75 -26.03 -65.75
CA CYS F 79 -45.53 -24.79 -65.70
C CYS F 79 -46.21 -24.48 -67.01
N TRP F 80 -45.47 -24.53 -68.13
CA TRP F 80 -46.05 -24.18 -69.42
C TRP F 80 -47.19 -25.12 -69.79
N ASP F 81 -47.00 -26.43 -69.61
CA ASP F 81 -48.06 -27.39 -69.91
C ASP F 81 -49.30 -27.12 -69.06
N GLU F 82 -49.11 -26.84 -67.76
CA GLU F 82 -50.26 -26.55 -66.90
C GLU F 82 -50.96 -25.27 -67.37
N TRP F 83 -50.18 -24.27 -67.77
CA TRP F 83 -50.73 -23.01 -68.25
C TRP F 83 -51.60 -23.23 -69.49
N VAL F 84 -51.07 -23.95 -70.48
CA VAL F 84 -51.81 -24.22 -71.71
C VAL F 84 -53.05 -25.05 -71.41
N ALA F 85 -52.92 -26.09 -70.58
CA ALA F 85 -54.06 -26.96 -70.28
C ALA F 85 -55.17 -26.23 -69.54
N ALA F 86 -54.83 -25.17 -68.80
CA ALA F 86 -55.83 -24.38 -68.08
C ALA F 86 -56.54 -23.38 -68.98
N GLY F 87 -56.22 -23.33 -70.27
CA GLY F 87 -56.93 -22.50 -71.21
C GLY F 87 -56.40 -21.10 -71.41
N LYS F 88 -55.26 -20.75 -70.80
CA LYS F 88 -54.69 -19.43 -70.99
C LYS F 88 -54.14 -19.25 -72.39
N ARG F 89 -54.33 -18.05 -72.96
CA ARG F 89 -54.02 -17.76 -74.35
C ARG F 89 -52.72 -16.98 -74.55
N GLY F 90 -52.23 -16.30 -73.52
CA GLY F 90 -50.94 -15.63 -73.59
C GLY F 90 -49.83 -16.51 -73.07
N GLU F 91 -48.63 -15.93 -73.01
CA GLU F 91 -47.53 -16.59 -72.33
C GLU F 91 -47.78 -16.61 -70.82
N ALA F 92 -47.03 -17.46 -70.12
CA ALA F 92 -47.26 -17.66 -68.69
C ALA F 92 -46.64 -16.51 -67.91
N ILE F 93 -47.50 -15.69 -67.31
CA ILE F 93 -47.10 -14.51 -66.54
C ILE F 93 -47.86 -14.52 -65.21
N PRO F 94 -47.19 -14.28 -64.09
CA PRO F 94 -47.92 -14.21 -62.82
C PRO F 94 -48.84 -12.99 -62.79
N THR F 95 -50.04 -13.19 -62.24
CA THR F 95 -50.99 -12.10 -62.06
C THR F 95 -51.27 -11.79 -60.60
N PHE F 96 -51.18 -12.78 -59.72
CA PHE F 96 -51.44 -12.61 -58.30
C PHE F 96 -50.28 -13.21 -57.52
N TRP F 97 -50.05 -12.70 -56.30
CA TRP F 97 -48.95 -13.18 -55.49
C TRP F 97 -49.30 -13.02 -54.01
N VAL F 98 -48.39 -13.49 -53.15
CA VAL F 98 -48.55 -13.37 -51.71
C VAL F 98 -48.26 -11.93 -51.30
N GLY F 99 -49.30 -11.10 -51.26
CA GLY F 99 -49.13 -9.75 -50.79
C GLY F 99 -48.87 -9.72 -49.29
N ARG F 100 -48.42 -8.56 -48.83
CA ARG F 100 -48.17 -8.39 -47.40
C ARG F 100 -49.46 -8.65 -46.62
N GLY F 101 -49.36 -9.55 -45.63
CA GLY F 101 -50.51 -9.94 -44.86
C GLY F 101 -51.21 -11.19 -45.32
N MET F 102 -50.77 -11.80 -46.41
CA MET F 102 -51.32 -13.07 -46.87
C MET F 102 -50.37 -14.21 -46.50
N ARG F 103 -50.88 -15.43 -46.66
CA ARG F 103 -50.15 -16.62 -46.26
C ARG F 103 -49.22 -17.11 -47.37
N ALA F 104 -47.98 -17.42 -46.99
CA ALA F 104 -47.04 -18.09 -47.89
C ALA F 104 -47.39 -19.59 -47.95
N ARG F 105 -48.50 -19.87 -48.64
CA ARG F 105 -49.06 -21.21 -48.73
C ARG F 105 -49.20 -21.57 -50.20
N LEU F 106 -48.66 -22.72 -50.58
CA LEU F 106 -48.66 -23.16 -51.98
C LEU F 106 -50.05 -23.63 -52.39
N PRO F 107 -50.70 -23.00 -53.38
CA PRO F 107 -52.02 -23.48 -53.82
C PRO F 107 -51.96 -24.45 -54.99
N LYS F 108 -53.13 -24.93 -55.42
CA LYS F 108 -53.23 -25.90 -56.51
C LYS F 108 -53.27 -25.26 -57.89
N ASP F 109 -53.97 -24.14 -58.04
CA ASP F 109 -54.18 -23.56 -59.36
C ASP F 109 -52.87 -23.01 -59.93
N ILE F 110 -52.74 -23.09 -61.26
CA ILE F 110 -51.49 -22.70 -61.91
C ILE F 110 -51.20 -21.22 -61.71
N ASP F 111 -52.24 -20.38 -61.67
CA ASP F 111 -52.01 -18.97 -61.40
C ASP F 111 -51.40 -18.77 -60.01
N GLY F 112 -51.98 -19.45 -59.01
CA GLY F 112 -51.46 -19.34 -57.65
C GLY F 112 -50.05 -19.89 -57.51
N ARG F 113 -49.75 -20.99 -58.21
CA ARG F 113 -48.40 -21.52 -58.21
C ARG F 113 -47.42 -20.56 -58.86
N LEU F 114 -47.81 -19.95 -59.98
CA LEU F 114 -47.00 -18.93 -60.61
C LEU F 114 -46.68 -17.79 -59.65
N GLY F 115 -47.69 -17.32 -58.92
CA GLY F 115 -47.45 -16.24 -57.98
C GLY F 115 -46.58 -16.65 -56.80
N TYR F 116 -46.82 -17.85 -56.27
CA TYR F 116 -46.04 -18.34 -55.14
C TYR F 116 -44.56 -18.37 -55.47
N TYR F 117 -44.21 -18.77 -56.69
CA TYR F 117 -42.83 -19.04 -57.08
C TYR F 117 -42.15 -17.87 -57.78
N SER F 118 -42.75 -16.68 -57.75
CA SER F 118 -42.22 -15.55 -58.50
C SER F 118 -42.07 -14.32 -57.62
N LEU F 119 -41.15 -13.44 -58.04
CA LEU F 119 -41.00 -12.12 -57.46
C LEU F 119 -41.33 -11.00 -58.43
N GLY F 120 -41.72 -11.33 -59.66
CA GLY F 120 -42.01 -10.32 -60.66
C GLY F 120 -42.79 -10.91 -61.82
N ALA F 121 -43.42 -10.02 -62.58
CA ALA F 121 -44.17 -10.41 -63.77
C ALA F 121 -43.45 -10.04 -65.06
N ASP F 122 -42.15 -9.75 -64.98
CA ASP F 122 -41.37 -9.37 -66.14
C ASP F 122 -40.72 -10.54 -66.86
N THR F 123 -40.99 -11.78 -66.42
CA THR F 123 -40.26 -12.96 -66.89
C THR F 123 -41.26 -13.99 -67.39
N SER F 124 -41.72 -13.81 -68.63
CA SER F 124 -42.69 -14.72 -69.22
C SER F 124 -42.09 -16.11 -69.41
N ILE F 125 -42.93 -17.13 -69.25
CA ILE F 125 -42.56 -18.52 -69.47
C ILE F 125 -43.34 -19.06 -70.67
N SER F 126 -42.65 -19.74 -71.57
CA SER F 126 -43.29 -20.38 -72.72
C SER F 126 -42.59 -21.71 -72.98
N ASP F 127 -42.93 -22.32 -74.11
CA ASP F 127 -42.32 -23.59 -74.49
C ASP F 127 -40.82 -23.41 -74.69
N GLY F 128 -40.04 -24.35 -74.14
CA GLY F 128 -38.60 -24.30 -74.24
C GLY F 128 -37.88 -23.57 -73.13
N THR F 129 -38.60 -22.87 -72.25
CA THR F 129 -37.95 -22.17 -71.15
C THR F 129 -37.26 -23.15 -70.20
N TRP F 130 -37.95 -24.24 -69.87
CA TRP F 130 -37.37 -25.30 -69.04
C TRP F 130 -36.06 -25.80 -69.62
N GLU F 131 -36.09 -26.19 -70.90
CA GLU F 131 -34.90 -26.71 -71.56
C GLU F 131 -33.77 -25.68 -71.59
N ALA F 132 -34.11 -24.41 -71.85
CA ALA F 132 -33.07 -23.38 -71.90
C ALA F 132 -32.44 -23.16 -70.53
N ALA F 133 -33.25 -23.08 -69.49
CA ALA F 133 -32.72 -22.90 -68.14
C ALA F 133 -31.82 -24.07 -67.74
N ARG F 134 -32.25 -25.31 -68.04
CA ARG F 134 -31.41 -26.47 -67.79
C ARG F 134 -30.08 -26.37 -68.53
N ALA F 135 -30.13 -25.98 -69.80
CA ALA F 135 -28.90 -25.88 -70.59
C ALA F 135 -27.97 -24.81 -70.04
N SER F 136 -28.52 -23.68 -69.58
CA SER F 136 -27.71 -22.60 -69.03
C SER F 136 -27.02 -23.03 -67.74
N ALA F 137 -27.76 -23.71 -66.86
CA ALA F 137 -27.14 -24.29 -65.67
C ALA F 137 -26.02 -25.24 -66.06
N ASN F 138 -26.23 -26.05 -67.10
CA ASN F 138 -25.19 -26.97 -67.54
C ASN F 138 -23.99 -26.21 -68.11
N VAL F 139 -24.21 -25.04 -68.70
CA VAL F 139 -23.12 -24.19 -69.16
C VAL F 139 -22.24 -23.78 -67.97
N ALA F 140 -22.88 -23.28 -66.91
CA ALA F 140 -22.11 -22.88 -65.74
C ALA F 140 -21.37 -24.06 -65.12
N LEU F 141 -22.04 -25.21 -64.99
CA LEU F 141 -21.38 -26.37 -64.39
C LEU F 141 -20.24 -26.90 -65.25
N THR F 142 -20.34 -26.77 -66.58
CA THR F 142 -19.25 -27.20 -67.43
C THR F 142 -18.06 -26.27 -67.32
N ALA F 143 -18.31 -24.96 -67.19
CA ALA F 143 -17.20 -24.04 -66.89
C ALA F 143 -16.53 -24.39 -65.57
N GLN F 144 -17.33 -24.68 -64.53
CA GLN F 144 -16.77 -25.08 -63.25
C GLN F 144 -15.93 -26.34 -63.39
N LYS F 145 -16.40 -27.31 -64.17
CA LYS F 145 -15.67 -28.55 -64.35
C LYS F 145 -14.35 -28.30 -65.07
N LEU F 146 -14.36 -27.42 -66.08
CA LEU F 146 -13.12 -27.02 -66.74
C LEU F 146 -12.13 -26.41 -65.76
N VAL F 147 -12.60 -25.54 -64.86
CA VAL F 147 -11.68 -24.86 -63.94
C VAL F 147 -11.09 -25.84 -62.94
N ALA F 148 -11.92 -26.68 -62.32
CA ALA F 148 -11.39 -27.63 -61.35
C ALA F 148 -10.46 -28.66 -61.97
N GLU F 149 -10.58 -28.93 -63.27
CA GLU F 149 -9.71 -29.91 -63.93
C GLU F 149 -8.46 -29.29 -64.53
N GLY F 150 -8.20 -28.01 -64.27
CA GLY F 150 -6.92 -27.44 -64.63
C GLY F 150 -6.91 -26.02 -65.18
N GLU F 151 -8.04 -25.55 -65.69
CA GLU F 151 -8.08 -24.21 -66.29
C GLU F 151 -8.04 -23.14 -65.20
N ARG F 152 -7.29 -22.07 -65.48
CA ARG F 152 -7.27 -20.93 -64.57
C ARG F 152 -8.65 -20.29 -64.48
N ALA F 153 -9.36 -20.21 -65.61
CA ALA F 153 -10.66 -19.57 -65.66
C ALA F 153 -11.45 -20.14 -66.83
N ALA F 154 -12.75 -19.86 -66.84
CA ALA F 154 -13.63 -20.29 -67.92
C ALA F 154 -14.82 -19.35 -67.99
N PHE F 155 -15.35 -19.17 -69.21
CA PHE F 155 -16.47 -18.28 -69.48
C PHE F 155 -17.73 -19.10 -69.67
N ALA F 156 -18.67 -19.02 -68.73
CA ALA F 156 -19.97 -19.67 -68.88
C ALA F 156 -20.90 -18.67 -69.56
N LEU F 157 -21.08 -18.82 -70.87
CA LEU F 157 -21.92 -17.92 -71.66
C LEU F 157 -23.39 -18.34 -71.45
N CYS F 158 -23.88 -18.02 -70.26
CA CYS F 158 -25.21 -18.43 -69.83
C CYS F 158 -26.30 -17.56 -70.44
N ARG F 159 -27.37 -18.20 -70.90
CA ARG F 159 -28.62 -17.54 -71.18
C ARG F 159 -29.75 -18.56 -71.10
N PRO F 160 -30.77 -18.35 -70.26
CA PRO F 160 -31.04 -17.14 -69.45
C PRO F 160 -30.06 -16.91 -68.29
N PRO F 161 -30.02 -15.68 -67.76
CA PRO F 161 -29.18 -15.40 -66.58
C PRO F 161 -29.74 -16.00 -65.31
N GLY F 162 -29.08 -15.79 -64.17
CA GLY F 162 -29.48 -16.50 -62.97
C GLY F 162 -29.47 -15.80 -61.62
N HIS F 163 -28.77 -14.67 -61.49
CA HIS F 163 -28.45 -14.20 -60.14
C HIS F 163 -29.64 -13.70 -59.35
N HIS F 164 -30.82 -13.55 -59.97
CA HIS F 164 -32.02 -13.14 -59.25
C HIS F 164 -32.83 -14.30 -58.68
N ALA F 165 -32.54 -15.53 -59.06
CA ALA F 165 -33.37 -16.66 -58.68
C ALA F 165 -33.02 -17.13 -57.27
N HIS F 166 -34.01 -17.16 -56.39
CA HIS F 166 -33.84 -17.76 -55.08
C HIS F 166 -33.90 -19.28 -55.19
N ALA F 167 -33.84 -19.97 -54.04
CA ALA F 167 -33.99 -21.42 -54.05
C ALA F 167 -35.31 -21.85 -54.66
N ASP F 168 -36.36 -21.03 -54.53
CA ASP F 168 -37.67 -21.39 -55.08
C ASP F 168 -38.43 -20.15 -55.52
N VAL F 169 -37.72 -19.16 -56.09
CA VAL F 169 -38.33 -17.95 -56.64
C VAL F 169 -37.61 -17.59 -57.94
N PHE F 170 -38.39 -17.32 -58.99
CA PHE F 170 -37.83 -16.81 -60.23
C PHE F 170 -38.29 -15.39 -60.49
N GLY F 171 -37.57 -14.72 -61.37
CA GLY F 171 -37.89 -13.35 -61.75
C GLY F 171 -36.64 -12.63 -62.24
N GLY F 172 -36.86 -11.44 -62.78
CA GLY F 172 -35.77 -10.67 -63.34
C GLY F 172 -35.01 -11.43 -64.43
N TYR F 173 -35.73 -12.16 -65.28
CA TYR F 173 -35.22 -12.92 -66.41
C TYR F 173 -34.45 -14.16 -65.99
N CYS F 174 -34.50 -14.53 -64.71
CA CYS F 174 -33.70 -15.61 -64.16
C CYS F 174 -34.59 -16.76 -63.68
N PHE F 175 -34.08 -17.99 -63.82
CA PHE F 175 -34.81 -19.18 -63.37
C PHE F 175 -33.98 -20.06 -62.46
N PHE F 176 -32.80 -20.47 -62.92
CA PHE F 176 -31.84 -21.19 -62.11
C PHE F 176 -30.63 -20.30 -61.86
N ASN F 177 -30.15 -20.28 -60.63
CA ASN F 177 -29.06 -19.40 -60.24
C ASN F 177 -27.74 -20.06 -60.62
N ASN F 178 -27.30 -19.81 -61.86
CA ASN F 178 -26.13 -20.49 -62.41
C ASN F 178 -24.91 -20.26 -61.53
N ALA F 179 -24.70 -19.02 -61.07
CA ALA F 179 -23.54 -18.72 -60.24
C ALA F 179 -23.57 -19.51 -58.94
N ALA F 180 -24.74 -19.56 -58.29
CA ALA F 180 -24.86 -20.31 -57.04
C ALA F 180 -24.67 -21.81 -57.27
N ILE F 181 -25.17 -22.32 -58.39
CA ILE F 181 -25.00 -23.74 -58.70
C ILE F 181 -23.53 -24.07 -58.90
N ALA F 182 -22.80 -23.20 -59.62
CA ALA F 182 -21.38 -23.42 -59.82
C ALA F 182 -20.61 -23.35 -58.50
N ALA F 183 -20.92 -22.34 -57.67
CA ALA F 183 -20.25 -22.22 -56.37
C ALA F 183 -20.49 -23.45 -55.51
N GLN F 184 -21.74 -23.91 -55.45
CA GLN F 184 -22.07 -25.10 -54.68
C GLN F 184 -21.38 -26.34 -55.24
N ALA F 185 -21.19 -26.40 -56.56
CA ALA F 185 -20.42 -27.50 -57.13
C ALA F 185 -18.97 -27.46 -56.66
N PHE F 186 -18.35 -26.26 -56.69
CA PHE F 186 -17.03 -26.09 -56.10
C PHE F 186 -16.99 -26.64 -54.68
N ARG F 187 -17.96 -26.24 -53.85
CA ARG F 187 -18.00 -26.74 -52.48
C ARG F 187 -18.11 -28.27 -52.44
N ASP F 188 -19.03 -28.83 -53.23
CA ASP F 188 -19.28 -30.27 -53.21
C ASP F 188 -18.10 -31.08 -53.69
N GLN F 189 -17.19 -30.47 -54.45
CA GLN F 189 -16.00 -31.16 -54.93
C GLN F 189 -14.78 -30.94 -54.03
N GLY F 190 -14.99 -30.39 -52.83
CA GLY F 190 -13.93 -30.27 -51.85
C GLY F 190 -13.28 -28.92 -51.72
N TYR F 191 -13.76 -27.90 -52.43
CA TYR F 191 -13.26 -26.54 -52.24
C TYR F 191 -13.85 -25.99 -50.95
N GLY F 192 -12.99 -25.64 -49.99
CA GLY F 192 -13.48 -25.28 -48.66
C GLY F 192 -14.31 -24.01 -48.66
N LYS F 193 -13.83 -22.97 -49.34
CA LYS F 193 -14.49 -21.67 -49.35
C LYS F 193 -14.59 -21.16 -50.79
N VAL F 194 -15.72 -20.53 -51.11
CA VAL F 194 -15.98 -19.99 -52.43
C VAL F 194 -16.48 -18.56 -52.27
N ALA F 195 -16.03 -17.66 -53.15
CA ALA F 195 -16.53 -16.31 -53.20
C ALA F 195 -17.31 -16.08 -54.50
N VAL F 196 -18.45 -15.40 -54.38
CA VAL F 196 -19.27 -15.02 -55.53
C VAL F 196 -19.33 -13.50 -55.58
N LEU F 197 -18.73 -12.92 -56.61
CA LEU F 197 -18.69 -11.48 -56.80
C LEU F 197 -19.60 -11.11 -57.96
N ASP F 198 -20.57 -10.25 -57.69
CA ASP F 198 -21.65 -9.88 -58.62
C ASP F 198 -21.39 -8.45 -59.10
N VAL F 199 -20.89 -8.31 -60.33
CA VAL F 199 -20.61 -7.01 -60.93
C VAL F 199 -21.71 -6.56 -61.88
N ASP F 200 -22.78 -7.34 -62.02
CA ASP F 200 -23.93 -6.93 -62.79
C ASP F 200 -24.53 -5.68 -62.14
N PHE F 201 -25.18 -4.84 -62.96
CA PHE F 201 -25.73 -3.59 -62.45
C PHE F 201 -26.76 -3.81 -61.35
N HIS F 202 -27.46 -4.93 -61.38
CA HIS F 202 -28.52 -5.23 -60.44
C HIS F 202 -28.02 -6.11 -59.30
N HIS F 203 -28.68 -5.99 -58.14
CA HIS F 203 -28.32 -6.79 -56.99
C HIS F 203 -28.57 -8.26 -57.26
N GLY F 204 -27.61 -9.10 -56.87
CA GLY F 204 -27.79 -10.54 -56.97
C GLY F 204 -28.56 -11.10 -55.80
N ASN F 205 -29.85 -10.79 -55.72
CA ASN F 205 -30.63 -11.13 -54.54
C ASN F 205 -30.79 -12.64 -54.38
N GLY F 206 -30.88 -13.37 -55.48
CA GLY F 206 -30.99 -14.83 -55.37
C GLY F 206 -29.75 -15.45 -54.75
N THR F 207 -28.57 -15.03 -55.22
CA THR F 207 -27.33 -15.56 -54.66
C THR F 207 -27.18 -15.18 -53.20
N GLN F 208 -27.51 -13.93 -52.84
CA GLN F 208 -27.47 -13.52 -51.44
C GLN F 208 -28.38 -14.39 -50.59
N ALA F 209 -29.62 -14.61 -51.06
CA ALA F 209 -30.58 -15.36 -50.26
C ALA F 209 -30.15 -16.82 -50.10
N ILE F 210 -29.63 -17.43 -51.16
CA ILE F 210 -29.32 -18.87 -51.12
C ILE F 210 -28.27 -19.17 -50.06
N PHE F 211 -27.27 -18.30 -49.90
CA PHE F 211 -26.17 -18.55 -48.97
C PHE F 211 -26.23 -17.64 -47.74
N TYR F 212 -27.38 -17.04 -47.44
CA TYR F 212 -27.43 -15.95 -46.46
C TYR F 212 -27.03 -16.41 -45.07
N ASP F 213 -27.31 -17.66 -44.70
CA ASP F 213 -27.00 -18.16 -43.37
C ASP F 213 -25.74 -19.04 -43.35
N ARG F 214 -24.88 -18.92 -44.35
CA ARG F 214 -23.68 -19.74 -44.46
C ARG F 214 -22.45 -18.85 -44.50
N SER F 215 -21.36 -19.32 -43.89
CA SER F 215 -20.09 -18.60 -43.92
C SER F 215 -19.07 -19.22 -44.87
N ASP F 216 -19.38 -20.38 -45.47
CA ASP F 216 -18.47 -21.01 -46.42
C ASP F 216 -18.56 -20.42 -47.82
N VAL F 217 -19.60 -19.65 -48.11
CA VAL F 217 -19.77 -19.00 -49.40
C VAL F 217 -19.96 -17.51 -49.14
N LEU F 218 -18.96 -16.71 -49.51
CA LEU F 218 -19.03 -15.26 -49.36
C LEU F 218 -19.72 -14.67 -50.58
N THR F 219 -20.74 -13.84 -50.36
CA THR F 219 -21.50 -13.23 -51.45
C THR F 219 -21.31 -11.72 -51.40
N ILE F 220 -20.82 -11.14 -52.50
CA ILE F 220 -20.64 -9.71 -52.63
C ILE F 220 -21.34 -9.25 -53.90
N SER F 221 -22.00 -8.09 -53.84
CA SER F 221 -22.62 -7.55 -55.04
C SER F 221 -22.48 -6.04 -55.10
N LEU F 222 -22.08 -5.52 -56.26
CA LEU F 222 -22.10 -4.08 -56.53
C LEU F 222 -23.30 -3.79 -57.42
N HIS F 223 -24.09 -2.77 -57.07
CA HIS F 223 -25.32 -2.57 -57.83
C HIS F 223 -25.89 -1.18 -57.64
N GLY F 224 -26.82 -0.83 -58.53
CA GLY F 224 -27.60 0.38 -58.35
C GLY F 224 -28.51 0.27 -57.14
N ASP F 225 -28.76 1.41 -56.53
CA ASP F 225 -29.51 1.50 -55.28
C ASP F 225 -30.89 0.87 -55.43
N PRO F 226 -31.19 -0.19 -54.68
CA PRO F 226 -32.51 -0.83 -54.81
C PRO F 226 -33.67 0.07 -54.40
N ASP F 227 -33.41 1.15 -53.68
CA ASP F 227 -34.45 2.17 -53.49
C ASP F 227 -34.94 2.71 -54.83
N LEU F 228 -34.08 2.67 -55.84
CA LEU F 228 -34.35 3.23 -57.16
C LEU F 228 -34.66 2.17 -58.21
N VAL F 229 -34.02 1.00 -58.15
CA VAL F 229 -34.06 0.04 -59.23
C VAL F 229 -34.39 -1.36 -58.73
N PHE F 230 -34.76 -2.21 -59.69
CA PHE F 230 -34.90 -3.63 -59.44
C PHE F 230 -33.66 -4.16 -58.74
N PRO F 231 -33.78 -5.07 -57.75
CA PRO F 231 -34.99 -5.77 -57.28
C PRO F 231 -35.76 -5.09 -56.14
N HIS F 232 -35.38 -3.87 -55.77
CA HIS F 232 -36.15 -3.01 -54.87
C HIS F 232 -36.23 -3.47 -53.41
N PHE F 233 -36.39 -4.77 -53.17
CA PHE F 233 -36.69 -5.25 -51.81
C PHE F 233 -35.56 -6.06 -51.20
N LEU F 234 -34.40 -6.12 -51.85
CA LEU F 234 -33.18 -6.64 -51.26
C LEU F 234 -32.01 -5.88 -51.88
N GLY F 235 -30.84 -5.99 -51.25
CA GLY F 235 -29.65 -5.36 -51.78
C GLY F 235 -29.17 -4.15 -51.02
N PHE F 236 -29.78 -3.81 -49.90
CA PHE F 236 -29.37 -2.64 -49.14
C PHE F 236 -28.13 -2.95 -48.32
N GLU F 237 -27.37 -1.89 -48.00
CA GLU F 237 -26.06 -2.04 -47.39
C GLU F 237 -26.12 -2.62 -45.98
N ASP F 238 -27.29 -2.63 -45.34
CA ASP F 238 -27.43 -3.18 -44.00
C ASP F 238 -27.69 -4.69 -43.99
N GLU F 239 -27.67 -5.35 -45.16
CA GLU F 239 -27.85 -6.80 -45.23
C GLU F 239 -26.48 -7.48 -45.22
N THR F 240 -26.05 -7.93 -44.04
CA THR F 240 -24.73 -8.52 -43.88
C THR F 240 -24.78 -10.02 -43.54
N GLY F 241 -25.96 -10.63 -43.57
CA GLY F 241 -26.11 -12.04 -43.27
C GLY F 241 -26.93 -12.28 -42.02
N GLU F 242 -27.11 -13.56 -41.72
CA GLU F 242 -27.83 -13.99 -40.53
C GLU F 242 -27.25 -15.32 -40.06
N GLY F 243 -27.30 -15.55 -38.76
CA GLY F 243 -26.81 -16.81 -38.22
C GLY F 243 -25.32 -16.95 -38.45
N ASP F 244 -24.91 -18.13 -38.94
CA ASP F 244 -23.51 -18.35 -39.27
C ASP F 244 -23.03 -17.44 -40.39
N GLY F 245 -23.95 -16.91 -41.21
CA GLY F 245 -23.61 -16.04 -42.30
C GLY F 245 -23.39 -14.59 -41.96
N GLU F 246 -23.40 -14.22 -40.67
CA GLU F 246 -23.19 -12.83 -40.28
C GLU F 246 -21.84 -12.33 -40.79
N ALA F 247 -21.88 -11.24 -41.56
CA ALA F 247 -20.75 -10.59 -42.24
C ALA F 247 -20.19 -11.41 -43.39
N TYR F 248 -20.94 -12.35 -43.93
CA TYR F 248 -20.51 -13.07 -45.11
C TYR F 248 -21.40 -12.75 -46.31
N ASN F 249 -22.06 -11.59 -46.26
CA ASN F 249 -22.70 -10.96 -47.40
C ASN F 249 -22.38 -9.48 -47.37
N LEU F 250 -22.07 -8.92 -48.54
CA LEU F 250 -21.69 -7.52 -48.66
C LEU F 250 -22.37 -6.92 -49.88
N ASN F 251 -23.19 -5.90 -49.64
CA ASN F 251 -23.85 -5.13 -50.69
C ASN F 251 -23.21 -3.75 -50.80
N ILE F 252 -22.84 -3.35 -52.01
CA ILE F 252 -22.22 -2.04 -52.27
C ILE F 252 -23.08 -1.33 -53.31
N VAL F 253 -23.69 -0.22 -52.89
CA VAL F 253 -24.75 0.45 -53.63
C VAL F 253 -24.21 1.75 -54.24
N PHE F 254 -24.68 2.07 -55.45
CA PHE F 254 -24.26 3.29 -56.13
C PHE F 254 -25.45 4.06 -56.69
N PRO F 255 -25.35 5.38 -56.79
CA PRO F 255 -26.47 6.21 -57.28
C PRO F 255 -26.40 6.37 -58.79
N PRO F 256 -27.39 7.06 -59.39
CA PRO F 256 -27.33 7.31 -60.84
C PRO F 256 -26.08 8.03 -61.27
N ASP F 257 -25.67 7.76 -62.53
CA ASP F 257 -24.56 8.40 -63.23
C ASP F 257 -23.20 7.97 -62.72
N THR F 258 -23.12 6.95 -61.88
CA THR F 258 -21.84 6.51 -61.32
C THR F 258 -20.89 6.03 -62.40
N PRO F 259 -19.69 6.60 -62.53
CA PRO F 259 -18.74 6.12 -63.54
C PRO F 259 -17.75 5.10 -62.97
N PHE F 260 -16.83 4.61 -63.81
CA PHE F 260 -15.87 3.61 -63.37
C PHE F 260 -14.92 4.16 -62.31
N SER F 261 -14.62 5.46 -62.35
CA SER F 261 -13.70 6.03 -61.37
C SER F 261 -14.22 5.89 -59.95
N ILE F 262 -15.54 5.88 -59.77
CA ILE F 262 -16.16 5.69 -58.46
C ILE F 262 -16.53 4.24 -58.22
N TRP F 263 -17.08 3.58 -59.24
CA TRP F 263 -17.48 2.18 -59.14
C TRP F 263 -16.29 1.28 -58.78
N SER F 264 -15.12 1.59 -59.34
CA SER F 264 -13.92 0.80 -59.08
C SER F 264 -13.42 0.93 -57.65
N GLN F 265 -13.84 1.98 -56.92
CA GLN F 265 -13.53 2.03 -55.50
C GLN F 265 -14.30 0.97 -54.73
N GLY F 266 -15.59 0.82 -55.04
CA GLY F 266 -16.34 -0.29 -54.50
C GLY F 266 -15.78 -1.64 -54.91
N LEU F 267 -15.35 -1.75 -56.17
CA LEU F 267 -14.70 -2.98 -56.63
C LEU F 267 -13.44 -3.28 -55.80
N GLU F 268 -12.66 -2.25 -55.50
CA GLU F 268 -11.46 -2.44 -54.69
C GLU F 268 -11.83 -2.91 -53.27
N LYS F 269 -12.87 -2.33 -52.69
CA LYS F 269 -13.33 -2.79 -51.37
C LYS F 269 -13.74 -4.27 -51.42
N ALA F 270 -14.49 -4.64 -52.46
CA ALA F 270 -14.88 -6.04 -52.61
C ALA F 270 -13.66 -6.95 -52.74
N CYS F 271 -12.65 -6.50 -53.50
CA CYS F 271 -11.45 -7.31 -53.69
C CYS F 271 -10.68 -7.48 -52.39
N GLU F 272 -10.64 -6.44 -51.56
CA GLU F 272 -9.98 -6.54 -50.26
C GLU F 272 -10.72 -7.52 -49.35
N ARG F 273 -12.05 -7.42 -49.32
CA ARG F 273 -12.86 -8.38 -48.57
C ARG F 273 -12.60 -9.80 -49.03
N ILE F 274 -12.51 -10.02 -50.34
CA ILE F 274 -12.22 -11.35 -50.85
C ILE F 274 -10.84 -11.82 -50.39
N ARG F 275 -9.85 -10.92 -50.43
CA ARG F 275 -8.52 -11.28 -49.97
C ARG F 275 -8.51 -11.76 -48.52
N THR F 276 -9.22 -11.03 -47.64
CA THR F 276 -9.26 -11.49 -46.25
C THR F 276 -10.03 -12.80 -46.11
N PHE F 277 -11.10 -12.97 -46.91
CA PHE F 277 -11.84 -14.23 -46.87
C PHE F 277 -10.98 -15.41 -47.32
N ALA F 278 -10.08 -15.19 -48.28
CA ALA F 278 -9.17 -16.18 -48.84
C ALA F 278 -9.92 -17.40 -49.36
N PRO F 279 -10.71 -17.26 -50.42
CA PRO F 279 -11.47 -18.40 -50.94
C PRO F 279 -10.59 -19.32 -51.77
N ASP F 280 -11.10 -20.53 -51.99
CA ASP F 280 -10.46 -21.50 -52.86
C ASP F 280 -10.92 -21.39 -54.31
N ALA F 281 -12.02 -20.70 -54.55
CA ALA F 281 -12.55 -20.52 -55.89
C ALA F 281 -13.36 -19.23 -55.94
N LEU F 282 -13.44 -18.66 -57.14
CA LEU F 282 -14.17 -17.41 -57.36
C LEU F 282 -15.15 -17.63 -58.49
N VAL F 283 -16.39 -17.21 -58.27
CA VAL F 283 -17.42 -17.17 -59.29
C VAL F 283 -17.81 -15.72 -59.48
N VAL F 284 -17.70 -15.22 -60.70
CA VAL F 284 -18.02 -13.83 -61.02
C VAL F 284 -19.32 -13.84 -61.81
N ALA F 285 -20.39 -13.31 -61.22
CA ALA F 285 -21.65 -13.10 -61.93
C ALA F 285 -21.50 -11.83 -62.75
N LEU F 286 -21.20 -11.99 -64.03
CA LEU F 286 -20.81 -10.87 -64.89
C LEU F 286 -22.02 -10.33 -65.64
N GLY F 287 -22.34 -9.07 -65.39
CA GLY F 287 -23.29 -8.34 -66.21
C GLY F 287 -22.61 -7.11 -66.80
N VAL F 288 -22.89 -6.83 -68.06
CA VAL F 288 -22.40 -5.63 -68.71
C VAL F 288 -23.49 -4.56 -68.82
N ASP F 289 -24.53 -4.65 -67.98
CA ASP F 289 -25.50 -3.58 -67.89
C ASP F 289 -24.97 -2.38 -67.10
N THR F 290 -23.74 -2.43 -66.61
CA THR F 290 -23.08 -1.23 -66.10
C THR F 290 -22.62 -0.30 -67.22
N PHE F 291 -22.85 -0.68 -68.47
CA PHE F 291 -22.37 0.08 -69.62
C PHE F 291 -23.11 1.41 -69.74
N GLU F 292 -22.39 2.43 -70.22
CA GLU F 292 -22.92 3.78 -70.31
C GLU F 292 -24.11 3.91 -71.26
N GLU F 293 -24.36 2.92 -72.10
N GLU F 293 -24.35 2.92 -72.11
CA GLU F 293 -25.48 2.97 -73.05
CA GLU F 293 -25.46 2.96 -73.05
C GLU F 293 -26.46 1.83 -72.82
C GLU F 293 -26.48 1.86 -72.81
N ASP F 294 -26.43 1.20 -71.65
CA ASP F 294 -27.39 0.14 -71.36
C ASP F 294 -28.79 0.73 -71.22
N PRO F 295 -29.81 0.14 -71.84
CA PRO F 295 -31.12 0.80 -71.93
C PRO F 295 -31.95 0.75 -70.66
N ILE F 296 -31.55 0.02 -69.63
CA ILE F 296 -32.39 -0.09 -68.43
C ILE F 296 -31.60 0.19 -67.16
N SER F 297 -30.40 0.76 -67.28
CA SER F 297 -29.53 0.97 -66.13
C SER F 297 -28.96 2.39 -66.19
N PHE F 298 -28.32 2.83 -65.08
CA PHE F 298 -27.83 4.21 -65.03
C PHE F 298 -26.37 4.34 -64.57
N PHE F 299 -25.54 3.33 -64.79
CA PHE F 299 -24.11 3.53 -64.59
C PHE F 299 -23.47 4.00 -65.90
N LYS F 300 -22.23 4.47 -65.82
CA LYS F 300 -21.57 5.09 -66.98
C LYS F 300 -20.19 4.51 -67.22
N LEU F 301 -20.07 3.19 -67.20
CA LEU F 301 -18.82 2.54 -67.58
C LEU F 301 -18.66 2.57 -69.10
N THR F 302 -17.40 2.70 -69.54
CA THR F 302 -17.08 2.62 -70.96
C THR F 302 -16.70 1.19 -71.34
N SER F 303 -16.55 0.96 -72.64
CA SER F 303 -16.16 -0.37 -73.11
C SER F 303 -14.74 -0.71 -72.67
N GLY F 304 -13.84 0.28 -72.70
CA GLY F 304 -12.47 0.06 -72.25
C GLY F 304 -12.38 -0.25 -70.77
N ASP F 305 -13.34 0.25 -69.98
CA ASP F 305 -13.36 -0.05 -68.55
C ASP F 305 -13.47 -1.54 -68.26
N TYR F 306 -14.07 -2.32 -69.17
CA TYR F 306 -14.21 -3.74 -68.94
C TYR F 306 -12.88 -4.48 -69.04
N LEU F 307 -11.96 -3.99 -69.86
CA LEU F 307 -10.59 -4.51 -69.83
C LEU F 307 -9.98 -4.32 -68.45
N LYS F 308 -10.11 -3.11 -67.89
CA LYS F 308 -9.63 -2.85 -66.54
C LYS F 308 -10.30 -3.78 -65.53
N LEU F 309 -11.60 -4.01 -65.68
CA LEU F 309 -12.31 -4.90 -64.77
C LEU F 309 -11.73 -6.31 -64.81
N GLY F 310 -11.56 -6.85 -66.02
CA GLY F 310 -10.98 -8.18 -66.17
C GLY F 310 -9.59 -8.26 -65.56
N LYS F 311 -8.77 -7.24 -65.79
CA LYS F 311 -7.42 -7.21 -65.21
C LYS F 311 -7.47 -7.27 -63.68
N ARG F 312 -8.27 -6.38 -63.07
CA ARG F 312 -8.35 -6.36 -61.61
C ARG F 312 -8.85 -7.70 -61.09
N LEU F 313 -9.80 -8.32 -61.79
CA LEU F 313 -10.29 -9.63 -61.35
C LEU F 313 -9.19 -10.68 -61.43
N GLU F 314 -8.38 -10.66 -62.49
CA GLU F 314 -7.28 -11.61 -62.60
C GLU F 314 -6.29 -11.44 -61.46
N GLN F 315 -6.03 -10.20 -61.05
CA GLN F 315 -5.05 -9.98 -59.99
C GLN F 315 -5.46 -10.60 -58.66
N LEU F 316 -6.70 -11.08 -58.51
CA LEU F 316 -7.07 -11.82 -57.31
C LEU F 316 -6.36 -13.17 -57.23
N GLY F 317 -5.88 -13.70 -58.36
CA GLY F 317 -5.11 -14.92 -58.36
C GLY F 317 -5.87 -16.17 -57.95
N LEU F 318 -7.12 -16.30 -58.39
CA LEU F 318 -7.99 -17.39 -57.97
C LEU F 318 -8.48 -18.17 -59.18
N PRO F 319 -8.83 -19.44 -59.01
CA PRO F 319 -9.61 -20.15 -60.04
C PRO F 319 -10.98 -19.50 -60.15
N THR F 320 -11.34 -19.09 -61.37
CA THR F 320 -12.45 -18.17 -61.57
C THR F 320 -13.41 -18.68 -62.64
N VAL F 321 -14.69 -18.72 -62.32
CA VAL F 321 -15.75 -19.01 -63.27
C VAL F 321 -16.56 -17.75 -63.48
N PHE F 322 -16.70 -17.32 -64.74
CA PHE F 322 -17.58 -16.20 -65.08
C PHE F 322 -18.91 -16.75 -65.58
N THR F 323 -20.01 -16.27 -65.00
CA THR F 323 -21.35 -16.59 -65.47
C THR F 323 -21.99 -15.34 -66.07
N MET F 324 -22.42 -15.45 -67.32
CA MET F 324 -23.05 -14.31 -67.99
C MET F 324 -24.40 -14.00 -67.36
N GLU F 325 -24.58 -12.74 -66.94
CA GLU F 325 -25.87 -12.30 -66.44
C GLU F 325 -26.50 -11.31 -67.40
N GLY F 326 -26.60 -10.04 -67.01
CA GLY F 326 -27.33 -9.04 -67.77
C GLY F 326 -26.45 -8.28 -68.76
N GLY F 327 -27.06 -7.25 -69.36
CA GLY F 327 -26.43 -6.50 -70.45
C GLY F 327 -27.31 -6.48 -71.68
N TYR F 328 -27.80 -5.30 -72.09
CA TYR F 328 -28.89 -5.23 -73.05
C TYR F 328 -28.69 -4.27 -74.22
N ASP F 329 -27.58 -3.54 -74.28
CA ASP F 329 -27.19 -2.84 -75.51
C ASP F 329 -26.52 -3.86 -76.42
N VAL F 330 -27.30 -4.45 -77.33
CA VAL F 330 -26.81 -5.57 -78.12
C VAL F 330 -25.66 -5.16 -79.04
N ASP F 331 -25.65 -3.91 -79.50
CA ASP F 331 -24.56 -3.44 -80.36
C ASP F 331 -23.19 -3.69 -79.72
N ALA F 332 -23.07 -3.45 -78.42
CA ALA F 332 -21.77 -3.48 -77.75
C ALA F 332 -21.63 -4.61 -76.73
N ILE F 333 -22.62 -5.48 -76.58
CA ILE F 333 -22.57 -6.50 -75.53
C ILE F 333 -21.39 -7.44 -75.74
N GLY F 334 -21.11 -7.81 -76.99
CA GLY F 334 -20.00 -8.70 -77.26
C GLY F 334 -18.66 -8.07 -76.95
N VAL F 335 -18.46 -6.83 -77.42
CA VAL F 335 -17.24 -6.10 -77.12
C VAL F 335 -17.05 -5.98 -75.61
N ASN F 336 -18.11 -5.67 -74.88
CA ASN F 336 -17.97 -5.46 -73.43
C ASN F 336 -17.61 -6.76 -72.70
N ALA F 337 -18.41 -7.82 -72.90
CA ALA F 337 -18.16 -9.06 -72.17
C ALA F 337 -16.80 -9.66 -72.55
N VAL F 338 -16.55 -9.81 -73.85
CA VAL F 338 -15.27 -10.35 -74.28
C VAL F 338 -14.14 -9.43 -73.83
N ASN F 339 -14.41 -8.13 -73.71
CA ASN F 339 -13.42 -7.21 -73.14
C ASN F 339 -13.06 -7.60 -71.72
N VAL F 340 -14.06 -8.00 -70.92
CA VAL F 340 -13.73 -8.50 -69.59
C VAL F 340 -12.82 -9.71 -69.70
N MET F 341 -13.13 -10.64 -70.61
CA MET F 341 -12.31 -11.84 -70.73
C MET F 341 -10.89 -11.54 -71.16
N GLN F 342 -10.72 -10.64 -72.14
CA GLN F 342 -9.40 -10.33 -72.66
C GLN F 342 -8.59 -9.53 -71.65
N GLY F 343 -9.23 -8.64 -70.91
CA GLY F 343 -8.56 -7.96 -69.82
C GLY F 343 -8.09 -8.92 -68.76
N PHE F 344 -8.89 -9.96 -68.48
CA PHE F 344 -8.42 -11.01 -67.58
C PHE F 344 -7.15 -11.66 -68.11
N GLU F 345 -7.11 -11.94 -69.42
CA GLU F 345 -5.96 -12.64 -69.99
C GLU F 345 -4.78 -11.71 -70.24
N GLY F 346 -4.93 -10.42 -69.98
CA GLY F 346 -3.84 -9.46 -70.03
C GLY F 346 -3.79 -8.64 -71.29
N LYS F 347 -4.74 -8.82 -72.21
CA LYS F 347 -4.78 -8.08 -73.47
C LYS F 347 -5.50 -6.74 -73.28
N SER F 348 -4.92 -5.88 -72.46
CA SER F 348 -5.55 -4.60 -72.16
C SER F 348 -4.58 -3.43 -72.32
N GLY G 4 21.25 -11.32 48.07
CA GLY G 4 20.02 -11.50 48.83
C GLY G 4 18.83 -11.88 47.97
N SER G 5 18.30 -13.07 48.21
CA SER G 5 17.19 -13.61 47.41
C SER G 5 16.24 -14.35 48.34
N MET G 6 15.07 -13.77 48.59
CA MET G 6 14.08 -14.33 49.50
C MET G 6 12.93 -14.97 48.72
N LYS G 7 12.53 -16.16 49.17
CA LYS G 7 11.43 -16.87 48.53
C LYS G 7 10.08 -16.38 49.07
N THR G 8 9.09 -16.37 48.19
CA THR G 8 7.73 -15.95 48.52
C THR G 8 6.77 -17.09 48.22
N VAL G 9 5.87 -17.37 49.15
CA VAL G 9 4.80 -18.35 48.96
C VAL G 9 3.51 -17.61 48.66
N PHE G 10 2.84 -18.02 47.58
CA PHE G 10 1.63 -17.35 47.11
C PHE G 10 0.66 -18.39 46.58
N SER G 11 -0.61 -18.25 46.96
CA SER G 11 -1.66 -19.13 46.47
C SER G 11 -2.69 -18.33 45.68
N PRO G 12 -3.03 -18.76 44.45
CA PRO G 12 -4.12 -18.09 43.72
C PRO G 12 -5.48 -18.29 44.36
N LEU G 13 -5.64 -19.27 45.25
CA LEU G 13 -6.91 -19.51 45.91
C LEU G 13 -7.32 -18.34 46.80
N HIS G 14 -6.42 -17.40 47.08
CA HIS G 14 -6.82 -16.18 47.77
C HIS G 14 -7.97 -15.48 47.05
N SER G 15 -8.01 -15.57 45.71
CA SER G 15 -9.06 -14.90 44.97
C SER G 15 -10.44 -15.47 45.28
N ARG G 16 -10.51 -16.66 45.89
CA ARG G 16 -11.80 -17.22 46.24
C ARG G 16 -12.52 -16.40 47.29
N ARG G 17 -11.79 -15.66 48.11
CA ARG G 17 -12.38 -14.66 49.01
C ARG G 17 -12.48 -13.35 48.25
N HIS G 18 -13.69 -13.01 47.81
CA HIS G 18 -13.88 -11.77 47.09
C HIS G 18 -15.31 -11.32 47.40
N VAL G 19 -15.51 -10.84 48.64
CA VAL G 19 -16.82 -10.41 49.07
C VAL G 19 -17.11 -9.02 48.55
N LYS G 20 -18.40 -8.70 48.45
CA LYS G 20 -18.86 -7.43 47.89
C LYS G 20 -19.21 -6.38 48.94
N THR G 21 -19.43 -6.76 50.20
CA THR G 21 -19.93 -5.83 51.20
C THR G 21 -19.03 -5.81 52.43
N GLU G 22 -18.87 -4.62 53.01
CA GLU G 22 -18.23 -4.45 54.31
C GLU G 22 -18.99 -3.38 55.07
N LEU G 23 -19.45 -3.70 56.28
CA LEU G 23 -20.07 -2.69 57.13
C LEU G 23 -19.02 -1.70 57.61
N ASP G 24 -19.23 -0.42 57.29
CA ASP G 24 -18.30 0.63 57.69
C ASP G 24 -19.06 1.94 57.73
N GLY G 25 -18.99 2.62 58.88
CA GLY G 25 -19.68 3.89 59.04
C GLY G 25 -21.17 3.83 58.77
N GLY G 26 -21.81 2.71 59.09
CA GLY G 26 -23.23 2.56 58.86
C GLY G 26 -23.62 2.23 57.44
N LEU G 27 -22.66 1.98 56.55
CA LEU G 27 -22.96 1.67 55.16
C LEU G 27 -22.30 0.36 54.77
N LEU G 28 -22.84 -0.28 53.73
CA LEU G 28 -22.20 -1.46 53.13
C LEU G 28 -21.38 -0.97 51.95
N ILE G 29 -20.06 -0.93 52.12
CA ILE G 29 -19.16 -0.36 51.14
C ILE G 29 -18.34 -1.49 50.52
N GLU G 30 -17.61 -1.14 49.45
CA GLU G 30 -16.68 -2.09 48.87
C GLU G 30 -15.57 -2.40 49.86
N PRO G 31 -15.26 -3.67 50.10
CA PRO G 31 -14.32 -4.02 51.17
C PRO G 31 -12.91 -3.49 50.91
N HIS G 32 -12.27 -3.03 51.99
CA HIS G 32 -10.88 -2.58 51.91
C HIS G 32 -9.93 -3.73 51.59
N GLU G 33 -10.22 -4.93 52.11
CA GLU G 33 -9.33 -6.09 51.98
C GLU G 33 -9.68 -6.84 50.70
N LYS G 34 -9.20 -6.29 49.57
CA LYS G 34 -9.56 -6.75 48.24
C LYS G 34 -8.45 -7.60 47.62
N PRO G 35 -8.79 -8.46 46.64
CA PRO G 35 -7.76 -9.37 46.08
C PRO G 35 -6.62 -8.66 45.38
N SER G 36 -6.85 -7.44 44.86
CA SER G 36 -5.79 -6.69 44.21
C SER G 36 -4.66 -6.34 45.16
N ARG G 37 -4.89 -6.39 46.48
CA ARG G 37 -3.80 -6.25 47.43
C ARG G 37 -2.74 -7.33 47.18
N ALA G 38 -3.16 -8.59 47.26
CA ALA G 38 -2.23 -9.70 47.07
C ALA G 38 -1.70 -9.74 45.64
N GLU G 39 -2.56 -9.47 44.65
CA GLU G 39 -2.08 -9.51 43.27
C GLU G 39 -1.05 -8.41 43.01
N THR G 40 -1.23 -7.23 43.61
CA THR G 40 -0.29 -6.13 43.43
C THR G 40 1.05 -6.42 44.11
N ILE G 41 0.99 -6.96 45.33
CA ILE G 41 2.24 -7.35 46.00
C ILE G 41 2.97 -8.40 45.17
N LEU G 42 2.23 -9.38 44.65
CA LEU G 42 2.86 -10.41 43.82
C LEU G 42 3.50 -9.80 42.58
N ALA G 43 2.81 -8.86 41.93
CA ALA G 43 3.37 -8.20 40.76
C ALA G 43 4.68 -7.49 41.09
N ARG G 44 4.74 -6.82 42.24
CA ARG G 44 6.00 -6.17 42.62
C ARG G 44 7.09 -7.21 42.93
N VAL G 45 6.71 -8.33 43.56
CA VAL G 45 7.66 -9.41 43.79
C VAL G 45 8.27 -9.88 42.47
N LYS G 46 7.44 -10.03 41.44
CA LYS G 46 7.95 -10.47 40.14
C LYS G 46 8.84 -9.41 39.49
N ASP G 47 8.36 -8.16 39.42
CA ASP G 47 9.15 -7.16 38.70
C ASP G 47 10.45 -6.83 39.42
N GLN G 48 10.54 -7.06 40.73
CA GLN G 48 11.80 -6.87 41.43
C GLN G 48 12.65 -8.13 41.45
N ALA G 49 12.14 -9.26 40.96
CA ALA G 49 12.86 -10.53 40.95
C ALA G 49 13.41 -10.84 42.35
N LEU G 50 12.56 -10.67 43.36
CA LEU G 50 12.97 -10.88 44.75
C LEU G 50 13.53 -12.29 44.96
N GLY G 51 12.93 -13.28 44.32
CA GLY G 51 13.35 -14.65 44.49
C GLY G 51 12.29 -15.60 43.97
N GLU G 52 12.51 -16.88 44.25
CA GLU G 52 11.60 -17.90 43.76
C GLU G 52 10.21 -17.70 44.35
N ILE G 53 9.19 -17.94 43.53
CA ILE G 53 7.79 -17.85 43.95
C ILE G 53 7.21 -19.26 43.92
N LEU G 54 6.58 -19.66 45.02
CA LEU G 54 6.12 -21.02 45.22
C LEU G 54 4.66 -21.04 45.66
N GLU G 55 3.95 -22.08 45.25
CA GLU G 55 2.64 -22.34 45.81
C GLU G 55 2.77 -23.12 47.10
N PRO G 56 1.77 -23.03 47.99
CA PRO G 56 1.88 -23.73 49.27
C PRO G 56 1.56 -25.21 49.15
N GLU G 57 2.08 -25.96 50.11
CA GLU G 57 1.68 -27.36 50.30
C GLU G 57 0.42 -27.42 51.15
N GLU G 58 -0.29 -28.53 51.04
CA GLU G 58 -1.47 -28.77 51.87
C GLU G 58 -1.03 -29.47 53.15
N PHE G 59 -1.16 -28.78 54.29
CA PHE G 59 -0.79 -29.31 55.59
C PHE G 59 -1.97 -29.87 56.37
N GLY G 60 -3.20 -29.66 55.89
CA GLY G 60 -4.37 -30.11 56.61
C GLY G 60 -4.71 -29.24 57.81
N LEU G 61 -5.74 -29.67 58.53
CA LEU G 61 -6.28 -28.91 59.65
C LEU G 61 -5.52 -29.12 60.95
N GLY G 62 -4.63 -30.12 61.01
CA GLY G 62 -3.85 -30.40 62.19
C GLY G 62 -3.15 -29.19 62.77
N PRO G 63 -2.21 -28.61 62.00
CA PRO G 63 -1.50 -27.42 62.50
C PRO G 63 -2.40 -26.22 62.76
N VAL G 64 -3.50 -26.10 62.02
CA VAL G 64 -4.46 -25.02 62.29
C VAL G 64 -5.11 -25.23 63.65
N LYS G 65 -5.48 -26.47 63.97
CA LYS G 65 -6.14 -26.80 65.22
C LYS G 65 -5.18 -26.87 66.40
N ARG G 66 -3.87 -26.77 66.18
CA ARG G 66 -2.95 -26.53 67.28
C ARG G 66 -3.17 -25.15 67.90
N VAL G 67 -3.88 -24.28 67.20
CA VAL G 67 -4.11 -22.90 67.64
C VAL G 67 -5.61 -22.61 67.78
N HIS G 68 -6.42 -23.08 66.85
CA HIS G 68 -7.86 -22.82 66.85
C HIS G 68 -8.64 -24.05 67.32
N THR G 69 -9.80 -23.80 67.90
CA THR G 69 -10.62 -24.89 68.41
C THR G 69 -11.32 -25.63 67.28
N ALA G 70 -11.66 -26.90 67.55
CA ALA G 70 -12.34 -27.71 66.54
C ALA G 70 -13.71 -27.16 66.18
N ASP G 71 -14.47 -26.71 67.18
CA ASP G 71 -15.79 -26.13 66.92
C ASP G 71 -15.68 -24.92 66.01
N TYR G 72 -14.66 -24.09 66.22
CA TYR G 72 -14.51 -22.87 65.42
C TYR G 72 -14.20 -23.22 63.97
N VAL G 73 -13.29 -24.17 63.75
CA VAL G 73 -12.93 -24.57 62.40
C VAL G 73 -14.13 -25.18 61.68
N SER G 74 -14.89 -26.04 62.37
CA SER G 74 -16.11 -26.58 61.78
C SER G 74 -17.10 -25.48 61.42
N PHE G 75 -17.32 -24.55 62.35
CA PHE G 75 -18.21 -23.42 62.08
C PHE G 75 -17.78 -22.66 60.83
N LEU G 76 -16.49 -22.40 60.70
CA LEU G 76 -16.02 -21.69 59.51
C LEU G 76 -16.27 -22.51 58.26
N GLU G 77 -16.21 -23.84 58.35
CA GLU G 77 -16.44 -24.65 57.15
C GLU G 77 -17.91 -24.62 56.73
N THR G 78 -18.84 -24.63 57.69
CA THR G 78 -20.26 -24.76 57.36
C THR G 78 -21.01 -23.42 57.35
N CYS G 79 -20.36 -22.32 57.73
CA CYS G 79 -21.08 -21.09 58.05
C CYS G 79 -21.88 -20.58 56.86
N TRP G 80 -21.26 -20.49 55.68
CA TRP G 80 -21.97 -19.98 54.50
C TRP G 80 -23.14 -20.89 54.13
N ASP G 81 -22.93 -22.20 54.19
CA ASP G 81 -24.00 -23.15 53.88
C ASP G 81 -25.19 -22.95 54.82
N GLU G 82 -24.91 -22.80 56.12
CA GLU G 82 -26.00 -22.59 57.08
C GLU G 82 -26.69 -21.25 56.85
N TRP G 83 -25.91 -20.22 56.50
CA TRP G 83 -26.46 -18.90 56.22
C TRP G 83 -27.44 -18.95 55.06
N VAL G 84 -27.01 -19.54 53.94
CA VAL G 84 -27.87 -19.67 52.77
C VAL G 84 -29.09 -20.55 53.07
N ALA G 85 -28.87 -21.67 53.75
CA ALA G 85 -29.97 -22.60 54.03
C ALA G 85 -31.02 -21.98 54.94
N ALA G 86 -30.62 -21.03 55.79
CA ALA G 86 -31.57 -20.36 56.67
C ALA G 86 -32.35 -19.25 55.97
N GLY G 87 -32.11 -19.02 54.69
CA GLY G 87 -32.88 -18.05 53.94
C GLY G 87 -32.36 -16.64 53.88
N LYS G 88 -31.18 -16.37 54.44
CA LYS G 88 -30.63 -15.03 54.37
C LYS G 88 -30.22 -14.67 52.95
N ARG G 89 -30.40 -13.38 52.62
CA ARG G 89 -30.24 -12.88 51.25
C ARG G 89 -28.90 -12.21 50.99
N GLY G 90 -28.27 -11.64 52.03
CA GLY G 90 -26.98 -10.99 51.88
C GLY G 90 -25.83 -11.94 52.20
N GLU G 91 -24.63 -11.38 52.21
CA GLU G 91 -23.49 -12.11 52.71
C GLU G 91 -23.61 -12.30 54.23
N ALA G 92 -22.82 -13.22 54.76
CA ALA G 92 -22.94 -13.59 56.17
C ALA G 92 -22.28 -12.53 57.03
N ILE G 93 -23.09 -11.80 57.79
CA ILE G 93 -22.62 -10.73 58.67
C ILE G 93 -23.27 -10.90 60.04
N PRO G 94 -22.51 -10.80 61.13
CA PRO G 94 -23.13 -10.89 62.45
C PRO G 94 -24.05 -9.70 62.71
N THR G 95 -25.20 -9.98 63.33
CA THR G 95 -26.14 -8.94 63.71
C THR G 95 -26.28 -8.80 65.22
N PHE G 96 -26.12 -9.89 65.97
CA PHE G 96 -26.25 -9.88 67.41
C PHE G 96 -25.03 -10.57 68.01
N TRP G 97 -24.70 -10.22 69.24
CA TRP G 97 -23.53 -10.80 69.89
C TRP G 97 -23.76 -10.86 71.40
N VAL G 98 -22.79 -11.43 72.11
CA VAL G 98 -22.83 -11.52 73.57
C VAL G 98 -22.49 -10.17 74.17
N GLY G 99 -23.52 -9.36 74.44
CA GLY G 99 -23.32 -8.09 75.10
C GLY G 99 -22.93 -8.27 76.56
N ARG G 100 -22.43 -7.18 77.14
CA ARG G 100 -22.09 -7.18 78.56
C ARG G 100 -23.31 -7.53 79.40
N GLY G 101 -23.15 -8.53 80.26
CA GLY G 101 -24.26 -9.02 81.06
C GLY G 101 -24.99 -10.19 80.47
N MET G 102 -24.62 -10.65 79.28
CA MET G 102 -25.21 -11.84 78.68
C MET G 102 -24.28 -13.03 78.84
N ARG G 103 -24.81 -14.21 78.54
CA ARG G 103 -24.09 -15.46 78.73
C ARG G 103 -23.26 -15.76 77.47
N ALA G 104 -21.99 -16.12 77.69
CA ALA G 104 -21.13 -16.62 76.62
C ALA G 104 -21.48 -18.09 76.37
N ARG G 105 -22.63 -18.30 75.75
CA ARG G 105 -23.20 -19.61 75.51
C ARG G 105 -23.48 -19.79 74.02
N LEU G 106 -23.01 -20.88 73.45
CA LEU G 106 -23.18 -21.14 72.03
C LEU G 106 -24.61 -21.56 71.73
N PRO G 107 -25.35 -20.82 70.91
CA PRO G 107 -26.72 -21.23 70.56
C PRO G 107 -26.76 -22.06 69.28
N LYS G 108 -27.96 -22.48 68.88
CA LYS G 108 -28.13 -23.33 67.71
C LYS G 108 -28.27 -22.53 66.42
N ASP G 109 -28.96 -21.38 66.46
CA ASP G 109 -29.26 -20.64 65.24
C ASP G 109 -28.01 -20.00 64.65
N ILE G 110 -27.98 -19.89 63.32
CA ILE G 110 -26.80 -19.41 62.62
C ILE G 110 -26.47 -17.97 62.98
N ASP G 111 -27.49 -17.14 63.23
CA ASP G 111 -27.23 -15.77 63.66
C ASP G 111 -26.52 -15.74 65.00
N GLY G 112 -27.00 -16.53 65.96
CA GLY G 112 -26.36 -16.60 67.25
C GLY G 112 -24.96 -17.19 67.18
N ARG G 113 -24.76 -18.18 66.30
CA ARG G 113 -23.42 -18.74 66.11
C ARG G 113 -22.49 -17.72 65.50
N LEU G 114 -22.96 -16.94 64.52
CA LEU G 114 -22.17 -15.85 63.96
C LEU G 114 -21.74 -14.89 65.04
N GLY G 115 -22.66 -14.51 65.94
CA GLY G 115 -22.30 -13.59 67.01
C GLY G 115 -21.33 -14.18 68.01
N TYR G 116 -21.54 -15.44 68.39
CA TYR G 116 -20.66 -16.10 69.37
C TYR G 116 -19.21 -16.10 68.90
N TYR G 117 -18.99 -16.34 67.61
CA TYR G 117 -17.65 -16.58 67.09
C TYR G 117 -17.00 -15.35 66.48
N SER G 118 -17.56 -14.15 66.68
CA SER G 118 -17.03 -12.95 66.04
C SER G 118 -16.82 -11.84 67.05
N LEU G 119 -15.93 -10.90 66.71
CA LEU G 119 -15.72 -9.67 67.46
C LEU G 119 -16.12 -8.44 66.66
N GLY G 120 -16.60 -8.60 65.44
CA GLY G 120 -16.96 -7.47 64.61
C GLY G 120 -17.82 -7.91 63.45
N ALA G 121 -18.52 -6.94 62.87
CA ALA G 121 -19.39 -7.17 61.72
C ALA G 121 -18.79 -6.63 60.42
N ASP G 122 -17.49 -6.34 60.42
CA ASP G 122 -16.82 -5.80 59.24
C ASP G 122 -16.26 -6.87 58.31
N THR G 123 -16.48 -8.15 58.60
CA THR G 123 -15.80 -9.24 57.90
C THR G 123 -16.85 -10.20 57.35
N SER G 124 -17.41 -9.85 56.18
CA SER G 124 -18.42 -10.68 55.56
C SER G 124 -17.84 -12.03 55.14
N ILE G 125 -18.67 -13.07 55.24
CA ILE G 125 -18.33 -14.41 54.80
C ILE G 125 -19.24 -14.78 53.64
N SER G 126 -18.65 -15.32 52.57
CA SER G 126 -19.43 -15.81 51.44
C SER G 126 -18.75 -17.07 50.92
N ASP G 127 -19.23 -17.57 49.77
CA ASP G 127 -18.66 -18.78 49.21
C ASP G 127 -17.19 -18.56 48.84
N GLY G 128 -16.36 -19.52 49.20
CA GLY G 128 -14.93 -19.44 48.95
C GLY G 128 -14.11 -18.86 50.09
N THR G 129 -14.75 -18.30 51.13
CA THR G 129 -14.00 -17.77 52.25
C THR G 129 -13.25 -18.87 53.00
N TRP G 130 -13.92 -20.01 53.24
CA TRP G 130 -13.29 -21.15 53.87
C TRP G 130 -12.05 -21.58 53.10
N GLU G 131 -12.19 -21.78 51.78
CA GLU G 131 -11.07 -22.24 50.97
C GLU G 131 -9.91 -21.25 50.99
N ALA G 132 -10.22 -19.95 50.93
CA ALA G 132 -9.17 -18.94 50.94
C ALA G 132 -8.44 -18.91 52.28
N ALA G 133 -9.18 -18.97 53.39
CA ALA G 133 -8.54 -19.00 54.70
C ALA G 133 -7.64 -20.22 54.86
N ARG G 134 -8.13 -21.38 54.41
CA ARG G 134 -7.30 -22.59 54.44
C ARG G 134 -6.01 -22.40 53.65
N ALA G 135 -6.12 -21.85 52.44
CA ALA G 135 -4.95 -21.68 51.60
C ALA G 135 -3.98 -20.68 52.22
N SER G 136 -4.49 -19.63 52.86
CA SER G 136 -3.61 -18.62 53.47
C SER G 136 -2.85 -19.21 54.65
N ALA G 137 -3.54 -20.00 55.49
CA ALA G 137 -2.84 -20.72 56.55
C ALA G 137 -1.76 -21.61 55.96
N ASN G 138 -2.06 -22.29 54.85
CA ASN G 138 -1.06 -23.15 54.22
C ASN G 138 0.10 -22.34 53.66
N VAL G 139 -0.14 -21.11 53.20
CA VAL G 139 0.94 -20.23 52.76
C VAL G 139 1.90 -19.97 53.92
N ALA G 140 1.35 -19.60 55.08
CA ALA G 140 2.19 -19.36 56.24
C ALA G 140 2.96 -20.62 56.63
N LEU G 141 2.29 -21.78 56.63
CA LEU G 141 2.96 -23.01 57.02
C LEU G 141 4.04 -23.41 56.03
N THR G 142 3.87 -23.08 54.75
CA THR G 142 4.90 -23.40 53.76
C THR G 142 6.11 -22.48 53.93
N ALA G 143 5.88 -21.20 54.25
CA ALA G 143 7.01 -20.33 54.59
C ALA G 143 7.75 -20.87 55.81
N GLN G 144 7.01 -21.31 56.84
CA GLN G 144 7.64 -21.90 58.02
C GLN G 144 8.45 -23.12 57.63
N LYS G 145 7.94 -23.96 56.73
CA LYS G 145 8.67 -25.14 56.32
C LYS G 145 9.95 -24.76 55.58
N LEU G 146 9.87 -23.75 54.71
CA LEU G 146 11.07 -23.27 54.02
C LEU G 146 12.13 -22.82 55.01
N VAL G 147 11.72 -22.10 56.08
CA VAL G 147 12.70 -21.64 57.04
C VAL G 147 13.27 -22.80 57.85
N ALA G 148 12.42 -23.73 58.28
CA ALA G 148 12.91 -24.84 59.11
C ALA G 148 13.90 -25.72 58.34
N GLU G 149 13.80 -25.75 57.02
CA GLU G 149 14.64 -26.62 56.20
C GLU G 149 15.87 -25.91 55.64
N GLY G 150 16.14 -24.68 56.05
CA GLY G 150 17.41 -24.07 55.68
C GLY G 150 17.39 -22.60 55.30
N GLU G 151 16.23 -22.07 54.93
CA GLU G 151 16.16 -20.68 54.50
C GLU G 151 16.28 -19.73 55.70
N ARG G 152 17.02 -18.64 55.48
CA ARG G 152 17.11 -17.61 56.51
C ARG G 152 15.76 -16.97 56.77
N ALA G 153 14.98 -16.75 55.72
CA ALA G 153 13.70 -16.08 55.83
C ALA G 153 12.83 -16.51 54.66
N ALA G 154 11.53 -16.21 54.80
CA ALA G 154 10.57 -16.49 53.74
C ALA G 154 9.39 -15.54 53.90
N PHE G 155 8.79 -15.19 52.78
CA PHE G 155 7.66 -14.26 52.74
C PHE G 155 6.38 -15.05 52.50
N ALA G 156 5.51 -15.10 53.51
CA ALA G 156 4.20 -15.73 53.37
C ALA G 156 3.21 -14.65 52.94
N LEU G 157 2.91 -14.62 51.64
CA LEU G 157 2.01 -13.62 51.08
C LEU G 157 0.56 -14.05 51.37
N CYS G 158 0.19 -13.89 52.64
CA CYS G 158 -1.11 -14.36 53.11
C CYS G 158 -2.22 -13.40 52.73
N ARG G 159 -3.33 -13.96 52.26
CA ARG G 159 -4.60 -13.25 52.20
C ARG G 159 -5.73 -14.28 52.23
N PRO G 160 -6.67 -14.18 53.17
CA PRO G 160 -6.89 -13.10 54.14
C PRO G 160 -5.82 -12.98 55.24
N PRO G 161 -5.76 -11.83 55.91
CA PRO G 161 -4.82 -11.68 57.04
C PRO G 161 -5.27 -12.48 58.24
N GLY G 162 -4.51 -12.44 59.35
CA GLY G 162 -4.83 -13.33 60.44
C GLY G 162 -4.71 -12.84 61.87
N HIS G 163 -3.98 -11.74 62.12
CA HIS G 163 -3.52 -11.46 63.47
C HIS G 163 -4.64 -11.05 64.43
N HIS G 164 -5.86 -10.82 63.95
CA HIS G 164 -6.98 -10.52 64.83
C HIS G 164 -7.71 -11.76 65.32
N ALA G 165 -7.42 -12.92 64.75
CA ALA G 165 -8.20 -14.11 65.05
C ALA G 165 -7.75 -14.73 66.37
N HIS G 166 -8.69 -14.86 67.30
CA HIS G 166 -8.47 -15.61 68.53
C HIS G 166 -8.56 -17.11 68.24
N ALA G 167 -8.48 -17.92 69.30
CA ALA G 167 -8.65 -19.35 69.11
C ALA G 167 -10.03 -19.68 68.51
N ASP G 168 -11.06 -18.89 68.83
CA ASP G 168 -12.39 -19.16 68.31
C ASP G 168 -13.17 -17.86 68.12
N VAL G 169 -12.49 -16.79 67.68
CA VAL G 169 -13.13 -15.52 67.36
C VAL G 169 -12.53 -14.98 66.07
N PHE G 170 -13.38 -14.59 65.13
CA PHE G 170 -12.95 -13.95 63.89
C PHE G 170 -13.42 -12.50 63.85
N GLY G 171 -12.78 -11.73 62.98
CA GLY G 171 -13.12 -10.34 62.79
C GLY G 171 -11.94 -9.56 62.29
N GLY G 172 -12.21 -8.31 61.92
CA GLY G 172 -11.14 -7.46 61.38
C GLY G 172 -10.45 -8.06 60.18
N TYR G 173 -11.21 -8.71 59.29
CA TYR G 173 -10.76 -9.32 58.04
C TYR G 173 -9.99 -10.62 58.25
N CYS G 174 -9.95 -11.15 59.48
CA CYS G 174 -9.13 -12.30 59.81
C CYS G 174 -10.00 -13.49 60.23
N PHE G 175 -9.53 -14.69 59.89
CA PHE G 175 -10.24 -15.93 60.25
C PHE G 175 -9.32 -16.91 60.96
N PHE G 176 -8.19 -17.24 60.34
CA PHE G 176 -7.15 -18.04 60.97
C PHE G 176 -5.92 -17.18 61.20
N ASN G 177 -5.32 -17.30 62.39
CA ASN G 177 -4.17 -16.49 62.76
C ASN G 177 -2.93 -17.15 62.18
N ASN G 178 -2.59 -16.78 60.94
CA ASN G 178 -1.48 -17.41 60.24
C ASN G 178 -0.18 -17.29 61.03
N ALA G 179 0.07 -16.11 61.61
CA ALA G 179 1.29 -15.90 62.37
C ALA G 179 1.35 -16.83 63.59
N ALA G 180 0.24 -16.96 64.30
CA ALA G 180 0.21 -17.86 65.46
C ALA G 180 0.40 -19.30 65.04
N ILE G 181 -0.17 -19.68 63.89
CA ILE G 181 -0.03 -21.05 63.38
C ILE G 181 1.43 -21.33 63.03
N ALA G 182 2.10 -20.35 62.41
CA ALA G 182 3.52 -20.52 62.09
C ALA G 182 4.36 -20.62 63.35
N ALA G 183 4.10 -19.77 64.34
CA ALA G 183 4.85 -19.82 65.60
C ALA G 183 4.66 -21.17 66.29
N GLN G 184 3.41 -21.63 66.38
CA GLN G 184 3.14 -22.92 67.01
C GLN G 184 3.74 -24.06 66.23
N ALA G 185 3.83 -23.93 64.90
CA ALA G 185 4.53 -24.95 64.11
C ALA G 185 6.00 -24.99 64.47
N PHE G 186 6.63 -23.81 64.59
CA PHE G 186 8.00 -23.75 65.10
C PHE G 186 8.14 -24.49 66.42
N ARG G 187 7.25 -24.19 67.37
CA ARG G 187 7.31 -24.86 68.67
C ARG G 187 7.18 -26.38 68.52
N ASP G 188 6.19 -26.82 67.75
CA ASP G 188 5.93 -28.26 67.60
C ASP G 188 7.08 -28.96 66.90
N GLN G 189 7.92 -28.24 66.16
CA GLN G 189 9.06 -28.85 65.50
C GLN G 189 10.34 -28.77 66.32
N GLY G 190 10.25 -28.38 67.58
CA GLY G 190 11.39 -28.42 68.47
C GLY G 190 12.10 -27.11 68.71
N TYR G 191 11.59 -26.00 68.18
CA TYR G 191 12.14 -24.69 68.50
C TYR G 191 11.65 -24.29 69.90
N GLY G 192 12.59 -24.10 70.82
CA GLY G 192 12.21 -23.91 72.22
C GLY G 192 11.42 -22.64 72.46
N LYS G 193 11.85 -21.54 71.85
CA LYS G 193 11.23 -20.25 72.06
C LYS G 193 10.98 -19.57 70.73
N VAL G 194 9.85 -18.89 70.60
CA VAL G 194 9.48 -18.17 69.39
C VAL G 194 9.03 -16.76 69.77
N ALA G 195 9.45 -15.78 68.97
CA ALA G 195 8.96 -14.41 69.12
C ALA G 195 8.11 -14.02 67.93
N VAL G 196 6.99 -13.37 68.20
CA VAL G 196 6.09 -12.85 67.17
C VAL G 196 6.03 -11.33 67.33
N LEU G 197 6.54 -10.62 66.33
CA LEU G 197 6.59 -9.17 66.32
C LEU G 197 5.56 -8.66 65.32
N ASP G 198 4.62 -7.84 65.80
CA ASP G 198 3.49 -7.36 65.01
C ASP G 198 3.70 -5.88 64.71
N VAL G 199 4.09 -5.59 63.46
CA VAL G 199 4.33 -4.22 63.02
C VAL G 199 3.16 -3.66 62.21
N ASP G 200 2.08 -4.42 62.06
CA ASP G 200 0.87 -3.91 61.42
C ASP G 200 0.33 -2.75 62.24
N PHE G 201 -0.38 -1.83 61.58
CA PHE G 201 -0.87 -0.64 62.26
C PHE G 201 -1.81 -0.98 63.42
N HIS G 202 -2.54 -2.09 63.32
CA HIS G 202 -3.53 -2.48 64.32
C HIS G 202 -2.95 -3.49 65.30
N HIS G 203 -3.50 -3.51 66.51
CA HIS G 203 -3.05 -4.45 67.53
C HIS G 203 -3.35 -5.89 67.11
N GLY G 204 -2.37 -6.77 67.28
CA GLY G 204 -2.57 -8.18 67.02
C GLY G 204 -3.19 -8.89 68.19
N ASN G 205 -4.47 -8.62 68.45
CA ASN G 205 -5.12 -9.11 69.67
C ASN G 205 -5.28 -10.63 69.64
N GLY G 206 -5.52 -11.21 68.47
CA GLY G 206 -5.65 -12.66 68.40
C GLY G 206 -4.38 -13.37 68.82
N THR G 207 -3.24 -12.91 68.31
CA THR G 207 -1.96 -13.51 68.68
C THR G 207 -1.67 -13.31 70.17
N GLN G 208 -1.94 -12.11 70.69
CA GLN G 208 -1.76 -11.87 72.13
C GLN G 208 -2.61 -12.84 72.95
N ALA G 209 -3.87 -13.01 72.58
CA ALA G 209 -4.76 -13.88 73.35
C ALA G 209 -4.33 -15.34 73.26
N ILE G 210 -3.89 -15.79 72.09
CA ILE G 210 -3.58 -17.21 71.90
C ILE G 210 -2.44 -17.64 72.82
N PHE G 211 -1.43 -16.79 72.99
CA PHE G 211 -0.26 -17.13 73.80
C PHE G 211 -0.21 -16.38 75.12
N TYR G 212 -1.34 -15.86 75.59
CA TYR G 212 -1.30 -14.89 76.70
C TYR G 212 -0.78 -15.51 77.99
N ASP G 213 -1.04 -16.79 78.23
CA ASP G 213 -0.63 -17.45 79.46
C ASP G 213 0.62 -18.32 79.28
N ARG G 214 1.40 -18.07 78.23
CA ARG G 214 2.56 -18.88 77.91
C ARG G 214 3.81 -18.04 77.90
N SER G 215 4.92 -18.62 78.35
CA SER G 215 6.21 -17.95 78.35
C SER G 215 7.14 -18.43 77.25
N ASP G 216 6.75 -19.47 76.51
CA ASP G 216 7.58 -19.97 75.42
C ASP G 216 7.39 -19.19 74.12
N VAL G 217 6.35 -18.37 74.01
CA VAL G 217 6.09 -17.56 72.83
C VAL G 217 5.92 -16.11 73.28
N LEU G 218 6.89 -15.27 72.94
CA LEU G 218 6.82 -13.85 73.26
C LEU G 218 6.06 -13.11 72.16
N THR G 219 5.05 -12.33 72.55
CA THR G 219 4.22 -11.59 71.60
C THR G 219 4.40 -10.10 71.83
N ILE G 220 4.80 -9.37 70.78
CA ILE G 220 4.97 -7.92 70.83
C ILE G 220 4.15 -7.32 69.71
N SER G 221 3.51 -6.18 69.98
CA SER G 221 2.78 -5.48 68.94
C SER G 221 2.96 -3.98 69.07
N LEU G 222 3.27 -3.32 67.96
CA LEU G 222 3.25 -1.87 67.85
C LEU G 222 1.99 -1.47 67.10
N HIS G 223 1.24 -0.51 67.63
CA HIS G 223 -0.03 -0.21 66.98
C HIS G 223 -0.55 1.17 67.41
N GLY G 224 -1.52 1.65 66.66
CA GLY G 224 -2.25 2.83 67.07
C GLY G 224 -3.08 2.58 68.32
N ASP G 225 -3.26 3.64 69.09
CA ASP G 225 -3.89 3.56 70.41
C ASP G 225 -5.29 2.95 70.29
N PRO G 226 -5.56 1.80 70.90
CA PRO G 226 -6.90 1.19 70.77
C PRO G 226 -7.99 2.03 71.40
N ASP G 227 -7.67 3.01 72.25
CA ASP G 227 -8.67 3.99 72.65
C ASP G 227 -9.26 4.69 71.44
N LEU G 228 -8.48 4.79 70.36
CA LEU G 228 -8.87 5.52 69.15
C LEU G 228 -9.28 4.60 68.00
N VAL G 229 -8.64 3.45 67.85
CA VAL G 229 -8.82 2.62 66.66
C VAL G 229 -9.11 1.18 67.03
N PHE G 230 -9.61 0.45 66.03
CA PHE G 230 -9.79 -0.99 66.10
C PHE G 230 -8.50 -1.65 66.59
N PRO G 231 -8.58 -2.70 67.44
CA PRO G 231 -9.77 -3.40 67.93
C PRO G 231 -10.41 -2.87 69.23
N HIS G 232 -9.92 -1.72 69.71
CA HIS G 232 -10.56 -0.96 70.78
C HIS G 232 -10.51 -1.60 72.17
N PHE G 233 -10.70 -2.91 72.27
CA PHE G 233 -10.90 -3.56 73.56
C PHE G 233 -9.75 -4.48 73.95
N LEU G 234 -8.65 -4.44 73.20
CA LEU G 234 -7.40 -5.07 73.59
C LEU G 234 -6.29 -4.22 72.99
N GLY G 235 -5.06 -4.41 73.48
CA GLY G 235 -3.91 -3.70 72.94
C GLY G 235 -3.35 -2.61 73.82
N PHE G 236 -3.85 -2.44 75.03
CA PHE G 236 -3.37 -1.40 75.92
C PHE G 236 -2.06 -1.83 76.58
N GLU G 237 -1.26 -0.83 76.96
CA GLU G 237 0.10 -1.11 77.41
C GLU G 237 0.16 -1.86 78.73
N ASP G 238 -0.94 -1.91 79.48
CA ASP G 238 -0.97 -2.64 80.75
C ASP G 238 -1.29 -4.12 80.58
N GLU G 239 -1.45 -4.61 79.35
CA GLU G 239 -1.70 -6.03 79.11
C GLU G 239 -0.35 -6.68 78.88
N THR G 240 0.21 -7.25 79.96
CA THR G 240 1.56 -7.80 79.92
C THR G 240 1.58 -9.32 80.09
N GLY G 241 0.42 -9.96 80.11
CA GLY G 241 0.31 -11.40 80.26
C GLY G 241 -0.36 -11.79 81.56
N GLU G 242 -0.52 -13.09 81.73
CA GLU G 242 -1.11 -13.64 82.94
C GLU G 242 -0.50 -15.01 83.20
N GLY G 243 -0.41 -15.35 84.48
CA GLY G 243 0.14 -16.65 84.85
C GLY G 243 1.59 -16.75 84.44
N ASP G 244 1.95 -17.87 83.81
CA ASP G 244 3.31 -18.04 83.33
C ASP G 244 3.66 -17.03 82.24
N GLY G 245 2.67 -16.47 81.55
CA GLY G 245 2.91 -15.50 80.51
C GLY G 245 3.13 -14.08 80.97
N GLU G 246 3.18 -13.85 82.28
CA GLU G 246 3.42 -12.51 82.80
C GLU G 246 4.77 -11.99 82.31
N ALA G 247 4.74 -10.80 81.71
CA ALA G 247 5.89 -10.12 81.10
C ALA G 247 6.33 -10.78 79.79
N TYR G 248 5.47 -11.58 79.17
CA TYR G 248 5.76 -12.15 77.85
C TYR G 248 4.77 -11.69 76.79
N ASN G 249 4.09 -10.56 77.03
CA ASN G 249 3.34 -9.85 76.01
C ASN G 249 3.65 -8.36 76.19
N LEU G 250 3.91 -7.67 75.09
CA LEU G 250 4.27 -6.26 75.14
C LEU G 250 3.53 -5.50 74.07
N ASN G 251 2.73 -4.52 74.48
CA ASN G 251 2.00 -3.61 73.61
C ASN G 251 2.65 -2.24 73.65
N ILE G 252 2.91 -1.68 72.47
CA ILE G 252 3.49 -0.34 72.33
C ILE G 252 2.56 0.49 71.46
N VAL G 253 1.99 1.55 72.04
CA VAL G 253 0.90 2.30 71.44
C VAL G 253 1.42 3.64 70.95
N PHE G 254 0.86 4.11 69.84
CA PHE G 254 1.23 5.40 69.28
C PHE G 254 -0.01 6.23 68.94
N PRO G 255 0.10 7.55 69.00
CA PRO G 255 -1.04 8.42 68.69
C PRO G 255 -1.10 8.77 67.21
N PRO G 256 -2.12 9.52 66.78
CA PRO G 256 -2.17 9.93 65.36
C PRO G 256 -0.95 10.71 64.90
N ASP G 257 -0.66 10.60 63.61
CA ASP G 257 0.38 11.32 62.88
C ASP G 257 1.78 10.85 63.21
N THR G 258 1.92 9.74 63.91
CA THR G 258 3.24 9.24 64.32
C THR G 258 4.08 8.87 63.10
N PRO G 259 5.28 9.44 62.94
CA PRO G 259 6.14 9.06 61.82
C PRO G 259 7.16 8.00 62.19
N PHE G 260 7.99 7.59 61.23
CA PHE G 260 8.98 6.54 61.49
C PHE G 260 10.00 6.96 62.54
N SER G 261 10.27 8.26 62.67
CA SER G 261 11.27 8.70 63.64
C SER G 261 10.89 8.34 65.08
N ILE G 262 9.60 8.25 65.38
CA ILE G 262 9.13 7.85 66.71
C ILE G 262 8.79 6.36 66.77
N TRP G 263 8.10 5.90 65.72
CA TRP G 263 7.71 4.50 65.62
C TRP G 263 8.93 3.59 65.70
N SER G 264 10.06 4.03 65.11
CA SER G 264 11.29 3.25 65.17
C SER G 264 11.90 3.24 66.55
N GLN G 265 11.55 4.21 67.42
CA GLN G 265 11.94 4.10 68.81
C GLN G 265 11.16 2.99 69.48
N GLY G 266 9.85 2.93 69.21
CA GLY G 266 9.08 1.78 69.68
C GLY G 266 9.60 0.45 69.16
N LEU G 267 9.96 0.42 67.87
CA LEU G 267 10.56 -0.77 67.26
C LEU G 267 11.86 -1.15 67.95
N GLU G 268 12.68 -0.15 68.29
CA GLU G 268 13.93 -0.42 68.99
C GLU G 268 13.67 -1.05 70.35
N LYS G 269 12.67 -0.56 71.08
CA LYS G 269 12.31 -1.19 72.35
C LYS G 269 11.90 -2.65 72.14
N ALA G 270 11.07 -2.91 71.13
CA ALA G 270 10.65 -4.27 70.85
C ALA G 270 11.85 -5.16 70.53
N CYS G 271 12.80 -4.64 69.74
CA CYS G 271 13.97 -5.41 69.36
C CYS G 271 14.83 -5.74 70.57
N GLU G 272 14.92 -4.80 71.52
CA GLU G 272 15.65 -5.09 72.76
C GLU G 272 14.95 -6.18 73.56
N ARG G 273 13.63 -6.11 73.67
CA ARG G 273 12.87 -7.18 74.34
C ARG G 273 13.15 -8.54 73.69
N ILE G 274 13.13 -8.59 72.36
CA ILE G 274 13.44 -9.83 71.66
C ILE G 274 14.87 -10.28 71.97
N ARG G 275 15.81 -9.34 72.03
CA ARG G 275 17.19 -9.68 72.36
C ARG G 275 17.30 -10.37 73.72
N THR G 276 16.62 -9.82 74.73
CA THR G 276 16.68 -10.44 76.05
C THR G 276 15.94 -11.78 76.07
N PHE G 277 14.84 -11.89 75.33
CA PHE G 277 14.14 -13.17 75.25
C PHE G 277 14.99 -14.23 74.58
N ALA G 278 15.78 -13.84 73.57
CA ALA G 278 16.67 -14.71 72.81
C ALA G 278 15.91 -15.89 72.21
N PRO G 279 15.00 -15.67 71.27
CA PRO G 279 14.21 -16.77 70.72
C PRO G 279 15.00 -17.56 69.68
N ASP G 280 14.47 -18.74 69.37
CA ASP G 280 15.03 -19.59 68.32
C ASP G 280 14.42 -19.32 66.96
N ALA G 281 13.28 -18.63 66.90
CA ALA G 281 12.61 -18.31 65.65
C ALA G 281 11.79 -17.05 65.80
N LEU G 282 11.60 -16.35 64.69
CA LEU G 282 10.90 -15.08 64.64
C LEU G 282 9.81 -15.11 63.57
N VAL G 283 8.61 -14.70 63.96
CA VAL G 283 7.49 -14.50 63.04
C VAL G 283 7.13 -13.02 63.09
N VAL G 284 7.14 -12.37 61.94
CA VAL G 284 6.79 -10.95 61.82
C VAL G 284 5.44 -10.87 61.15
N ALA G 285 4.43 -10.41 61.90
CA ALA G 285 3.12 -10.11 61.34
C ALA G 285 3.24 -8.76 60.67
N LEU G 286 3.41 -8.76 59.35
CA LEU G 286 3.76 -7.56 58.59
C LEU G 286 2.51 -6.93 57.99
N GLY G 287 2.19 -5.71 58.41
CA GLY G 287 1.20 -4.89 57.76
C GLY G 287 1.83 -3.60 57.29
N VAL G 288 1.46 -3.16 56.10
CA VAL G 288 1.93 -1.88 55.58
C VAL G 288 0.85 -0.81 55.68
N ASP G 289 -0.13 -0.99 56.58
CA ASP G 289 -1.09 0.04 56.90
C ASP G 289 -0.53 1.14 57.79
N THR G 290 0.75 1.06 58.18
CA THR G 290 1.42 2.20 58.80
C THR G 290 1.77 3.29 57.80
N PHE G 291 1.42 3.10 56.54
CA PHE G 291 1.82 4.00 55.46
C PHE G 291 1.11 5.34 55.57
N GLU G 292 1.80 6.40 55.16
CA GLU G 292 1.27 7.76 55.29
C GLU G 292 0.00 7.98 54.47
N GLU G 293 -0.28 7.11 53.51
CA GLU G 293 -1.46 7.24 52.66
C GLU G 293 -2.46 6.09 52.84
N ASP G 294 -2.33 5.32 53.93
CA ASP G 294 -3.27 4.25 54.16
C ASP G 294 -4.65 4.82 54.48
N PRO G 295 -5.71 4.29 53.87
CA PRO G 295 -7.02 4.96 53.97
C PRO G 295 -7.76 4.74 55.29
N ILE G 296 -7.28 3.86 56.17
CA ILE G 296 -8.01 3.61 57.42
C ILE G 296 -7.11 3.71 58.65
N SER G 297 -5.90 4.25 58.48
CA SER G 297 -4.93 4.30 59.57
C SER G 297 -4.32 5.70 59.63
N PHE G 298 -3.61 5.99 60.73
CA PHE G 298 -3.11 7.35 60.91
C PHE G 298 -1.63 7.44 61.27
N PHE G 299 -0.82 6.47 60.85
CA PHE G 299 0.62 6.68 60.95
C PHE G 299 1.13 7.31 59.65
N LYS G 300 2.38 7.77 59.68
CA LYS G 300 2.93 8.53 58.55
C LYS G 300 4.27 7.99 58.12
N LEU G 301 4.41 6.67 58.01
CA LEU G 301 5.62 6.10 57.45
C LEU G 301 5.64 6.30 55.95
N THR G 302 6.84 6.53 55.41
CA THR G 302 7.02 6.63 53.97
C THR G 302 7.39 5.27 53.40
N SER G 303 7.43 5.20 52.06
CA SER G 303 7.78 3.94 51.40
C SER G 303 9.22 3.54 51.69
N GLY G 304 10.12 4.53 51.72
CA GLY G 304 11.51 4.24 52.03
C GLY G 304 11.74 3.75 53.46
N ASP G 305 10.87 4.16 54.38
CA ASP G 305 10.97 3.68 55.76
C ASP G 305 10.87 2.16 55.86
N TYR G 306 10.18 1.53 54.91
CA TYR G 306 10.03 0.07 54.96
C TYR G 306 11.35 -0.64 54.63
N LEU G 307 12.20 -0.03 53.81
CA LEU G 307 13.56 -0.54 53.64
C LEU G 307 14.30 -0.54 54.97
N LYS G 308 14.22 0.58 55.70
CA LYS G 308 14.83 0.68 57.02
C LYS G 308 14.27 -0.39 57.96
N LEU G 309 12.96 -0.61 57.91
CA LEU G 309 12.33 -1.63 58.75
C LEU G 309 12.90 -3.01 58.44
N GLY G 310 12.96 -3.37 57.15
CA GLY G 310 13.51 -4.67 56.78
C GLY G 310 14.96 -4.84 57.24
N LYS G 311 15.77 -3.80 57.08
CA LYS G 311 17.15 -3.87 57.54
C LYS G 311 17.22 -4.13 59.04
N ARG G 312 16.50 -3.32 59.83
CA ARG G 312 16.53 -3.50 61.28
C ARG G 312 16.05 -4.89 61.67
N LEU G 313 15.05 -5.42 60.98
CA LEU G 313 14.58 -6.77 61.27
C LEU G 313 15.66 -7.81 60.97
N GLU G 314 16.40 -7.62 59.87
CA GLU G 314 17.47 -8.57 59.56
C GLU G 314 18.54 -8.54 60.65
N GLN G 315 18.84 -7.35 61.19
CA GLN G 315 19.89 -7.26 62.20
C GLN G 315 19.57 -8.05 63.47
N LEU G 316 18.35 -8.55 63.63
CA LEU G 316 18.02 -9.42 64.76
C LEU G 316 18.72 -10.78 64.64
N GLY G 317 19.12 -11.18 63.45
CA GLY G 317 19.86 -12.42 63.27
C GLY G 317 19.09 -13.68 63.58
N LEU G 318 17.82 -13.74 63.20
CA LEU G 318 16.97 -14.88 63.52
C LEU G 318 16.38 -15.49 62.26
N PRO G 319 16.03 -16.78 62.29
CA PRO G 319 15.18 -17.33 61.23
C PRO G 319 13.82 -16.64 61.26
N THR G 320 13.40 -16.11 60.13
CA THR G 320 12.30 -15.15 60.12
C THR G 320 11.26 -15.54 59.08
N VAL G 321 10.00 -15.62 59.52
CA VAL G 321 8.86 -15.81 58.63
C VAL G 321 8.04 -14.54 58.65
N PHE G 322 7.80 -13.97 57.47
CA PHE G 322 6.91 -12.81 57.34
C PHE G 322 5.53 -13.30 56.93
N THR G 323 4.50 -12.89 57.68
CA THR G 323 3.12 -13.18 57.32
C THR G 323 2.44 -11.87 56.95
N MET G 324 1.93 -11.80 55.73
CA MET G 324 1.29 -10.58 55.27
C MET G 324 -0.03 -10.36 56.02
N GLU G 325 -0.16 -9.18 56.63
CA GLU G 325 -1.41 -8.81 57.28
C GLU G 325 -2.10 -7.69 56.48
N GLY G 326 -2.14 -6.48 57.03
CA GLY G 326 -2.91 -5.39 56.44
C GLY G 326 -2.10 -4.51 55.51
N GLY G 327 -2.74 -3.41 55.10
CA GLY G 327 -2.21 -2.50 54.10
C GLY G 327 -3.19 -2.32 52.95
N TYR G 328 -3.73 -1.11 52.75
CA TYR G 328 -4.92 -0.95 51.90
C TYR G 328 -4.82 0.15 50.84
N ASP G 329 -3.75 0.92 50.80
CA ASP G 329 -3.48 1.74 49.62
C ASP G 329 -2.79 0.84 48.60
N VAL G 330 -3.57 0.24 47.70
CA VAL G 330 -2.99 -0.74 46.79
C VAL G 330 -2.00 -0.10 45.83
N ASP G 331 -2.12 1.20 45.56
CA ASP G 331 -1.16 1.89 44.69
C ASP G 331 0.27 1.60 45.12
N ALA G 332 0.55 1.63 46.42
CA ALA G 332 1.90 1.50 46.95
C ALA G 332 2.13 0.24 47.76
N ILE G 333 1.14 -0.64 47.88
CA ILE G 333 1.26 -1.80 48.77
C ILE G 333 2.41 -2.70 48.33
N GLY G 334 2.61 -2.84 47.02
CA GLY G 334 3.69 -3.69 46.52
C GLY G 334 5.06 -3.13 46.86
N VAL G 335 5.28 -1.84 46.57
CA VAL G 335 6.56 -1.22 46.90
C VAL G 335 6.82 -1.32 48.39
N ASN G 336 5.79 -1.10 49.22
CA ASN G 336 6.00 -1.09 50.66
C ASN G 336 6.40 -2.48 51.17
N ALA G 337 5.59 -3.50 50.87
CA ALA G 337 5.87 -4.84 51.38
C ALA G 337 7.19 -5.39 50.83
N VAL G 338 7.34 -5.36 49.50
CA VAL G 338 8.56 -5.85 48.90
C VAL G 338 9.75 -5.03 49.38
N ASN G 339 9.54 -3.75 49.67
CA ASN G 339 10.60 -2.93 50.27
C ASN G 339 11.04 -3.49 51.61
N VAL G 340 10.10 -3.99 52.41
CA VAL G 340 10.51 -4.68 53.64
C VAL G 340 11.39 -5.87 53.29
N MET G 341 10.99 -6.65 52.29
CA MET G 341 11.79 -7.83 51.94
C MET G 341 13.19 -7.46 51.43
N GLN G 342 13.28 -6.44 50.57
CA GLN G 342 14.57 -6.06 49.99
C GLN G 342 15.47 -5.38 51.02
N GLY G 343 14.88 -4.59 51.92
CA GLY G 343 15.66 -4.05 53.02
C GLY G 343 16.19 -5.15 53.92
N PHE G 344 15.38 -6.19 54.15
CA PHE G 344 15.88 -7.36 54.85
C PHE G 344 17.06 -7.97 54.12
N GLU G 345 16.97 -8.05 52.79
CA GLU G 345 18.04 -8.64 51.99
C GLU G 345 19.19 -7.66 51.74
N GLY G 346 19.12 -6.43 52.23
CA GLY G 346 20.23 -5.50 52.12
C GLY G 346 20.10 -4.32 51.18
N LYS G 347 18.90 -4.04 50.63
CA LYS G 347 18.75 -2.91 49.72
C LYS G 347 18.66 -1.61 50.49
N SER G 348 19.37 -0.59 50.03
CA SER G 348 19.55 0.68 50.73
C SER G 348 18.26 1.49 50.86
N GLY H 4 23.06 35.41 -17.50
CA GLY H 4 22.20 34.42 -16.87
C GLY H 4 20.92 34.17 -17.64
N SER H 5 20.44 32.93 -17.59
CA SER H 5 19.22 32.54 -18.27
C SER H 5 18.15 32.16 -17.26
N MET H 6 16.90 32.43 -17.62
CA MET H 6 15.75 32.24 -16.75
C MET H 6 14.73 31.37 -17.47
N LYS H 7 14.19 30.38 -16.75
CA LYS H 7 13.22 29.47 -17.34
C LYS H 7 11.82 30.06 -17.33
N THR H 8 11.06 29.74 -18.37
CA THR H 8 9.68 30.16 -18.53
C THR H 8 8.80 28.93 -18.64
N VAL H 9 7.71 28.91 -17.87
CA VAL H 9 6.72 27.84 -17.95
C VAL H 9 5.54 28.35 -18.76
N PHE H 10 5.12 27.58 -19.76
CA PHE H 10 4.06 27.98 -20.66
C PHE H 10 3.22 26.76 -21.01
N SER H 11 1.90 26.92 -20.99
CA SER H 11 0.99 25.86 -21.38
C SER H 11 0.18 26.31 -22.59
N PRO H 12 0.13 25.52 -23.66
CA PRO H 12 -0.76 25.85 -24.78
C PRO H 12 -2.23 25.75 -24.42
N LEU H 13 -2.58 25.09 -23.31
CA LEU H 13 -3.97 24.96 -22.91
C LEU H 13 -4.60 26.31 -22.55
N HIS H 14 -3.80 27.36 -22.41
CA HIS H 14 -4.36 28.70 -22.28
C HIS H 14 -5.32 29.01 -23.43
N SER H 15 -5.07 28.41 -24.61
CA SER H 15 -5.94 28.65 -25.76
C SER H 15 -7.35 28.13 -25.54
N ARG H 16 -7.57 27.27 -24.54
CA ARG H 16 -8.92 26.78 -24.28
C ARG H 16 -9.84 27.91 -23.80
N ARG H 17 -9.28 28.94 -23.18
CA ARG H 17 -10.03 30.16 -22.85
C ARG H 17 -9.91 31.14 -24.01
N HIS H 18 -10.97 31.28 -24.79
CA HIS H 18 -11.00 32.21 -25.90
C HIS H 18 -12.44 32.67 -26.05
N VAL H 19 -12.89 33.51 -25.12
CA VAL H 19 -14.27 33.96 -25.10
C VAL H 19 -14.46 35.07 -26.14
N LYS H 20 -15.71 35.24 -26.58
CA LYS H 20 -16.03 36.20 -27.62
C LYS H 20 -16.57 37.53 -27.10
N THR H 21 -17.04 37.57 -25.85
CA THR H 21 -17.71 38.77 -25.33
C THR H 21 -17.11 39.22 -24.01
N GLU H 22 -17.04 40.55 -23.83
CA GLU H 22 -16.69 41.16 -22.56
C GLU H 22 -17.58 42.39 -22.39
N LEU H 23 -18.29 42.45 -21.26
CA LEU H 23 -19.11 43.62 -20.97
C LEU H 23 -18.22 44.81 -20.64
N ASP H 24 -18.35 45.89 -21.41
CA ASP H 24 -17.55 47.10 -21.23
C ASP H 24 -18.32 48.28 -21.81
N GLY H 25 -18.49 49.31 -20.99
CA GLY H 25 -19.16 50.53 -21.44
C GLY H 25 -20.55 50.31 -21.98
N GLY H 26 -21.28 49.34 -21.42
CA GLY H 26 -22.62 49.05 -21.88
C GLY H 26 -22.70 48.23 -23.15
N LEU H 27 -21.58 47.75 -23.67
CA LEU H 27 -21.56 46.94 -24.88
C LEU H 27 -20.84 45.62 -24.62
N LEU H 28 -21.14 44.63 -25.45
CA LEU H 28 -20.40 43.37 -25.44
C LEU H 28 -19.33 43.48 -26.53
N ILE H 29 -18.07 43.66 -26.11
CA ILE H 29 -16.98 43.94 -27.02
C ILE H 29 -16.05 42.72 -27.08
N GLU H 30 -15.11 42.76 -28.00
CA GLU H 30 -14.07 41.75 -28.05
C GLU H 30 -13.23 41.84 -26.78
N PRO H 31 -12.99 40.72 -26.09
CA PRO H 31 -12.31 40.79 -24.79
C PRO H 31 -10.89 41.31 -24.90
N HIS H 32 -10.50 42.14 -23.92
CA HIS H 32 -9.12 42.62 -23.85
C HIS H 32 -8.12 41.49 -23.58
N GLU H 33 -8.52 40.49 -22.78
CA GLU H 33 -7.61 39.44 -22.33
C GLU H 33 -7.65 38.32 -23.37
N LYS H 34 -6.93 38.54 -24.47
CA LYS H 34 -7.01 37.65 -25.63
C LYS H 34 -5.80 36.74 -25.69
N PRO H 35 -5.93 35.58 -26.35
CA PRO H 35 -4.83 34.61 -26.36
C PRO H 35 -3.54 35.11 -26.99
N SER H 36 -3.62 36.10 -27.88
CA SER H 36 -2.41 36.65 -28.49
C SER H 36 -1.46 37.29 -27.50
N ARG H 37 -1.95 37.67 -26.30
CA ARG H 37 -1.06 38.14 -25.24
C ARG H 37 0.00 37.10 -24.91
N ALA H 38 -0.44 35.90 -24.52
CA ALA H 38 0.49 34.85 -24.12
C ALA H 38 1.36 34.40 -25.29
N GLU H 39 0.76 34.28 -26.48
CA GLU H 39 1.54 33.83 -27.64
C GLU H 39 2.60 34.86 -28.01
N THR H 40 2.28 36.15 -27.90
CA THR H 40 3.25 37.19 -28.23
C THR H 40 4.39 37.22 -27.22
N ILE H 41 4.06 37.13 -25.92
CA ILE H 41 5.12 37.06 -24.91
C ILE H 41 6.00 35.85 -25.15
N LEU H 42 5.39 34.69 -25.45
CA LEU H 42 6.17 33.48 -25.71
C LEU H 42 7.09 33.67 -26.91
N ALA H 43 6.59 34.29 -27.98
CA ALA H 43 7.43 34.56 -29.14
C ALA H 43 8.63 35.43 -28.77
N ARG H 44 8.41 36.43 -27.92
CA ARG H 44 9.53 37.27 -27.50
C ARG H 44 10.52 36.49 -26.63
N VAL H 45 10.02 35.61 -25.76
CA VAL H 45 10.91 34.77 -24.96
C VAL H 45 11.79 33.92 -25.86
N LYS H 46 11.21 33.33 -26.90
CA LYS H 46 12.00 32.52 -27.82
C LYS H 46 13.01 33.38 -28.58
N ASP H 47 12.56 34.52 -29.11
CA ASP H 47 13.41 35.37 -29.94
C ASP H 47 14.56 35.97 -29.15
N GLN H 48 14.37 36.20 -27.85
CA GLN H 48 15.44 36.74 -27.01
C GLN H 48 16.29 35.65 -26.37
N ALA H 49 15.93 34.38 -26.57
CA ALA H 49 16.65 33.24 -25.99
C ALA H 49 16.82 33.44 -24.49
N LEU H 50 15.72 33.84 -23.84
CA LEU H 50 15.75 34.10 -22.40
C LEU H 50 16.23 32.89 -21.63
N GLY H 51 15.80 31.70 -22.05
CA GLY H 51 16.16 30.48 -21.37
C GLY H 51 15.25 29.36 -21.80
N GLU H 52 15.39 28.23 -21.13
CA GLU H 52 14.60 27.05 -21.45
C GLU H 52 13.12 27.31 -21.21
N ILE H 53 12.29 26.72 -22.07
CA ILE H 53 10.83 26.81 -21.97
C ILE H 53 10.29 25.45 -21.59
N LEU H 54 9.40 25.42 -20.60
CA LEU H 54 8.89 24.18 -20.04
C LEU H 54 7.37 24.20 -20.05
N GLU H 55 6.79 23.01 -20.20
CA GLU H 55 5.37 22.80 -19.99
C GLU H 55 5.12 22.59 -18.49
N PRO H 56 3.92 22.89 -18.00
CA PRO H 56 3.68 22.70 -16.56
C PRO H 56 3.42 21.24 -16.23
N GLU H 57 3.67 20.89 -14.98
CA GLU H 57 3.25 19.61 -14.42
C GLU H 57 1.81 19.73 -13.92
N GLU H 58 1.17 18.57 -13.80
CA GLU H 58 -0.18 18.50 -13.24
C GLU H 58 -0.07 18.31 -11.73
N PHE H 59 -0.51 19.31 -10.96
CA PHE H 59 -0.47 19.24 -9.51
C PHE H 59 -1.78 18.82 -8.87
N GLY H 60 -2.86 18.73 -9.64
CA GLY H 60 -4.15 18.40 -9.08
C GLY H 60 -4.74 19.60 -8.34
N LEU H 61 -5.91 19.37 -7.73
CA LEU H 61 -6.65 20.45 -7.08
C LEU H 61 -6.16 20.75 -5.67
N GLY H 62 -5.33 19.88 -5.08
CA GLY H 62 -4.83 20.06 -3.74
C GLY H 62 -4.24 21.44 -3.50
N PRO H 63 -3.17 21.79 -4.22
CA PRO H 63 -2.56 23.12 -4.03
C PRO H 63 -3.48 24.27 -4.36
N VAL H 64 -4.44 24.08 -5.28
CA VAL H 64 -5.41 25.14 -5.55
C VAL H 64 -6.33 25.35 -4.36
N LYS H 65 -6.78 24.27 -3.73
CA LYS H 65 -7.68 24.33 -2.59
C LYS H 65 -7.00 24.76 -1.29
N ARG H 66 -5.68 24.88 -1.29
CA ARG H 66 -5.01 25.54 -0.18
C ARG H 66 -5.36 27.02 -0.14
N VAL H 67 -5.91 27.55 -1.23
CA VAL H 67 -6.20 28.97 -1.35
C VAL H 67 -7.68 29.22 -1.62
N HIS H 68 -8.30 28.42 -2.47
CA HIS H 68 -9.70 28.60 -2.85
C HIS H 68 -10.58 27.56 -2.17
N THR H 69 -11.85 27.93 -1.93
CA THR H 69 -12.79 27.06 -1.26
C THR H 69 -13.28 25.94 -2.17
N ALA H 70 -13.70 24.84 -1.56
CA ALA H 70 -14.16 23.68 -2.32
C ALA H 70 -15.40 24.00 -3.15
N ASP H 71 -16.35 24.72 -2.55
CA ASP H 71 -17.56 25.10 -3.29
C ASP H 71 -17.22 25.93 -4.52
N TYR H 72 -16.24 26.82 -4.39
CA TYR H 72 -15.88 27.69 -5.50
C TYR H 72 -15.23 26.91 -6.64
N VAL H 73 -14.31 26.00 -6.31
CA VAL H 73 -13.65 25.19 -7.34
C VAL H 73 -14.67 24.32 -8.07
N SER H 74 -15.57 23.69 -7.31
CA SER H 74 -16.63 22.90 -7.92
C SER H 74 -17.49 23.77 -8.85
N PHE H 75 -17.91 24.94 -8.36
CA PHE H 75 -18.70 25.86 -9.17
C PHE H 75 -18.00 26.17 -10.47
N LEU H 76 -16.70 26.48 -10.43
CA LEU H 76 -15.98 26.79 -11.65
C LEU H 76 -15.95 25.59 -12.59
N GLU H 77 -15.93 24.37 -12.05
CA GLU H 77 -15.91 23.21 -12.94
C GLU H 77 -17.26 23.01 -13.62
N THR H 78 -18.37 23.25 -12.91
CA THR H 78 -19.68 22.94 -13.47
C THR H 78 -20.41 24.14 -14.09
N CYS H 79 -19.84 25.35 -14.00
CA CYS H 79 -20.61 26.55 -14.27
C CYS H 79 -21.14 26.58 -15.70
N TRP H 80 -20.27 26.36 -16.69
CA TRP H 80 -20.68 26.42 -18.08
C TRP H 80 -21.75 25.37 -18.39
N ASP H 81 -21.56 24.14 -17.88
CA ASP H 81 -22.53 23.08 -18.09
C ASP H 81 -23.89 23.47 -17.52
N GLU H 82 -23.92 24.02 -16.31
CA GLU H 82 -25.19 24.45 -15.72
C GLU H 82 -25.82 25.56 -16.53
N TRP H 83 -24.99 26.49 -17.02
CA TRP H 83 -25.46 27.62 -17.83
C TRP H 83 -26.15 27.13 -19.10
N VAL H 84 -25.49 26.23 -19.84
CA VAL H 84 -26.08 25.69 -21.06
C VAL H 84 -27.36 24.91 -20.75
N ALA H 85 -27.32 24.08 -19.70
CA ALA H 85 -28.49 23.28 -19.36
C ALA H 85 -29.69 24.14 -18.96
N ALA H 86 -29.44 25.35 -18.46
CA ALA H 86 -30.53 26.24 -18.08
C ALA H 86 -31.13 27.00 -19.25
N GLY H 87 -30.62 26.79 -20.46
CA GLY H 87 -31.19 27.39 -21.65
C GLY H 87 -30.63 28.74 -22.03
N LYS H 88 -29.61 29.23 -21.33
CA LYS H 88 -29.00 30.50 -21.69
C LYS H 88 -28.24 30.37 -23.01
N ARG H 89 -28.35 31.41 -23.84
CA ARG H 89 -27.83 31.37 -25.20
C ARG H 89 -26.53 32.14 -25.39
N GLY H 90 -26.17 33.04 -24.47
CA GLY H 90 -24.89 33.70 -24.53
C GLY H 90 -23.86 32.99 -23.68
N GLU H 91 -22.68 33.61 -23.60
CA GLU H 91 -21.68 33.14 -22.66
C GLU H 91 -22.13 33.43 -21.24
N ALA H 92 -21.50 32.75 -20.27
CA ALA H 92 -21.93 32.83 -18.88
C ALA H 92 -21.47 34.16 -18.29
N ILE H 93 -22.42 35.05 -18.01
CA ILE H 93 -22.13 36.36 -17.43
C ILE H 93 -23.09 36.58 -16.28
N PRO H 94 -22.62 36.99 -15.10
CA PRO H 94 -23.55 37.31 -14.02
C PRO H 94 -24.37 38.55 -14.34
N THR H 95 -25.65 38.48 -13.98
CA THR H 95 -26.56 39.62 -14.17
C THR H 95 -27.03 40.22 -12.85
N PHE H 96 -27.10 39.42 -11.78
CA PHE H 96 -27.57 39.87 -10.49
C PHE H 96 -26.55 39.47 -9.44
N TRP H 97 -26.51 40.20 -8.34
CA TRP H 97 -25.54 39.93 -7.29
C TRP H 97 -26.13 40.37 -5.95
N VAL H 98 -25.39 40.10 -4.88
CA VAL H 98 -25.78 40.49 -3.53
C VAL H 98 -25.58 41.98 -3.36
N GLY H 99 -26.63 42.77 -3.63
CA GLY H 99 -26.55 44.19 -3.41
C GLY H 99 -26.51 44.53 -1.94
N ARG H 100 -26.14 45.78 -1.67
CA ARG H 100 -26.10 46.26 -0.29
C ARG H 100 -27.47 46.10 0.35
N GLY H 101 -27.49 45.45 1.52
CA GLY H 101 -28.72 45.17 2.21
C GLY H 101 -29.32 43.81 1.94
N MET H 102 -28.72 43.02 1.04
CA MET H 102 -29.17 41.67 0.78
C MET H 102 -28.27 40.65 1.48
N ARG H 103 -28.72 39.41 1.48
CA ARG H 103 -28.06 38.33 2.20
C ARG H 103 -26.98 37.68 1.33
N ALA H 104 -25.80 37.47 1.91
CA ALA H 104 -24.74 36.68 1.27
C ALA H 104 -25.07 35.20 1.46
N ARG H 105 -26.06 34.74 0.71
CA ARG H 105 -26.59 33.39 0.82
C ARG H 105 -26.52 32.71 -0.54
N LEU H 106 -25.92 31.54 -0.58
CA LEU H 106 -25.74 30.81 -1.83
C LEU H 106 -27.08 30.22 -2.29
N PRO H 107 -27.61 30.62 -3.43
CA PRO H 107 -28.87 30.04 -3.91
C PRO H 107 -28.66 28.84 -4.84
N LYS H 108 -29.75 28.26 -5.33
CA LYS H 108 -29.64 27.07 -6.17
C LYS H 108 -29.42 27.44 -7.64
N ASP H 109 -30.08 28.48 -8.12
CA ASP H 109 -30.07 28.77 -9.55
C ASP H 109 -28.68 29.24 -10.02
N ILE H 110 -28.37 28.90 -11.28
CA ILE H 110 -27.04 29.20 -11.83
C ILE H 110 -26.79 30.70 -11.91
N ASP H 111 -27.82 31.50 -12.20
CA ASP H 111 -27.64 32.95 -12.19
C ASP H 111 -27.25 33.45 -10.81
N GLY H 112 -27.96 32.98 -9.79
CA GLY H 112 -27.64 33.39 -8.43
C GLY H 112 -26.28 32.93 -7.98
N ARG H 113 -25.87 31.73 -8.40
CA ARG H 113 -24.54 31.23 -8.07
C ARG H 113 -23.47 32.07 -8.77
N LEU H 114 -23.69 32.41 -10.04
CA LEU H 114 -22.77 33.31 -10.75
C LEU H 114 -22.62 34.63 -10.00
N GLY H 115 -23.74 35.21 -9.56
CA GLY H 115 -23.64 36.48 -8.84
C GLY H 115 -22.97 36.35 -7.49
N TYR H 116 -23.28 35.27 -6.76
CA TYR H 116 -22.66 35.03 -5.46
C TYR H 116 -21.15 34.97 -5.56
N TYR H 117 -20.61 34.36 -6.61
CA TYR H 117 -19.19 34.05 -6.73
C TYR H 117 -18.41 35.08 -7.54
N SER H 118 -19.01 36.23 -7.86
CA SER H 118 -18.37 37.18 -8.76
C SER H 118 -18.35 38.59 -8.17
N LEU H 119 -17.39 39.39 -8.64
CA LEU H 119 -17.34 40.81 -8.35
C LEU H 119 -17.54 41.67 -9.59
N GLY H 120 -17.74 41.06 -10.75
CA GLY H 120 -17.88 41.82 -11.98
C GLY H 120 -18.46 40.97 -13.08
N ALA H 121 -18.98 41.66 -14.11
CA ALA H 121 -19.56 41.01 -15.29
C ALA H 121 -18.67 41.12 -16.51
N ASP H 122 -17.39 41.46 -16.33
CA ASP H 122 -16.46 41.62 -17.44
C ASP H 122 -15.74 40.34 -17.80
N THR H 123 -16.04 39.23 -17.13
CA THR H 123 -15.25 38.00 -17.22
C THR H 123 -16.16 36.85 -17.63
N SER H 124 -16.43 36.75 -18.93
CA SER H 124 -17.30 35.71 -19.44
C SER H 124 -16.67 34.33 -19.22
N ILE H 125 -17.52 33.34 -18.95
CA ILE H 125 -17.12 31.94 -18.79
C ILE H 125 -17.74 31.16 -19.94
N SER H 126 -16.92 30.33 -20.59
CA SER H 126 -17.40 29.47 -21.67
C SER H 126 -16.71 28.12 -21.57
N ASP H 127 -16.92 27.29 -22.58
CA ASP H 127 -16.27 25.98 -22.62
C ASP H 127 -14.77 26.17 -22.72
N GLY H 128 -14.03 25.41 -21.90
CA GLY H 128 -12.58 25.52 -21.87
C GLY H 128 -12.02 26.47 -20.85
N THR H 129 -12.85 27.31 -20.21
CA THR H 129 -12.35 28.22 -19.20
C THR H 129 -11.79 27.46 -17.99
N TRP H 130 -12.51 26.43 -17.54
CA TRP H 130 -12.06 25.60 -16.44
C TRP H 130 -10.66 25.03 -16.71
N GLU H 131 -10.49 24.39 -17.86
CA GLU H 131 -9.21 23.77 -18.20
C GLU H 131 -8.09 24.81 -18.27
N ALA H 132 -8.37 25.98 -18.84
CA ALA H 132 -7.35 27.02 -18.96
C ALA H 132 -6.94 27.55 -17.60
N ALA H 133 -7.90 27.81 -16.72
CA ALA H 133 -7.57 28.26 -15.36
C ALA H 133 -6.75 27.21 -14.62
N ARG H 134 -7.13 25.94 -14.75
CA ARG H 134 -6.35 24.86 -14.15
C ARG H 134 -4.92 24.87 -14.66
N ALA H 135 -4.75 25.01 -15.98
CA ALA H 135 -3.42 25.02 -16.56
C ALA H 135 -2.60 26.21 -16.08
N SER H 136 -3.25 27.37 -15.92
CA SER H 136 -2.53 28.56 -15.47
C SER H 136 -2.04 28.40 -14.02
N ALA H 137 -2.91 27.89 -13.15
CA ALA H 137 -2.47 27.57 -11.79
C ALA H 137 -1.31 26.58 -11.81
N ASN H 138 -1.37 25.58 -12.70
CA ASN H 138 -0.27 24.64 -12.80
C ASN H 138 1.01 25.28 -13.31
N VAL H 139 0.88 26.31 -14.17
CA VAL H 139 2.05 27.07 -14.62
C VAL H 139 2.72 27.75 -13.44
N ALA H 140 1.94 28.44 -12.60
CA ALA H 140 2.52 29.08 -11.43
C ALA H 140 3.15 28.06 -10.48
N LEU H 141 2.46 26.96 -10.22
CA LEU H 141 3.01 25.96 -9.31
C LEU H 141 4.27 25.31 -9.88
N THR H 142 4.37 25.21 -11.20
CA THR H 142 5.56 24.64 -11.81
C THR H 142 6.74 25.61 -11.70
N ALA H 143 6.50 26.91 -11.89
CA ALA H 143 7.55 27.88 -11.64
C ALA H 143 8.02 27.84 -10.18
N GLN H 144 7.06 27.76 -9.25
CA GLN H 144 7.41 27.66 -7.84
C GLN H 144 8.25 26.40 -7.59
N LYS H 145 7.91 25.30 -8.25
CA LYS H 145 8.69 24.07 -8.07
C LYS H 145 10.11 24.25 -8.60
N LEU H 146 10.26 24.90 -9.76
CA LEU H 146 11.58 25.18 -10.28
C LEU H 146 12.42 25.99 -9.29
N VAL H 147 11.81 27.01 -8.68
CA VAL H 147 12.56 27.84 -7.75
C VAL H 147 12.91 27.07 -6.48
N ALA H 148 11.96 26.30 -5.94
CA ALA H 148 12.22 25.54 -4.73
C ALA H 148 13.30 24.48 -4.93
N GLU H 149 13.46 24.01 -6.16
CA GLU H 149 14.42 22.96 -6.47
C GLU H 149 15.75 23.49 -6.98
N GLY H 150 15.97 24.81 -6.93
CA GLY H 150 17.30 25.33 -7.21
C GLY H 150 17.42 26.60 -8.03
N GLU H 151 16.38 26.96 -8.79
CA GLU H 151 16.45 28.14 -9.64
C GLU H 151 16.32 29.42 -8.80
N ARG H 152 17.11 30.44 -9.18
CA ARG H 152 16.97 31.74 -8.54
C ARG H 152 15.59 32.35 -8.82
N ALA H 153 15.10 32.16 -10.05
CA ALA H 153 13.84 32.76 -10.45
C ALA H 153 13.22 31.93 -11.57
N ALA H 154 11.93 32.16 -11.81
CA ALA H 154 11.22 31.49 -12.89
C ALA H 154 10.04 32.34 -13.31
N PHE H 155 9.71 32.28 -14.60
CA PHE H 155 8.65 33.08 -15.19
C PHE H 155 7.45 32.18 -15.44
N ALA H 156 6.37 32.39 -14.70
CA ALA H 156 5.11 31.68 -14.92
C ALA H 156 4.28 32.50 -15.90
N LEU H 157 4.30 32.10 -17.18
CA LEU H 157 3.56 32.80 -18.23
C LEU H 157 2.09 32.41 -18.13
N CYS H 158 1.44 32.94 -17.11
CA CYS H 158 0.06 32.60 -16.80
C CYS H 158 -0.92 33.32 -17.73
N ARG H 159 -1.90 32.57 -18.19
CA ARG H 159 -3.12 33.14 -18.77
C ARG H 159 -4.22 32.09 -18.62
N PRO H 160 -5.34 32.43 -17.99
CA PRO H 160 -5.77 33.75 -17.51
C PRO H 160 -4.96 34.29 -16.32
N PRO H 161 -5.05 35.60 -16.07
CA PRO H 161 -4.38 36.16 -14.88
C PRO H 161 -5.08 35.76 -13.60
N GLY H 162 -4.59 36.21 -12.44
CA GLY H 162 -5.14 35.70 -11.20
C GLY H 162 -5.33 36.64 -10.03
N HIS H 163 -4.67 37.81 -10.03
CA HIS H 163 -4.54 38.56 -8.78
C HIS H 163 -5.84 39.18 -8.28
N HIS H 164 -6.92 39.14 -9.08
CA HIS H 164 -8.22 39.66 -8.62
C HIS H 164 -9.08 38.61 -7.94
N ALA H 165 -8.71 37.34 -8.01
CA ALA H 165 -9.55 36.27 -7.51
C ALA H 165 -9.41 36.13 -6.01
N HIS H 166 -10.54 36.22 -5.30
CA HIS H 166 -10.57 35.91 -3.88
C HIS H 166 -10.61 34.39 -3.69
N ALA H 167 -10.72 33.96 -2.44
CA ALA H 167 -10.86 32.53 -2.18
C ALA H 167 -12.09 31.95 -2.89
N ASP H 168 -13.15 32.76 -3.05
CA ASP H 168 -14.36 32.25 -3.70
C ASP H 168 -15.06 33.37 -4.48
N VAL H 169 -14.30 34.29 -5.08
CA VAL H 169 -14.86 35.33 -5.93
C VAL H 169 -13.96 35.50 -7.15
N PHE H 170 -14.55 35.48 -8.35
CA PHE H 170 -13.82 35.73 -9.58
C PHE H 170 -14.26 37.03 -10.22
N GLY H 171 -13.41 37.52 -11.12
CA GLY H 171 -13.68 38.75 -11.84
C GLY H 171 -12.37 39.39 -12.29
N GLY H 172 -12.52 40.44 -13.09
CA GLY H 172 -11.35 41.11 -13.64
C GLY H 172 -10.45 40.19 -14.43
N TYR H 173 -11.04 39.27 -15.19
CA TYR H 173 -10.36 38.31 -16.06
C TYR H 173 -9.67 37.18 -15.29
N CYS H 174 -9.89 37.09 -13.98
CA CYS H 174 -9.19 36.15 -13.11
C CYS H 174 -10.13 35.11 -12.53
N PHE H 175 -9.62 33.88 -12.35
CA PHE H 175 -10.41 32.79 -11.78
C PHE H 175 -9.68 32.14 -10.61
N PHE H 176 -8.44 31.70 -10.83
CA PHE H 176 -7.59 31.19 -9.75
C PHE H 176 -6.44 32.16 -9.53
N ASN H 177 -6.15 32.45 -8.27
CA ASN H 177 -5.12 33.44 -7.92
C ASN H 177 -3.76 32.74 -7.93
N ASN H 178 -3.14 32.72 -9.13
CA ASN H 178 -1.90 31.99 -9.32
C ASN H 178 -0.80 32.44 -8.36
N ALA H 179 -0.68 33.76 -8.16
CA ALA H 179 0.34 34.27 -7.26
C ALA H 179 0.13 33.79 -5.83
N ALA H 180 -1.12 33.83 -5.35
CA ALA H 180 -1.43 33.35 -4.01
C ALA H 180 -1.19 31.86 -3.89
N ILE H 181 -1.49 31.11 -4.95
CA ILE H 181 -1.27 29.66 -4.94
C ILE H 181 0.23 29.37 -4.87
N ALA H 182 1.05 30.12 -5.60
CA ALA H 182 2.50 29.93 -5.55
C ALA H 182 3.05 30.29 -4.18
N ALA H 183 2.62 31.43 -3.63
CA ALA H 183 3.08 31.83 -2.30
C ALA H 183 2.69 30.80 -1.25
N GLN H 184 1.44 30.33 -1.29
CA GLN H 184 0.99 29.33 -0.33
C GLN H 184 1.74 28.02 -0.52
N ALA H 185 2.13 27.70 -1.75
CA ALA H 185 2.97 26.53 -1.98
C ALA H 185 4.32 26.69 -1.30
N PHE H 186 4.94 27.87 -1.44
CA PHE H 186 6.15 28.18 -0.70
C PHE H 186 5.95 27.92 0.79
N ARG H 187 4.87 28.46 1.36
CA ARG H 187 4.60 28.25 2.78
C ARG H 187 4.48 26.77 3.11
N ASP H 188 3.72 26.03 2.31
CA ASP H 188 3.51 24.60 2.58
C ASP H 188 4.76 23.77 2.44
N GLN H 189 5.76 24.24 1.70
CA GLN H 189 7.01 23.50 1.54
C GLN H 189 8.07 23.91 2.54
N GLY H 190 7.72 24.66 3.58
CA GLY H 190 8.63 25.00 4.65
C GLY H 190 9.22 26.39 4.60
N TYR H 191 8.81 27.24 3.67
CA TYR H 191 9.25 28.63 3.64
C TYR H 191 8.52 29.43 4.71
N GLY H 192 9.29 30.01 5.65
CA GLY H 192 8.68 30.65 6.80
C GLY H 192 7.85 31.88 6.44
N LYS H 193 8.40 32.75 5.60
CA LYS H 193 7.76 34.01 5.23
C LYS H 193 7.84 34.19 3.72
N VAL H 194 6.75 34.71 3.14
CA VAL H 194 6.65 34.97 1.71
C VAL H 194 6.17 36.40 1.50
N ALA H 195 6.74 37.07 0.52
CA ALA H 195 6.27 38.39 0.10
C ALA H 195 5.66 38.28 -1.29
N VAL H 196 4.52 38.93 -1.50
CA VAL H 196 3.85 39.00 -2.79
C VAL H 196 3.77 40.48 -3.17
N LEU H 197 4.52 40.86 -4.21
CA LEU H 197 4.58 42.24 -4.68
C LEU H 197 3.82 42.35 -6.00
N ASP H 198 2.82 43.21 -6.04
CA ASP H 198 1.90 43.33 -7.16
C ASP H 198 2.21 44.64 -7.89
N VAL H 199 2.87 44.54 -9.04
CA VAL H 199 3.23 45.68 -9.87
C VAL H 199 2.28 45.86 -11.04
N ASP H 200 1.26 45.02 -11.16
CA ASP H 200 0.25 45.23 -12.19
C ASP H 200 -0.45 46.56 -11.93
N PHE H 201 -0.95 47.19 -13.00
CA PHE H 201 -1.55 48.50 -12.86
C PHE H 201 -2.73 48.48 -11.89
N HIS H 202 -3.43 47.37 -11.80
CA HIS H 202 -4.63 47.25 -10.97
C HIS H 202 -4.30 46.66 -9.61
N HIS H 203 -5.13 47.01 -8.63
CA HIS H 203 -4.96 46.50 -7.27
C HIS H 203 -5.14 44.98 -7.23
N GLY H 204 -4.24 44.30 -6.53
CA GLY H 204 -4.38 42.88 -6.31
C GLY H 204 -5.30 42.55 -5.15
N ASN H 205 -6.59 42.82 -5.34
CA ASN H 205 -7.54 42.70 -4.22
C ASN H 205 -7.73 41.25 -3.78
N GLY H 206 -7.69 40.30 -4.72
CA GLY H 206 -7.82 38.90 -4.32
C GLY H 206 -6.66 38.45 -3.45
N THR H 207 -5.44 38.82 -3.85
CA THR H 207 -4.27 38.47 -3.04
C THR H 207 -4.32 39.13 -1.67
N GLN H 208 -4.72 40.40 -1.62
CA GLN H 208 -4.88 41.08 -0.34
C GLN H 208 -5.88 40.36 0.55
N ALA H 209 -7.02 39.96 -0.04
CA ALA H 209 -8.08 39.33 0.75
C ALA H 209 -7.66 37.96 1.27
N ILE H 210 -6.97 37.17 0.44
CA ILE H 210 -6.64 35.80 0.84
C ILE H 210 -5.73 35.79 2.07
N PHE H 211 -4.79 36.72 2.14
CA PHE H 211 -3.83 36.76 3.24
C PHE H 211 -4.07 37.91 4.20
N TYR H 212 -5.29 38.47 4.23
CA TYR H 212 -5.51 39.72 4.94
C TYR H 212 -5.30 39.60 6.44
N ASP H 213 -5.62 38.45 7.04
CA ASP H 213 -5.49 38.27 8.47
C ASP H 213 -4.25 37.47 8.86
N ARG H 214 -3.25 37.42 7.98
CA ARG H 214 -2.06 36.62 8.20
C ARG H 214 -0.81 37.49 8.16
N SER H 215 0.16 37.15 9.00
CA SER H 215 1.44 37.84 9.07
C SER H 215 2.57 37.06 8.40
N ASP H 216 2.32 35.83 7.97
CA ASP H 216 3.37 35.05 7.32
C ASP H 216 3.49 35.37 5.84
N VAL H 217 2.50 36.03 5.24
CA VAL H 217 2.56 36.42 3.84
C VAL H 217 2.32 37.92 3.77
N LEU H 218 3.36 38.68 3.44
CA LEU H 218 3.25 40.12 3.28
C LEU H 218 2.79 40.44 1.87
N THR H 219 1.72 41.23 1.75
CA THR H 219 1.15 41.56 0.45
C THR H 219 1.28 43.05 0.20
N ILE H 220 1.92 43.42 -0.90
CA ILE H 220 2.08 44.82 -1.29
C ILE H 220 1.56 44.97 -2.71
N SER H 221 0.88 46.08 -2.98
CA SER H 221 0.42 46.35 -4.34
C SER H 221 0.58 47.82 -4.67
N LEU H 222 1.14 48.11 -5.84
CA LEU H 222 1.13 49.46 -6.40
C LEU H 222 0.07 49.50 -7.50
N HIS H 223 -0.79 50.53 -7.47
CA HIS H 223 -1.88 50.51 -8.43
C HIS H 223 -2.47 51.90 -8.63
N GLY H 224 -3.25 52.03 -9.70
CA GLY H 224 -4.04 53.23 -9.91
C GLY H 224 -5.13 53.37 -8.85
N ASP H 225 -5.47 54.61 -8.56
CA ASP H 225 -6.39 54.96 -7.49
C ASP H 225 -7.73 54.25 -7.68
N PRO H 226 -8.11 53.35 -6.76
CA PRO H 226 -9.39 52.64 -6.92
C PRO H 226 -10.60 53.56 -6.84
N ASP H 227 -10.43 54.79 -6.35
CA ASP H 227 -11.49 55.79 -6.51
C ASP H 227 -11.79 56.01 -7.99
N LEU H 228 -10.80 55.79 -8.86
CA LEU H 228 -10.90 56.06 -10.29
C LEU H 228 -11.06 54.82 -11.15
N VAL H 229 -10.42 53.70 -10.80
CA VAL H 229 -10.33 52.55 -11.69
C VAL H 229 -10.67 51.28 -10.93
N PHE H 230 -10.92 50.23 -11.71
CA PHE H 230 -11.10 48.88 -11.18
C PHE H 230 -9.96 48.53 -10.22
N PRO H 231 -10.22 47.82 -9.11
CA PRO H 231 -11.48 47.19 -8.71
C PRO H 231 -12.42 48.05 -7.84
N HIS H 232 -12.09 49.34 -7.67
CA HIS H 232 -12.98 50.34 -7.08
C HIS H 232 -13.26 50.18 -5.59
N PHE H 233 -13.48 48.96 -5.10
CA PHE H 233 -13.98 48.76 -3.74
C PHE H 233 -12.96 48.12 -2.81
N LEU H 234 -11.71 47.98 -3.27
CA LEU H 234 -10.59 47.63 -2.40
C LEU H 234 -9.36 48.29 -3.00
N GLY H 235 -8.29 48.35 -2.22
CA GLY H 235 -7.03 48.91 -2.68
C GLY H 235 -6.69 50.27 -2.12
N PHE H 236 -7.47 50.79 -1.18
CA PHE H 236 -7.22 52.10 -0.60
C PHE H 236 -6.12 52.00 0.45
N GLU H 237 -5.43 53.13 0.67
CA GLU H 237 -4.23 53.15 1.49
C GLU H 237 -4.50 52.87 2.96
N ASP H 238 -5.75 52.96 3.41
CA ASP H 238 -6.08 52.67 4.80
C ASP H 238 -6.32 51.19 5.07
N GLU H 239 -6.15 50.33 4.06
CA GLU H 239 -6.29 48.88 4.23
C GLU H 239 -4.92 48.32 4.57
N THR H 240 -4.66 48.14 5.87
CA THR H 240 -3.36 47.72 6.35
C THR H 240 -3.38 46.31 6.95
N GLY H 241 -4.48 45.61 6.82
CA GLY H 241 -4.60 44.27 7.36
C GLY H 241 -5.63 44.22 8.48
N GLU H 242 -5.79 43.02 9.02
CA GLU H 242 -6.70 42.78 10.14
C GLU H 242 -6.16 41.63 10.96
N GLY H 243 -6.42 41.66 12.27
CA GLY H 243 -5.99 40.57 13.13
C GLY H 243 -4.49 40.46 13.16
N ASP H 244 -3.99 39.22 13.01
CA ASP H 244 -2.56 39.00 12.96
C ASP H 244 -1.91 39.68 11.76
N GLY H 245 -2.69 39.93 10.71
CA GLY H 245 -2.18 40.57 9.52
C GLY H 245 -2.05 42.07 9.56
N GLU H 246 -2.34 42.69 10.71
CA GLU H 246 -2.20 44.13 10.83
C GLU H 246 -0.77 44.55 10.52
N ALA H 247 -0.63 45.52 9.61
CA ALA H 247 0.64 46.04 9.11
C ALA H 247 1.37 45.05 8.21
N TYR H 248 0.67 44.03 7.70
CA TYR H 248 1.25 43.09 6.74
C TYR H 248 0.52 43.12 5.40
N ASN H 249 -0.18 44.22 5.11
CA ASN H 249 -0.68 44.53 3.77
C ASN H 249 -0.42 46.00 3.51
N LEU H 250 0.05 46.32 2.31
CA LEU H 250 0.39 47.70 1.98
C LEU H 250 -0.08 48.02 0.57
N ASN H 251 -0.95 49.01 0.45
CA ASN H 251 -1.45 49.51 -0.83
C ASN H 251 -0.83 50.89 -1.09
N ILE H 252 -0.25 51.04 -2.29
CA ILE H 252 0.38 52.28 -2.71
C ILE H 252 -0.30 52.74 -4.00
N VAL H 253 -0.97 53.89 -3.92
CA VAL H 253 -1.91 54.35 -4.93
C VAL H 253 -1.28 55.50 -5.72
N PHE H 254 -1.57 55.56 -7.02
CA PHE H 254 -1.06 56.62 -7.88
C PHE H 254 -2.17 57.21 -8.76
N PRO H 255 -2.06 58.49 -9.11
CA PRO H 255 -3.11 59.15 -9.92
C PRO H 255 -2.83 59.01 -11.40
N PRO H 256 -3.71 59.53 -12.26
CA PRO H 256 -3.44 59.49 -13.71
C PRO H 256 -2.12 60.15 -14.07
N ASP H 257 -1.51 59.65 -15.16
CA ASP H 257 -0.29 60.16 -15.78
C ASP H 257 0.97 59.90 -14.98
N THR H 258 0.93 59.04 -13.97
CA THR H 258 2.10 58.78 -13.15
C THR H 258 3.21 58.15 -13.97
N PRO H 259 4.41 58.74 -14.01
CA PRO H 259 5.51 58.13 -14.78
C PRO H 259 6.41 57.27 -13.91
N PHE H 260 7.42 56.64 -14.51
CA PHE H 260 8.30 55.75 -13.74
C PHE H 260 9.07 56.52 -12.67
N SER H 261 9.37 57.80 -12.90
CA SER H 261 10.12 58.58 -11.92
C SER H 261 9.37 58.69 -10.60
N ILE H 262 8.05 58.67 -10.64
CA ILE H 262 7.23 58.71 -9.41
C ILE H 262 6.86 57.31 -8.95
N TRP H 263 6.46 56.45 -9.90
CA TRP H 263 6.08 55.07 -9.59
C TRP H 263 7.21 54.32 -8.89
N SER H 264 8.46 54.55 -9.32
CA SER H 264 9.60 53.87 -8.75
C SER H 264 9.89 54.31 -7.32
N GLN H 265 9.38 55.46 -6.89
CA GLN H 265 9.47 55.81 -5.48
C GLN H 265 8.57 54.91 -4.64
N GLY H 266 7.35 54.65 -5.11
CA GLY H 266 6.52 53.66 -4.45
C GLY H 266 7.15 52.28 -4.49
N LEU H 267 7.76 51.92 -5.61
CA LEU H 267 8.47 50.65 -5.69
C LEU H 267 9.60 50.58 -4.67
N GLU H 268 10.33 51.68 -4.47
CA GLU H 268 11.37 51.72 -3.46
C GLU H 268 10.79 51.53 -2.06
N LYS H 269 9.64 52.17 -1.79
CA LYS H 269 8.98 51.96 -0.51
C LYS H 269 8.63 50.49 -0.30
N ALA H 270 8.07 49.85 -1.34
CA ALA H 270 7.75 48.43 -1.25
C ALA H 270 8.99 47.60 -0.99
N CYS H 271 10.10 47.92 -1.66
CA CYS H 271 11.33 47.15 -1.49
C CYS H 271 11.88 47.31 -0.09
N GLU H 272 11.77 48.51 0.50
CA GLU H 272 12.19 48.70 1.87
C GLU H 272 11.32 47.90 2.84
N ARG H 273 10.00 47.90 2.61
N ARG H 273 10.00 47.90 2.61
CA ARG H 273 9.11 47.12 3.46
CA ARG H 273 9.11 47.12 3.46
C ARG H 273 9.41 45.62 3.35
C ARG H 273 9.41 45.62 3.35
N ILE H 274 9.76 45.17 2.15
CA ILE H 274 10.12 43.76 1.97
C ILE H 274 11.44 43.46 2.66
N ARG H 275 12.42 44.38 2.56
CA ARG H 275 13.72 44.19 3.21
C ARG H 275 13.57 44.00 4.71
N THR H 276 12.78 44.87 5.35
CA THR H 276 12.47 44.66 6.78
C THR H 276 11.67 43.43 7.05
N PHE H 277 10.73 43.11 6.17
CA PHE H 277 9.95 41.90 6.38
C PHE H 277 10.85 40.67 6.36
N ALA H 278 11.89 40.69 5.54
CA ALA H 278 12.87 39.64 5.39
C ALA H 278 12.22 38.30 5.06
N PRO H 279 11.60 38.17 3.89
CA PRO H 279 10.93 36.91 3.54
C PRO H 279 11.92 35.86 3.05
N ASP H 280 11.44 34.62 3.00
CA ASP H 280 12.21 33.52 2.44
C ASP H 280 11.94 33.33 0.94
N ALA H 281 10.88 33.93 0.42
CA ALA H 281 10.55 33.82 -0.99
C ALA H 281 9.74 35.03 -1.44
N LEU H 282 9.82 35.32 -2.74
CA LEU H 282 9.14 36.45 -3.34
C LEU H 282 8.33 35.98 -4.54
N VAL H 283 7.07 36.39 -4.60
CA VAL H 283 6.20 36.20 -5.76
C VAL H 283 5.85 37.58 -6.29
N VAL H 284 6.13 37.82 -7.56
CA VAL H 284 5.84 39.10 -8.19
C VAL H 284 4.66 38.90 -9.13
N ALA H 285 3.52 39.49 -8.78
CA ALA H 285 2.36 39.52 -9.67
C ALA H 285 2.62 40.60 -10.72
N LEU H 286 3.09 40.17 -11.89
CA LEU H 286 3.59 41.08 -12.91
C LEU H 286 2.52 41.41 -13.93
N GLY H 287 2.15 42.68 -14.00
CA GLY H 287 1.36 43.20 -15.11
C GLY H 287 2.13 44.31 -15.80
N VAL H 288 2.06 44.32 -17.13
CA VAL H 288 2.67 45.39 -17.91
C VAL H 288 1.61 46.37 -18.42
N ASP H 289 0.44 46.42 -17.77
CA ASP H 289 -0.54 47.45 -18.06
C ASP H 289 -0.16 48.81 -17.46
N THR H 290 0.98 48.92 -16.78
CA THR H 290 1.53 50.21 -16.42
C THR H 290 2.14 50.93 -17.62
N PHE H 291 2.08 50.32 -18.80
CA PHE H 291 2.73 50.82 -20.01
C PHE H 291 2.06 52.11 -20.48
N GLU H 292 2.87 53.00 -21.06
CA GLU H 292 2.39 54.31 -21.50
C GLU H 292 1.34 54.23 -22.61
N GLU H 293 1.20 53.09 -23.27
CA GLU H 293 0.22 52.93 -24.34
C GLU H 293 -0.86 51.89 -24.02
N ASP H 294 -0.92 51.41 -22.78
CA ASP H 294 -1.90 50.39 -22.45
C ASP H 294 -3.32 50.94 -22.59
N PRO H 295 -4.24 50.20 -23.20
CA PRO H 295 -5.53 50.79 -23.59
C PRO H 295 -6.54 50.97 -22.46
N ILE H 296 -6.30 50.45 -21.25
CA ILE H 296 -7.32 50.58 -20.20
C ILE H 296 -6.72 51.13 -18.91
N SER H 297 -5.51 51.69 -18.99
CA SER H 297 -4.80 52.17 -17.81
C SER H 297 -4.24 53.56 -18.10
N PHE H 298 -3.75 54.23 -17.05
CA PHE H 298 -3.29 55.62 -17.23
C PHE H 298 -1.92 55.87 -16.62
N PHE H 299 -1.06 54.87 -16.52
CA PHE H 299 0.33 55.13 -16.18
C PHE H 299 1.15 55.32 -17.46
N LYS H 300 2.38 55.82 -17.29
CA LYS H 300 3.22 56.21 -18.43
C LYS H 300 4.62 55.61 -18.34
N LEU H 301 4.73 54.32 -18.03
CA LEU H 301 6.03 53.65 -18.07
C LEU H 301 6.44 53.36 -19.52
N THR H 302 7.73 53.46 -19.78
CA THR H 302 8.28 53.08 -21.08
C THR H 302 8.77 51.63 -21.04
N SER H 303 9.17 51.12 -22.21
CA SER H 303 9.63 49.73 -22.30
C SER H 303 10.95 49.53 -21.55
N GLY H 304 11.87 50.50 -21.61
CA GLY H 304 13.10 50.36 -20.86
C GLY H 304 12.89 50.42 -19.36
N ASP H 305 11.83 51.11 -18.92
CA ASP H 305 11.52 51.15 -17.50
C ASP H 305 11.29 49.75 -16.94
N TYR H 306 10.86 48.81 -17.77
CA TYR H 306 10.68 47.44 -17.29
C TYR H 306 12.02 46.73 -17.09
N LEU H 307 13.03 47.09 -17.89
CA LEU H 307 14.39 46.67 -17.58
C LEU H 307 14.82 47.20 -16.22
N LYS H 308 14.57 48.49 -15.97
CA LYS H 308 14.90 49.05 -14.66
C LYS H 308 14.15 48.31 -13.54
N LEU H 309 12.87 48.00 -13.77
CA LEU H 309 12.08 47.28 -12.77
C LEU H 309 12.67 45.91 -12.47
N GLY H 310 13.01 45.15 -13.52
CA GLY H 310 13.61 43.84 -13.31
C GLY H 310 14.91 43.92 -12.53
N LYS H 311 15.76 44.90 -12.85
CA LYS H 311 17.00 45.07 -12.10
C LYS H 311 16.71 45.31 -10.61
N ARG H 312 15.83 46.28 -10.32
CA ARG H 312 15.51 46.57 -8.93
C ARG H 312 14.98 45.34 -8.21
N LEU H 313 14.16 44.54 -8.90
CA LEU H 313 13.63 43.33 -8.28
C LEU H 313 14.75 42.32 -8.00
N GLU H 314 15.71 42.19 -8.91
CA GLU H 314 16.82 41.28 -8.65
C GLU H 314 17.61 41.71 -7.42
N GLN H 315 17.78 43.02 -7.24
CA GLN H 315 18.58 43.48 -6.10
C GLN H 315 17.97 43.13 -4.74
N LEU H 316 16.73 42.64 -4.69
CA LEU H 316 16.17 42.17 -3.43
C LEU H 316 16.86 40.90 -2.92
N GLY H 317 17.52 40.16 -3.79
CA GLY H 317 18.26 38.97 -3.39
C GLY H 317 17.42 37.82 -2.87
N LEU H 318 16.27 37.57 -3.50
CA LEU H 318 15.34 36.55 -3.02
C LEU H 318 15.03 35.55 -4.13
N PRO H 319 14.68 34.32 -3.78
CA PRO H 319 14.07 33.41 -4.76
C PRO H 319 12.73 33.97 -5.20
N THR H 320 12.55 34.14 -6.50
CA THR H 320 11.46 34.96 -7.03
C THR H 320 10.70 34.21 -8.11
N VAL H 321 9.38 34.16 -7.98
CA VAL H 321 8.49 33.62 -9.01
C VAL H 321 7.71 34.79 -9.59
N PHE H 322 7.78 34.96 -10.91
CA PHE H 322 6.96 35.94 -11.61
C PHE H 322 5.72 35.25 -12.15
N THR H 323 4.55 35.79 -11.82
CA THR H 323 3.28 35.31 -12.38
C THR H 323 2.72 36.39 -13.29
N MET H 324 2.48 36.02 -14.56
CA MET H 324 1.98 36.98 -15.54
C MET H 324 0.54 37.38 -15.21
N GLU H 325 0.30 38.69 -15.09
CA GLU H 325 -1.05 39.21 -14.90
C GLU H 325 -1.51 39.97 -16.14
N GLY H 326 -1.66 41.29 -16.03
CA GLY H 326 -2.26 42.09 -17.07
C GLY H 326 -1.26 42.70 -18.05
N GLY H 327 -1.78 43.57 -18.92
CA GLY H 327 -1.01 44.14 -20.02
C GLY H 327 -1.70 43.86 -21.34
N TYR H 328 -2.17 44.91 -22.04
CA TYR H 328 -3.12 44.71 -23.13
C TYR H 328 -2.77 45.40 -24.45
N ASP H 329 -1.69 46.17 -24.50
CA ASP H 329 -1.14 46.62 -25.79
C ASP H 329 -0.30 45.47 -26.33
N VAL H 330 -0.89 44.64 -27.20
CA VAL H 330 -0.22 43.41 -27.61
C VAL H 330 1.05 43.70 -28.39
N ASP H 331 1.08 44.80 -29.15
CA ASP H 331 2.25 45.13 -29.95
C ASP H 331 3.53 45.10 -29.12
N ALA H 332 3.46 45.58 -27.89
CA ALA H 332 4.63 45.68 -27.04
C ALA H 332 4.59 44.73 -25.86
N ILE H 333 3.53 43.93 -25.73
CA ILE H 333 3.37 43.14 -24.50
C ILE H 333 4.55 42.18 -24.34
N GLY H 334 5.05 41.64 -25.46
CA GLY H 334 6.19 40.75 -25.38
C GLY H 334 7.46 41.48 -24.96
N VAL H 335 7.72 42.64 -25.58
CA VAL H 335 8.90 43.41 -25.25
C VAL H 335 8.91 43.79 -23.77
N ASN H 336 7.76 44.25 -23.25
CA ASN H 336 7.71 44.74 -21.89
C ASN H 336 7.94 43.63 -20.87
N ALA H 337 7.14 42.55 -20.94
CA ALA H 337 7.24 41.50 -19.94
C ALA H 337 8.62 40.88 -19.93
N VAL H 338 9.10 40.47 -21.11
CA VAL H 338 10.43 39.89 -21.21
C VAL H 338 11.50 40.88 -20.78
N ASN H 339 11.25 42.19 -20.96
CA ASN H 339 12.21 43.18 -20.49
C ASN H 339 12.43 43.04 -19.00
N VAL H 340 11.36 42.83 -18.23
CA VAL H 340 11.52 42.62 -16.80
C VAL H 340 12.44 41.44 -16.55
N MET H 341 12.19 40.33 -17.27
CA MET H 341 13.01 39.15 -17.08
C MET H 341 14.46 39.46 -17.41
N GLN H 342 14.67 40.18 -18.52
CA GLN H 342 16.03 40.48 -18.91
C GLN H 342 16.66 41.46 -17.94
N GLY H 343 15.85 42.38 -17.41
CA GLY H 343 16.34 43.25 -16.37
C GLY H 343 16.73 42.49 -15.12
N PHE H 344 15.95 41.45 -14.79
CA PHE H 344 16.30 40.61 -13.64
C PHE H 344 17.63 39.90 -13.86
N GLU H 345 17.86 39.36 -15.05
CA GLU H 345 19.05 38.56 -15.32
C GLU H 345 20.30 39.41 -15.53
N GLY H 346 20.19 40.73 -15.43
CA GLY H 346 21.32 41.63 -15.48
C GLY H 346 21.46 42.41 -16.77
N LYS H 347 20.53 42.27 -17.70
CA LYS H 347 20.53 43.07 -18.92
C LYS H 347 19.81 44.37 -18.62
N SER H 348 20.39 45.47 -19.09
CA SER H 348 19.78 46.80 -18.89
C SER H 348 20.53 47.85 -19.69
#